data_9M3X
#
_entry.id   9M3X
#
_cell.length_a   1.00
_cell.length_b   1.00
_cell.length_c   1.00
_cell.angle_alpha   90.00
_cell.angle_beta   90.00
_cell.angle_gamma   90.00
#
_symmetry.space_group_name_H-M   'P 1'
#
loop_
_entity.id
_entity.type
_entity.pdbx_description
1 polymer 'Cell division control protein 48 homolog A'
2 non-polymer 'PHOSPHOAMINOPHOSPHONIC ACID-ADENYLATE ESTER'
3 non-polymer 'MAGNESIUM ION'
#
_entity_poly.entity_id   1
_entity_poly.type   'polypeptide(L)'
_entity_poly.pdbx_seq_one_letter_code
;GPLGSMSTPAESSDSKSKKDFSTAILERKKSPNRLVVDEAINDDNSVVSLHPATMEKLQLFRGDTILIKGKKRKDTVCIA
LADETCEEPKIRMNKVVRSNLRVRLGDVISVHQCPDVKYGKRVHILPVDDTVEGVTGNLFDAYLKPYFLEAYRPVRKGDL
FLVRGGMRSVEFKVIETDPAEYCVVAPDTEIFCEGEPVKREDEERLDDVGYDDVGGVRKQMAQIRELVELPLRHPQLFKS
IGVKPPKGILLYGPPGSGKTLIARAVANETGAFFFCINGPEIMSKLAGESESNLRKAFEEAEKNAPSIIFIDEIDSIAPK
REKTNGEVERRIVSQLLTLMDGLKSRAHVIVMGATNRPNSIDPALRRFGRFDREIDIGVPDEIGRLEVLRIHTKNMKLAE
DVDLERISKDTHGYVGADLAALCTEAALQCIREKMDVIDLEDDSIDAEILNSMAVTNEHFHTALGNSNPSALRETVVEVP
NVSWNDIGGLENVKRELQETVQYPVEHPEKFEKFGMSPSKGVLFYGPPGCGKTLLAKAIANECQANFISVKGPELLTMWF
GESEANVREIFDKARQSAPCVLFFDELDSIATQRGGGSGGDGGGAADRVLNQLLTEMDGMNAKKTVFIIGATNRPDIIDS
ALLRPGRLDQLIYIPLPDEDSRLNIFKAALRKSPIAKDVDIGALAKYTQGFSGADITEICQRACKYAIRENIEKDIEKEK
RRSENPEAMEEDGVDEVSEIKAAHFEESMKYARRSVSDADIRKYQAFAQTLQQSRGFGSEFRFENSAGSGATTGVADPFA
TSAAAAGDDDDLYN
;
_entity_poly.pdbx_strand_id   A,B,C,D,E,F
#
loop_
_chem_comp.id
_chem_comp.type
_chem_comp.name
_chem_comp.formula
ANP non-polymer 'PHOSPHOAMINOPHOSPHONIC ACID-ADENYLATE ESTER' 'C10 H17 N6 O12 P3'
MG non-polymer 'MAGNESIUM ION' 'Mg 2'
#
# COMPACT_ATOMS: atom_id res chain seq x y z
N LYS A 30 44.83 1.69 -53.74
CA LYS A 30 45.28 0.38 -53.25
C LYS A 30 46.78 0.24 -53.39
N SER A 31 47.47 0.20 -52.26
CA SER A 31 48.92 0.04 -52.24
C SER A 31 49.29 -0.88 -51.08
N PRO A 32 50.43 -1.57 -51.17
CA PRO A 32 50.83 -2.46 -50.07
C PRO A 32 51.32 -1.73 -48.84
N ASN A 33 51.61 -0.43 -48.93
CA ASN A 33 52.14 0.34 -47.81
C ASN A 33 51.08 1.19 -47.12
N ARG A 34 49.83 1.16 -47.60
CA ARG A 34 48.74 1.90 -46.98
C ARG A 34 48.01 0.98 -46.01
N LEU A 35 48.01 1.34 -44.72
CA LEU A 35 47.50 0.49 -43.67
C LEU A 35 46.60 1.28 -42.74
N VAL A 36 45.61 0.59 -42.16
CA VAL A 36 44.64 1.20 -41.27
C VAL A 36 45.17 1.12 -39.84
N VAL A 37 45.28 2.27 -39.17
CA VAL A 37 45.82 2.30 -37.82
C VAL A 37 44.84 1.65 -36.85
N ASP A 38 45.37 1.08 -35.78
CA ASP A 38 44.57 0.43 -34.75
C ASP A 38 45.31 0.56 -33.42
N GLU A 39 44.65 0.11 -32.35
CA GLU A 39 45.25 0.15 -31.03
C GLU A 39 46.44 -0.79 -30.95
N ALA A 40 47.40 -0.43 -30.10
CA ALA A 40 48.64 -1.18 -29.95
C ALA A 40 48.63 -1.98 -28.65
N ILE A 41 49.66 -2.80 -28.49
CA ILE A 41 49.83 -3.61 -27.29
C ILE A 41 50.86 -2.93 -26.40
N ASN A 42 52.07 -2.75 -26.90
CA ASN A 42 53.11 -2.06 -26.17
C ASN A 42 52.87 -0.55 -26.20
N ASP A 43 53.16 0.11 -25.10
CA ASP A 43 52.86 1.52 -24.93
C ASP A 43 54.02 2.44 -25.26
N ASP A 44 55.14 1.89 -25.75
CA ASP A 44 56.28 2.72 -26.09
C ASP A 44 55.96 3.62 -27.28
N ASN A 45 56.64 4.76 -27.33
CA ASN A 45 56.37 5.77 -28.34
C ASN A 45 57.19 5.58 -29.61
N SER A 46 58.00 4.53 -29.68
CA SER A 46 58.82 4.23 -30.85
C SER A 46 58.50 2.90 -31.50
N VAL A 47 58.05 1.91 -30.72
CA VAL A 47 57.74 0.60 -31.27
C VAL A 47 56.44 0.67 -32.07
N VAL A 48 56.48 0.18 -33.30
CA VAL A 48 55.28 0.01 -34.12
C VAL A 48 55.24 -1.43 -34.60
N SER A 49 54.13 -2.12 -34.35
CA SER A 49 54.01 -3.53 -34.68
C SER A 49 53.29 -3.68 -36.02
N LEU A 50 53.87 -4.50 -36.90
CA LEU A 50 53.28 -4.79 -38.20
C LEU A 50 53.19 -6.29 -38.39
N HIS A 51 52.19 -6.72 -39.15
CA HIS A 51 52.03 -8.13 -39.44
C HIS A 51 53.24 -8.62 -40.24
N PRO A 52 53.88 -9.72 -39.86
CA PRO A 52 55.08 -10.15 -40.59
C PRO A 52 54.84 -10.37 -42.07
N ALA A 53 53.63 -10.78 -42.47
CA ALA A 53 53.34 -10.94 -43.89
C ALA A 53 53.50 -9.63 -44.64
N THR A 54 52.93 -8.54 -44.08
CA THR A 54 53.04 -7.24 -44.74
C THR A 54 54.50 -6.77 -44.78
N MET A 55 55.24 -6.98 -43.70
CA MET A 55 56.64 -6.57 -43.68
C MET A 55 57.44 -7.32 -44.73
N GLU A 56 57.21 -8.62 -44.85
CA GLU A 56 57.89 -9.40 -45.89
C GLU A 56 57.48 -8.92 -47.28
N LYS A 57 56.20 -8.56 -47.45
CA LYS A 57 55.75 -8.02 -48.73
C LYS A 57 56.50 -6.74 -49.07
N LEU A 58 56.70 -5.87 -48.08
CA LEU A 58 57.40 -4.62 -48.28
C LEU A 58 58.91 -4.76 -48.09
N GLN A 59 59.40 -5.94 -47.74
CA GLN A 59 60.83 -6.18 -47.55
C GLN A 59 61.40 -5.25 -46.48
N LEU A 60 60.90 -5.42 -45.26
CA LEU A 60 61.27 -4.58 -44.12
C LEU A 60 61.99 -5.43 -43.09
N PHE A 61 63.19 -4.97 -42.70
CA PHE A 61 63.95 -5.68 -41.67
C PHE A 61 63.35 -5.40 -40.30
N ARG A 62 63.17 -6.45 -39.51
CA ARG A 62 62.63 -6.29 -38.17
C ARG A 62 63.61 -5.52 -37.30
N GLY A 63 63.07 -4.65 -36.45
CA GLY A 63 63.90 -3.87 -35.56
C GLY A 63 64.66 -2.75 -36.24
N ASP A 64 64.23 -2.34 -37.43
CA ASP A 64 64.86 -1.27 -38.19
C ASP A 64 63.94 -0.05 -38.20
N THR A 65 64.44 1.05 -38.74
CA THR A 65 63.73 2.31 -38.75
C THR A 65 62.89 2.44 -40.01
N ILE A 66 61.68 3.00 -39.84
CA ILE A 66 60.77 3.28 -40.94
C ILE A 66 60.14 4.65 -40.70
N LEU A 67 59.52 5.19 -41.76
CA LEU A 67 58.87 6.48 -41.72
C LEU A 67 57.39 6.30 -42.04
N ILE A 68 56.54 6.96 -41.26
CA ILE A 68 55.09 6.86 -41.40
C ILE A 68 54.53 8.24 -41.66
N LYS A 69 53.70 8.34 -42.70
CA LYS A 69 53.03 9.59 -43.06
C LYS A 69 51.53 9.41 -42.88
N GLY A 70 50.89 10.41 -42.28
CA GLY A 70 49.46 10.38 -42.05
C GLY A 70 48.72 11.48 -42.78
N LYS A 71 47.90 12.23 -42.06
CA LYS A 71 47.10 13.28 -42.65
C LYS A 71 47.86 14.61 -42.65
N LYS A 72 47.27 15.62 -43.28
CA LYS A 72 47.92 16.91 -43.45
C LYS A 72 49.29 16.70 -44.10
N ARG A 73 50.37 16.99 -43.38
CA ARG A 73 51.72 16.75 -43.89
C ARG A 73 52.63 16.19 -42.81
N LYS A 74 52.07 15.74 -41.69
CA LYS A 74 52.87 15.24 -40.59
C LYS A 74 53.44 13.86 -40.92
N ASP A 75 54.60 13.58 -40.34
CA ASP A 75 55.23 12.28 -40.48
C ASP A 75 56.10 12.01 -39.26
N THR A 76 56.39 10.73 -39.03
CA THR A 76 57.18 10.32 -37.89
C THR A 76 58.15 9.22 -38.31
N VAL A 77 59.14 8.98 -37.47
CA VAL A 77 60.14 7.94 -37.67
C VAL A 77 60.06 7.01 -36.47
N CYS A 78 59.86 5.72 -36.74
CA CYS A 78 59.66 4.75 -35.67
C CYS A 78 60.30 3.42 -36.04
N ILE A 79 60.62 2.63 -35.02
CA ILE A 79 61.21 1.31 -35.22
C ILE A 79 60.09 0.29 -35.30
N ALA A 80 60.13 -0.56 -36.33
CA ALA A 80 59.10 -1.55 -36.57
C ALA A 80 59.46 -2.86 -35.90
N LEU A 81 58.42 -3.68 -35.68
CA LEU A 81 58.58 -4.99 -35.06
C LEU A 81 57.52 -5.93 -35.60
N ALA A 82 57.75 -7.23 -35.38
CA ALA A 82 56.87 -8.27 -35.86
C ALA A 82 55.81 -8.59 -34.82
N ASP A 83 54.56 -8.76 -35.26
CA ASP A 83 53.47 -9.14 -34.37
C ASP A 83 52.43 -9.88 -35.21
N GLU A 84 52.39 -11.21 -35.06
CA GLU A 84 51.47 -12.01 -35.85
C GLU A 84 50.01 -11.75 -35.48
N THR A 85 49.75 -11.16 -34.32
CA THR A 85 48.37 -10.90 -33.92
C THR A 85 47.69 -9.91 -34.86
N CYS A 86 48.43 -8.90 -35.30
CA CYS A 86 47.87 -7.89 -36.19
C CYS A 86 47.52 -8.51 -37.54
N GLU A 87 46.66 -7.83 -38.28
CA GLU A 87 46.26 -8.23 -39.62
C GLU A 87 47.09 -7.50 -40.66
N GLU A 88 47.17 -8.09 -41.85
CA GLU A 88 47.94 -7.49 -42.94
C GLU A 88 47.50 -6.08 -43.26
N PRO A 89 46.20 -5.78 -43.43
CA PRO A 89 45.80 -4.44 -43.84
C PRO A 89 45.79 -3.40 -42.72
N LYS A 90 46.37 -3.71 -41.55
CA LYS A 90 46.32 -2.79 -40.42
C LYS A 90 47.70 -2.71 -39.76
N ILE A 91 47.92 -1.57 -39.10
CA ILE A 91 49.12 -1.32 -38.31
C ILE A 91 48.70 -0.80 -36.96
N ARG A 92 49.44 -1.18 -35.93
CA ARG A 92 49.11 -0.84 -34.55
C ARG A 92 50.09 0.21 -34.03
N MET A 93 49.54 1.28 -33.46
CA MET A 93 50.34 2.36 -32.89
C MET A 93 49.65 2.87 -31.64
N ASN A 94 50.45 3.48 -30.75
CA ASN A 94 49.93 4.05 -29.52
C ASN A 94 49.44 5.47 -29.77
N LYS A 95 48.77 6.03 -28.75
CA LYS A 95 48.15 7.33 -28.92
C LYS A 95 49.17 8.42 -29.23
N VAL A 96 50.41 8.26 -28.76
CA VAL A 96 51.43 9.28 -28.98
C VAL A 96 51.72 9.41 -30.47
N VAL A 97 51.98 8.29 -31.14
CA VAL A 97 52.33 8.33 -32.56
C VAL A 97 51.13 8.80 -33.37
N ARG A 98 49.92 8.35 -33.01
CA ARG A 98 48.74 8.81 -33.72
C ARG A 98 48.55 10.31 -33.58
N SER A 99 48.77 10.84 -32.38
CA SER A 99 48.67 12.29 -32.18
C SER A 99 49.70 13.02 -33.01
N ASN A 100 50.94 12.50 -33.06
CA ASN A 100 51.96 13.11 -33.90
C ASN A 100 51.55 13.10 -35.37
N LEU A 101 50.80 12.09 -35.79
CA LEU A 101 50.36 11.95 -37.17
C LEU A 101 49.00 12.58 -37.44
N ARG A 102 48.34 13.11 -36.41
CA ARG A 102 47.02 13.73 -36.58
C ARG A 102 46.04 12.76 -37.21
N VAL A 103 46.13 11.49 -36.84
CA VAL A 103 45.28 10.43 -37.38
C VAL A 103 44.55 9.75 -36.24
N ARG A 104 43.24 9.60 -36.37
CA ARG A 104 42.44 8.83 -35.45
C ARG A 104 42.44 7.36 -35.87
N LEU A 105 41.76 6.54 -35.08
CA LEU A 105 41.58 5.15 -35.46
C LEU A 105 40.63 5.05 -36.64
N GLY A 106 40.93 4.12 -37.54
CA GLY A 106 40.18 3.98 -38.77
C GLY A 106 40.75 4.73 -39.96
N ASP A 107 41.72 5.61 -39.73
CA ASP A 107 42.38 6.30 -40.82
C ASP A 107 43.44 5.39 -41.46
N VAL A 108 44.00 5.88 -42.57
CA VAL A 108 45.00 5.14 -43.34
C VAL A 108 46.29 5.93 -43.35
N ILE A 109 47.41 5.21 -43.20
CA ILE A 109 48.73 5.80 -43.15
C ILE A 109 49.64 5.08 -44.14
N SER A 110 50.67 5.77 -44.60
CA SER A 110 51.62 5.23 -45.55
C SER A 110 52.97 4.99 -44.87
N VAL A 111 53.59 3.87 -45.18
CA VAL A 111 54.84 3.44 -44.54
C VAL A 111 55.92 3.34 -45.60
N HIS A 112 57.10 3.85 -45.28
CA HIS A 112 58.24 3.81 -46.19
C HIS A 112 59.49 3.37 -45.42
N GLN A 113 60.23 2.43 -46.00
CA GLN A 113 61.48 2.01 -45.39
C GLN A 113 62.48 3.16 -45.38
N CYS A 114 63.15 3.33 -44.23
CA CYS A 114 64.15 4.39 -44.07
C CYS A 114 65.27 3.89 -43.16
N PRO A 115 66.00 2.86 -43.59
CA PRO A 115 67.13 2.37 -42.80
C PRO A 115 68.32 3.30 -42.80
N ASP A 116 68.33 4.33 -43.64
CA ASP A 116 69.45 5.26 -43.72
C ASP A 116 69.44 6.30 -42.60
N VAL A 117 68.53 6.20 -41.64
CA VAL A 117 68.47 7.18 -40.57
C VAL A 117 69.81 7.23 -39.85
N LYS A 118 70.23 8.44 -39.48
CA LYS A 118 71.55 8.67 -38.90
C LYS A 118 71.41 9.06 -37.43
N TYR A 119 72.40 8.64 -36.64
CA TYR A 119 72.44 9.05 -35.24
C TYR A 119 72.64 10.56 -35.14
N GLY A 120 71.95 11.19 -34.20
CA GLY A 120 72.00 12.63 -34.04
C GLY A 120 73.07 13.05 -33.05
N LYS A 121 73.79 14.12 -33.40
CA LYS A 121 74.83 14.64 -32.52
C LYS A 121 74.25 15.45 -31.35
N ARG A 122 73.13 16.14 -31.56
CA ARG A 122 72.52 16.94 -30.51
C ARG A 122 71.02 17.02 -30.76
N VAL A 123 70.26 17.06 -29.68
CA VAL A 123 68.81 17.21 -29.73
C VAL A 123 68.40 18.23 -28.68
N HIS A 124 67.65 19.25 -29.10
CA HIS A 124 67.11 20.26 -28.20
C HIS A 124 65.64 19.93 -27.97
N ILE A 125 65.31 19.58 -26.73
CA ILE A 125 63.97 19.15 -26.34
C ILE A 125 63.53 20.00 -25.16
N LEU A 126 62.27 20.42 -25.18
CA LEU A 126 61.68 21.21 -24.11
C LEU A 126 60.35 20.61 -23.72
N PRO A 127 59.88 20.86 -22.51
CA PRO A 127 58.57 20.38 -22.08
C PRO A 127 57.47 21.35 -22.50
N VAL A 128 56.24 20.97 -22.16
CA VAL A 128 55.06 21.79 -22.44
C VAL A 128 54.63 22.47 -21.16
N ASP A 129 54.08 23.68 -21.30
CA ASP A 129 53.71 24.48 -20.12
C ASP A 129 52.59 23.80 -19.34
N ASP A 130 51.53 23.36 -20.02
CA ASP A 130 50.37 22.82 -19.32
C ASP A 130 50.73 21.56 -18.55
N THR A 131 51.49 20.66 -19.16
CA THR A 131 51.79 19.38 -18.52
C THR A 131 52.82 19.53 -17.41
N VAL A 132 53.75 20.49 -17.53
CA VAL A 132 54.83 20.66 -16.57
C VAL A 132 54.49 21.70 -15.52
N GLU A 133 53.25 22.18 -15.48
CA GLU A 133 52.86 23.18 -14.49
C GLU A 133 53.13 22.63 -13.08
N GLY A 134 53.72 23.46 -12.24
CA GLY A 134 54.10 23.02 -10.91
C GLY A 134 55.52 22.52 -10.84
N VAL A 135 55.70 21.21 -10.99
CA VAL A 135 57.01 20.57 -10.89
C VAL A 135 58.06 21.36 -11.63
N THR A 136 59.20 21.60 -10.98
CA THR A 136 60.32 22.30 -11.60
C THR A 136 61.61 21.77 -11.01
N GLY A 137 62.69 21.93 -11.78
CA GLY A 137 63.99 21.46 -11.36
C GLY A 137 64.77 20.82 -12.47
N ASN A 138 65.55 19.78 -12.15
CA ASN A 138 66.38 19.09 -13.13
C ASN A 138 65.52 18.04 -13.84
N LEU A 139 64.70 18.53 -14.78
CA LEU A 139 63.82 17.63 -15.52
C LEU A 139 64.60 16.63 -16.35
N PHE A 140 65.80 17.01 -16.80
CA PHE A 140 66.57 16.14 -17.69
C PHE A 140 66.80 14.78 -17.05
N ASP A 141 67.57 14.74 -15.96
CA ASP A 141 67.88 13.46 -15.33
C ASP A 141 66.62 12.80 -14.76
N ALA A 142 65.61 13.61 -14.42
CA ALA A 142 64.40 13.05 -13.82
C ALA A 142 63.61 12.23 -14.83
N TYR A 143 63.43 12.75 -16.05
CA TYR A 143 62.56 12.12 -17.04
C TYR A 143 63.31 11.64 -18.27
N LEU A 144 64.08 12.51 -18.93
CA LEU A 144 64.60 12.17 -20.24
C LEU A 144 65.70 11.11 -20.15
N LYS A 145 66.61 11.24 -19.19
CA LYS A 145 67.74 10.32 -19.13
C LYS A 145 67.31 8.87 -18.99
N PRO A 146 66.39 8.51 -18.08
CA PRO A 146 65.88 7.13 -18.09
C PRO A 146 65.20 6.76 -19.39
N TYR A 147 64.58 7.73 -20.05
CA TYR A 147 63.79 7.46 -21.25
C TYR A 147 64.67 7.17 -22.46
N PHE A 148 65.90 7.69 -22.49
CA PHE A 148 66.79 7.52 -23.63
C PHE A 148 68.03 6.70 -23.31
N LEU A 149 68.32 6.45 -22.02
CA LEU A 149 69.59 5.84 -21.66
C LEU A 149 69.72 4.43 -22.20
N GLU A 150 68.65 3.64 -22.11
CA GLU A 150 68.74 2.22 -22.46
C GLU A 150 68.65 2.00 -23.95
N ALA A 151 67.53 2.39 -24.55
CA ALA A 151 67.25 2.08 -25.95
C ALA A 151 67.60 3.24 -26.86
N TYR A 152 68.04 2.91 -28.08
CA TYR A 152 68.26 3.90 -29.12
C TYR A 152 66.92 4.22 -29.76
N ARG A 153 66.41 5.43 -29.53
CA ARG A 153 65.05 5.78 -29.89
C ARG A 153 65.04 6.76 -31.06
N PRO A 154 64.18 6.55 -32.06
CA PRO A 154 64.05 7.56 -33.13
C PRO A 154 63.36 8.82 -32.62
N VAL A 155 63.66 9.92 -33.30
CA VAL A 155 63.10 11.22 -32.97
C VAL A 155 62.92 12.02 -34.24
N ARG A 156 61.84 12.79 -34.29
CA ARG A 156 61.49 13.62 -35.42
C ARG A 156 61.08 14.99 -34.92
N LYS A 157 61.55 16.04 -35.59
CA LYS A 157 61.27 17.39 -35.17
C LYS A 157 59.77 17.65 -35.13
N GLY A 158 59.33 18.39 -34.11
CA GLY A 158 57.93 18.74 -33.96
C GLY A 158 57.08 17.71 -33.27
N ASP A 159 57.64 16.55 -32.94
CA ASP A 159 56.89 15.48 -32.30
C ASP A 159 56.94 15.61 -30.79
N LEU A 160 55.86 15.18 -30.14
CA LEU A 160 55.74 15.20 -28.69
C LEU A 160 55.74 13.77 -28.17
N PHE A 161 56.56 13.50 -27.16
CA PHE A 161 56.60 12.20 -26.52
C PHE A 161 56.30 12.33 -25.04
N LEU A 162 55.66 11.31 -24.49
CA LEU A 162 55.14 11.32 -23.13
C LEU A 162 56.03 10.48 -22.22
N VAL A 163 56.40 11.04 -21.07
CA VAL A 163 57.21 10.36 -20.07
C VAL A 163 56.43 10.34 -18.77
N ARG A 164 56.28 9.15 -18.18
CA ARG A 164 55.48 8.97 -16.98
C ARG A 164 56.38 8.82 -15.76
N GLY A 165 56.01 9.52 -14.69
CA GLY A 165 56.76 9.46 -13.45
C GLY A 165 56.33 10.54 -12.48
N GLY A 166 56.67 10.36 -11.20
CA GLY A 166 56.33 11.36 -10.20
C GLY A 166 54.84 11.63 -10.12
N MET A 167 54.03 10.59 -10.31
CA MET A 167 52.58 10.72 -10.28
C MET A 167 52.08 11.71 -11.32
N ARG A 168 52.81 11.85 -12.42
CA ARG A 168 52.35 12.74 -13.49
C ARG A 168 53.01 12.32 -14.80
N SER A 169 52.39 12.72 -15.90
CA SER A 169 52.92 12.51 -17.23
C SER A 169 53.35 13.84 -17.83
N VAL A 170 54.55 13.88 -18.39
CA VAL A 170 55.14 15.09 -18.94
C VAL A 170 55.30 14.89 -20.44
N GLU A 171 54.82 15.87 -21.21
CA GLU A 171 54.94 15.86 -22.66
C GLU A 171 56.12 16.72 -23.06
N PHE A 172 57.06 16.13 -23.78
CA PHE A 172 58.25 16.83 -24.25
C PHE A 172 58.18 16.95 -25.77
N LYS A 173 58.29 18.18 -26.26
CA LYS A 173 58.30 18.48 -27.69
C LYS A 173 59.73 18.66 -28.16
N VAL A 174 60.07 18.00 -29.27
CA VAL A 174 61.42 18.05 -29.81
C VAL A 174 61.55 19.35 -30.59
N ILE A 175 62.23 20.33 -29.99
CA ILE A 175 62.38 21.63 -30.63
C ILE A 175 63.29 21.53 -31.84
N GLU A 176 64.43 20.85 -31.70
CA GLU A 176 65.39 20.78 -32.79
C GLU A 176 66.15 19.46 -32.73
N THR A 177 66.57 18.99 -33.91
CA THR A 177 67.31 17.75 -34.03
C THR A 177 68.44 17.93 -35.04
N ASP A 178 69.47 17.10 -34.90
CA ASP A 178 70.59 17.06 -35.81
C ASP A 178 70.88 15.61 -36.18
N PRO A 179 71.48 15.37 -37.36
CA PRO A 179 71.89 16.35 -38.38
C PRO A 179 70.70 16.78 -39.24
N ALA A 180 69.60 16.05 -39.17
CA ALA A 180 68.39 16.36 -39.93
C ALA A 180 67.18 16.28 -38.99
N GLU A 181 66.00 16.53 -39.54
CA GLU A 181 64.78 16.49 -38.74
C GLU A 181 64.57 15.11 -38.12
N TYR A 182 65.06 14.07 -38.79
CA TYR A 182 64.96 12.70 -38.28
C TYR A 182 66.33 12.27 -37.74
N CYS A 183 66.34 11.74 -36.52
CA CYS A 183 67.57 11.34 -35.88
C CYS A 183 67.30 10.16 -34.96
N VAL A 184 68.38 9.54 -34.47
CA VAL A 184 68.29 8.46 -33.50
C VAL A 184 69.12 8.86 -32.29
N VAL A 185 68.51 8.84 -31.11
CA VAL A 185 69.21 9.23 -29.89
C VAL A 185 70.13 8.11 -29.46
N ALA A 186 71.35 8.48 -29.08
CA ALA A 186 72.38 7.55 -28.64
C ALA A 186 72.98 8.05 -27.34
N PRO A 187 73.67 7.19 -26.59
CA PRO A 187 74.27 7.64 -25.33
C PRO A 187 75.19 8.83 -25.49
N ASP A 188 75.98 8.87 -26.57
CA ASP A 188 76.89 9.99 -26.81
C ASP A 188 76.17 11.25 -27.26
N THR A 189 74.91 11.14 -27.69
CA THR A 189 74.17 12.30 -28.17
C THR A 189 73.95 13.30 -27.05
N GLU A 190 74.07 14.58 -27.39
CA GLU A 190 73.81 15.65 -26.44
C GLU A 190 72.31 15.94 -26.38
N ILE A 191 71.83 16.23 -25.17
CA ILE A 191 70.43 16.57 -24.94
C ILE A 191 70.39 17.93 -24.26
N PHE A 192 69.63 18.86 -24.83
CA PHE A 192 69.54 20.23 -24.32
C PHE A 192 68.10 20.49 -23.90
N CYS A 193 67.91 20.72 -22.60
CA CYS A 193 66.57 20.97 -22.05
C CYS A 193 66.62 22.14 -21.07
N GLU A 194 67.39 23.17 -21.42
CA GLU A 194 67.51 24.36 -20.58
C GLU A 194 66.54 25.46 -20.98
N GLY A 195 65.73 25.25 -22.01
CA GLY A 195 64.82 26.28 -22.47
C GLY A 195 63.55 26.37 -21.64
N GLU A 196 62.74 27.38 -21.95
CA GLU A 196 61.50 27.63 -21.25
C GLU A 196 60.40 26.71 -21.76
N PRO A 197 59.30 26.59 -21.01
CA PRO A 197 58.18 25.77 -21.48
C PRO A 197 57.64 26.27 -22.81
N VAL A 198 57.21 25.32 -23.64
CA VAL A 198 56.68 25.60 -24.97
C VAL A 198 55.17 25.45 -24.94
N LYS A 199 54.50 26.28 -25.73
CA LYS A 199 53.04 26.25 -25.78
C LYS A 199 52.55 24.98 -26.49
N ARG A 200 51.27 24.68 -26.28
CA ARG A 200 50.68 23.48 -26.85
C ARG A 200 50.45 23.63 -28.35
N GLU A 201 50.14 24.84 -28.80
CA GLU A 201 49.91 25.16 -30.21
C GLU A 201 49.00 24.11 -30.87
N ASP A 202 47.76 24.09 -30.38
CA ASP A 202 46.65 23.31 -30.89
C ASP A 202 46.87 21.80 -30.81
N GLU A 203 47.95 21.36 -30.16
CA GLU A 203 48.14 19.93 -29.95
C GLU A 203 47.09 19.39 -28.98
N GLU A 204 46.78 18.11 -29.13
CA GLU A 204 45.80 17.47 -28.26
C GLU A 204 46.49 16.92 -27.01
N ARG A 205 45.75 16.90 -25.91
CA ARG A 205 46.27 16.35 -24.66
C ARG A 205 46.56 14.87 -24.83
N LEU A 206 47.82 14.48 -24.73
CA LEU A 206 48.18 13.08 -24.82
C LEU A 206 47.69 12.27 -23.63
N ASP A 207 47.25 12.93 -22.56
CA ASP A 207 46.67 12.25 -21.41
C ASP A 207 45.16 12.11 -21.51
N ASP A 208 44.55 12.56 -22.62
CA ASP A 208 43.12 12.40 -22.80
C ASP A 208 42.76 10.92 -22.72
N VAL A 209 41.54 10.65 -22.26
CA VAL A 209 41.10 9.27 -22.08
C VAL A 209 41.04 8.58 -23.43
N GLY A 210 41.58 7.37 -23.49
CA GLY A 210 41.55 6.57 -24.69
C GLY A 210 41.25 5.12 -24.39
N TYR A 211 41.38 4.25 -25.39
CA TYR A 211 41.14 2.84 -25.15
C TYR A 211 42.20 2.24 -24.24
N ASP A 212 43.38 2.86 -24.17
CA ASP A 212 44.44 2.41 -23.29
C ASP A 212 44.26 2.87 -21.85
N ASP A 213 43.36 3.82 -21.60
CA ASP A 213 43.05 4.28 -20.26
C ASP A 213 41.83 3.58 -19.69
N VAL A 214 41.30 2.56 -20.36
CA VAL A 214 40.17 1.78 -19.90
C VAL A 214 40.60 0.33 -19.84
N GLY A 215 40.40 -0.30 -18.68
CA GLY A 215 40.79 -1.68 -18.49
C GLY A 215 39.65 -2.49 -17.90
N GLY A 216 39.73 -3.81 -18.11
CA GLY A 216 38.70 -4.71 -17.67
C GLY A 216 37.53 -4.85 -18.62
N VAL A 217 37.55 -4.15 -19.75
CA VAL A 217 36.49 -4.20 -20.75
C VAL A 217 37.17 -4.30 -22.10
N ARG A 218 37.26 -5.52 -22.64
CA ARG A 218 37.78 -5.75 -23.98
C ARG A 218 36.70 -6.20 -24.94
N LYS A 219 35.79 -7.08 -24.50
CA LYS A 219 34.67 -7.48 -25.34
C LYS A 219 33.69 -6.34 -25.54
N GLN A 220 33.29 -5.68 -24.44
CA GLN A 220 32.34 -4.58 -24.54
C GLN A 220 32.93 -3.43 -25.35
N MET A 221 34.19 -3.11 -25.11
CA MET A 221 34.84 -2.03 -25.86
C MET A 221 34.95 -2.40 -27.33
N ALA A 222 35.18 -3.69 -27.63
CA ALA A 222 35.22 -4.13 -29.01
C ALA A 222 33.86 -3.94 -29.69
N GLN A 223 32.78 -4.29 -29.00
CA GLN A 223 31.45 -4.07 -29.56
C GLN A 223 31.21 -2.59 -29.81
N ILE A 224 31.57 -1.75 -28.83
CA ILE A 224 31.35 -0.32 -28.98
C ILE A 224 32.13 0.22 -30.16
N ARG A 225 33.39 -0.20 -30.30
CA ARG A 225 34.20 0.23 -31.43
C ARG A 225 33.56 -0.19 -32.74
N GLU A 226 33.17 -1.46 -32.85
CA GLU A 226 32.60 -1.94 -34.11
C GLU A 226 31.32 -1.19 -34.46
N LEU A 227 30.54 -0.78 -33.45
CA LEU A 227 29.33 -0.03 -33.72
C LEU A 227 29.61 1.41 -34.11
N VAL A 228 30.59 2.04 -33.49
CA VAL A 228 30.76 3.49 -33.55
C VAL A 228 31.80 3.92 -34.57
N GLU A 229 32.99 3.32 -34.53
CA GLU A 229 34.10 3.81 -35.34
C GLU A 229 33.77 3.73 -36.83
N LEU A 230 33.14 2.64 -37.26
CA LEU A 230 32.90 2.44 -38.69
C LEU A 230 32.02 3.55 -39.28
N PRO A 231 30.86 3.89 -38.72
CA PRO A 231 30.05 4.96 -39.29
C PRO A 231 30.64 6.35 -39.12
N LEU A 232 31.10 6.68 -37.91
CA LEU A 232 31.57 8.03 -37.64
C LEU A 232 32.79 8.37 -38.49
N ARG A 233 33.73 7.44 -38.62
CA ARG A 233 34.91 7.70 -39.44
C ARG A 233 34.57 7.65 -40.92
N HIS A 234 33.59 6.83 -41.31
CA HIS A 234 33.24 6.62 -42.71
C HIS A 234 31.73 6.77 -42.87
N PRO A 235 31.21 7.98 -42.70
CA PRO A 235 29.77 8.20 -42.85
C PRO A 235 29.33 8.21 -44.31
N GLN A 236 30.22 8.67 -45.19
CA GLN A 236 29.89 8.72 -46.61
C GLN A 236 29.61 7.33 -47.16
N LEU A 237 30.45 6.36 -46.79
CA LEU A 237 30.25 4.99 -47.26
C LEU A 237 28.91 4.44 -46.76
N PHE A 238 28.57 4.71 -45.50
CA PHE A 238 27.34 4.17 -44.95
C PHE A 238 26.11 4.81 -45.58
N LYS A 239 26.15 6.12 -45.84
CA LYS A 239 25.01 6.76 -46.48
C LYS A 239 24.91 6.37 -47.94
N SER A 240 26.03 6.00 -48.57
CA SER A 240 25.97 5.52 -49.95
C SER A 240 25.46 4.08 -50.02
N ILE A 241 25.80 3.24 -49.04
CA ILE A 241 25.34 1.85 -49.05
C ILE A 241 23.83 1.79 -48.93
N GLY A 242 23.25 2.59 -48.03
CA GLY A 242 21.83 2.59 -47.78
C GLY A 242 21.40 1.82 -46.55
N VAL A 243 22.29 1.05 -45.95
CA VAL A 243 21.96 0.31 -44.74
C VAL A 243 21.99 1.25 -43.55
N LYS A 244 21.07 1.02 -42.60
CA LYS A 244 20.95 1.89 -41.44
C LYS A 244 21.60 1.22 -40.23
N PRO A 245 22.70 1.74 -39.70
CA PRO A 245 23.28 1.16 -38.50
C PRO A 245 22.55 1.61 -37.25
N PRO A 246 22.70 0.91 -36.14
CA PRO A 246 22.06 1.34 -34.90
C PRO A 246 22.64 2.65 -34.39
N LYS A 247 21.78 3.44 -33.74
CA LYS A 247 22.18 4.70 -33.15
C LYS A 247 21.99 4.74 -31.63
N GLY A 248 21.19 3.85 -31.07
CA GLY A 248 20.93 3.87 -29.64
C GLY A 248 21.76 2.89 -28.85
N ILE A 249 22.66 3.42 -28.03
CA ILE A 249 23.56 2.63 -27.19
C ILE A 249 23.31 3.00 -25.74
N LEU A 250 23.19 1.98 -24.90
CA LEU A 250 22.92 2.17 -23.47
C LEU A 250 23.94 1.36 -22.68
N LEU A 251 24.86 2.06 -22.03
CA LEU A 251 25.84 1.42 -21.16
C LEU A 251 25.28 1.33 -19.75
N TYR A 252 25.00 0.12 -19.30
CA TYR A 252 24.47 -0.09 -17.95
C TYR A 252 25.43 -0.94 -17.15
N GLY A 253 25.63 -0.54 -15.89
CA GLY A 253 26.54 -1.22 -15.01
C GLY A 253 26.61 -0.55 -13.66
N PRO A 254 27.27 -1.20 -12.70
CA PRO A 254 27.38 -0.63 -11.36
C PRO A 254 28.19 0.66 -11.37
N PRO A 255 27.92 1.58 -10.44
CA PRO A 255 28.69 2.83 -10.39
C PRO A 255 30.17 2.56 -10.19
N GLY A 256 31.00 3.36 -10.86
CA GLY A 256 32.44 3.21 -10.81
C GLY A 256 33.01 2.24 -11.80
N SER A 257 32.19 1.68 -12.69
CA SER A 257 32.63 0.66 -13.63
C SER A 257 33.04 1.24 -14.99
N GLY A 258 32.99 2.55 -15.15
CA GLY A 258 33.27 3.17 -16.43
C GLY A 258 32.11 3.99 -16.93
N LYS A 259 31.54 3.59 -18.07
CA LYS A 259 30.41 4.28 -18.66
C LYS A 259 30.81 5.67 -19.12
N THR A 260 30.92 6.61 -18.19
CA THR A 260 31.39 7.94 -18.52
C THR A 260 32.78 7.89 -19.13
N LEU A 261 33.66 7.07 -18.56
CA LEU A 261 35.02 6.93 -19.08
C LEU A 261 35.00 6.36 -20.50
N ILE A 262 34.17 5.34 -20.74
CA ILE A 262 34.13 4.71 -22.05
C ILE A 262 33.66 5.69 -23.10
N ALA A 263 32.64 6.48 -22.78
CA ALA A 263 32.14 7.45 -23.76
C ALA A 263 33.18 8.50 -24.09
N ARG A 264 33.87 9.04 -23.09
CA ARG A 264 34.94 9.99 -23.37
C ARG A 264 36.06 9.36 -24.18
N ALA A 265 36.43 8.12 -23.87
CA ALA A 265 37.48 7.46 -24.63
C ALA A 265 37.07 7.29 -26.08
N VAL A 266 35.83 6.85 -26.32
CA VAL A 266 35.37 6.67 -27.70
C VAL A 266 35.34 8.00 -28.42
N ALA A 267 34.83 9.04 -27.77
CA ALA A 267 34.76 10.36 -28.40
C ALA A 267 36.15 10.88 -28.75
N ASN A 268 37.11 10.73 -27.85
CA ASN A 268 38.45 11.23 -28.10
C ASN A 268 39.15 10.41 -29.18
N GLU A 269 38.89 9.11 -29.22
CA GLU A 269 39.54 8.26 -30.22
C GLU A 269 38.92 8.43 -31.60
N THR A 270 37.66 8.84 -31.68
CA THR A 270 37.01 9.08 -32.96
C THR A 270 37.02 10.54 -33.36
N GLY A 271 37.34 11.44 -32.44
CA GLY A 271 37.34 12.86 -32.75
C GLY A 271 35.97 13.46 -33.00
N ALA A 272 34.92 12.68 -32.78
CA ALA A 272 33.57 13.17 -33.05
C ALA A 272 33.18 14.26 -32.05
N PHE A 273 32.39 15.21 -32.52
CA PHE A 273 31.89 16.28 -31.66
C PHE A 273 31.10 15.67 -30.51
N PHE A 274 31.64 15.77 -29.30
CA PHE A 274 31.08 15.11 -28.13
C PHE A 274 30.32 16.13 -27.31
N PHE A 275 29.02 15.90 -27.14
CA PHE A 275 28.16 16.73 -26.32
C PHE A 275 27.76 15.92 -25.10
N CYS A 276 28.09 16.41 -23.91
CA CYS A 276 27.86 15.69 -22.66
C CYS A 276 26.63 16.29 -21.99
N ILE A 277 25.49 15.64 -22.20
CA ILE A 277 24.26 15.98 -21.49
C ILE A 277 24.29 15.28 -20.14
N ASN A 278 24.12 16.05 -19.07
CA ASN A 278 24.13 15.53 -17.71
C ASN A 278 22.72 15.61 -17.15
N GLY A 279 22.22 14.50 -16.62
CA GLY A 279 20.88 14.41 -16.10
C GLY A 279 20.56 15.51 -15.10
N PRO A 280 21.30 15.55 -14.00
CA PRO A 280 21.03 16.59 -12.99
C PRO A 280 21.15 18.00 -13.53
N GLU A 281 22.08 18.25 -14.45
CA GLU A 281 22.20 19.58 -15.02
C GLU A 281 20.92 19.96 -15.76
N ILE A 282 20.33 19.02 -16.48
CA ILE A 282 19.06 19.28 -17.17
C ILE A 282 17.94 19.47 -16.16
N MET A 283 17.90 18.63 -15.12
CA MET A 283 16.81 18.65 -14.16
C MET A 283 16.87 19.82 -13.19
N SER A 284 18.00 20.52 -13.11
CA SER A 284 18.10 21.68 -12.24
C SER A 284 17.58 22.95 -12.90
N LYS A 285 17.84 23.11 -14.18
CA LYS A 285 17.41 24.32 -14.88
C LYS A 285 15.89 24.41 -14.90
N LEU A 286 15.39 25.64 -14.78
CA LEU A 286 13.96 25.87 -14.58
C LEU A 286 13.12 25.18 -15.65
N ALA A 287 11.83 25.01 -15.36
CA ALA A 287 10.93 24.37 -16.31
C ALA A 287 10.93 25.12 -17.64
N GLY A 288 10.95 24.36 -18.73
CA GLY A 288 11.00 24.91 -20.07
C GLY A 288 12.42 25.07 -20.58
N GLU A 289 13.35 25.36 -19.67
CA GLU A 289 14.76 25.44 -20.04
C GLU A 289 15.37 24.06 -20.25
N SER A 290 14.86 23.04 -19.56
CA SER A 290 15.37 21.69 -19.75
C SER A 290 15.11 21.19 -21.17
N GLU A 291 13.87 21.36 -21.64
CA GLU A 291 13.53 20.98 -23.00
C GLU A 291 14.34 21.78 -24.00
N SER A 292 14.54 23.08 -23.73
CA SER A 292 15.33 23.90 -24.62
C SER A 292 16.77 23.40 -24.69
N ASN A 293 17.34 23.02 -23.55
CA ASN A 293 18.71 22.52 -23.54
C ASN A 293 18.82 21.20 -24.32
N LEU A 294 17.86 20.29 -24.13
CA LEU A 294 17.88 19.05 -24.89
C LEU A 294 17.78 19.33 -26.39
N ARG A 295 16.87 20.22 -26.77
CA ARG A 295 16.70 20.55 -28.19
C ARG A 295 17.97 21.15 -28.76
N LYS A 296 18.60 22.08 -28.02
CA LYS A 296 19.83 22.68 -28.50
C LYS A 296 20.94 21.66 -28.63
N ALA A 297 21.04 20.74 -27.67
CA ALA A 297 22.06 19.71 -27.73
C ALA A 297 21.90 18.87 -29.00
N PHE A 298 20.68 18.39 -29.25
CA PHE A 298 20.46 17.57 -30.43
C PHE A 298 20.71 18.36 -31.71
N GLU A 299 20.24 19.61 -31.77
CA GLU A 299 20.44 20.41 -32.97
C GLU A 299 21.91 20.66 -33.25
N GLU A 300 22.67 20.99 -32.20
CA GLU A 300 24.11 21.22 -32.37
C GLU A 300 24.83 19.95 -32.77
N ALA A 301 24.40 18.81 -32.24
CA ALA A 301 24.98 17.54 -32.66
C ALA A 301 24.71 17.30 -34.13
N GLU A 302 23.50 17.60 -34.59
CA GLU A 302 23.17 17.45 -36.01
C GLU A 302 23.93 18.43 -36.89
N LYS A 303 24.54 19.47 -36.33
CA LYS A 303 25.31 20.43 -37.10
C LYS A 303 26.78 20.04 -37.19
N ASN A 304 27.33 19.43 -36.14
CA ASN A 304 28.72 19.03 -36.09
C ASN A 304 28.92 17.56 -36.45
N ALA A 305 28.08 17.03 -37.34
CA ALA A 305 28.19 15.63 -37.70
C ALA A 305 29.55 15.34 -38.33
N PRO A 306 30.18 14.19 -38.03
CA PRO A 306 29.71 13.12 -37.11
C PRO A 306 29.75 13.56 -35.67
N SER A 307 28.88 13.03 -34.81
CA SER A 307 28.75 13.55 -33.46
C SER A 307 28.27 12.44 -32.53
N ILE A 308 28.32 12.73 -31.24
CA ILE A 308 27.90 11.81 -30.19
C ILE A 308 27.20 12.63 -29.12
N ILE A 309 26.18 12.03 -28.49
CA ILE A 309 25.37 12.69 -27.48
C ILE A 309 25.33 11.76 -26.28
N PHE A 310 26.23 11.97 -25.33
CA PHE A 310 26.33 11.12 -24.16
C PHE A 310 25.40 11.65 -23.07
N ILE A 311 24.37 10.88 -22.76
CA ILE A 311 23.36 11.27 -21.77
C ILE A 311 23.69 10.52 -20.49
N ASP A 312 24.49 11.16 -19.63
CA ASP A 312 24.82 10.57 -18.35
C ASP A 312 23.64 10.69 -17.39
N GLU A 313 23.57 9.75 -16.45
CA GLU A 313 22.49 9.70 -15.47
C GLU A 313 21.14 9.84 -16.18
N ILE A 314 20.89 8.99 -17.17
CA ILE A 314 19.64 9.04 -17.92
C ILE A 314 18.47 8.51 -17.12
N ASP A 315 18.73 7.89 -15.95
CA ASP A 315 17.63 7.43 -15.11
C ASP A 315 16.87 8.60 -14.50
N SER A 316 17.58 9.67 -14.12
CA SER A 316 16.91 10.84 -13.59
C SER A 316 16.05 11.51 -14.64
N ILE A 317 16.55 11.59 -15.87
CA ILE A 317 15.77 12.20 -16.95
C ILE A 317 14.54 11.37 -17.25
N ALA A 318 14.71 10.05 -17.36
CA ALA A 318 13.68 9.14 -17.85
C ALA A 318 13.52 7.98 -16.90
N PRO A 319 13.03 8.23 -15.69
CA PRO A 319 12.70 7.13 -14.79
C PRO A 319 11.39 6.46 -15.18
N LYS A 320 11.11 5.34 -14.52
CA LYS A 320 9.88 4.61 -14.80
C LYS A 320 8.66 5.48 -14.47
N ARG A 321 7.61 5.32 -15.28
CA ARG A 321 6.38 6.07 -15.02
C ARG A 321 5.79 5.71 -13.67
N GLU A 322 5.95 4.46 -13.24
CA GLU A 322 5.44 4.04 -11.94
C GLU A 322 6.09 4.79 -10.79
N LYS A 323 7.23 5.43 -11.02
CA LYS A 323 7.97 6.14 -9.99
C LYS A 323 7.85 7.64 -10.08
N THR A 324 7.92 8.21 -11.28
CA THR A 324 7.79 9.66 -11.44
C THR A 324 6.40 10.10 -11.00
N ASN A 325 6.35 11.25 -10.32
CA ASN A 325 5.11 11.80 -9.79
C ASN A 325 5.01 13.28 -10.13
N GLY A 326 5.30 13.63 -11.38
CA GLY A 326 5.31 15.02 -11.78
C GLY A 326 5.02 15.17 -13.26
N GLU A 327 4.73 16.42 -13.64
CA GLU A 327 4.38 16.71 -15.03
C GLU A 327 5.61 17.10 -15.83
N VAL A 328 6.48 17.94 -15.27
CA VAL A 328 7.68 18.37 -15.99
C VAL A 328 8.55 17.17 -16.33
N GLU A 329 8.63 16.20 -15.42
CA GLU A 329 9.40 15.00 -15.70
C GLU A 329 8.86 14.26 -16.91
N ARG A 330 7.54 14.11 -16.99
CA ARG A 330 6.95 13.45 -18.13
C ARG A 330 7.17 14.24 -19.41
N ARG A 331 7.10 15.57 -19.32
CA ARG A 331 7.35 16.40 -20.50
C ARG A 331 8.78 16.20 -21.01
N ILE A 332 9.75 16.15 -20.10
CA ILE A 332 11.13 15.96 -20.52
C ILE A 332 11.32 14.56 -21.11
N VAL A 333 10.70 13.55 -20.50
CA VAL A 333 10.80 12.20 -21.05
C VAL A 333 10.26 12.17 -22.46
N SER A 334 9.08 12.78 -22.67
CA SER A 334 8.47 12.76 -23.99
C SER A 334 9.29 13.55 -24.99
N GLN A 335 9.90 14.66 -24.56
CA GLN A 335 10.75 15.41 -25.47
C GLN A 335 11.96 14.59 -25.88
N LEU A 336 12.55 13.87 -24.93
CA LEU A 336 13.69 13.01 -25.27
C LEU A 336 13.28 11.92 -26.25
N LEU A 337 12.12 11.31 -26.02
CA LEU A 337 11.64 10.28 -26.93
C LEU A 337 11.39 10.84 -28.33
N THR A 338 10.79 12.03 -28.40
CA THR A 338 10.54 12.67 -29.69
C THR A 338 11.84 12.96 -30.42
N LEU A 339 12.85 13.45 -29.70
CA LEU A 339 14.12 13.76 -30.33
C LEU A 339 14.81 12.49 -30.82
N MET A 340 14.77 11.42 -30.02
CA MET A 340 15.37 10.16 -30.45
C MET A 340 14.67 9.63 -31.69
N ASP A 341 13.33 9.72 -31.73
CA ASP A 341 12.60 9.30 -32.91
C ASP A 341 12.97 10.13 -34.12
N GLY A 342 13.09 11.45 -33.94
CA GLY A 342 13.49 12.31 -35.04
C GLY A 342 14.89 12.07 -35.52
N LEU A 343 15.74 11.50 -34.67
CA LEU A 343 17.09 11.14 -35.09
C LEU A 343 17.11 10.04 -36.15
N LYS A 344 15.96 9.52 -36.58
CA LYS A 344 15.95 8.63 -37.73
C LYS A 344 16.42 9.37 -38.97
N SER A 345 15.94 10.60 -39.17
CA SER A 345 16.46 11.50 -40.19
C SER A 345 17.56 12.32 -39.53
N ARG A 346 18.76 11.75 -39.47
CA ARG A 346 19.86 12.29 -38.70
C ARG A 346 20.99 12.71 -39.65
N ALA A 347 22.08 13.18 -39.05
CA ALA A 347 23.35 13.37 -39.76
C ALA A 347 24.42 12.66 -38.93
N HIS A 348 24.54 11.35 -39.14
CA HIS A 348 25.57 10.53 -38.52
C HIS A 348 25.71 10.84 -37.04
N VAL A 349 24.57 10.79 -36.32
CA VAL A 349 24.50 11.12 -34.91
C VAL A 349 24.26 9.83 -34.14
N ILE A 350 25.05 9.62 -33.08
CA ILE A 350 24.95 8.45 -32.23
C ILE A 350 24.67 8.90 -30.81
N VAL A 351 23.65 8.31 -30.20
CA VAL A 351 23.28 8.60 -28.81
C VAL A 351 23.86 7.50 -27.94
N MET A 352 24.54 7.88 -26.86
CA MET A 352 25.26 6.96 -25.99
C MET A 352 24.85 7.26 -24.55
N GLY A 353 23.76 6.65 -24.12
CA GLY A 353 23.29 6.83 -22.76
C GLY A 353 24.10 6.05 -21.75
N ALA A 354 23.79 6.29 -20.49
CA ALA A 354 24.45 5.60 -19.39
C ALA A 354 23.55 5.60 -18.17
N THR A 355 23.40 4.43 -17.54
CA THR A 355 22.58 4.27 -16.36
C THR A 355 23.19 3.18 -15.49
N ASN A 356 22.76 3.13 -14.23
CA ASN A 356 23.27 2.10 -13.33
C ASN A 356 22.69 0.74 -13.68
N ARG A 357 21.40 0.65 -13.92
CA ARG A 357 20.75 -0.57 -14.35
C ARG A 357 19.65 -0.22 -15.33
N PRO A 358 19.32 -1.13 -16.25
CA PRO A 358 18.28 -0.81 -17.24
C PRO A 358 16.89 -0.74 -16.66
N ASN A 359 16.64 -1.35 -15.51
CA ASN A 359 15.30 -1.37 -14.94
C ASN A 359 14.82 0.03 -14.60
N SER A 360 15.69 0.87 -14.04
CA SER A 360 15.30 2.21 -13.65
C SER A 360 14.93 3.09 -14.84
N ILE A 361 15.28 2.70 -16.05
CA ILE A 361 14.97 3.46 -17.24
C ILE A 361 13.56 3.13 -17.70
N ASP A 362 12.89 4.11 -18.28
CA ASP A 362 11.55 3.88 -18.80
C ASP A 362 11.62 2.86 -19.93
N PRO A 363 10.69 1.89 -19.98
CA PRO A 363 10.77 0.87 -21.04
C PRO A 363 10.74 1.45 -22.44
N ALA A 364 10.06 2.59 -22.64
CA ALA A 364 9.94 3.16 -23.97
C ALA A 364 11.30 3.42 -24.60
N LEU A 365 12.32 3.68 -23.78
CA LEU A 365 13.64 3.98 -24.30
C LEU A 365 14.37 2.75 -24.81
N ARG A 366 13.90 1.55 -24.48
CA ARG A 366 14.59 0.31 -24.86
C ARG A 366 13.95 -0.33 -26.08
N ARG A 367 13.44 0.46 -27.01
CA ARG A 367 12.74 -0.03 -28.19
C ARG A 367 13.51 0.33 -29.46
N PHE A 368 12.94 -0.04 -30.59
CA PHE A 368 13.59 0.18 -31.88
C PHE A 368 13.70 1.67 -32.18
N GLY A 369 14.82 2.06 -32.77
CA GLY A 369 15.13 3.46 -33.03
C GLY A 369 15.71 4.16 -31.84
N ARG A 370 15.11 3.94 -30.67
CA ARG A 370 15.62 4.41 -29.40
C ARG A 370 16.74 3.48 -28.94
N PHE A 371 17.07 3.51 -27.65
CA PHE A 371 18.23 2.76 -27.18
C PHE A 371 17.99 1.26 -27.33
N ASP A 372 18.42 0.71 -28.46
CA ASP A 372 18.20 -0.70 -28.79
C ASP A 372 19.39 -1.58 -28.49
N ARG A 373 20.60 -1.04 -28.48
CA ARG A 373 21.78 -1.79 -28.07
C ARG A 373 22.09 -1.49 -26.62
N GLU A 374 22.32 -2.54 -25.84
CA GLU A 374 22.63 -2.40 -24.42
C GLU A 374 23.91 -3.15 -24.12
N ILE A 375 24.86 -2.45 -23.50
CA ILE A 375 26.17 -3.00 -23.17
C ILE A 375 26.32 -2.98 -21.65
N ASP A 376 26.66 -4.13 -21.07
CA ASP A 376 26.83 -4.25 -19.63
C ASP A 376 28.30 -4.04 -19.30
N ILE A 377 28.61 -2.89 -18.70
CA ILE A 377 29.94 -2.65 -18.15
C ILE A 377 29.94 -3.13 -16.71
N GLY A 378 30.23 -4.42 -16.52
CA GLY A 378 30.11 -5.03 -15.21
C GLY A 378 31.40 -4.94 -14.40
N VAL A 379 31.40 -5.66 -13.30
CA VAL A 379 32.57 -5.72 -12.42
C VAL A 379 33.67 -6.50 -13.12
N PRO A 380 34.89 -5.97 -13.23
CA PRO A 380 35.97 -6.72 -13.88
C PRO A 380 36.37 -7.93 -13.06
N ASP A 381 36.86 -8.95 -13.77
CA ASP A 381 37.42 -10.14 -13.13
C ASP A 381 38.83 -9.80 -12.64
N GLU A 382 39.55 -10.83 -12.17
CA GLU A 382 40.85 -10.58 -11.54
C GLU A 382 41.82 -9.89 -12.51
N ILE A 383 41.88 -10.37 -13.75
CA ILE A 383 42.77 -9.76 -14.72
C ILE A 383 42.34 -8.33 -15.03
N GLY A 384 41.03 -8.07 -15.04
CA GLY A 384 40.56 -6.71 -15.24
C GLY A 384 41.00 -5.78 -14.13
N ARG A 385 40.93 -6.25 -12.88
CA ARG A 385 41.39 -5.45 -11.76
C ARG A 385 42.89 -5.20 -11.85
N LEU A 386 43.65 -6.21 -12.28
CA LEU A 386 45.08 -6.02 -12.50
C LEU A 386 45.33 -4.95 -13.55
N GLU A 387 44.56 -4.99 -14.65
CA GLU A 387 44.74 -3.98 -15.69
C GLU A 387 44.40 -2.59 -15.17
N VAL A 388 43.34 -2.47 -14.37
CA VAL A 388 42.98 -1.18 -13.80
C VAL A 388 44.10 -0.67 -12.91
N LEU A 389 44.65 -1.54 -12.07
CA LEU A 389 45.73 -1.12 -11.19
C LEU A 389 46.95 -0.70 -11.97
N ARG A 390 47.28 -1.43 -13.04
CA ARG A 390 48.41 -1.04 -13.88
C ARG A 390 48.16 0.32 -14.53
N ILE A 391 46.92 0.56 -14.96
CA ILE A 391 46.58 1.84 -15.56
C ILE A 391 46.75 2.97 -14.56
N HIS A 392 46.31 2.77 -13.33
CA HIS A 392 46.35 3.82 -12.32
C HIS A 392 47.68 3.90 -11.58
N THR A 393 48.62 3.00 -11.86
CA THR A 393 49.94 3.03 -11.25
C THR A 393 51.05 3.18 -12.26
N LYS A 394 50.72 3.48 -13.51
CA LYS A 394 51.76 3.62 -14.53
C LYS A 394 52.53 4.92 -14.40
N ASN A 395 51.90 5.97 -13.86
CA ASN A 395 52.58 7.23 -13.62
C ASN A 395 53.41 7.21 -12.34
N MET A 396 53.31 6.15 -11.54
CA MET A 396 54.02 6.04 -10.28
C MET A 396 55.06 4.94 -10.36
N LYS A 397 56.19 5.16 -9.67
CA LYS A 397 57.28 4.18 -9.63
C LYS A 397 57.03 3.23 -8.48
N LEU A 398 56.59 2.02 -8.80
CA LEU A 398 56.32 1.01 -7.78
C LEU A 398 57.62 0.41 -7.28
N ALA A 399 57.72 0.28 -5.96
CA ALA A 399 58.89 -0.37 -5.36
C ALA A 399 58.81 -1.87 -5.56
N GLU A 400 59.94 -2.54 -5.28
CA GLU A 400 59.98 -3.98 -5.39
C GLU A 400 59.10 -4.62 -4.32
N ASP A 401 58.64 -5.84 -4.62
CA ASP A 401 57.77 -6.65 -3.77
C ASP A 401 56.32 -6.17 -3.84
N VAL A 402 56.03 -5.12 -4.61
CA VAL A 402 54.65 -4.67 -4.79
C VAL A 402 54.01 -5.55 -5.85
N ASP A 403 53.34 -6.61 -5.42
CA ASP A 403 52.76 -7.60 -6.32
C ASP A 403 51.33 -7.18 -6.62
N LEU A 404 51.12 -6.57 -7.79
CA LEU A 404 49.77 -6.15 -8.17
C LEU A 404 48.85 -7.34 -8.35
N GLU A 405 49.40 -8.51 -8.66
CA GLU A 405 48.59 -9.71 -8.76
C GLU A 405 47.95 -10.05 -7.41
N ARG A 406 48.72 -9.91 -6.33
CA ARG A 406 48.17 -10.16 -5.00
C ARG A 406 47.01 -9.22 -4.70
N ILE A 407 47.18 -7.93 -5.01
CA ILE A 407 46.13 -6.95 -4.74
C ILE A 407 44.89 -7.27 -5.57
N SER A 408 45.09 -7.58 -6.86
CA SER A 408 43.95 -7.91 -7.71
C SER A 408 43.21 -9.12 -7.18
N LYS A 409 43.94 -10.13 -6.71
CA LYS A 409 43.29 -11.31 -6.14
C LYS A 409 42.58 -10.98 -4.85
N ASP A 410 43.06 -9.99 -4.10
CA ASP A 410 42.48 -9.60 -2.83
C ASP A 410 41.44 -8.49 -2.95
N THR A 411 41.09 -8.07 -4.17
CA THR A 411 40.18 -6.96 -4.39
C THR A 411 38.88 -7.42 -5.05
N HIS A 412 38.34 -8.54 -4.59
CA HIS A 412 37.05 -9.00 -5.12
C HIS A 412 35.95 -8.01 -4.77
N GLY A 413 35.10 -7.73 -5.74
CA GLY A 413 34.01 -6.78 -5.55
C GLY A 413 34.40 -5.33 -5.70
N TYR A 414 35.60 -5.06 -6.21
CA TYR A 414 36.09 -3.69 -6.36
C TYR A 414 35.89 -3.24 -7.80
N VAL A 415 35.09 -2.19 -7.98
CA VAL A 415 34.90 -1.59 -9.29
C VAL A 415 36.08 -0.66 -9.55
N GLY A 416 36.23 -0.21 -10.79
CA GLY A 416 37.43 0.52 -11.15
C GLY A 416 37.65 1.76 -10.30
N ALA A 417 36.56 2.39 -9.86
CA ALA A 417 36.69 3.57 -9.01
C ALA A 417 37.36 3.23 -7.69
N ASP A 418 36.99 2.10 -7.10
CA ASP A 418 37.60 1.69 -5.84
C ASP A 418 39.09 1.40 -6.02
N LEU A 419 39.45 0.77 -7.13
CA LEU A 419 40.85 0.47 -7.41
C LEU A 419 41.66 1.71 -7.73
N ALA A 420 41.03 2.74 -8.30
CA ALA A 420 41.67 4.03 -8.48
C ALA A 420 41.80 4.80 -7.18
N ALA A 421 40.86 4.61 -6.26
CA ALA A 421 40.90 5.27 -4.96
C ALA A 421 41.93 4.66 -4.04
N LEU A 422 42.10 3.33 -4.06
CA LEU A 422 43.10 2.70 -3.21
C LEU A 422 44.50 3.05 -3.66
N CYS A 423 44.74 3.13 -4.96
CA CYS A 423 46.03 3.58 -5.46
C CYS A 423 46.30 5.02 -5.03
N THR A 424 45.27 5.87 -5.08
CA THR A 424 45.42 7.24 -4.63
C THR A 424 45.74 7.31 -3.15
N GLU A 425 45.08 6.47 -2.35
CA GLU A 425 45.38 6.44 -0.92
C GLU A 425 46.81 6.01 -0.67
N ALA A 426 47.29 5.01 -1.40
CA ALA A 426 48.67 4.57 -1.26
C ALA A 426 49.64 5.70 -1.62
N ALA A 427 49.36 6.39 -2.72
CA ALA A 427 50.21 7.51 -3.12
C ALA A 427 50.23 8.60 -2.06
N LEU A 428 49.06 8.89 -1.47
CA LEU A 428 48.99 9.92 -0.45
C LEU A 428 49.74 9.48 0.81
N GLN A 429 49.67 8.20 1.16
CA GLN A 429 50.45 7.71 2.29
C GLN A 429 51.95 7.88 2.03
N CYS A 430 52.40 7.55 0.82
CA CYS A 430 53.80 7.75 0.48
C CYS A 430 54.19 9.22 0.57
N ILE A 431 53.32 10.11 0.06
CA ILE A 431 53.60 11.54 0.11
C ILE A 431 53.68 12.02 1.55
N ARG A 432 52.76 11.55 2.41
CA ARG A 432 52.79 11.93 3.81
C ARG A 432 54.08 11.45 4.47
N GLU A 433 54.50 10.23 4.19
CA GLU A 433 55.75 9.72 4.76
C GLU A 433 56.94 10.56 4.30
N LYS A 434 56.99 10.91 3.03
CA LYS A 434 58.13 11.66 2.50
C LYS A 434 58.04 13.16 2.75
N MET A 435 56.91 13.66 3.26
CA MET A 435 56.77 15.09 3.48
C MET A 435 57.78 15.61 4.49
N ASP A 436 58.06 14.84 5.55
CA ASP A 436 59.02 15.29 6.55
C ASP A 436 60.39 15.59 5.94
N VAL A 437 60.73 14.96 4.82
CA VAL A 437 62.01 15.22 4.18
C VAL A 437 62.03 16.61 3.57
N ILE A 438 60.95 17.01 2.92
CA ILE A 438 60.88 18.25 2.16
C ILE A 438 60.04 19.26 2.94
N ASP A 439 60.55 20.46 3.09
CA ASP A 439 59.80 21.52 3.76
C ASP A 439 58.52 21.80 2.99
N LEU A 440 57.47 22.15 3.72
CA LEU A 440 56.12 22.24 3.18
C LEU A 440 55.79 23.62 2.64
N GLU A 441 56.73 24.56 2.67
CA GLU A 441 56.50 25.88 2.10
C GLU A 441 56.86 25.97 0.63
N ASP A 442 57.66 25.04 0.12
CA ASP A 442 58.08 25.09 -1.27
C ASP A 442 56.88 25.00 -2.19
N ASP A 443 56.84 25.88 -3.20
CA ASP A 443 55.74 25.87 -4.15
C ASP A 443 55.81 24.67 -5.08
N SER A 444 57.02 24.35 -5.56
CA SER A 444 57.23 23.25 -6.49
C SER A 444 58.17 22.23 -5.86
N ILE A 445 57.83 20.95 -6.00
CA ILE A 445 58.64 19.87 -5.44
C ILE A 445 59.71 19.48 -6.45
N ASP A 446 60.85 19.05 -5.94
CA ASP A 446 61.95 18.63 -6.80
C ASP A 446 61.54 17.43 -7.63
N ALA A 447 61.87 17.46 -8.92
CA ALA A 447 61.50 16.35 -9.81
C ALA A 447 62.16 15.06 -9.37
N GLU A 448 63.43 15.13 -8.96
CA GLU A 448 64.11 13.93 -8.49
C GLU A 448 63.41 13.34 -7.28
N ILE A 449 62.93 14.19 -6.37
CA ILE A 449 62.21 13.70 -5.20
C ILE A 449 60.94 12.97 -5.64
N LEU A 450 60.19 13.55 -6.57
CA LEU A 450 58.97 12.89 -7.03
C LEU A 450 59.27 11.54 -7.68
N ASN A 451 60.29 11.50 -8.53
CA ASN A 451 60.64 10.25 -9.20
C ASN A 451 61.23 9.23 -8.23
N SER A 452 61.74 9.66 -7.08
CA SER A 452 62.29 8.75 -6.09
C SER A 452 61.26 8.31 -5.05
N MET A 453 60.04 8.83 -5.11
CA MET A 453 58.98 8.41 -4.19
C MET A 453 58.43 7.08 -4.67
N ALA A 454 58.89 5.99 -4.05
CA ALA A 454 58.49 4.65 -4.42
C ALA A 454 57.43 4.15 -3.45
N VAL A 455 56.30 3.71 -4.00
CA VAL A 455 55.19 3.22 -3.18
C VAL A 455 55.47 1.79 -2.78
N THR A 456 55.42 1.52 -1.47
CA THR A 456 55.72 0.22 -0.91
C THR A 456 54.44 -0.61 -0.77
N ASN A 457 54.62 -1.93 -0.73
CA ASN A 457 53.47 -2.82 -0.59
C ASN A 457 52.70 -2.54 0.69
N GLU A 458 53.36 -2.01 1.72
CA GLU A 458 52.67 -1.69 2.95
C GLU A 458 51.59 -0.63 2.72
N HIS A 459 51.90 0.37 1.90
CA HIS A 459 50.92 1.41 1.62
C HIS A 459 49.68 0.82 0.95
N PHE A 460 49.89 -0.05 -0.04
CA PHE A 460 48.75 -0.68 -0.71
C PHE A 460 47.97 -1.57 0.23
N HIS A 461 48.67 -2.30 1.11
CA HIS A 461 47.97 -3.16 2.07
C HIS A 461 47.10 -2.33 3.01
N THR A 462 47.65 -1.23 3.53
CA THR A 462 46.86 -0.38 4.41
C THR A 462 45.67 0.24 3.66
N ALA A 463 45.89 0.69 2.43
CA ALA A 463 44.80 1.27 1.66
C ALA A 463 43.70 0.25 1.39
N LEU A 464 44.09 -0.98 1.05
CA LEU A 464 43.11 -2.05 0.85
C LEU A 464 42.35 -2.34 2.13
N GLY A 465 43.04 -2.37 3.26
CA GLY A 465 42.37 -2.60 4.52
C GLY A 465 41.37 -1.50 4.86
N ASN A 466 41.73 -0.26 4.55
CA ASN A 466 40.88 0.88 4.85
C ASN A 466 39.75 1.05 3.83
N SER A 467 39.79 0.34 2.72
CA SER A 467 38.79 0.45 1.67
C SER A 467 37.85 -0.75 1.69
N ASN A 468 36.65 -0.56 1.15
CA ASN A 468 35.65 -1.60 1.08
C ASN A 468 35.08 -1.70 -0.32
N PRO A 469 34.61 -2.87 -0.72
CA PRO A 469 34.04 -3.03 -2.06
C PRO A 469 32.71 -2.31 -2.21
N SER A 470 32.39 -1.98 -3.46
CA SER A 470 31.15 -1.31 -3.79
C SER A 470 30.18 -2.17 -4.57
N ALA A 471 30.66 -3.17 -5.30
CA ALA A 471 29.84 -4.05 -6.11
C ALA A 471 29.88 -5.49 -5.57
N LEU A 472 29.94 -5.62 -4.25
CA LEU A 472 30.05 -6.93 -3.64
C LEU A 472 28.79 -7.76 -3.85
N ARG A 473 27.62 -7.13 -3.83
CA ARG A 473 26.35 -7.83 -3.97
C ARG A 473 25.93 -7.99 -5.42
N GLU A 474 26.69 -7.46 -6.36
CA GLU A 474 26.35 -7.59 -7.77
C GLU A 474 26.72 -8.98 -8.30
N THR A 475 25.86 -9.50 -9.16
CA THR A 475 26.14 -10.78 -9.80
C THR A 475 27.41 -10.68 -10.62
N VAL A 476 28.27 -11.69 -10.52
CA VAL A 476 29.58 -11.67 -11.15
C VAL A 476 29.63 -12.76 -12.21
N VAL A 477 30.05 -12.38 -13.42
CA VAL A 477 30.25 -13.31 -14.52
C VAL A 477 31.74 -13.43 -14.74
N GLU A 478 32.28 -14.64 -14.56
CA GLU A 478 33.71 -14.85 -14.67
C GLU A 478 33.97 -16.32 -14.96
N VAL A 479 35.18 -16.60 -15.41
CA VAL A 479 35.63 -17.98 -15.63
C VAL A 479 36.34 -18.44 -14.37
N PRO A 480 35.82 -19.43 -13.65
CA PRO A 480 36.42 -19.81 -12.37
C PRO A 480 37.80 -20.41 -12.55
N ASN A 481 38.62 -20.26 -11.50
CA ASN A 481 39.97 -20.79 -11.50
C ASN A 481 40.04 -22.27 -11.17
N VAL A 482 38.95 -22.86 -10.66
CA VAL A 482 38.96 -24.25 -10.27
C VAL A 482 39.13 -25.12 -11.51
N SER A 483 40.00 -26.12 -11.41
CA SER A 483 40.27 -27.06 -12.50
C SER A 483 40.02 -28.47 -11.99
N TRP A 484 40.21 -29.45 -12.88
CA TRP A 484 39.97 -30.84 -12.51
C TRP A 484 40.90 -31.29 -11.39
N ASN A 485 42.13 -30.77 -11.37
CA ASN A 485 43.08 -31.20 -10.34
C ASN A 485 42.62 -30.82 -8.94
N ASP A 486 41.82 -29.76 -8.82
CA ASP A 486 41.37 -29.33 -7.50
C ASP A 486 40.43 -30.34 -6.87
N ILE A 487 39.81 -31.20 -7.66
CA ILE A 487 38.87 -32.20 -7.16
C ILE A 487 39.51 -33.58 -7.30
N GLY A 488 39.38 -34.39 -6.25
CA GLY A 488 39.90 -35.75 -6.23
C GLY A 488 38.76 -36.74 -6.38
N GLY A 489 38.95 -37.69 -7.30
CA GLY A 489 37.95 -38.70 -7.55
C GLY A 489 36.85 -38.21 -8.47
N LEU A 490 35.70 -38.86 -8.40
CA LEU A 490 34.55 -38.48 -9.22
C LEU A 490 34.90 -38.53 -10.70
N GLU A 491 35.65 -39.56 -11.07
CA GLU A 491 36.08 -39.70 -12.46
C GLU A 491 34.89 -39.93 -13.39
N ASN A 492 33.95 -40.78 -12.98
CA ASN A 492 32.77 -41.03 -13.81
C ASN A 492 31.93 -39.77 -13.95
N VAL A 493 31.84 -38.97 -12.89
CA VAL A 493 31.11 -37.70 -12.98
C VAL A 493 31.80 -36.77 -13.96
N LYS A 494 33.14 -36.75 -13.95
CA LYS A 494 33.87 -35.96 -14.93
C LYS A 494 33.56 -36.43 -16.35
N ARG A 495 33.53 -37.74 -16.55
CA ARG A 495 33.21 -38.29 -17.86
C ARG A 495 31.82 -37.85 -18.31
N GLU A 496 30.83 -37.99 -17.43
CA GLU A 496 29.46 -37.62 -17.78
C GLU A 496 29.35 -36.13 -18.07
N LEU A 497 30.02 -35.29 -17.27
CA LEU A 497 29.95 -33.86 -17.48
C LEU A 497 30.62 -33.46 -18.79
N GLN A 498 31.73 -34.10 -19.15
CA GLN A 498 32.34 -33.82 -20.43
C GLN A 498 31.43 -34.24 -21.58
N GLU A 499 30.76 -35.38 -21.44
CA GLU A 499 29.87 -35.86 -22.50
C GLU A 499 28.61 -35.01 -22.59
N THR A 500 28.23 -34.35 -21.51
CA THR A 500 26.93 -33.66 -21.43
C THR A 500 27.03 -32.17 -21.66
N VAL A 501 28.17 -31.55 -21.33
CA VAL A 501 28.31 -30.10 -21.34
C VAL A 501 29.37 -29.66 -22.33
N GLN A 502 30.58 -30.21 -22.23
CA GLN A 502 31.68 -29.77 -23.08
C GLN A 502 31.39 -30.04 -24.55
N TYR A 503 30.91 -31.24 -24.86
CA TYR A 503 30.69 -31.60 -26.27
C TYR A 503 29.63 -30.74 -26.93
N PRO A 504 28.47 -30.50 -26.31
CA PRO A 504 27.52 -29.57 -26.94
C PRO A 504 28.08 -28.18 -27.17
N VAL A 505 28.94 -27.70 -26.27
CA VAL A 505 29.45 -26.33 -26.37
C VAL A 505 30.52 -26.23 -27.46
N GLU A 506 31.61 -26.99 -27.30
CA GLU A 506 32.72 -26.89 -28.24
C GLU A 506 32.44 -27.62 -29.55
N HIS A 507 31.50 -28.56 -29.57
CA HIS A 507 31.18 -29.35 -30.75
C HIS A 507 29.66 -29.37 -30.94
N PRO A 508 29.06 -28.24 -31.26
CA PRO A 508 27.60 -28.22 -31.49
C PRO A 508 27.24 -28.74 -32.87
N GLU A 509 28.16 -28.58 -33.82
CA GLU A 509 27.91 -29.03 -35.18
C GLU A 509 27.66 -30.54 -35.23
N LYS A 510 28.45 -31.30 -34.46
CA LYS A 510 28.25 -32.74 -34.41
C LYS A 510 26.88 -33.09 -33.86
N PHE A 511 26.46 -32.40 -32.80
CA PHE A 511 25.13 -32.68 -32.22
C PHE A 511 24.03 -32.36 -33.22
N GLU A 512 24.14 -31.24 -33.93
CA GLU A 512 23.14 -30.90 -34.94
C GLU A 512 23.13 -31.94 -36.05
N LYS A 513 24.31 -32.39 -36.48
CA LYS A 513 24.39 -33.38 -37.54
C LYS A 513 23.76 -34.70 -37.13
N PHE A 514 24.00 -35.14 -35.89
CA PHE A 514 23.53 -36.46 -35.48
C PHE A 514 22.02 -36.57 -35.50
N GLY A 515 21.30 -35.45 -35.48
CA GLY A 515 19.86 -35.45 -35.71
C GLY A 515 19.00 -35.04 -34.53
N MET A 516 19.58 -34.78 -33.37
CA MET A 516 18.78 -34.32 -32.23
C MET A 516 19.64 -33.47 -31.32
N SER A 517 18.96 -32.68 -30.50
CA SER A 517 19.62 -31.73 -29.61
C SER A 517 19.72 -32.29 -28.19
N PRO A 518 20.76 -31.93 -27.46
CA PRO A 518 20.93 -32.46 -26.10
C PRO A 518 20.07 -31.72 -25.09
N SER A 519 20.19 -32.16 -23.84
CA SER A 519 19.51 -31.52 -22.73
C SER A 519 20.46 -30.57 -22.02
N LYS A 520 19.94 -29.42 -21.61
CA LYS A 520 20.72 -28.37 -20.96
C LYS A 520 20.43 -28.27 -19.48
N GLY A 521 19.96 -29.35 -18.86
CA GLY A 521 19.63 -29.33 -17.45
C GLY A 521 20.26 -30.46 -16.67
N VAL A 522 21.07 -30.10 -15.67
CA VAL A 522 21.76 -31.05 -14.82
C VAL A 522 21.39 -30.77 -13.38
N LEU A 523 21.48 -31.81 -12.54
CA LEU A 523 21.14 -31.70 -11.13
C LEU A 523 22.08 -32.60 -10.35
N PHE A 524 23.02 -31.99 -9.64
CA PHE A 524 23.89 -32.72 -8.74
C PHE A 524 23.17 -32.96 -7.43
N TYR A 525 23.18 -34.21 -6.96
CA TYR A 525 22.66 -34.54 -5.64
C TYR A 525 23.61 -35.49 -4.95
N GLY A 526 23.69 -35.35 -3.63
CA GLY A 526 24.57 -36.18 -2.84
C GLY A 526 24.82 -35.57 -1.48
N PRO A 527 25.64 -36.23 -0.67
CA PRO A 527 25.95 -35.74 0.66
C PRO A 527 26.65 -34.39 0.59
N PRO A 528 26.48 -33.55 1.60
CA PRO A 528 27.19 -32.26 1.60
C PRO A 528 28.69 -32.44 1.69
N GLY A 529 29.42 -31.51 1.08
CA GLY A 529 30.87 -31.56 1.08
C GLY A 529 31.48 -32.45 0.02
N CYS A 530 30.68 -33.02 -0.87
CA CYS A 530 31.18 -33.94 -1.88
C CYS A 530 31.92 -33.25 -3.02
N GLY A 531 31.61 -31.99 -3.29
CA GLY A 531 32.33 -31.25 -4.32
C GLY A 531 31.50 -30.90 -5.54
N LYS A 532 30.21 -30.64 -5.33
CA LYS A 532 29.34 -30.24 -6.44
C LYS A 532 29.77 -28.90 -7.02
N THR A 533 29.97 -27.90 -6.15
CA THR A 533 30.36 -26.57 -6.62
C THR A 533 31.71 -26.61 -7.33
N LEU A 534 32.67 -27.35 -6.79
CA LEU A 534 33.97 -27.47 -7.43
C LEU A 534 33.89 -28.20 -8.76
N LEU A 535 32.89 -29.06 -8.95
CA LEU A 535 32.67 -29.69 -10.23
C LEU A 535 32.04 -28.75 -11.24
N ALA A 536 31.06 -27.95 -10.82
CA ALA A 536 30.49 -26.96 -11.73
C ALA A 536 31.54 -25.95 -12.17
N LYS A 537 32.30 -25.42 -11.21
CA LYS A 537 33.37 -24.49 -11.56
C LYS A 537 34.42 -25.17 -12.44
N ALA A 538 34.74 -26.43 -12.13
CA ALA A 538 35.75 -27.13 -12.90
C ALA A 538 35.33 -27.31 -14.35
N ILE A 539 34.07 -27.70 -14.57
CA ILE A 539 33.60 -27.88 -15.94
C ILE A 539 33.52 -26.53 -16.65
N ALA A 540 33.14 -25.48 -15.94
CA ALA A 540 33.13 -24.15 -16.56
C ALA A 540 34.53 -23.75 -16.99
N ASN A 541 35.53 -24.00 -16.15
CA ASN A 541 36.90 -23.67 -16.52
C ASN A 541 37.37 -24.51 -17.70
N GLU A 542 37.02 -25.80 -17.71
CA GLU A 542 37.43 -26.66 -18.80
C GLU A 542 36.84 -26.20 -20.12
N CYS A 543 35.56 -25.82 -20.12
CA CYS A 543 34.93 -25.33 -21.33
C CYS A 543 35.26 -23.88 -21.62
N GLN A 544 35.97 -23.20 -20.71
CA GLN A 544 36.29 -21.79 -20.87
C GLN A 544 35.02 -20.98 -21.09
N ALA A 545 33.97 -21.36 -20.39
CA ALA A 545 32.68 -20.69 -20.43
C ALA A 545 32.45 -19.91 -19.15
N ASN A 546 31.58 -18.92 -19.23
CA ASN A 546 31.27 -18.10 -18.07
C ASN A 546 30.58 -18.94 -17.00
N PHE A 547 30.64 -18.45 -15.77
CA PHE A 547 30.04 -19.14 -14.63
C PHE A 547 29.34 -18.11 -13.76
N ILE A 548 28.04 -18.31 -13.53
CA ILE A 548 27.23 -17.45 -12.67
C ILE A 548 26.79 -18.29 -11.48
N SER A 549 27.16 -17.87 -10.28
CA SER A 549 26.83 -18.57 -9.06
C SER A 549 25.62 -17.91 -8.41
N VAL A 550 24.57 -18.68 -8.19
CA VAL A 550 23.34 -18.19 -7.58
C VAL A 550 22.95 -19.14 -6.45
N LYS A 551 22.63 -18.57 -5.30
CA LYS A 551 22.22 -19.34 -4.13
C LYS A 551 20.78 -18.99 -3.78
N GLY A 552 20.08 -19.97 -3.20
CA GLY A 552 18.70 -19.79 -2.82
C GLY A 552 18.50 -18.62 -1.89
N PRO A 553 19.36 -18.49 -0.88
CA PRO A 553 19.29 -17.30 -0.01
C PRO A 553 19.41 -16.00 -0.77
N GLU A 554 20.22 -15.96 -1.83
CA GLU A 554 20.34 -14.73 -2.60
C GLU A 554 19.06 -14.43 -3.37
N LEU A 555 18.37 -15.47 -3.87
CA LEU A 555 17.11 -15.27 -4.56
C LEU A 555 16.02 -14.81 -3.61
N LEU A 556 15.88 -15.50 -2.48
CA LEU A 556 14.80 -15.18 -1.55
C LEU A 556 14.97 -13.80 -0.95
N THR A 557 16.20 -13.41 -0.61
CA THR A 557 16.43 -12.14 0.05
C THR A 557 16.17 -10.94 -0.87
N MET A 558 15.75 -11.18 -2.11
CA MET A 558 15.37 -10.09 -3.03
C MET A 558 14.00 -9.58 -2.61
N TRP A 559 13.98 -8.83 -1.51
CA TRP A 559 12.74 -8.32 -0.92
C TRP A 559 11.76 -9.46 -0.67
N PHE A 560 12.28 -10.58 -0.17
CA PHE A 560 11.48 -11.79 0.09
C PHE A 560 10.74 -12.23 -1.18
N GLY A 561 11.42 -12.16 -2.31
CA GLY A 561 10.86 -12.59 -3.58
C GLY A 561 9.94 -11.58 -4.24
N GLU A 562 9.73 -10.42 -3.64
CA GLU A 562 8.84 -9.43 -4.22
C GLU A 562 9.46 -8.76 -5.45
N SER A 563 10.78 -8.58 -5.45
CA SER A 563 11.49 -8.00 -6.59
C SER A 563 11.79 -9.12 -7.59
N GLU A 564 10.70 -9.62 -8.19
CA GLU A 564 10.81 -10.77 -9.07
C GLU A 564 11.70 -10.49 -10.28
N ALA A 565 11.69 -9.25 -10.77
CA ALA A 565 12.45 -8.93 -11.98
C ALA A 565 13.91 -9.34 -11.85
N ASN A 566 14.48 -9.22 -10.65
CA ASN A 566 15.89 -9.57 -10.47
C ASN A 566 16.16 -10.98 -10.97
N VAL A 567 15.27 -11.93 -10.66
CA VAL A 567 15.47 -13.29 -11.14
C VAL A 567 15.57 -13.30 -12.67
N ARG A 568 14.61 -12.65 -13.33
CA ARG A 568 14.64 -12.60 -14.78
C ARG A 568 15.90 -11.92 -15.30
N GLU A 569 16.54 -11.09 -14.48
CA GLU A 569 17.80 -10.51 -14.89
C GLU A 569 18.88 -11.57 -15.01
N ILE A 570 18.96 -12.46 -14.01
CA ILE A 570 20.07 -13.41 -13.96
C ILE A 570 20.11 -14.24 -15.23
N PHE A 571 18.98 -14.83 -15.61
CA PHE A 571 18.95 -15.61 -16.84
C PHE A 571 19.32 -14.75 -18.03
N ASP A 572 18.81 -13.52 -18.09
CA ASP A 572 19.16 -12.62 -19.19
C ASP A 572 20.67 -12.46 -19.25
N LYS A 573 21.34 -12.37 -18.10
CA LYS A 573 22.78 -12.24 -18.10
C LYS A 573 23.43 -13.46 -18.73
N ALA A 574 22.94 -14.66 -18.39
CA ALA A 574 23.45 -15.87 -19.01
C ALA A 574 23.21 -15.85 -20.51
N ARG A 575 22.18 -15.14 -20.96
CA ARG A 575 21.94 -15.02 -22.39
C ARG A 575 22.95 -14.09 -23.05
N GLN A 576 23.43 -13.08 -22.32
CA GLN A 576 24.45 -12.20 -22.87
C GLN A 576 25.83 -12.84 -22.85
N SER A 577 26.12 -13.65 -21.84
CA SER A 577 27.45 -14.20 -21.62
C SER A 577 27.60 -15.60 -22.20
N ALA A 578 26.75 -15.98 -23.14
CA ALA A 578 26.84 -17.30 -23.73
C ALA A 578 28.21 -17.47 -24.40
N PRO A 579 28.88 -18.61 -24.20
CA PRO A 579 28.48 -19.78 -23.41
C PRO A 579 28.52 -19.53 -21.92
N CYS A 580 27.65 -20.17 -21.14
CA CYS A 580 27.54 -19.90 -19.72
C CYS A 580 27.15 -21.18 -18.99
N VAL A 581 27.43 -21.20 -17.69
CA VAL A 581 27.08 -22.31 -16.81
C VAL A 581 26.43 -21.67 -15.59
N LEU A 582 25.10 -21.63 -15.59
CA LEU A 582 24.32 -20.97 -14.53
C LEU A 582 24.05 -21.98 -13.43
N PHE A 583 24.76 -21.85 -12.32
CA PHE A 583 24.71 -22.81 -11.22
C PHE A 583 23.75 -22.29 -10.15
N PHE A 584 22.91 -23.19 -9.64
CA PHE A 584 21.94 -22.88 -8.59
C PHE A 584 22.28 -23.73 -7.37
N ASP A 585 23.16 -23.21 -6.52
CA ASP A 585 23.49 -23.88 -5.28
C ASP A 585 22.39 -23.63 -4.25
N GLU A 586 22.34 -24.50 -3.24
CA GLU A 586 21.40 -24.39 -2.15
C GLU A 586 19.97 -24.34 -2.67
N LEU A 587 19.64 -25.32 -3.52
CA LEU A 587 18.29 -25.48 -4.02
C LEU A 587 17.35 -26.09 -3.00
N ASP A 588 17.87 -26.57 -1.87
CA ASP A 588 17.03 -27.16 -0.85
C ASP A 588 16.20 -26.13 -0.09
N SER A 589 16.47 -24.84 -0.28
CA SER A 589 15.74 -23.79 0.43
C SER A 589 14.66 -23.13 -0.40
N ILE A 590 14.73 -23.21 -1.73
CA ILE A 590 13.77 -22.58 -2.62
C ILE A 590 12.94 -23.61 -3.36
N ALA A 591 13.55 -24.71 -3.79
CA ALA A 591 12.88 -25.75 -4.53
C ALA A 591 12.16 -26.75 -3.63
N THR A 592 11.86 -26.35 -2.39
CA THR A 592 11.13 -27.23 -1.50
C THR A 592 9.79 -27.61 -2.11
N GLN A 593 9.43 -28.89 -1.99
CA GLN A 593 8.17 -29.36 -2.56
C GLN A 593 7.01 -28.57 -1.99
N ARG A 594 6.10 -28.17 -2.88
CA ARG A 594 4.92 -27.41 -2.46
C ARG A 594 4.13 -28.20 -1.42
N GLY A 595 4.09 -27.69 -0.19
CA GLY A 595 3.37 -28.35 0.88
C GLY A 595 4.19 -29.40 1.59
N GLY A 596 4.48 -30.50 0.91
CA GLY A 596 5.17 -31.60 1.57
C GLY A 596 6.56 -31.23 2.04
N GLY A 597 7.35 -30.59 1.18
CA GLY A 597 8.71 -30.25 1.50
C GLY A 597 8.90 -28.80 1.91
N SER A 598 7.89 -27.96 1.68
CA SER A 598 8.00 -26.54 1.94
C SER A 598 7.74 -26.27 3.42
N GLY A 599 8.65 -25.55 4.06
CA GLY A 599 8.52 -25.26 5.48
C GLY A 599 7.49 -24.21 5.81
N GLY A 600 7.18 -23.33 4.86
CA GLY A 600 6.24 -22.25 5.11
C GLY A 600 5.06 -22.25 4.17
N ASP A 601 3.87 -22.53 4.71
CA ASP A 601 2.66 -22.45 3.90
C ASP A 601 2.41 -21.01 3.44
N GLY A 602 2.59 -20.05 4.34
CA GLY A 602 2.44 -18.65 4.00
C GLY A 602 3.68 -18.02 3.39
N GLY A 603 4.77 -18.78 3.29
CA GLY A 603 5.99 -18.27 2.69
C GLY A 603 5.95 -18.36 1.18
N GLY A 604 5.21 -17.45 0.55
CA GLY A 604 5.06 -17.48 -0.90
C GLY A 604 6.32 -17.20 -1.67
N ALA A 605 7.39 -16.75 -1.00
CA ALA A 605 8.63 -16.44 -1.69
C ALA A 605 9.21 -17.68 -2.36
N ALA A 606 9.22 -18.81 -1.66
CA ALA A 606 9.81 -20.01 -2.20
C ALA A 606 9.06 -20.48 -3.45
N ASP A 607 7.74 -20.57 -3.36
CA ASP A 607 6.95 -21.02 -4.50
C ASP A 607 7.05 -20.03 -5.66
N ARG A 608 7.03 -18.74 -5.36
CA ARG A 608 7.15 -17.72 -6.39
C ARG A 608 8.48 -17.87 -7.13
N VAL A 609 9.57 -18.01 -6.39
CA VAL A 609 10.88 -18.13 -7.02
C VAL A 609 10.98 -19.43 -7.81
N LEU A 610 10.41 -20.51 -7.28
CA LEU A 610 10.45 -21.78 -8.00
C LEU A 610 9.71 -21.67 -9.32
N ASN A 611 8.53 -21.04 -9.31
CA ASN A 611 7.77 -20.88 -10.53
C ASN A 611 8.50 -19.99 -11.53
N GLN A 612 9.14 -18.93 -11.04
CA GLN A 612 9.93 -18.09 -11.93
C GLN A 612 11.06 -18.88 -12.56
N LEU A 613 11.75 -19.70 -11.77
CA LEU A 613 12.82 -20.53 -12.32
C LEU A 613 12.30 -21.48 -13.38
N LEU A 614 11.15 -22.11 -13.11
CA LEU A 614 10.58 -23.04 -14.07
C LEU A 614 10.24 -22.33 -15.38
N THR A 615 9.60 -21.18 -15.28
CA THR A 615 9.26 -20.42 -16.48
C THR A 615 10.51 -20.04 -17.26
N GLU A 616 11.53 -19.53 -16.57
CA GLU A 616 12.73 -19.08 -17.27
C GLU A 616 13.48 -20.24 -17.90
N MET A 617 13.55 -21.38 -17.21
CA MET A 617 14.20 -22.55 -17.80
C MET A 617 13.41 -23.07 -19.00
N ASP A 618 12.09 -22.94 -18.97
CA ASP A 618 11.31 -23.24 -20.16
C ASP A 618 11.67 -22.30 -21.30
N GLY A 619 11.87 -21.02 -20.98
CA GLY A 619 12.25 -20.04 -21.98
C GLY A 619 13.70 -20.09 -22.40
N MET A 620 14.52 -20.86 -21.70
CA MET A 620 15.96 -20.91 -21.96
C MET A 620 16.37 -22.08 -22.85
N ASN A 621 15.43 -22.99 -23.18
CA ASN A 621 15.80 -24.14 -23.99
C ASN A 621 16.28 -23.71 -25.38
N ALA A 622 15.71 -22.64 -25.93
CA ALA A 622 16.09 -22.21 -27.26
C ALA A 622 17.57 -21.84 -27.32
N LYS A 623 18.06 -21.11 -26.31
CA LYS A 623 19.45 -20.70 -26.29
C LYS A 623 20.35 -21.93 -26.23
N LYS A 624 21.08 -22.17 -27.34
CA LYS A 624 21.85 -23.41 -27.45
C LYS A 624 23.00 -23.46 -26.44
N THR A 625 23.65 -22.32 -26.19
CA THR A 625 24.90 -22.29 -25.45
C THR A 625 24.72 -21.80 -24.01
N VAL A 626 23.62 -22.17 -23.36
CA VAL A 626 23.42 -21.90 -21.94
C VAL A 626 23.10 -23.22 -21.26
N PHE A 627 23.91 -23.58 -20.27
CA PHE A 627 23.73 -24.80 -19.51
C PHE A 627 23.41 -24.45 -18.06
N ILE A 628 22.34 -25.03 -17.54
CA ILE A 628 21.83 -24.74 -16.21
C ILE A 628 22.12 -25.97 -15.34
N ILE A 629 22.82 -25.75 -14.24
CA ILE A 629 23.19 -26.81 -13.30
C ILE A 629 22.59 -26.48 -11.94
N GLY A 630 22.19 -27.52 -11.22
CA GLY A 630 21.64 -27.38 -9.89
C GLY A 630 22.46 -28.16 -8.88
N ALA A 631 22.11 -27.98 -7.61
CA ALA A 631 22.77 -28.69 -6.53
C ALA A 631 21.90 -28.62 -5.29
N THR A 632 21.55 -29.79 -4.76
CA THR A 632 20.72 -29.89 -3.57
C THR A 632 21.21 -31.02 -2.70
N ASN A 633 21.34 -30.74 -1.40
CA ASN A 633 21.68 -31.75 -0.41
C ASN A 633 20.45 -32.36 0.24
N ARG A 634 19.26 -32.01 -0.24
CA ARG A 634 18.00 -32.59 0.23
C ARG A 634 17.21 -33.03 -0.99
N PRO A 635 17.67 -34.05 -1.69
CA PRO A 635 16.98 -34.48 -2.91
C PRO A 635 15.56 -34.93 -2.68
N ASP A 636 15.23 -35.39 -1.47
CA ASP A 636 13.87 -35.85 -1.21
C ASP A 636 12.86 -34.71 -1.33
N ILE A 637 13.23 -33.52 -0.83
CA ILE A 637 12.30 -32.39 -0.83
C ILE A 637 12.42 -31.53 -2.08
N ILE A 638 13.24 -31.93 -3.06
CA ILE A 638 13.36 -31.16 -4.28
C ILE A 638 12.08 -31.31 -5.10
N ASP A 639 11.56 -30.19 -5.60
CA ASP A 639 10.31 -30.22 -6.34
C ASP A 639 10.51 -31.00 -7.64
N SER A 640 9.56 -31.90 -7.93
CA SER A 640 9.69 -32.75 -9.09
C SER A 640 9.54 -31.98 -10.40
N ALA A 641 9.00 -30.76 -10.35
CA ALA A 641 8.86 -29.97 -11.56
C ALA A 641 10.22 -29.70 -12.20
N LEU A 642 11.26 -29.55 -11.38
CA LEU A 642 12.60 -29.32 -11.90
C LEU A 642 13.18 -30.55 -12.60
N LEU A 643 12.55 -31.71 -12.44
CA LEU A 643 13.04 -32.94 -13.05
C LEU A 643 12.44 -33.19 -14.42
N ARG A 644 11.58 -32.29 -14.90
CA ARG A 644 10.96 -32.47 -16.21
C ARG A 644 12.00 -32.28 -17.31
N PRO A 645 11.89 -33.02 -18.41
CA PRO A 645 12.81 -32.80 -19.53
C PRO A 645 12.77 -31.35 -20.01
N GLY A 646 13.93 -30.86 -20.43
CA GLY A 646 14.11 -29.45 -20.71
C GLY A 646 14.62 -28.71 -19.50
N ARG A 647 14.02 -28.98 -18.34
CA ARG A 647 14.52 -28.49 -17.06
C ARG A 647 15.61 -29.44 -16.56
N LEU A 648 15.96 -29.31 -15.27
CA LEU A 648 17.08 -30.05 -14.70
C LEU A 648 16.71 -31.53 -14.60
N ASP A 649 16.94 -32.25 -15.69
CA ASP A 649 16.55 -33.66 -15.79
C ASP A 649 17.71 -34.63 -15.72
N GLN A 650 18.93 -34.19 -16.01
CA GLN A 650 20.10 -35.07 -15.93
C GLN A 650 20.52 -35.16 -14.46
N LEU A 651 20.00 -36.16 -13.77
CA LEU A 651 20.37 -36.41 -12.38
C LEU A 651 21.76 -37.00 -12.31
N ILE A 652 22.60 -36.47 -11.42
CA ILE A 652 23.95 -36.98 -11.22
C ILE A 652 24.18 -37.11 -9.72
N TYR A 653 24.54 -38.32 -9.30
CA TYR A 653 24.76 -38.63 -7.89
C TYR A 653 26.25 -38.54 -7.60
N ILE A 654 26.61 -37.77 -6.58
CA ILE A 654 27.99 -37.59 -6.17
C ILE A 654 28.18 -38.29 -4.82
N PRO A 655 28.85 -39.45 -4.76
CA PRO A 655 28.88 -40.21 -3.50
C PRO A 655 29.97 -39.74 -2.57
N LEU A 656 29.99 -40.30 -1.36
CA LEU A 656 31.07 -40.00 -0.43
C LEU A 656 32.37 -40.62 -0.95
N PRO A 657 33.49 -39.92 -0.83
CA PRO A 657 34.74 -40.45 -1.38
C PRO A 657 35.13 -41.77 -0.73
N ASP A 658 35.68 -42.66 -1.55
CA ASP A 658 36.22 -43.93 -1.07
C ASP A 658 37.62 -43.68 -0.51
N GLU A 659 38.39 -44.75 -0.28
CA GLU A 659 39.73 -44.58 0.25
C GLU A 659 40.61 -43.80 -0.72
N ASP A 660 40.60 -44.20 -1.99
CA ASP A 660 41.42 -43.49 -2.97
C ASP A 660 40.94 -42.06 -3.15
N SER A 661 39.63 -41.85 -3.16
CA SER A 661 39.10 -40.49 -3.26
C SER A 661 39.52 -39.66 -2.06
N ARG A 662 39.53 -40.25 -0.86
CA ARG A 662 39.96 -39.53 0.32
C ARG A 662 41.44 -39.17 0.24
N LEU A 663 42.26 -40.09 -0.27
CA LEU A 663 43.67 -39.78 -0.48
C LEU A 663 43.83 -38.61 -1.44
N ASN A 664 43.07 -38.63 -2.53
CA ASN A 664 43.15 -37.54 -3.50
C ASN A 664 42.71 -36.22 -2.88
N ILE A 665 41.66 -36.25 -2.06
CA ILE A 665 41.19 -35.03 -1.41
C ILE A 665 42.22 -34.50 -0.43
N PHE A 666 42.87 -35.40 0.33
CA PHE A 666 43.93 -34.96 1.22
C PHE A 666 45.07 -34.33 0.45
N LYS A 667 45.45 -34.93 -0.67
CA LYS A 667 46.50 -34.35 -1.49
C LYS A 667 46.11 -32.98 -2.01
N ALA A 668 44.85 -32.83 -2.45
CA ALA A 668 44.39 -31.55 -2.97
C ALA A 668 44.40 -30.48 -1.88
N ALA A 669 43.87 -30.81 -0.71
CA ALA A 669 43.83 -29.85 0.40
C ALA A 669 45.21 -29.46 0.89
N LEU A 670 46.13 -30.43 1.00
CA LEU A 670 47.48 -30.15 1.45
C LEU A 670 48.34 -29.54 0.35
N ARG A 671 47.84 -29.48 -0.88
CA ARG A 671 48.58 -28.84 -1.95
C ARG A 671 48.81 -27.37 -1.63
N LYS A 672 49.98 -26.86 -2.02
CA LYS A 672 50.39 -25.48 -1.73
C LYS A 672 50.54 -25.26 -0.22
N SER A 673 50.88 -26.31 0.52
CA SER A 673 51.15 -26.22 1.94
C SER A 673 52.36 -27.06 2.28
N PRO A 674 53.17 -26.65 3.27
CA PRO A 674 54.30 -27.47 3.70
C PRO A 674 53.84 -28.62 4.59
N ILE A 675 54.24 -29.84 4.23
CA ILE A 675 53.86 -31.04 4.96
C ILE A 675 55.12 -31.86 5.24
N ALA A 676 55.22 -32.40 6.45
CA ALA A 676 56.36 -33.21 6.82
C ALA A 676 56.37 -34.53 6.05
N LYS A 677 57.57 -35.07 5.87
CA LYS A 677 57.71 -36.32 5.13
C LYS A 677 57.21 -37.52 5.94
N ASP A 678 57.28 -37.44 7.27
CA ASP A 678 56.82 -38.54 8.11
C ASP A 678 55.31 -38.74 8.04
N VAL A 679 54.58 -37.80 7.47
CA VAL A 679 53.12 -37.91 7.38
C VAL A 679 52.78 -38.85 6.23
N ASP A 680 52.16 -39.97 6.55
CA ASP A 680 51.74 -40.96 5.55
C ASP A 680 50.30 -40.65 5.17
N ILE A 681 50.14 -39.86 4.10
CA ILE A 681 48.80 -39.46 3.67
C ILE A 681 47.97 -40.68 3.30
N GLY A 682 48.62 -41.75 2.83
CA GLY A 682 47.89 -42.98 2.58
C GLY A 682 47.25 -43.53 3.83
N ALA A 683 47.96 -43.46 4.96
CA ALA A 683 47.38 -43.90 6.22
C ALA A 683 46.19 -43.04 6.61
N LEU A 684 46.31 -41.72 6.43
CA LEU A 684 45.18 -40.84 6.74
C LEU A 684 43.98 -41.17 5.88
N ALA A 685 44.19 -41.43 4.58
CA ALA A 685 43.10 -41.84 3.72
C ALA A 685 42.50 -43.16 4.18
N LYS A 686 43.34 -44.08 4.66
CA LYS A 686 42.84 -45.36 5.16
C LYS A 686 41.83 -45.10 6.28
N TYR A 687 41.01 -46.12 6.55
CA TYR A 687 39.83 -45.96 7.40
C TYR A 687 39.18 -44.61 7.10
N THR A 688 38.74 -43.88 8.12
CA THR A 688 38.13 -42.57 7.91
C THR A 688 36.94 -42.67 6.95
N GLN A 689 36.14 -43.71 7.12
CA GLN A 689 35.00 -43.92 6.26
C GLN A 689 33.91 -42.89 6.53
N GLY A 690 33.16 -42.56 5.48
CA GLY A 690 32.07 -41.60 5.61
C GLY A 690 32.52 -40.21 5.95
N PHE A 691 33.66 -39.78 5.41
CA PHE A 691 34.19 -38.45 5.64
C PHE A 691 34.11 -37.65 4.34
N SER A 692 33.37 -36.55 4.38
CA SER A 692 33.25 -35.69 3.23
C SER A 692 34.51 -34.85 3.05
N GLY A 693 34.63 -34.24 1.87
CA GLY A 693 35.79 -33.40 1.60
C GLY A 693 35.90 -32.23 2.54
N ALA A 694 34.75 -31.69 2.97
CA ALA A 694 34.76 -30.57 3.92
C ALA A 694 35.40 -30.99 5.24
N ASP A 695 35.06 -32.18 5.73
CA ASP A 695 35.67 -32.67 6.96
C ASP A 695 37.17 -32.81 6.81
N ILE A 696 37.62 -33.32 5.66
CA ILE A 696 39.04 -33.48 5.41
C ILE A 696 39.75 -32.14 5.36
N THR A 697 39.11 -31.13 4.77
CA THR A 697 39.69 -29.79 4.76
C THR A 697 39.76 -29.21 6.17
N GLU A 698 38.72 -29.42 6.97
CA GLU A 698 38.75 -28.97 8.36
C GLU A 698 39.86 -29.66 9.14
N ILE A 699 40.11 -30.93 8.86
CA ILE A 699 41.21 -31.64 9.50
C ILE A 699 42.53 -30.91 9.24
N CYS A 700 42.78 -30.59 7.97
CA CYS A 700 44.01 -29.89 7.62
C CYS A 700 44.06 -28.51 8.28
N GLN A 701 42.92 -27.81 8.31
CA GLN A 701 42.91 -26.49 8.92
C GLN A 701 43.25 -26.56 10.41
N ARG A 702 42.68 -27.54 11.12
CA ARG A 702 42.96 -27.67 12.55
C ARG A 702 44.40 -28.09 12.80
N ALA A 703 44.93 -28.98 11.95
CA ALA A 703 46.34 -29.35 12.06
C ALA A 703 47.24 -28.14 11.85
N CYS A 704 46.91 -27.30 10.87
CA CYS A 704 47.68 -26.09 10.63
C CYS A 704 47.56 -25.13 11.81
N LYS A 705 46.38 -25.05 12.41
CA LYS A 705 46.23 -24.20 13.60
C LYS A 705 47.14 -24.68 14.73
N TYR A 706 47.20 -26.00 14.93
CA TYR A 706 48.09 -26.54 15.96
C TYR A 706 49.55 -26.23 15.63
N ALA A 707 49.93 -26.37 14.37
CA ALA A 707 51.30 -26.06 13.97
C ALA A 707 51.61 -24.59 14.21
N ILE A 708 50.66 -23.71 13.90
CA ILE A 708 50.85 -22.29 14.13
C ILE A 708 51.02 -22.00 15.61
N ARG A 709 50.22 -22.65 16.44
CA ARG A 709 50.37 -22.48 17.88
C ARG A 709 51.75 -22.91 18.35
N GLU A 710 52.23 -24.04 17.85
CA GLU A 710 53.56 -24.51 18.23
C GLU A 710 54.64 -23.52 17.79
N ASN A 711 54.53 -23.02 16.56
CA ASN A 711 55.53 -22.05 16.09
C ASN A 711 55.50 -20.77 16.92
N ILE A 712 54.30 -20.30 17.27
CA ILE A 712 54.19 -19.09 18.08
C ILE A 712 54.81 -19.32 19.45
N GLU A 713 54.55 -20.48 20.07
CA GLU A 713 55.13 -20.78 21.36
C GLU A 713 56.65 -20.85 21.27
N LYS A 714 57.18 -21.46 20.20
CA LYS A 714 58.62 -21.55 20.05
C LYS A 714 59.24 -20.16 19.86
N ASP A 715 58.58 -19.30 19.08
CA ASP A 715 59.08 -17.93 18.93
C ASP A 715 59.06 -17.18 20.25
N ILE A 716 58.01 -17.38 21.05
CA ILE A 716 57.94 -16.74 22.35
C ILE A 716 59.08 -17.23 23.25
N GLU A 717 59.34 -18.54 23.22
CA GLU A 717 60.43 -19.08 24.03
C GLU A 717 61.78 -18.53 23.56
N LYS A 718 61.97 -18.38 22.25
CA LYS A 718 63.18 -17.79 21.72
C LYS A 718 63.33 -16.35 22.22
N GLU A 719 62.25 -15.58 22.19
CA GLU A 719 62.29 -14.21 22.68
C GLU A 719 62.64 -14.16 24.16
N LYS A 720 62.06 -15.07 24.95
CA LYS A 720 62.38 -15.11 26.37
C LYS A 720 63.85 -15.46 26.60
N ARG A 721 64.37 -16.43 25.85
CA ARG A 721 65.78 -16.79 25.98
C ARG A 721 66.66 -15.61 25.62
N ARG A 722 66.31 -14.87 24.57
CA ARG A 722 67.08 -13.69 24.22
C ARG A 722 67.02 -12.64 25.32
N SER A 723 65.83 -12.44 25.91
CA SER A 723 65.70 -11.44 26.96
C SER A 723 66.55 -11.81 28.18
N GLU A 724 66.58 -13.09 28.54
CA GLU A 724 67.41 -13.51 29.66
C GLU A 724 68.89 -13.23 29.38
N ASN A 725 69.35 -13.56 28.18
CA ASN A 725 70.75 -13.34 27.78
C ASN A 725 70.77 -12.71 26.39
N PRO A 726 70.56 -11.39 26.31
CA PRO A 726 70.58 -10.73 24.99
C PRO A 726 71.93 -10.81 24.30
N GLU A 727 73.01 -11.06 25.03
CA GLU A 727 74.34 -11.16 24.45
C GLU A 727 74.67 -12.56 23.95
N ALA A 728 73.71 -13.49 24.01
CA ALA A 728 73.96 -14.85 23.57
C ALA A 728 74.21 -14.89 22.06
N MET A 729 74.93 -15.93 21.64
CA MET A 729 75.22 -16.10 20.22
C MET A 729 73.94 -16.18 19.42
N GLU A 730 73.92 -15.47 18.30
CA GLU A 730 72.75 -15.46 17.39
C GLU A 730 72.87 -16.65 16.46
N GLU A 731 72.10 -17.70 16.74
CA GLU A 731 72.10 -18.91 15.94
C GLU A 731 71.17 -18.71 14.74
N ASP A 732 71.70 -17.99 13.74
CA ASP A 732 70.93 -17.66 12.53
C ASP A 732 71.03 -18.86 11.57
N GLY A 733 70.25 -19.89 11.87
CA GLY A 733 70.21 -21.07 11.04
C GLY A 733 69.04 -21.04 10.07
N VAL A 734 68.75 -19.86 9.53
CA VAL A 734 67.64 -19.67 8.60
C VAL A 734 66.33 -19.84 9.35
N ASP A 735 65.26 -19.23 8.84
CA ASP A 735 63.95 -19.36 9.47
C ASP A 735 63.50 -20.82 9.45
N GLU A 736 62.93 -21.27 10.57
CA GLU A 736 62.49 -22.65 10.67
C GLU A 736 61.47 -22.96 9.59
N VAL A 737 61.67 -24.09 8.91
CA VAL A 737 60.76 -24.53 7.86
C VAL A 737 59.59 -25.27 8.49
N SER A 738 58.51 -24.54 8.77
CA SER A 738 57.36 -25.12 9.45
C SER A 738 56.68 -26.13 8.53
N GLU A 739 56.46 -27.34 9.07
CA GLU A 739 55.76 -28.40 8.34
C GLU A 739 54.77 -29.07 9.28
N ILE A 740 53.68 -29.55 8.70
CA ILE A 740 52.63 -30.19 9.50
C ILE A 740 53.12 -31.56 9.93
N LYS A 741 53.50 -31.68 11.19
CA LYS A 741 54.02 -32.93 11.72
C LYS A 741 52.89 -33.93 11.95
N ALA A 742 53.27 -35.21 12.07
CA ALA A 742 52.27 -36.26 12.27
C ALA A 742 51.50 -36.06 13.56
N ALA A 743 52.12 -35.45 14.57
CA ALA A 743 51.42 -35.21 15.82
C ALA A 743 50.25 -34.25 15.62
N HIS A 744 50.44 -33.22 14.80
CA HIS A 744 49.35 -32.29 14.52
C HIS A 744 48.20 -32.99 13.83
N PHE A 745 48.49 -33.87 12.87
CA PHE A 745 47.44 -34.63 12.21
C PHE A 745 46.74 -35.57 13.19
N GLU A 746 47.50 -36.18 14.10
CA GLU A 746 46.88 -37.04 15.10
C GLU A 746 45.92 -36.25 15.98
N GLU A 747 46.33 -35.07 16.43
CA GLU A 747 45.45 -34.24 17.24
C GLU A 747 44.21 -33.81 16.46
N SER A 748 44.40 -33.41 15.20
CA SER A 748 43.26 -32.99 14.39
C SER A 748 42.27 -34.13 14.19
N MET A 749 42.77 -35.34 13.93
CA MET A 749 41.90 -36.50 13.81
C MET A 749 41.19 -36.77 15.13
N LYS A 750 41.90 -36.63 16.25
CA LYS A 750 41.29 -36.84 17.55
C LYS A 750 40.12 -35.90 17.76
N TYR A 751 40.29 -34.63 17.42
CA TYR A 751 39.22 -33.65 17.53
C TYR A 751 38.31 -33.59 16.31
N ALA A 752 38.60 -34.39 15.28
CA ALA A 752 37.78 -34.41 14.09
C ALA A 752 36.61 -35.38 14.25
N ARG A 753 35.64 -35.25 13.35
CA ARG A 753 34.41 -36.02 13.46
C ARG A 753 33.71 -36.04 12.10
N ARG A 754 32.77 -36.97 11.97
CA ARG A 754 32.07 -37.16 10.70
C ARG A 754 30.94 -36.15 10.56
N SER A 755 30.59 -35.86 9.31
CA SER A 755 29.50 -34.94 9.00
C SER A 755 28.36 -35.61 8.25
N VAL A 756 28.47 -36.90 7.94
CA VAL A 756 27.42 -37.64 7.25
C VAL A 756 27.27 -39.00 7.93
N SER A 757 26.09 -39.25 8.49
CA SER A 757 25.82 -40.53 9.13
C SER A 757 25.54 -41.60 8.08
N ASP A 758 25.83 -42.85 8.45
CA ASP A 758 25.60 -43.96 7.53
C ASP A 758 24.13 -44.05 7.12
N ALA A 759 23.21 -43.64 8.01
CA ALA A 759 21.81 -43.60 7.64
C ALA A 759 21.59 -42.66 6.46
N ASP A 760 22.22 -41.49 6.49
CA ASP A 760 22.14 -40.58 5.37
C ASP A 760 22.73 -41.20 4.11
N ILE A 761 23.83 -41.94 4.26
CA ILE A 761 24.47 -42.56 3.10
C ILE A 761 23.52 -43.55 2.44
N ARG A 762 22.89 -44.41 3.25
CA ARG A 762 21.98 -45.39 2.68
C ARG A 762 20.73 -44.72 2.11
N LYS A 763 20.26 -43.64 2.73
CA LYS A 763 19.12 -42.93 2.17
C LYS A 763 19.46 -42.31 0.81
N TYR A 764 20.67 -41.75 0.69
CA TYR A 764 21.10 -41.22 -0.61
C TYR A 764 21.19 -42.33 -1.64
N GLN A 765 21.74 -43.48 -1.26
CA GLN A 765 21.78 -44.60 -2.20
C GLN A 765 20.38 -45.01 -2.62
N ALA A 766 19.43 -45.02 -1.68
CA ALA A 766 18.06 -45.35 -2.01
C ALA A 766 17.48 -44.34 -3.00
N PHE A 767 17.73 -43.06 -2.77
CA PHE A 767 17.25 -42.03 -3.68
C PHE A 767 18.04 -41.99 -4.99
N ALA A 768 19.13 -42.75 -5.10
CA ALA A 768 19.83 -42.86 -6.37
C ALA A 768 18.99 -43.55 -7.44
N GLN A 769 17.89 -44.20 -7.06
CA GLN A 769 16.98 -44.83 -8.02
C GLN A 769 15.54 -44.38 -7.82
N THR A 770 15.30 -43.42 -6.92
CA THR A 770 13.95 -42.98 -6.59
C THR A 770 13.74 -41.48 -6.76
N LEU A 771 14.80 -40.68 -6.84
CA LEU A 771 14.63 -39.23 -6.96
C LEU A 771 13.88 -38.87 -8.24
N GLN A 772 14.23 -39.51 -9.35
CA GLN A 772 13.55 -39.25 -10.61
C GLN A 772 12.07 -39.57 -10.52
N GLN A 773 11.69 -40.53 -9.68
CA GLN A 773 10.30 -40.95 -9.55
C GLN A 773 9.57 -40.08 -8.53
N SER A 774 9.44 -38.80 -8.90
CA SER A 774 8.75 -37.83 -8.06
C SER A 774 7.75 -37.02 -8.88
N ARG A 775 8.01 -36.89 -10.19
CA ARG A 775 7.13 -36.12 -11.05
C ARG A 775 5.74 -36.76 -11.13
N GLY A 776 5.69 -38.09 -11.18
CA GLY A 776 4.43 -38.79 -11.12
C GLY A 776 3.94 -38.90 -9.70
N PHE A 777 3.35 -40.04 -9.33
CA PHE A 777 2.94 -40.26 -7.96
C PHE A 777 4.17 -40.39 -7.06
N GLY A 778 4.10 -39.75 -5.91
CA GLY A 778 5.21 -39.73 -4.98
C GLY A 778 5.19 -38.44 -4.18
N SER A 779 6.38 -38.06 -3.72
CA SER A 779 6.66 -36.85 -2.94
C SER A 779 6.22 -37.01 -1.49
N GLU A 780 5.66 -38.14 -1.09
CA GLU A 780 5.28 -38.37 0.30
C GLU A 780 6.27 -39.28 1.00
N LYS B 30 -20.19 -1.42 -67.14
CA LYS B 30 -19.99 -2.87 -67.04
C LYS B 30 -19.40 -3.42 -68.32
N SER B 31 -18.15 -3.88 -68.24
CA SER B 31 -17.46 -4.45 -69.39
C SER B 31 -16.64 -5.64 -68.90
N PRO B 32 -16.36 -6.61 -69.79
CA PRO B 32 -15.55 -7.77 -69.37
C PRO B 32 -14.08 -7.46 -69.17
N ASN B 33 -13.60 -6.30 -69.64
CA ASN B 33 -12.19 -5.95 -69.55
C ASN B 33 -11.90 -4.98 -68.43
N ARG B 34 -12.91 -4.54 -67.67
CA ARG B 34 -12.72 -3.65 -66.54
C ARG B 34 -12.60 -4.49 -65.27
N LEU B 35 -11.45 -4.37 -64.60
CA LEU B 35 -11.14 -5.23 -63.46
C LEU B 35 -10.58 -4.39 -62.31
N VAL B 36 -10.83 -4.86 -61.10
CA VAL B 36 -10.41 -4.17 -59.88
C VAL B 36 -9.03 -4.68 -59.49
N VAL B 37 -8.07 -3.75 -59.38
CA VAL B 37 -6.70 -4.14 -59.05
C VAL B 37 -6.62 -4.64 -57.62
N ASP B 38 -5.68 -5.54 -57.38
CA ASP B 38 -5.45 -6.10 -56.05
C ASP B 38 -3.97 -6.45 -55.91
N GLU B 39 -3.59 -6.88 -54.71
CA GLU B 39 -2.21 -7.26 -54.46
C GLU B 39 -1.85 -8.52 -55.25
N ALA B 40 -0.58 -8.62 -55.61
CA ALA B 40 -0.07 -9.71 -56.42
C ALA B 40 0.71 -10.71 -55.56
N ILE B 41 1.10 -11.81 -56.20
CA ILE B 41 1.89 -12.84 -55.54
C ILE B 41 3.35 -12.67 -55.97
N ASN B 42 3.61 -12.77 -57.27
CA ASN B 42 4.94 -12.56 -57.80
C ASN B 42 5.27 -11.08 -57.84
N ASP B 43 6.53 -10.75 -57.55
CA ASP B 43 6.96 -9.36 -57.40
C ASP B 43 7.56 -8.79 -58.68
N ASP B 44 7.56 -9.54 -59.78
CA ASP B 44 8.12 -9.04 -61.02
C ASP B 44 7.29 -7.88 -61.54
N ASN B 45 7.95 -7.00 -62.30
CA ASN B 45 7.33 -5.77 -62.80
C ASN B 45 6.66 -5.97 -64.15
N SER B 46 6.67 -7.17 -64.70
CA SER B 46 6.04 -7.47 -65.98
C SER B 46 4.94 -8.51 -65.89
N VAL B 47 5.01 -9.44 -64.94
CA VAL B 47 4.01 -10.47 -64.82
C VAL B 47 2.74 -9.88 -64.23
N VAL B 48 1.61 -10.11 -64.88
CA VAL B 48 0.30 -9.77 -64.34
C VAL B 48 -0.57 -11.01 -64.38
N SER B 49 -1.15 -11.38 -63.25
CA SER B 49 -1.93 -12.60 -63.12
C SER B 49 -3.41 -12.29 -63.27
N LEU B 50 -4.09 -13.05 -64.13
CA LEU B 50 -5.52 -12.90 -64.33
C LEU B 50 -6.20 -14.25 -64.15
N HIS B 51 -7.45 -14.21 -63.71
CA HIS B 51 -8.22 -15.43 -63.55
C HIS B 51 -8.40 -16.09 -64.91
N PRO B 52 -8.13 -17.40 -65.05
CA PRO B 52 -8.26 -18.01 -66.38
C PRO B 52 -9.63 -17.86 -66.99
N ALA B 53 -10.69 -17.81 -66.17
CA ALA B 53 -12.03 -17.62 -66.71
C ALA B 53 -12.14 -16.29 -67.45
N THR B 54 -11.63 -15.22 -66.84
CA THR B 54 -11.68 -13.91 -67.47
C THR B 54 -10.85 -13.88 -68.75
N MET B 55 -9.66 -14.50 -68.71
CA MET B 55 -8.81 -14.53 -69.90
C MET B 55 -9.50 -15.27 -71.04
N GLU B 56 -10.13 -16.41 -70.74
CA GLU B 56 -10.87 -17.13 -71.76
C GLU B 56 -12.04 -16.30 -72.28
N LYS B 57 -12.70 -15.56 -71.39
CA LYS B 57 -13.78 -14.69 -71.82
C LYS B 57 -13.28 -13.64 -72.79
N LEU B 58 -12.11 -13.07 -72.53
CA LEU B 58 -11.50 -12.06 -73.40
C LEU B 58 -10.64 -12.67 -74.49
N GLN B 59 -10.50 -13.99 -74.53
CA GLN B 59 -9.70 -14.68 -75.54
C GLN B 59 -8.26 -14.17 -75.54
N LEU B 60 -7.59 -14.40 -74.42
CA LEU B 60 -6.22 -13.95 -74.20
C LEU B 60 -5.30 -15.14 -74.09
N PHE B 61 -4.24 -15.15 -74.90
CA PHE B 61 -3.25 -16.23 -74.84
C PHE B 61 -2.35 -16.04 -73.63
N ARG B 62 -2.16 -17.12 -72.88
CA ARG B 62 -1.29 -17.08 -71.71
C ARG B 62 0.14 -16.80 -72.13
N GLY B 63 0.83 -15.99 -71.33
CA GLY B 63 2.22 -15.67 -71.62
C GLY B 63 2.40 -14.71 -72.78
N ASP B 64 1.36 -13.98 -73.16
CA ASP B 64 1.42 -13.02 -74.25
C ASP B 64 1.34 -11.61 -73.68
N THR B 65 1.50 -10.61 -74.55
CA THR B 65 1.54 -9.22 -74.15
C THR B 65 0.15 -8.62 -74.19
N ILE B 66 -0.15 -7.76 -73.20
CA ILE B 66 -1.40 -7.02 -73.13
C ILE B 66 -1.09 -5.61 -72.67
N LEU B 67 -2.07 -4.73 -72.83
CA LEU B 67 -1.95 -3.33 -72.47
C LEU B 67 -3.00 -3.00 -71.42
N ILE B 68 -2.60 -2.28 -70.38
CA ILE B 68 -3.47 -1.93 -69.27
C ILE B 68 -3.53 -0.41 -69.15
N LYS B 69 -4.74 0.12 -69.08
CA LYS B 69 -4.98 1.55 -68.91
C LYS B 69 -5.64 1.79 -67.57
N GLY B 70 -5.15 2.81 -66.85
CA GLY B 70 -5.69 3.16 -65.55
C GLY B 70 -6.30 4.54 -65.52
N LYS B 71 -5.89 5.35 -64.55
CA LYS B 71 -6.43 6.68 -64.38
C LYS B 71 -5.63 7.70 -65.19
N LYS B 72 -6.10 8.94 -65.21
CA LYS B 72 -5.51 9.99 -66.02
C LYS B 72 -5.41 9.51 -67.46
N ARG B 73 -4.20 9.33 -67.98
CA ARG B 73 -4.01 8.81 -69.33
C ARG B 73 -2.86 7.81 -69.38
N LYS B 74 -2.39 7.34 -68.23
CA LYS B 74 -1.26 6.43 -68.19
C LYS B 74 -1.68 5.04 -68.65
N ASP B 75 -0.72 4.32 -69.23
CA ASP B 75 -0.93 2.94 -69.63
C ASP B 75 0.40 2.21 -69.62
N THR B 76 0.32 0.88 -69.54
CA THR B 76 1.51 0.05 -69.48
C THR B 76 1.29 -1.19 -70.35
N VAL B 77 2.40 -1.87 -70.64
CA VAL B 77 2.40 -3.09 -71.42
C VAL B 77 3.02 -4.17 -70.56
N CYS B 78 2.31 -5.28 -70.36
CA CYS B 78 2.75 -6.32 -69.45
C CYS B 78 2.35 -7.68 -69.99
N ILE B 79 3.08 -8.71 -69.56
CA ILE B 79 2.79 -10.08 -69.97
C ILE B 79 1.84 -10.71 -68.96
N ALA B 80 0.76 -11.30 -69.45
CA ALA B 80 -0.27 -11.89 -68.62
C ALA B 80 0.04 -13.36 -68.33
N LEU B 81 -0.57 -13.85 -67.25
CA LEU B 81 -0.40 -15.25 -66.86
C LEU B 81 -1.67 -15.72 -66.16
N ALA B 82 -1.80 -17.03 -66.03
CA ALA B 82 -2.96 -17.66 -65.44
C ALA B 82 -2.75 -17.85 -63.94
N ASP B 83 -3.79 -17.55 -63.16
CA ASP B 83 -3.74 -17.76 -61.70
C ASP B 83 -5.17 -17.99 -61.24
N GLU B 84 -5.50 -19.24 -60.93
CA GLU B 84 -6.85 -19.59 -60.50
C GLU B 84 -7.20 -18.99 -59.15
N THR B 85 -6.20 -18.56 -58.36
CA THR B 85 -6.49 -17.99 -57.05
C THR B 85 -7.27 -16.69 -57.18
N CYS B 86 -6.95 -15.88 -58.17
CA CYS B 86 -7.62 -14.60 -58.36
C CYS B 86 -9.08 -14.83 -58.75
N GLU B 87 -9.88 -13.79 -58.56
CA GLU B 87 -11.28 -13.80 -58.94
C GLU B 87 -11.48 -13.17 -60.31
N GLU B 88 -12.59 -13.51 -60.95
CA GLU B 88 -12.87 -12.97 -62.28
C GLU B 88 -12.90 -11.45 -62.30
N PRO B 89 -13.59 -10.77 -61.38
CA PRO B 89 -13.70 -9.30 -61.47
C PRO B 89 -12.48 -8.55 -60.99
N LYS B 90 -11.35 -9.22 -60.76
CA LYS B 90 -10.16 -8.57 -60.22
C LYS B 90 -8.92 -9.01 -60.97
N ILE B 91 -7.91 -8.16 -60.94
CA ILE B 91 -6.60 -8.41 -61.51
C ILE B 91 -5.55 -8.05 -60.47
N ARG B 92 -4.46 -8.82 -60.44
CA ARG B 92 -3.42 -8.67 -59.44
C ARG B 92 -2.18 -8.07 -60.10
N MET B 93 -1.65 -7.01 -59.48
CA MET B 93 -0.44 -6.34 -59.96
C MET B 93 0.38 -5.90 -58.77
N ASN B 94 1.68 -5.73 -59.01
CA ASN B 94 2.59 -5.28 -57.97
C ASN B 94 2.61 -3.75 -57.91
N LYS B 95 3.27 -3.23 -56.88
CA LYS B 95 3.23 -1.78 -56.65
C LYS B 95 3.85 -1.01 -57.81
N VAL B 96 4.80 -1.62 -58.53
CA VAL B 96 5.45 -0.91 -59.63
C VAL B 96 4.44 -0.59 -60.73
N VAL B 97 3.67 -1.60 -61.16
CA VAL B 97 2.72 -1.40 -62.23
C VAL B 97 1.61 -0.45 -61.79
N ARG B 98 1.16 -0.58 -60.54
CA ARG B 98 0.14 0.33 -60.03
C ARG B 98 0.63 1.76 -60.02
N SER B 99 1.89 1.98 -59.60
CA SER B 99 2.44 3.31 -59.62
C SER B 99 2.54 3.85 -61.04
N ASN B 100 2.94 3.01 -61.99
CA ASN B 100 2.98 3.43 -63.38
C ASN B 100 1.60 3.84 -63.87
N LEU B 101 0.55 3.18 -63.36
CA LEU B 101 -0.82 3.45 -63.76
C LEU B 101 -1.52 4.48 -62.90
N ARG B 102 -0.86 4.98 -61.85
CA ARG B 102 -1.44 5.98 -60.96
C ARG B 102 -2.76 5.48 -60.38
N VAL B 103 -2.82 4.19 -60.07
CA VAL B 103 -4.02 3.55 -59.53
C VAL B 103 -3.67 2.92 -58.19
N ARG B 104 -4.50 3.19 -57.19
CA ARG B 104 -4.40 2.52 -55.90
C ARG B 104 -5.21 1.23 -55.93
N LEU B 105 -5.17 0.51 -54.81
CA LEU B 105 -6.01 -0.68 -54.68
C LEU B 105 -7.47 -0.26 -54.55
N GLY B 106 -8.35 -1.05 -55.18
CA GLY B 106 -9.76 -0.73 -55.24
C GLY B 106 -10.18 0.03 -56.48
N ASP B 107 -9.24 0.53 -57.27
CA ASP B 107 -9.56 1.19 -58.52
C ASP B 107 -9.84 0.15 -59.61
N VAL B 108 -10.28 0.64 -60.76
CA VAL B 108 -10.64 -0.20 -61.90
C VAL B 108 -9.75 0.16 -63.08
N ILE B 109 -9.30 -0.86 -63.79
CA ILE B 109 -8.40 -0.71 -64.93
C ILE B 109 -8.98 -1.47 -66.12
N SER B 110 -8.61 -1.04 -67.32
CA SER B 110 -9.07 -1.64 -68.55
C SER B 110 -7.92 -2.39 -69.22
N VAL B 111 -8.22 -3.57 -69.76
CA VAL B 111 -7.22 -4.46 -70.34
C VAL B 111 -7.57 -4.68 -71.81
N HIS B 112 -6.55 -4.60 -72.66
CA HIS B 112 -6.72 -4.80 -74.10
C HIS B 112 -5.62 -5.73 -74.62
N GLN B 113 -6.01 -6.71 -75.41
CA GLN B 113 -5.02 -7.59 -76.02
C GLN B 113 -4.15 -6.82 -76.99
N CYS B 114 -2.84 -7.06 -76.93
CA CYS B 114 -1.86 -6.40 -77.79
C CYS B 114 -0.73 -7.36 -78.13
N PRO B 115 -1.05 -8.47 -78.81
CA PRO B 115 0.00 -9.41 -79.20
C PRO B 115 0.91 -8.88 -80.31
N ASP B 116 0.56 -7.76 -80.94
CA ASP B 116 1.35 -7.20 -82.03
C ASP B 116 2.58 -6.44 -81.55
N VAL B 117 2.86 -6.44 -80.24
CA VAL B 117 4.01 -5.72 -79.72
C VAL B 117 5.27 -6.20 -80.43
N LYS B 118 6.16 -5.27 -80.73
CA LYS B 118 7.37 -5.53 -81.51
C LYS B 118 8.60 -5.41 -80.62
N TYR B 119 9.60 -6.24 -80.91
CA TYR B 119 10.87 -6.13 -80.22
C TYR B 119 11.54 -4.79 -80.54
N GLY B 120 12.15 -4.18 -79.53
CA GLY B 120 12.77 -2.88 -79.70
C GLY B 120 14.24 -2.99 -80.07
N LYS B 121 14.66 -2.13 -81.00
CA LYS B 121 16.05 -2.11 -81.43
C LYS B 121 16.95 -1.41 -80.41
N ARG B 122 16.44 -0.40 -79.72
CA ARG B 122 17.24 0.34 -78.75
C ARG B 122 16.31 0.91 -77.68
N VAL B 123 16.82 0.96 -76.45
CA VAL B 123 16.09 1.54 -75.32
C VAL B 123 17.06 2.43 -74.54
N HIS B 124 16.67 3.68 -74.32
CA HIS B 124 17.44 4.61 -73.51
C HIS B 124 16.79 4.69 -72.14
N ILE B 125 17.51 4.22 -71.12
CA ILE B 125 17.01 4.14 -69.75
C ILE B 125 18.01 4.85 -68.84
N LEU B 126 17.50 5.61 -67.89
CA LEU B 126 18.32 6.34 -66.93
C LEU B 126 17.77 6.08 -65.53
N PRO B 127 18.60 6.23 -64.51
CA PRO B 127 18.12 6.08 -63.13
C PRO B 127 17.55 7.40 -62.60
N VAL B 128 17.08 7.34 -61.36
CA VAL B 128 16.53 8.50 -60.67
C VAL B 128 17.56 9.03 -59.70
N ASP B 129 17.56 10.35 -59.50
CA ASP B 129 18.56 10.98 -58.65
C ASP B 129 18.42 10.53 -57.20
N ASP B 130 17.20 10.56 -56.67
CA ASP B 130 17.01 10.27 -55.25
C ASP B 130 17.41 8.84 -54.92
N THR B 131 17.01 7.88 -55.77
CA THR B 131 17.27 6.47 -55.47
C THR B 131 18.73 6.10 -55.71
N VAL B 132 19.40 6.75 -56.66
CA VAL B 132 20.76 6.41 -57.02
C VAL B 132 21.78 7.29 -56.29
N GLU B 133 21.35 8.10 -55.34
CA GLU B 133 22.27 8.95 -54.60
C GLU B 133 23.34 8.10 -53.96
N GLY B 134 24.60 8.54 -54.08
CA GLY B 134 25.71 7.77 -53.56
C GLY B 134 26.32 6.87 -54.62
N VAL B 135 25.88 5.62 -54.66
CA VAL B 135 26.40 4.60 -55.57
C VAL B 135 26.58 5.19 -56.96
N THR B 136 27.75 4.95 -57.55
CA THR B 136 28.04 5.40 -58.91
C THR B 136 28.99 4.40 -59.56
N GLY B 137 28.97 4.38 -60.89
CA GLY B 137 29.81 3.47 -61.64
C GLY B 137 29.10 2.85 -62.83
N ASN B 138 29.42 1.60 -63.12
CA ASN B 138 28.82 0.89 -64.26
C ASN B 138 27.49 0.30 -63.81
N LEU B 139 26.48 1.17 -63.74
CA LEU B 139 25.16 0.73 -63.31
C LEU B 139 24.56 -0.29 -64.28
N PHE B 140 24.92 -0.20 -65.56
CA PHE B 140 24.31 -1.06 -66.56
C PHE B 140 24.51 -2.54 -66.20
N ASP B 141 25.76 -3.01 -66.21
CA ASP B 141 26.00 -4.41 -65.92
C ASP B 141 25.63 -4.77 -64.48
N ALA B 142 25.65 -3.78 -63.58
CA ALA B 142 25.35 -4.06 -62.17
C ALA B 142 23.87 -4.41 -61.98
N TYR B 143 22.98 -3.64 -62.60
CA TYR B 143 21.55 -3.79 -62.36
C TYR B 143 20.78 -4.22 -63.59
N LEU B 144 20.92 -3.50 -64.71
CA LEU B 144 20.02 -3.73 -65.83
C LEU B 144 20.29 -5.06 -66.53
N LYS B 145 21.57 -5.39 -66.73
CA LYS B 145 21.88 -6.60 -67.49
C LYS B 145 21.33 -7.86 -66.85
N PRO B 146 21.48 -8.09 -65.55
CA PRO B 146 20.78 -9.23 -64.94
C PRO B 146 19.27 -9.14 -65.06
N TYR B 147 18.73 -7.92 -65.07
CA TYR B 147 17.28 -7.72 -65.07
C TYR B 147 16.65 -8.02 -66.42
N PHE B 148 17.41 -7.89 -67.51
CA PHE B 148 16.90 -8.10 -68.86
C PHE B 148 17.52 -9.29 -69.57
N LEU B 149 18.61 -9.84 -69.05
CA LEU B 149 19.35 -10.87 -69.79
C LEU B 149 18.52 -12.12 -70.00
N GLU B 150 17.81 -12.56 -68.97
CA GLU B 150 17.13 -13.86 -69.04
C GLU B 150 15.80 -13.76 -69.77
N ALA B 151 14.89 -12.94 -69.26
CA ALA B 151 13.52 -12.89 -69.77
C ALA B 151 13.34 -11.73 -70.74
N TYR B 152 12.48 -11.94 -71.74
CA TYR B 152 12.07 -10.88 -72.64
C TYR B 152 10.97 -10.07 -71.94
N ARG B 153 11.29 -8.83 -71.59
CA ARG B 153 10.43 -8.04 -70.73
C ARG B 153 9.80 -6.90 -71.52
N PRO B 154 8.50 -6.64 -71.35
CA PRO B 154 7.89 -5.46 -71.99
C PRO B 154 8.36 -4.18 -71.33
N VAL B 155 8.31 -3.10 -72.11
CA VAL B 155 8.72 -1.79 -71.65
C VAL B 155 7.86 -0.74 -72.34
N ARG B 156 7.52 0.31 -71.58
CA ARG B 156 6.70 1.40 -72.07
C ARG B 156 7.34 2.72 -71.64
N LYS B 157 7.36 3.68 -72.55
CA LYS B 157 8.00 4.96 -72.27
C LYS B 157 7.36 5.63 -71.06
N GLY B 158 8.19 6.26 -70.24
CA GLY B 158 7.73 6.97 -69.08
C GLY B 158 7.53 6.13 -67.85
N ASP B 159 7.70 4.81 -67.95
CA ASP B 159 7.49 3.92 -66.83
C ASP B 159 8.78 3.73 -66.03
N LEU B 160 8.62 3.53 -64.73
CA LEU B 160 9.73 3.31 -63.82
C LEU B 160 9.69 1.87 -63.33
N PHE B 161 10.84 1.18 -63.38
CA PHE B 161 10.95 -0.17 -62.86
C PHE B 161 12.04 -0.22 -61.80
N LEU B 162 11.83 -1.11 -60.83
CA LEU B 162 12.67 -1.19 -59.64
C LEU B 162 13.58 -2.42 -59.74
N VAL B 163 14.87 -2.22 -59.46
CA VAL B 163 15.85 -3.29 -59.46
C VAL B 163 16.51 -3.32 -58.09
N ARG B 164 16.53 -4.50 -57.47
CA ARG B 164 17.03 -4.67 -56.12
C ARG B 164 18.42 -5.29 -56.13
N GLY B 165 19.32 -4.73 -55.34
CA GLY B 165 20.67 -5.24 -55.24
C GLY B 165 21.59 -4.29 -54.49
N GLY B 166 22.72 -4.80 -54.03
CA GLY B 166 23.68 -3.94 -53.33
C GLY B 166 23.07 -3.27 -52.11
N MET B 167 22.19 -3.97 -51.41
CA MET B 167 21.52 -3.44 -50.22
C MET B 167 20.75 -2.16 -50.55
N ARG B 168 20.28 -2.02 -51.78
CA ARG B 168 19.47 -0.87 -52.14
C ARG B 168 18.62 -1.20 -53.36
N SER B 169 17.55 -0.43 -53.53
CA SER B 169 16.67 -0.54 -54.68
C SER B 169 16.84 0.69 -55.55
N VAL B 170 17.00 0.48 -56.85
CA VAL B 170 17.24 1.55 -57.81
C VAL B 170 16.06 1.61 -58.76
N GLU B 171 15.50 2.80 -58.94
CA GLU B 171 14.39 3.03 -59.85
C GLU B 171 14.94 3.56 -61.17
N PHE B 172 14.65 2.87 -62.26
CA PHE B 172 15.08 3.26 -63.58
C PHE B 172 13.86 3.68 -64.40
N LYS B 173 13.92 4.89 -64.95
CA LYS B 173 12.88 5.44 -65.79
C LYS B 173 13.26 5.28 -67.26
N VAL B 174 12.33 4.76 -68.05
CA VAL B 174 12.58 4.51 -69.48
C VAL B 174 12.45 5.85 -70.20
N ILE B 175 13.59 6.44 -70.56
CA ILE B 175 13.56 7.75 -71.23
C ILE B 175 13.01 7.61 -72.65
N GLU B 176 13.48 6.61 -73.38
CA GLU B 176 13.06 6.47 -74.77
C GLU B 176 13.07 4.99 -75.17
N THR B 177 12.18 4.66 -76.11
CA THR B 177 12.06 3.29 -76.60
C THR B 177 11.87 3.33 -78.12
N ASP B 178 12.23 2.22 -78.75
CA ASP B 178 12.04 2.02 -80.17
C ASP B 178 11.43 0.65 -80.42
N PRO B 179 10.71 0.46 -81.53
CA PRO B 179 10.40 1.46 -82.58
C PRO B 179 9.26 2.38 -82.16
N ALA B 180 8.53 2.01 -81.11
CA ALA B 180 7.41 2.79 -80.60
C ALA B 180 7.54 2.90 -79.09
N GLU B 181 6.57 3.58 -78.47
CA GLU B 181 6.60 3.74 -77.02
C GLU B 181 6.54 2.40 -76.31
N TYR B 182 5.93 1.40 -76.92
CA TYR B 182 5.85 0.06 -76.38
C TYR B 182 6.83 -0.85 -77.11
N CYS B 183 7.64 -1.58 -76.36
CA CYS B 183 8.66 -2.43 -76.95
C CYS B 183 8.89 -3.64 -76.04
N VAL B 184 9.61 -4.62 -76.55
CA VAL B 184 10.01 -5.80 -75.78
C VAL B 184 11.53 -5.90 -75.83
N VAL B 185 12.16 -5.94 -74.66
CA VAL B 185 13.61 -6.02 -74.59
C VAL B 185 14.07 -7.43 -74.95
N ALA B 186 15.11 -7.51 -75.78
CA ALA B 186 15.68 -8.77 -76.24
C ALA B 186 17.19 -8.71 -76.06
N PRO B 187 17.86 -9.88 -76.09
CA PRO B 187 19.32 -9.86 -75.92
C PRO B 187 20.03 -8.98 -76.94
N ASP B 188 19.57 -8.97 -78.19
CA ASP B 188 20.19 -8.15 -79.21
C ASP B 188 19.87 -6.67 -79.07
N THR B 189 18.86 -6.33 -78.27
CA THR B 189 18.47 -4.94 -78.11
C THR B 189 19.58 -4.14 -77.44
N GLU B 190 19.77 -2.91 -77.91
CA GLU B 190 20.75 -2.01 -77.31
C GLU B 190 20.15 -1.31 -76.11
N ILE B 191 20.96 -1.12 -75.07
CA ILE B 191 20.55 -0.44 -73.85
C ILE B 191 21.52 0.72 -73.63
N PHE B 192 20.98 1.92 -73.47
CA PHE B 192 21.77 3.13 -73.31
C PHE B 192 21.48 3.73 -71.93
N CYS B 193 22.49 3.76 -71.07
CA CYS B 193 22.35 4.26 -69.71
C CYS B 193 23.53 5.17 -69.36
N GLU B 194 23.97 5.98 -70.32
CA GLU B 194 25.08 6.90 -70.12
C GLU B 194 24.62 8.30 -69.72
N GLY B 195 23.32 8.53 -69.60
CA GLY B 195 22.82 9.85 -69.27
C GLY B 195 22.88 10.15 -67.79
N GLU B 196 22.55 11.39 -67.45
CA GLU B 196 22.58 11.86 -66.08
C GLU B 196 21.32 11.42 -65.33
N PRO B 197 21.33 11.48 -64.00
CA PRO B 197 20.13 11.14 -63.24
C PRO B 197 18.95 12.01 -63.62
N VAL B 198 17.77 11.40 -63.61
CA VAL B 198 16.52 12.08 -63.96
C VAL B 198 15.74 12.38 -62.69
N LYS B 199 15.02 13.49 -62.71
CA LYS B 199 14.24 13.90 -61.55
C LYS B 199 13.03 12.99 -61.37
N ARG B 200 12.46 13.06 -60.17
CA ARG B 200 11.32 12.21 -59.84
C ARG B 200 10.05 12.70 -60.52
N GLU B 201 9.92 14.01 -60.70
CA GLU B 201 8.77 14.64 -61.35
C GLU B 201 7.45 14.05 -60.83
N ASP B 202 7.22 14.30 -59.54
CA ASP B 202 5.99 13.99 -58.81
C ASP B 202 5.70 12.50 -58.73
N GLU B 203 6.61 11.64 -59.18
CA GLU B 203 6.42 10.21 -59.01
C GLU B 203 6.52 9.84 -57.54
N GLU B 204 5.82 8.75 -57.18
CA GLU B 204 5.82 8.27 -55.81
C GLU B 204 6.99 7.32 -55.59
N ARG B 205 7.51 7.32 -54.36
CA ARG B 205 8.60 6.42 -54.01
C ARG B 205 8.13 4.97 -54.12
N LEU B 206 8.73 4.22 -55.04
CA LEU B 206 8.38 2.81 -55.18
C LEU B 206 8.84 1.97 -54.00
N ASP B 207 9.68 2.52 -53.13
CA ASP B 207 10.10 1.85 -51.91
C ASP B 207 9.22 2.18 -50.72
N ASP B 208 8.17 2.98 -50.91
CA ASP B 208 7.26 3.28 -49.82
C ASP B 208 6.66 1.99 -49.28
N VAL B 209 6.33 2.01 -47.98
CA VAL B 209 5.82 0.81 -47.33
C VAL B 209 4.49 0.44 -47.95
N GLY B 210 4.32 -0.84 -48.25
CA GLY B 210 3.07 -1.35 -48.78
C GLY B 210 2.71 -2.68 -48.17
N TYR B 211 1.69 -3.35 -48.71
CA TYR B 211 1.31 -4.66 -48.18
C TYR B 211 2.39 -5.69 -48.45
N ASP B 212 3.24 -5.46 -49.45
CA ASP B 212 4.33 -6.37 -49.76
C ASP B 212 5.54 -6.16 -48.86
N ASP B 213 5.60 -5.05 -48.13
CA ASP B 213 6.66 -4.78 -47.18
C ASP B 213 6.30 -5.19 -45.76
N VAL B 214 5.17 -5.86 -45.58
CA VAL B 214 4.72 -6.34 -44.28
C VAL B 214 4.52 -7.84 -44.39
N GLY B 215 5.15 -8.59 -43.49
CA GLY B 215 5.04 -10.03 -43.49
C GLY B 215 4.69 -10.57 -42.13
N GLY B 216 4.14 -11.78 -42.13
CA GLY B 216 3.69 -12.41 -40.90
C GLY B 216 2.30 -12.02 -40.48
N VAL B 217 1.63 -11.16 -41.22
CA VAL B 217 0.28 -10.70 -40.92
C VAL B 217 -0.51 -10.74 -42.22
N ARG B 218 -1.28 -11.80 -42.43
CA ARG B 218 -2.17 -11.93 -43.57
C ARG B 218 -3.63 -11.85 -43.17
N LYS B 219 -4.01 -12.48 -42.06
CA LYS B 219 -5.37 -12.38 -41.56
C LYS B 219 -5.65 -10.97 -41.04
N GLN B 220 -4.77 -10.45 -40.19
CA GLN B 220 -4.98 -9.12 -39.63
C GLN B 220 -4.96 -8.06 -40.72
N MET B 221 -4.02 -8.18 -41.67
CA MET B 221 -3.97 -7.23 -42.76
C MET B 221 -5.22 -7.32 -43.63
N ALA B 222 -5.74 -8.54 -43.80
CA ALA B 222 -6.98 -8.70 -44.55
C ALA B 222 -8.15 -7.99 -43.86
N GLN B 223 -8.24 -8.14 -42.54
CA GLN B 223 -9.29 -7.44 -41.80
C GLN B 223 -9.14 -5.93 -41.95
N ILE B 224 -7.91 -5.43 -41.82
CA ILE B 224 -7.68 -4.00 -41.93
C ILE B 224 -8.06 -3.50 -43.31
N ARG B 225 -7.68 -4.25 -44.35
CA ARG B 225 -8.04 -3.86 -45.70
C ARG B 225 -9.56 -3.82 -45.86
N GLU B 226 -10.25 -4.88 -45.43
CA GLU B 226 -11.69 -4.92 -45.60
C GLU B 226 -12.37 -3.78 -44.87
N LEU B 227 -11.82 -3.36 -43.73
CA LEU B 227 -12.41 -2.24 -43.00
C LEU B 227 -12.12 -0.90 -43.66
N VAL B 228 -10.92 -0.72 -44.19
CA VAL B 228 -10.43 0.61 -44.56
C VAL B 228 -10.60 0.89 -46.05
N GLU B 229 -10.16 -0.03 -46.91
CA GLU B 229 -10.10 0.26 -48.34
C GLU B 229 -11.49 0.56 -48.89
N LEU B 230 -12.49 -0.20 -48.47
CA LEU B 230 -13.83 -0.03 -49.06
C LEU B 230 -14.38 1.36 -48.83
N PRO B 231 -14.41 1.91 -47.61
CA PRO B 231 -14.94 3.27 -47.43
C PRO B 231 -14.06 4.37 -48.02
N LEU B 232 -12.75 4.30 -47.75
CA LEU B 232 -11.87 5.39 -48.17
C LEU B 232 -11.84 5.51 -49.70
N ARG B 233 -11.76 4.39 -50.40
CA ARG B 233 -11.75 4.44 -51.86
C ARG B 233 -13.13 4.77 -52.41
N HIS B 234 -14.19 4.36 -51.72
CA HIS B 234 -15.56 4.54 -52.18
C HIS B 234 -16.39 5.15 -51.06
N PRO B 235 -16.13 6.41 -50.73
CA PRO B 235 -16.90 7.07 -49.67
C PRO B 235 -18.30 7.47 -50.14
N GLN B 236 -18.41 7.81 -51.43
CA GLN B 236 -19.71 8.23 -51.96
C GLN B 236 -20.72 7.10 -51.85
N LEU B 237 -20.32 5.87 -52.18
CA LEU B 237 -21.24 4.75 -52.09
C LEU B 237 -21.68 4.53 -50.65
N PHE B 238 -20.75 4.64 -49.70
CA PHE B 238 -21.10 4.39 -48.30
C PHE B 238 -22.02 5.47 -47.75
N LYS B 239 -21.79 6.74 -48.12
CA LYS B 239 -22.67 7.79 -47.64
C LYS B 239 -24.03 7.74 -48.33
N SER B 240 -24.09 7.18 -49.54
CA SER B 240 -25.38 6.99 -50.20
C SER B 240 -26.15 5.82 -49.63
N ILE B 241 -25.46 4.75 -49.23
CA ILE B 241 -26.14 3.58 -48.66
C ILE B 241 -26.82 3.95 -47.35
N GLY B 242 -26.13 4.70 -46.49
CA GLY B 242 -26.64 5.07 -45.19
C GLY B 242 -26.12 4.24 -44.04
N VAL B 243 -25.43 3.15 -44.31
CA VAL B 243 -24.86 2.31 -43.26
C VAL B 243 -23.59 2.97 -42.75
N LYS B 244 -23.36 2.85 -41.43
CA LYS B 244 -22.21 3.47 -40.80
C LYS B 244 -21.13 2.43 -40.55
N PRO B 245 -19.98 2.50 -41.22
CA PRO B 245 -18.91 1.55 -40.94
C PRO B 245 -18.13 1.96 -39.71
N PRO B 246 -17.38 1.04 -39.10
CA PRO B 246 -16.57 1.41 -37.94
C PRO B 246 -15.45 2.36 -38.32
N LYS B 247 -15.11 3.23 -37.36
CA LYS B 247 -14.02 4.18 -37.52
C LYS B 247 -12.89 4.00 -36.53
N GLY B 248 -13.11 3.28 -35.43
CA GLY B 248 -12.09 3.12 -34.41
C GLY B 248 -11.36 1.80 -34.52
N ILE B 249 -10.08 1.88 -34.85
CA ILE B 249 -9.21 0.72 -35.00
C ILE B 249 -8.05 0.86 -34.02
N LEU B 250 -7.75 -0.22 -33.31
CA LEU B 250 -6.69 -0.23 -32.32
C LEU B 250 -5.79 -1.43 -32.59
N LEU B 251 -4.58 -1.18 -33.06
CA LEU B 251 -3.60 -2.23 -33.29
C LEU B 251 -2.78 -2.40 -32.02
N TYR B 252 -2.94 -3.55 -31.36
CA TYR B 252 -2.19 -3.84 -30.15
C TYR B 252 -1.32 -5.07 -30.36
N GLY B 253 -0.09 -4.99 -29.86
CA GLY B 253 0.85 -6.06 -30.01
C GLY B 253 2.19 -5.71 -29.41
N PRO B 254 3.09 -6.69 -29.31
CA PRO B 254 4.41 -6.44 -28.72
C PRO B 254 5.21 -5.47 -29.56
N PRO B 255 6.12 -4.71 -28.95
CA PRO B 255 6.94 -3.77 -29.73
C PRO B 255 7.76 -4.49 -30.79
N GLY B 256 7.90 -3.87 -31.95
CA GLY B 256 8.60 -4.44 -33.06
C GLY B 256 7.78 -5.32 -33.96
N SER B 257 6.48 -5.44 -33.71
CA SER B 257 5.62 -6.34 -34.46
C SER B 257 4.92 -5.67 -35.63
N GLY B 258 5.19 -4.39 -35.88
CA GLY B 258 4.50 -3.66 -36.91
C GLY B 258 3.77 -2.46 -36.37
N LYS B 259 2.45 -2.45 -36.48
CA LYS B 259 1.61 -1.36 -36.00
C LYS B 259 1.88 -0.09 -36.78
N THR B 260 2.99 0.58 -36.48
CA THR B 260 3.39 1.75 -37.24
C THR B 260 3.58 1.41 -38.71
N LEU B 261 4.22 0.28 -38.98
CA LEU B 261 4.43 -0.15 -40.37
C LEU B 261 3.11 -0.42 -41.06
N ILE B 262 2.17 -1.09 -40.38
CA ILE B 262 0.89 -1.42 -40.99
C ILE B 262 0.12 -0.16 -41.35
N ALA B 263 0.12 0.83 -40.45
CA ALA B 263 -0.60 2.06 -40.73
C ALA B 263 -0.02 2.80 -41.92
N ARG B 264 1.31 2.92 -41.99
CA ARG B 264 1.93 3.54 -43.15
C ARG B 264 1.64 2.78 -44.43
N ALA B 265 1.67 1.45 -44.38
CA ALA B 265 1.37 0.65 -45.56
C ALA B 265 -0.05 0.89 -46.03
N VAL B 266 -1.01 0.89 -45.11
CA VAL B 266 -2.40 1.12 -45.47
C VAL B 266 -2.58 2.52 -46.04
N ALA B 267 -1.96 3.52 -45.41
CA ALA B 267 -2.09 4.88 -45.89
C ALA B 267 -1.51 5.03 -47.29
N ASN B 268 -0.35 4.44 -47.55
CA ASN B 268 0.27 4.56 -48.86
C ASN B 268 -0.51 3.80 -49.91
N GLU B 269 -1.09 2.66 -49.54
CA GLU B 269 -1.84 1.86 -50.50
C GLU B 269 -3.19 2.47 -50.81
N THR B 270 -3.76 3.22 -49.87
CA THR B 270 -5.04 3.89 -50.10
C THR B 270 -4.90 5.33 -50.56
N GLY B 271 -3.71 5.91 -50.43
CA GLY B 271 -3.50 7.29 -50.80
C GLY B 271 -4.20 8.30 -49.92
N ALA B 272 -4.80 7.86 -48.83
CA ALA B 272 -5.53 8.75 -47.94
C ALA B 272 -4.58 9.70 -47.22
N PHE B 273 -5.05 10.92 -46.98
CA PHE B 273 -4.27 11.89 -46.24
C PHE B 273 -3.94 11.34 -44.86
N PHE B 274 -2.67 11.05 -44.63
CA PHE B 274 -2.20 10.38 -43.43
C PHE B 274 -1.60 11.40 -42.48
N PHE B 275 -2.19 11.53 -41.30
CA PHE B 275 -1.70 12.41 -40.25
C PHE B 275 -1.17 11.54 -39.12
N CYS B 276 0.11 11.68 -38.80
CA CYS B 276 0.77 10.84 -37.80
C CYS B 276 0.87 11.63 -36.50
N ILE B 277 -0.07 11.40 -35.61
CA ILE B 277 -0.01 11.94 -34.26
C ILE B 277 0.87 11.02 -33.42
N ASN B 278 1.89 11.60 -32.78
CA ASN B 278 2.82 10.85 -31.95
C ASN B 278 2.59 11.23 -30.49
N GLY B 279 2.42 10.23 -29.64
CA GLY B 279 2.13 10.45 -28.24
C GLY B 279 3.12 11.38 -27.57
N PRO B 280 4.39 11.00 -27.55
CA PRO B 280 5.40 11.86 -26.91
C PRO B 280 5.47 13.26 -27.52
N GLU B 281 5.28 13.38 -28.83
CA GLU B 281 5.31 14.71 -29.44
C GLU B 281 4.20 15.59 -28.87
N ILE B 282 3.02 15.02 -28.66
CA ILE B 282 1.92 15.75 -28.06
C ILE B 282 2.22 16.07 -26.60
N MET B 283 2.77 15.10 -25.86
CA MET B 283 2.99 15.26 -24.43
C MET B 283 4.18 16.16 -24.11
N SER B 284 5.04 16.46 -25.08
CA SER B 284 6.17 17.35 -24.84
C SER B 284 5.78 18.81 -24.96
N LYS B 285 4.92 19.15 -25.93
CA LYS B 285 4.53 20.53 -26.15
C LYS B 285 3.78 21.06 -24.93
N LEU B 286 4.01 22.33 -24.62
CA LEU B 286 3.54 22.95 -23.39
C LEU B 286 2.05 22.75 -23.21
N ALA B 287 1.57 22.92 -21.98
CA ALA B 287 0.14 22.75 -21.68
C ALA B 287 -0.67 23.70 -22.54
N GLY B 288 -1.79 23.20 -23.06
CA GLY B 288 -2.66 23.95 -23.94
C GLY B 288 -2.31 23.78 -25.39
N GLU B 289 -1.02 23.60 -25.68
CA GLU B 289 -0.59 23.33 -27.06
C GLU B 289 -0.88 21.90 -27.47
N SER B 290 -0.91 20.96 -26.53
CA SER B 290 -1.25 19.59 -26.85
C SER B 290 -2.68 19.47 -27.37
N GLU B 291 -3.62 20.07 -26.64
CA GLU B 291 -5.01 20.07 -27.09
C GLU B 291 -5.15 20.78 -28.43
N SER B 292 -4.42 21.88 -28.61
CA SER B 292 -4.46 22.59 -29.88
C SER B 292 -3.97 21.72 -31.02
N ASN B 293 -2.89 20.96 -30.78
CA ASN B 293 -2.36 20.09 -31.83
C ASN B 293 -3.34 18.98 -32.16
N LEU B 294 -3.96 18.37 -31.14
CA LEU B 294 -4.97 17.34 -31.42
C LEU B 294 -6.12 17.91 -32.23
N ARG B 295 -6.61 19.09 -31.83
CA ARG B 295 -7.72 19.71 -32.52
C ARG B 295 -7.35 20.01 -33.97
N LYS B 296 -6.15 20.55 -34.20
CA LYS B 296 -5.73 20.86 -35.56
C LYS B 296 -5.61 19.59 -36.38
N ALA B 297 -5.08 18.51 -35.79
CA ALA B 297 -4.95 17.26 -36.52
C ALA B 297 -6.30 16.76 -36.98
N PHE B 298 -7.27 16.72 -36.06
CA PHE B 298 -8.60 16.24 -36.44
C PHE B 298 -9.25 17.15 -37.47
N GLU B 299 -9.13 18.46 -37.30
CA GLU B 299 -9.75 19.39 -38.24
C GLU B 299 -9.14 19.25 -39.64
N GLU B 300 -7.82 19.13 -39.71
CA GLU B 300 -7.17 18.96 -41.01
C GLU B 300 -7.53 17.63 -41.63
N ALA B 301 -7.67 16.58 -40.83
CA ALA B 301 -8.13 15.30 -41.36
C ALA B 301 -9.53 15.42 -41.93
N GLU B 302 -10.41 16.16 -41.26
CA GLU B 302 -11.76 16.38 -41.77
C GLU B 302 -11.78 17.25 -43.01
N LYS B 303 -10.69 17.92 -43.34
CA LYS B 303 -10.61 18.75 -44.54
C LYS B 303 -10.08 17.97 -45.74
N ASN B 304 -9.15 17.04 -45.49
CA ASN B 304 -8.54 16.24 -46.56
C ASN B 304 -9.20 14.88 -46.71
N ALA B 305 -10.50 14.79 -46.46
CA ALA B 305 -11.19 13.51 -46.53
C ALA B 305 -11.11 12.96 -47.95
N PRO B 306 -10.91 11.64 -48.13
CA PRO B 306 -10.76 10.61 -47.10
C PRO B 306 -9.43 10.74 -46.37
N SER B 307 -9.34 10.33 -45.11
CA SER B 307 -8.16 10.60 -44.31
C SER B 307 -8.02 9.53 -43.23
N ILE B 308 -6.85 9.54 -42.59
CA ILE B 308 -6.50 8.61 -41.52
C ILE B 308 -5.74 9.37 -40.46
N ILE B 309 -5.94 9.00 -39.21
CA ILE B 309 -5.32 9.66 -38.07
C ILE B 309 -4.68 8.58 -37.22
N PHE B 310 -3.39 8.33 -37.45
CA PHE B 310 -2.67 7.28 -36.74
C PHE B 310 -2.09 7.85 -35.46
N ILE B 311 -2.60 7.38 -34.33
CA ILE B 311 -2.19 7.85 -33.01
C ILE B 311 -1.23 6.81 -32.45
N ASP B 312 0.06 7.02 -32.71
CA ASP B 312 1.08 6.12 -32.17
C ASP B 312 1.30 6.40 -30.69
N GLU B 313 1.71 5.35 -29.96
CA GLU B 313 1.93 5.45 -28.53
C GLU B 313 0.74 6.11 -27.85
N ILE B 314 -0.46 5.57 -28.09
CA ILE B 314 -1.66 6.13 -27.49
C ILE B 314 -1.78 5.82 -26.01
N ASP B 315 -0.91 4.96 -25.48
CA ASP B 315 -0.93 4.69 -24.05
C ASP B 315 -0.46 5.90 -23.25
N SER B 316 0.55 6.60 -23.77
CA SER B 316 1.03 7.81 -23.08
C SER B 316 -0.05 8.88 -23.08
N ILE B 317 -0.76 9.05 -24.19
CA ILE B 317 -1.81 10.05 -24.25
C ILE B 317 -2.94 9.69 -23.30
N ALA B 318 -3.36 8.42 -23.32
CA ALA B 318 -4.57 7.97 -22.62
C ALA B 318 -4.25 6.74 -21.79
N PRO B 319 -3.46 6.90 -20.74
CA PRO B 319 -3.24 5.79 -19.80
C PRO B 319 -4.43 5.62 -18.87
N LYS B 320 -4.39 4.54 -18.11
CA LYS B 320 -5.47 4.27 -17.17
C LYS B 320 -5.54 5.37 -16.12
N ARG B 321 -6.76 5.69 -15.69
CA ARG B 321 -6.94 6.70 -14.66
C ARG B 321 -6.27 6.29 -13.36
N GLU B 322 -6.23 4.99 -13.07
CA GLU B 322 -5.58 4.49 -11.86
C GLU B 322 -4.09 4.80 -11.84
N LYS B 323 -3.49 5.09 -13.00
CA LYS B 323 -2.06 5.34 -13.12
C LYS B 323 -1.72 6.82 -13.28
N THR B 324 -2.47 7.55 -14.10
CA THR B 324 -2.20 8.97 -14.28
C THR B 324 -2.40 9.72 -12.98
N ASN B 325 -1.52 10.68 -12.71
CA ASN B 325 -1.53 11.46 -11.48
C ASN B 325 -1.38 12.94 -11.81
N GLY B 326 -2.13 13.42 -12.79
CA GLY B 326 -2.01 14.79 -13.23
C GLY B 326 -3.29 15.30 -13.84
N GLU B 327 -3.35 16.62 -14.00
CA GLU B 327 -4.54 17.26 -14.54
C GLU B 327 -4.45 17.42 -16.06
N VAL B 328 -3.30 17.83 -16.57
CA VAL B 328 -3.15 18.03 -18.00
C VAL B 328 -3.35 16.71 -18.74
N GLU B 329 -2.89 15.60 -18.15
CA GLU B 329 -3.11 14.31 -18.77
C GLU B 329 -4.59 14.00 -18.90
N ARG B 330 -5.36 14.26 -17.85
CA ARG B 330 -6.80 14.04 -17.92
C ARG B 330 -7.46 14.96 -18.93
N ARG B 331 -7.00 16.21 -19.01
CA ARG B 331 -7.55 17.12 -19.99
C ARG B 331 -7.32 16.61 -21.41
N ILE B 332 -6.12 16.11 -21.68
CA ILE B 332 -5.82 15.60 -23.02
C ILE B 332 -6.64 14.35 -23.31
N VAL B 333 -6.78 13.47 -22.32
CA VAL B 333 -7.60 12.28 -22.50
C VAL B 333 -9.04 12.68 -22.86
N SER B 334 -9.59 13.63 -22.12
CA SER B 334 -10.96 14.05 -22.35
C SER B 334 -11.11 14.73 -23.71
N GLN B 335 -10.11 15.52 -24.11
CA GLN B 335 -10.16 16.14 -25.42
C GLN B 335 -10.15 15.09 -26.52
N LEU B 336 -9.32 14.06 -26.37
CA LEU B 336 -9.29 12.98 -27.36
C LEU B 336 -10.63 12.27 -27.42
N LEU B 337 -11.23 11.99 -26.26
CA LEU B 337 -12.54 11.35 -26.24
C LEU B 337 -13.60 12.21 -26.91
N THR B 338 -13.58 13.51 -26.63
CA THR B 338 -14.55 14.42 -27.24
C THR B 338 -14.38 14.44 -28.75
N LEU B 339 -13.14 14.48 -29.23
CA LEU B 339 -12.92 14.51 -30.68
C LEU B 339 -13.37 13.21 -31.33
N MET B 340 -13.07 12.07 -30.69
CA MET B 340 -13.53 10.80 -31.25
C MET B 340 -15.05 10.73 -31.29
N ASP B 341 -15.72 11.23 -30.24
CA ASP B 341 -17.17 11.27 -30.25
C ASP B 341 -17.69 12.17 -31.36
N GLY B 342 -17.07 13.33 -31.53
CA GLY B 342 -17.48 14.24 -32.60
C GLY B 342 -17.23 13.68 -33.99
N LEU B 343 -16.31 12.74 -34.12
CA LEU B 343 -16.09 12.09 -35.40
C LEU B 343 -17.27 11.25 -35.85
N LYS B 344 -18.37 11.18 -35.08
CA LYS B 344 -19.59 10.57 -35.60
C LYS B 344 -20.11 11.35 -36.79
N SER B 345 -20.12 12.69 -36.68
CA SER B 345 -20.39 13.56 -37.82
C SER B 345 -19.05 13.89 -38.45
N ARG B 346 -18.58 12.98 -39.31
CA ARG B 346 -17.22 13.02 -39.86
C ARG B 346 -17.29 13.27 -41.36
N ALA B 347 -16.12 13.27 -41.98
CA ALA B 347 -15.98 13.21 -43.44
C ALA B 347 -15.02 12.08 -43.73
N HIS B 348 -15.55 10.86 -43.77
CA HIS B 348 -14.79 9.67 -44.14
C HIS B 348 -13.42 9.64 -43.46
N VAL B 349 -13.44 9.79 -42.14
CA VAL B 349 -12.23 9.84 -41.33
C VAL B 349 -12.14 8.57 -40.50
N ILE B 350 -10.97 7.95 -40.53
CA ILE B 350 -10.70 6.71 -39.80
C ILE B 350 -9.55 6.94 -38.83
N VAL B 351 -9.76 6.58 -37.57
CA VAL B 351 -8.75 6.69 -36.54
C VAL B 351 -8.10 5.32 -36.35
N MET B 352 -6.77 5.29 -36.35
CA MET B 352 -6.00 4.05 -36.32
C MET B 352 -4.96 4.18 -35.22
N GLY B 353 -5.34 3.85 -34.00
CA GLY B 353 -4.44 3.90 -32.88
C GLY B 353 -3.48 2.74 -32.85
N ALA B 354 -2.53 2.81 -31.92
CA ALA B 354 -1.54 1.77 -31.75
C ALA B 354 -1.01 1.80 -30.32
N THR B 355 -0.95 0.63 -29.70
CA THR B 355 -0.45 0.50 -28.34
C THR B 355 0.19 -0.87 -28.18
N ASN B 356 0.98 -1.02 -27.11
CA ASN B 356 1.63 -2.31 -26.88
C ASN B 356 0.62 -3.35 -26.41
N ARG B 357 -0.24 -3.00 -25.47
CA ARG B 357 -1.31 -3.87 -25.02
C ARG B 357 -2.53 -3.04 -24.73
N PRO B 358 -3.74 -3.62 -24.85
CA PRO B 358 -4.95 -2.82 -24.61
C PRO B 358 -5.15 -2.46 -23.16
N ASN B 359 -4.55 -3.18 -22.22
CA ASN B 359 -4.77 -2.91 -20.81
C ASN B 359 -4.28 -1.51 -20.42
N SER B 360 -3.14 -1.09 -20.94
CA SER B 360 -2.59 0.21 -20.59
C SER B 360 -3.45 1.37 -21.08
N ILE B 361 -4.37 1.11 -21.98
CA ILE B 361 -5.24 2.16 -22.53
C ILE B 361 -6.43 2.33 -21.59
N ASP B 362 -6.92 3.57 -21.51
CA ASP B 362 -8.08 3.84 -20.68
C ASP B 362 -9.29 3.07 -21.22
N PRO B 363 -10.10 2.45 -20.36
CA PRO B 363 -11.23 1.68 -20.88
C PRO B 363 -12.19 2.49 -21.72
N ALA B 364 -12.33 3.79 -21.44
CA ALA B 364 -13.28 4.61 -22.18
C ALA B 364 -13.02 4.58 -23.68
N LEU B 365 -11.76 4.36 -24.08
CA LEU B 365 -11.43 4.36 -25.49
C LEU B 365 -11.86 3.08 -26.21
N ARG B 366 -12.21 2.04 -25.47
CA ARG B 366 -12.57 0.75 -26.05
C ARG B 366 -14.08 0.56 -26.13
N ARG B 367 -14.83 1.63 -26.36
CA ARG B 367 -16.28 1.60 -26.38
C ARG B 367 -16.80 1.95 -27.77
N PHE B 368 -18.12 1.98 -27.90
CA PHE B 368 -18.76 2.23 -29.18
C PHE B 368 -18.47 3.66 -29.65
N GLY B 369 -18.24 3.80 -30.95
CA GLY B 369 -17.87 5.07 -31.56
C GLY B 369 -16.39 5.33 -31.45
N ARG B 370 -15.83 5.09 -30.27
CA ARG B 370 -14.39 5.14 -30.04
C ARG B 370 -13.76 3.86 -30.55
N PHE B 371 -12.55 3.54 -30.11
CA PHE B 371 -11.83 2.40 -30.68
C PHE B 371 -12.55 1.11 -30.35
N ASP B 372 -13.42 0.66 -31.26
CA ASP B 372 -14.24 -0.52 -31.07
C ASP B 372 -13.69 -1.76 -31.74
N ARG B 373 -12.89 -1.60 -32.79
CA ARG B 373 -12.22 -2.73 -33.43
C ARG B 373 -10.80 -2.82 -32.89
N GLU B 374 -10.39 -4.02 -32.49
CA GLU B 374 -9.06 -4.24 -31.96
C GLU B 374 -8.40 -5.39 -32.73
N ILE B 375 -7.20 -5.12 -33.26
CA ILE B 375 -6.45 -6.09 -34.05
C ILE B 375 -5.16 -6.39 -33.32
N ASP B 376 -4.89 -7.68 -33.10
CA ASP B 376 -3.68 -8.11 -32.43
C ASP B 376 -2.61 -8.41 -33.47
N ILE B 377 -1.60 -7.55 -33.54
CA ILE B 377 -0.42 -7.81 -34.34
C ILE B 377 0.59 -8.54 -33.47
N GLY B 378 0.47 -9.86 -33.41
CA GLY B 378 1.27 -10.65 -32.49
C GLY B 378 2.59 -11.09 -33.09
N VAL B 379 3.25 -11.98 -32.36
CA VAL B 379 4.53 -12.55 -32.82
C VAL B 379 4.27 -13.47 -34.01
N PRO B 380 4.96 -13.30 -35.12
CA PRO B 380 4.73 -14.20 -36.25
C PRO B 380 5.21 -15.62 -35.97
N ASP B 381 4.56 -16.58 -36.61
CA ASP B 381 4.98 -17.98 -36.53
C ASP B 381 6.19 -18.17 -37.46
N GLU B 382 6.60 -19.43 -37.63
CA GLU B 382 7.83 -19.70 -38.38
C GLU B 382 7.76 -19.16 -39.80
N ILE B 383 6.63 -19.38 -40.48
CA ILE B 383 6.50 -18.89 -41.84
C ILE B 383 6.50 -17.37 -41.86
N GLY B 384 5.91 -16.74 -40.84
CA GLY B 384 5.95 -15.29 -40.77
C GLY B 384 7.37 -14.75 -40.63
N ARG B 385 8.17 -15.41 -39.80
CA ARG B 385 9.57 -15.01 -39.66
C ARG B 385 10.32 -15.20 -40.97
N LEU B 386 10.03 -16.28 -41.68
CA LEU B 386 10.64 -16.49 -42.99
C LEU B 386 10.25 -15.36 -43.95
N GLU B 387 8.99 -14.96 -43.94
CA GLU B 387 8.54 -13.87 -44.80
C GLU B 387 9.25 -12.57 -44.45
N VAL B 388 9.39 -12.29 -43.14
CA VAL B 388 10.08 -11.09 -42.71
C VAL B 388 11.53 -11.10 -43.20
N LEU B 389 12.20 -12.24 -43.04
CA LEU B 389 13.58 -12.34 -43.48
C LEU B 389 13.70 -12.15 -44.99
N ARG B 390 12.77 -12.73 -45.75
CA ARG B 390 12.79 -12.54 -47.19
C ARG B 390 12.57 -11.07 -47.55
N ILE B 391 11.68 -10.41 -46.82
CA ILE B 391 11.43 -8.98 -47.07
C ILE B 391 12.68 -8.16 -46.80
N HIS B 392 13.40 -8.46 -45.71
CA HIS B 392 14.56 -7.67 -45.33
C HIS B 392 15.85 -8.13 -46.01
N THR B 393 15.80 -9.21 -46.80
CA THR B 393 16.97 -9.68 -47.53
C THR B 393 16.75 -9.68 -49.03
N LYS B 394 15.69 -9.05 -49.52
CA LYS B 394 15.42 -9.03 -50.95
C LYS B 394 16.34 -8.07 -51.68
N ASN B 395 16.78 -7.00 -51.01
CA ASN B 395 17.73 -6.07 -51.62
C ASN B 395 19.16 -6.57 -51.57
N MET B 396 19.42 -7.69 -50.89
CA MET B 396 20.75 -8.23 -50.74
C MET B 396 20.87 -9.56 -51.47
N LYS B 397 22.05 -9.82 -52.03
CA LYS B 397 22.32 -11.06 -52.76
C LYS B 397 22.82 -12.09 -51.76
N LEU B 398 21.95 -13.04 -51.42
CA LEU B 398 22.31 -14.10 -50.48
C LEU B 398 23.19 -15.13 -51.17
N ALA B 399 24.25 -15.54 -50.50
CA ALA B 399 25.11 -16.60 -51.01
C ALA B 399 24.43 -17.96 -50.85
N GLU B 400 25.00 -18.95 -51.51
CA GLU B 400 24.48 -20.31 -51.41
C GLU B 400 24.69 -20.85 -49.99
N ASP B 401 23.84 -21.79 -49.61
CA ASP B 401 23.82 -22.46 -48.31
C ASP B 401 23.19 -21.58 -47.25
N VAL B 402 22.77 -20.35 -47.59
CA VAL B 402 22.07 -19.49 -46.64
C VAL B 402 20.61 -19.93 -46.58
N ASP B 403 20.29 -20.81 -45.64
CA ASP B 403 18.95 -21.39 -45.54
C ASP B 403 18.13 -20.52 -44.60
N LEU B 404 17.28 -19.67 -45.17
CA LEU B 404 16.43 -18.81 -44.36
C LEU B 404 15.44 -19.61 -43.54
N GLU B 405 15.10 -20.81 -44.00
CA GLU B 405 14.23 -21.69 -43.22
C GLU B 405 14.89 -22.07 -41.89
N ARG B 406 16.19 -22.36 -41.92
CA ARG B 406 16.90 -22.69 -40.70
C ARG B 406 16.86 -21.52 -39.73
N ILE B 407 17.10 -20.31 -40.21
CA ILE B 407 17.10 -19.14 -39.35
C ILE B 407 15.71 -18.91 -38.77
N SER B 408 14.67 -19.02 -39.61
CA SER B 408 13.32 -18.84 -39.12
C SER B 408 12.98 -19.85 -38.04
N LYS B 409 13.41 -21.10 -38.23
CA LYS B 409 13.16 -22.12 -37.21
C LYS B 409 13.95 -21.85 -35.94
N ASP B 410 15.11 -21.19 -36.06
CA ASP B 410 15.97 -20.90 -34.92
C ASP B 410 15.71 -19.54 -34.31
N THR B 411 14.70 -18.80 -34.77
CA THR B 411 14.40 -17.45 -34.30
C THR B 411 13.08 -17.37 -33.55
N HIS B 412 12.81 -18.35 -32.69
CA HIS B 412 11.60 -18.31 -31.88
C HIS B 412 11.65 -17.12 -30.93
N GLY B 413 10.53 -16.42 -30.82
CA GLY B 413 10.44 -15.25 -29.97
C GLY B 413 10.98 -13.98 -30.58
N TYR B 414 11.26 -13.98 -31.87
CA TYR B 414 11.82 -12.82 -32.55
C TYR B 414 10.69 -12.07 -33.26
N VAL B 415 10.48 -10.82 -32.87
CA VAL B 415 9.53 -9.94 -33.54
C VAL B 415 10.21 -9.37 -34.77
N GLY B 416 9.43 -8.77 -35.66
CA GLY B 416 9.97 -8.36 -36.94
C GLY B 416 11.16 -7.43 -36.82
N ALA B 417 11.17 -6.60 -35.78
CA ALA B 417 12.29 -5.70 -35.57
C ALA B 417 13.59 -6.46 -35.32
N ASP B 418 13.52 -7.53 -34.52
CA ASP B 418 14.70 -8.33 -34.25
C ASP B 418 15.21 -9.00 -35.53
N LEU B 419 14.31 -9.49 -36.36
CA LEU B 419 14.69 -10.12 -37.61
C LEU B 419 15.23 -9.14 -38.63
N ALA B 420 14.78 -7.88 -38.58
CA ALA B 420 15.38 -6.84 -39.38
C ALA B 420 16.73 -6.39 -38.86
N ALA B 421 16.94 -6.46 -37.56
CA ALA B 421 18.21 -6.10 -36.96
C ALA B 421 19.28 -7.16 -37.18
N LEU B 422 18.92 -8.44 -37.15
CA LEU B 422 19.90 -9.49 -37.39
C LEU B 422 20.36 -9.48 -38.84
N CYS B 423 19.44 -9.24 -39.77
CA CYS B 423 19.84 -9.09 -41.17
C CYS B 423 20.78 -7.91 -41.35
N THR B 424 20.49 -6.80 -40.67
CA THR B 424 21.37 -5.63 -40.73
C THR B 424 22.75 -5.96 -40.17
N GLU B 425 22.80 -6.69 -39.06
CA GLU B 425 24.08 -7.08 -38.49
C GLU B 425 24.87 -7.96 -39.45
N ALA B 426 24.18 -8.90 -40.10
CA ALA B 426 24.86 -9.74 -41.10
C ALA B 426 25.41 -8.90 -42.24
N ALA B 427 24.61 -7.96 -42.74
CA ALA B 427 25.08 -7.10 -43.81
C ALA B 427 26.29 -6.27 -43.37
N LEU B 428 26.26 -5.76 -42.14
CA LEU B 428 27.38 -4.98 -41.65
C LEU B 428 28.63 -5.83 -41.49
N GLN B 429 28.47 -7.09 -41.06
CA GLN B 429 29.61 -7.99 -40.99
C GLN B 429 30.20 -8.23 -42.37
N CYS B 430 29.35 -8.43 -43.37
CA CYS B 430 29.85 -8.60 -44.74
C CYS B 430 30.58 -7.34 -45.20
N ILE B 431 30.02 -6.17 -44.91
CA ILE B 431 30.66 -4.92 -45.32
C ILE B 431 32.01 -4.76 -44.63
N ARG B 432 32.08 -5.10 -43.34
CA ARG B 432 33.35 -5.02 -42.63
C ARG B 432 34.38 -5.96 -43.24
N GLU B 433 33.97 -7.18 -43.58
CA GLU B 433 34.90 -8.13 -44.19
C GLU B 433 35.40 -7.60 -45.53
N LYS B 434 34.50 -7.05 -46.35
CA LYS B 434 34.89 -6.59 -47.67
C LYS B 434 35.51 -5.20 -47.67
N MET B 435 35.52 -4.50 -46.54
CA MET B 435 36.09 -3.16 -46.50
C MET B 435 37.58 -3.16 -46.83
N ASP B 436 38.32 -4.16 -46.35
CA ASP B 436 39.75 -4.21 -46.64
C ASP B 436 40.05 -4.22 -48.13
N VAL B 437 39.11 -4.70 -48.95
CA VAL B 437 39.32 -4.72 -50.39
C VAL B 437 39.29 -3.29 -50.95
N ILE B 438 38.34 -2.49 -50.48
CA ILE B 438 38.09 -1.16 -51.04
C ILE B 438 38.62 -0.11 -50.06
N ASP B 439 39.39 0.84 -50.57
CA ASP B 439 39.88 1.92 -49.73
C ASP B 439 38.71 2.71 -49.15
N LEU B 440 38.89 3.20 -47.93
CA LEU B 440 37.80 3.78 -47.16
C LEU B 440 37.64 5.28 -47.39
N GLU B 441 38.44 5.87 -48.28
CA GLU B 441 38.30 7.29 -48.59
C GLU B 441 37.32 7.55 -49.74
N ASP B 442 37.00 6.53 -50.54
CA ASP B 442 36.13 6.73 -51.67
C ASP B 442 34.74 7.16 -51.20
N ASP B 443 34.19 8.19 -51.86
CA ASP B 443 32.87 8.69 -51.50
C ASP B 443 31.78 7.71 -51.91
N SER B 444 31.90 7.14 -53.12
CA SER B 444 30.91 6.23 -53.66
C SER B 444 31.56 4.88 -53.92
N ILE B 445 30.87 3.80 -53.54
CA ILE B 445 31.38 2.45 -53.74
C ILE B 445 30.98 1.96 -55.11
N ASP B 446 31.83 1.12 -55.71
CA ASP B 446 31.54 0.57 -57.02
C ASP B 446 30.28 -0.28 -56.97
N ALA B 447 29.42 -0.10 -57.98
CA ALA B 447 28.18 -0.86 -58.02
C ALA B 447 28.44 -2.35 -58.13
N GLU B 448 29.44 -2.74 -58.94
CA GLU B 448 29.78 -4.16 -59.06
C GLU B 448 30.20 -4.73 -57.72
N ILE B 449 30.97 -3.96 -56.94
CA ILE B 449 31.38 -4.42 -55.62
C ILE B 449 30.18 -4.66 -54.74
N LEU B 450 29.23 -3.72 -54.73
CA LEU B 450 28.03 -3.89 -53.90
C LEU B 450 27.24 -5.11 -54.33
N ASN B 451 27.05 -5.30 -55.63
CA ASN B 451 26.29 -6.46 -56.12
C ASN B 451 27.03 -7.77 -55.90
N SER B 452 28.35 -7.72 -55.73
CA SER B 452 29.13 -8.92 -55.49
C SER B 452 29.31 -9.23 -54.01
N MET B 453 28.82 -8.37 -53.12
CA MET B 453 28.89 -8.62 -51.68
C MET B 453 27.81 -9.63 -51.31
N ALA B 454 28.19 -10.89 -51.19
CA ALA B 454 27.26 -11.97 -50.87
C ALA B 454 27.35 -12.30 -49.39
N VAL B 455 26.20 -12.29 -48.72
CA VAL B 455 26.15 -12.56 -47.29
C VAL B 455 26.16 -14.07 -47.08
N THR B 456 27.10 -14.54 -46.27
CA THR B 456 27.29 -15.96 -46.01
C THR B 456 26.50 -16.38 -44.77
N ASN B 457 26.19 -17.68 -44.71
CA ASN B 457 25.45 -18.21 -43.57
C ASN B 457 26.17 -17.96 -42.26
N GLU B 458 27.50 -17.84 -42.30
CA GLU B 458 28.26 -17.57 -41.07
C GLU B 458 27.87 -16.23 -40.49
N HIS B 459 27.69 -15.22 -41.34
CA HIS B 459 27.29 -13.91 -40.85
C HIS B 459 25.94 -13.97 -40.14
N PHE B 460 24.97 -14.67 -40.72
CA PHE B 460 23.66 -14.78 -40.10
C PHE B 460 23.74 -15.57 -38.81
N HIS B 461 24.57 -16.62 -38.78
CA HIS B 461 24.72 -17.40 -37.55
C HIS B 461 25.30 -16.55 -36.43
N THR B 462 26.35 -15.77 -36.73
CA THR B 462 26.93 -14.90 -35.71
C THR B 462 25.93 -13.86 -35.26
N ALA B 463 25.19 -13.26 -36.19
CA ALA B 463 24.21 -12.24 -35.82
C ALA B 463 23.12 -12.83 -34.94
N LEU B 464 22.65 -14.04 -35.27
CA LEU B 464 21.66 -14.70 -34.44
C LEU B 464 22.21 -14.99 -33.05
N GLY B 465 23.46 -15.44 -32.98
CA GLY B 465 24.06 -15.70 -31.68
C GLY B 465 24.18 -14.44 -30.84
N ASN B 466 24.51 -13.32 -31.48
CA ASN B 466 24.69 -12.06 -30.77
C ASN B 466 23.36 -11.37 -30.45
N SER B 467 22.26 -11.84 -31.02
CA SER B 467 20.94 -11.25 -30.81
C SER B 467 20.10 -12.11 -29.87
N ASN B 468 19.13 -11.46 -29.24
CA ASN B 468 18.24 -12.13 -28.30
C ASN B 468 16.80 -11.79 -28.61
N PRO B 469 15.87 -12.68 -28.28
CA PRO B 469 14.45 -12.40 -28.56
C PRO B 469 13.90 -11.31 -27.66
N SER B 470 12.84 -10.67 -28.15
CA SER B 470 12.16 -9.61 -27.42
C SER B 470 10.77 -10.00 -26.95
N ALA B 471 10.11 -10.93 -27.62
CA ALA B 471 8.76 -11.37 -27.27
C ALA B 471 8.76 -12.82 -26.81
N LEU B 472 9.82 -13.20 -26.08
CA LEU B 472 9.94 -14.59 -25.64
C LEU B 472 8.87 -14.96 -24.63
N ARG B 473 8.51 -14.03 -23.75
CA ARG B 473 7.53 -14.28 -22.70
C ARG B 473 6.09 -14.03 -23.14
N GLU B 474 5.89 -13.58 -24.37
CA GLU B 474 4.54 -13.34 -24.88
C GLU B 474 3.87 -14.64 -25.27
N THR B 475 2.57 -14.73 -24.98
CA THR B 475 1.79 -15.88 -25.38
C THR B 475 1.80 -16.01 -26.91
N VAL B 476 1.99 -17.22 -27.41
CA VAL B 476 2.15 -17.48 -28.83
C VAL B 476 0.98 -18.31 -29.31
N VAL B 477 0.33 -17.85 -30.38
CA VAL B 477 -0.76 -18.57 -31.03
C VAL B 477 -0.22 -19.08 -32.36
N GLU B 478 -0.18 -20.41 -32.52
CA GLU B 478 0.38 -21.02 -33.71
C GLU B 478 -0.20 -22.41 -33.88
N VAL B 479 -0.05 -22.94 -35.08
CA VAL B 479 -0.43 -24.32 -35.38
C VAL B 479 0.79 -25.20 -35.17
N PRO B 480 0.78 -26.12 -34.20
CA PRO B 480 1.99 -26.89 -33.91
C PRO B 480 2.36 -27.83 -35.05
N ASN B 481 3.66 -28.12 -35.15
CA ASN B 481 4.17 -29.01 -36.18
C ASN B 481 4.00 -30.49 -35.83
N VAL B 482 3.67 -30.80 -34.58
CA VAL B 482 3.54 -32.20 -34.17
C VAL B 482 2.35 -32.82 -34.88
N SER B 483 2.55 -34.03 -35.40
CA SER B 483 1.52 -34.79 -36.09
C SER B 483 1.35 -36.14 -35.40
N TRP B 484 0.42 -36.94 -35.92
CA TRP B 484 0.15 -38.24 -35.32
C TRP B 484 1.37 -39.14 -35.37
N ASN B 485 2.17 -39.03 -36.43
CA ASN B 485 3.33 -39.90 -36.58
C ASN B 485 4.35 -39.67 -35.46
N ASP B 486 4.39 -38.46 -34.89
CA ASP B 486 5.36 -38.18 -33.85
C ASP B 486 5.08 -38.97 -32.57
N ILE B 487 3.85 -39.44 -32.40
CA ILE B 487 3.46 -40.20 -31.21
C ILE B 487 3.24 -41.65 -31.61
N GLY B 488 3.76 -42.57 -30.80
CA GLY B 488 3.59 -43.99 -31.02
C GLY B 488 2.58 -44.58 -30.05
N GLY B 489 1.64 -45.34 -30.58
CA GLY B 489 0.61 -45.95 -29.76
C GLY B 489 -0.52 -44.99 -29.45
N LEU B 490 -1.25 -45.27 -28.38
CA LEU B 490 -2.37 -44.43 -27.96
C LEU B 490 -3.40 -44.29 -29.07
N GLU B 491 -3.65 -45.41 -29.75
CA GLU B 491 -4.59 -45.41 -30.87
C GLU B 491 -6.02 -45.10 -30.40
N ASN B 492 -6.43 -45.70 -29.28
CA ASN B 492 -7.76 -45.42 -28.74
C ASN B 492 -7.90 -43.97 -28.32
N VAL B 493 -6.83 -43.39 -27.76
CA VAL B 493 -6.86 -41.98 -27.40
C VAL B 493 -7.01 -41.12 -28.65
N LYS B 494 -6.32 -41.50 -29.73
CA LYS B 494 -6.49 -40.78 -30.99
C LYS B 494 -7.93 -40.87 -31.47
N ARG B 495 -8.53 -42.05 -31.38
CA ARG B 495 -9.93 -42.22 -31.78
C ARG B 495 -10.84 -41.31 -30.96
N GLU B 496 -10.68 -41.32 -29.64
CA GLU B 496 -11.53 -40.51 -28.78
C GLU B 496 -11.34 -39.03 -29.07
N LEU B 497 -10.09 -38.59 -29.28
CA LEU B 497 -9.84 -37.18 -29.54
C LEU B 497 -10.43 -36.75 -30.88
N GLN B 498 -10.36 -37.62 -31.89
CA GLN B 498 -11.00 -37.30 -33.16
C GLN B 498 -12.51 -37.20 -33.00
N GLU B 499 -13.10 -38.11 -32.21
CA GLU B 499 -14.54 -38.08 -32.02
C GLU B 499 -14.98 -36.90 -31.16
N THR B 500 -14.09 -36.37 -30.33
CA THR B 500 -14.46 -35.37 -29.34
C THR B 500 -14.12 -33.95 -29.75
N VAL B 501 -13.09 -33.76 -30.58
CA VAL B 501 -12.56 -32.45 -30.92
C VAL B 501 -12.69 -32.16 -32.41
N GLN B 502 -12.18 -33.06 -33.25
CA GLN B 502 -12.17 -32.80 -34.68
C GLN B 502 -13.59 -32.70 -35.25
N TYR B 503 -14.46 -33.62 -34.84
CA TYR B 503 -15.80 -33.63 -35.42
C TYR B 503 -16.60 -32.38 -35.05
N PRO B 504 -16.61 -31.93 -33.79
CA PRO B 504 -17.29 -30.66 -33.49
C PRO B 504 -16.75 -29.49 -34.29
N VAL B 505 -15.44 -29.46 -34.55
CA VAL B 505 -14.84 -28.31 -35.22
C VAL B 505 -15.14 -28.33 -36.71
N GLU B 506 -14.71 -29.37 -37.40
CA GLU B 506 -14.88 -29.45 -38.85
C GLU B 506 -16.31 -29.79 -39.26
N HIS B 507 -17.09 -30.39 -38.37
CA HIS B 507 -18.46 -30.81 -38.65
C HIS B 507 -19.38 -30.37 -37.52
N PRO B 508 -19.57 -29.05 -37.37
CA PRO B 508 -20.48 -28.57 -36.33
C PRO B 508 -21.94 -28.68 -36.74
N GLU B 509 -22.19 -28.63 -38.04
CA GLU B 509 -23.56 -28.72 -38.54
C GLU B 509 -24.19 -30.05 -38.16
N LYS B 510 -23.43 -31.14 -38.25
CA LYS B 510 -23.95 -32.45 -37.87
C LYS B 510 -24.30 -32.48 -36.38
N PHE B 511 -23.45 -31.90 -35.53
CA PHE B 511 -23.74 -31.88 -34.10
C PHE B 511 -24.99 -31.07 -33.82
N GLU B 512 -25.14 -29.91 -34.46
CA GLU B 512 -26.34 -29.11 -34.26
C GLU B 512 -27.58 -29.87 -34.72
N LYS B 513 -27.48 -30.56 -35.87
CA LYS B 513 -28.60 -31.32 -36.40
C LYS B 513 -29.01 -32.45 -35.46
N PHE B 514 -28.04 -33.16 -34.89
CA PHE B 514 -28.36 -34.34 -34.10
C PHE B 514 -29.18 -33.99 -32.86
N GLY B 515 -29.16 -32.74 -32.42
CA GLY B 515 -30.06 -32.27 -31.39
C GLY B 515 -29.42 -31.86 -30.07
N MET B 516 -28.11 -32.00 -29.93
CA MET B 516 -27.45 -31.55 -28.70
C MET B 516 -26.02 -31.18 -29.01
N SER B 517 -25.44 -30.39 -28.10
CA SER B 517 -24.09 -29.86 -28.26
C SER B 517 -23.09 -30.68 -27.47
N PRO B 518 -21.85 -30.80 -27.95
CA PRO B 518 -20.85 -31.60 -27.26
C PRO B 518 -20.23 -30.85 -26.09
N SER B 519 -19.31 -31.52 -25.42
CA SER B 519 -18.54 -30.93 -24.33
C SER B 519 -17.19 -30.46 -24.83
N LYS B 520 -16.76 -29.30 -24.34
CA LYS B 520 -15.53 -28.67 -24.77
C LYS B 520 -14.43 -28.77 -23.72
N GLY B 521 -14.52 -29.76 -22.83
CA GLY B 521 -13.55 -29.91 -21.77
C GLY B 521 -12.96 -31.31 -21.69
N VAL B 522 -11.64 -31.39 -21.83
CA VAL B 522 -10.91 -32.66 -21.78
C VAL B 522 -9.84 -32.54 -20.69
N LEU B 523 -9.46 -33.70 -20.16
CA LEU B 523 -8.46 -33.76 -19.10
C LEU B 523 -7.64 -35.03 -19.30
N PHE B 524 -6.40 -34.87 -19.75
CA PHE B 524 -5.47 -35.98 -19.84
C PHE B 524 -4.86 -36.24 -18.47
N TYR B 525 -4.88 -37.50 -18.05
CA TYR B 525 -4.19 -37.90 -16.84
C TYR B 525 -3.46 -39.21 -17.09
N GLY B 526 -2.32 -39.34 -16.43
CA GLY B 526 -1.50 -40.53 -16.57
C GLY B 526 -0.08 -40.29 -16.10
N PRO B 527 0.76 -41.31 -16.22
CA PRO B 527 2.15 -41.18 -15.79
C PRO B 527 2.87 -40.11 -16.59
N PRO B 528 3.87 -39.46 -16.01
CA PRO B 528 4.64 -38.46 -16.76
C PRO B 528 5.41 -39.09 -17.91
N GLY B 529 5.56 -38.33 -18.98
CA GLY B 529 6.28 -38.79 -20.15
C GLY B 529 5.46 -39.61 -21.11
N CYS B 530 4.15 -39.74 -20.88
CA CYS B 530 3.31 -40.56 -21.73
C CYS B 530 2.98 -39.91 -23.07
N GLY B 531 3.00 -38.59 -23.16
CA GLY B 531 2.77 -37.92 -24.43
C GLY B 531 1.49 -37.11 -24.49
N LYS B 532 1.10 -36.53 -23.36
CA LYS B 532 -0.11 -35.70 -23.34
C LYS B 532 0.07 -34.45 -24.20
N THR B 533 1.19 -33.75 -24.02
CA THR B 533 1.43 -32.52 -24.78
C THR B 533 1.52 -32.82 -26.28
N LEU B 534 2.20 -33.91 -26.65
CA LEU B 534 2.31 -34.27 -28.05
C LEU B 534 0.95 -34.67 -28.63
N LEU B 535 0.04 -35.16 -27.81
CA LEU B 535 -1.31 -35.45 -28.26
C LEU B 535 -2.14 -34.19 -28.45
N ALA B 536 -2.04 -33.22 -27.53
CA ALA B 536 -2.74 -31.97 -27.72
C ALA B 536 -2.24 -31.25 -28.97
N LYS B 537 -0.93 -31.14 -29.12
CA LYS B 537 -0.37 -30.52 -30.32
C LYS B 537 -0.76 -31.30 -31.57
N ALA B 538 -0.76 -32.64 -31.47
CA ALA B 538 -1.10 -33.45 -32.63
C ALA B 538 -2.53 -33.22 -33.08
N ILE B 539 -3.46 -33.17 -32.13
CA ILE B 539 -4.86 -32.94 -32.49
C ILE B 539 -5.05 -31.53 -33.02
N ALA B 540 -4.33 -30.56 -32.45
CA ALA B 540 -4.40 -29.20 -32.98
C ALA B 540 -3.93 -29.15 -34.43
N ASN B 541 -2.82 -29.83 -34.74
CA ASN B 541 -2.33 -29.86 -36.11
C ASN B 541 -3.31 -30.57 -37.03
N GLU B 542 -3.90 -31.68 -36.56
CA GLU B 542 -4.86 -32.40 -37.39
C GLU B 542 -6.06 -31.54 -37.73
N CYS B 543 -6.58 -30.81 -36.73
CA CYS B 543 -7.72 -29.93 -36.96
C CYS B 543 -7.32 -28.61 -37.62
N GLN B 544 -6.02 -28.36 -37.78
CA GLN B 544 -5.53 -27.10 -38.33
C GLN B 544 -6.09 -25.92 -37.54
N ALA B 545 -6.18 -26.11 -36.22
CA ALA B 545 -6.64 -25.09 -35.30
C ALA B 545 -5.47 -24.54 -34.50
N ASN B 546 -5.66 -23.33 -33.97
CA ASN B 546 -4.62 -22.70 -33.19
C ASN B 546 -4.38 -23.47 -31.90
N PHE B 547 -3.20 -23.27 -31.32
CA PHE B 547 -2.80 -23.94 -30.09
C PHE B 547 -2.12 -22.94 -29.18
N ILE B 548 -2.65 -22.80 -27.96
CA ILE B 548 -2.09 -21.92 -26.95
C ILE B 548 -1.63 -22.79 -25.79
N SER B 549 -0.34 -22.73 -25.48
CA SER B 549 0.24 -23.53 -24.42
C SER B 549 0.38 -22.67 -23.17
N VAL B 550 -0.21 -23.13 -22.08
CA VAL B 550 -0.19 -22.42 -20.81
C VAL B 550 0.22 -23.40 -19.72
N LYS B 551 1.17 -23.00 -18.89
CA LYS B 551 1.65 -23.82 -17.79
C LYS B 551 1.33 -23.14 -16.47
N GLY B 552 1.14 -23.95 -15.43
CA GLY B 552 0.80 -23.46 -14.12
C GLY B 552 1.83 -22.47 -13.59
N PRO B 553 3.11 -22.80 -13.75
CA PRO B 553 4.15 -21.83 -13.37
C PRO B 553 4.01 -20.49 -14.08
N GLU B 554 3.58 -20.50 -15.33
CA GLU B 554 3.41 -19.23 -16.05
C GLU B 554 2.24 -18.44 -15.48
N LEU B 555 1.18 -19.11 -15.06
CA LEU B 555 0.05 -18.42 -14.45
C LEU B 555 0.41 -17.85 -13.10
N LEU B 556 1.03 -18.67 -12.24
CA LEU B 556 1.34 -18.23 -10.88
C LEU B 556 2.34 -17.08 -10.88
N THR B 557 3.36 -17.16 -11.74
CA THR B 557 4.42 -16.15 -11.75
C THR B 557 3.93 -14.79 -12.22
N MET B 558 2.64 -14.64 -12.55
CA MET B 558 2.07 -13.35 -12.91
C MET B 558 1.87 -12.55 -11.62
N TRP B 559 2.99 -12.04 -11.09
CA TRP B 559 2.99 -11.31 -9.83
C TRP B 559 2.35 -12.14 -8.73
N PHE B 560 2.65 -13.44 -8.72
CA PHE B 560 2.07 -14.37 -7.75
C PHE B 560 0.55 -14.34 -7.80
N GLY B 561 0.00 -14.26 -9.00
CA GLY B 561 -1.44 -14.25 -9.19
C GLY B 561 -2.12 -12.92 -8.97
N GLU B 562 -1.36 -11.87 -8.61
CA GLU B 562 -1.98 -10.57 -8.36
C GLU B 562 -2.42 -9.90 -9.65
N SER B 563 -1.70 -10.12 -10.75
CA SER B 563 -2.08 -9.57 -12.05
C SER B 563 -3.09 -10.52 -12.70
N GLU B 564 -4.28 -10.56 -12.08
CA GLU B 564 -5.31 -11.51 -12.51
C GLU B 564 -5.74 -11.27 -13.95
N ALA B 565 -5.74 -10.02 -14.40
CA ALA B 565 -6.23 -9.72 -15.74
C ALA B 565 -5.53 -10.55 -16.80
N ASN B 566 -4.24 -10.83 -16.61
CA ASN B 566 -3.50 -11.61 -17.58
C ASN B 566 -4.21 -12.92 -17.90
N VAL B 567 -4.72 -13.61 -16.87
CA VAL B 567 -5.45 -14.85 -17.11
C VAL B 567 -6.62 -14.59 -18.04
N ARG B 568 -7.43 -13.58 -17.73
CA ARG B 568 -8.56 -13.27 -18.59
C ARG B 568 -8.13 -12.90 -19.99
N GLU B 569 -6.88 -12.47 -20.17
CA GLU B 569 -6.39 -12.21 -21.52
C GLU B 569 -6.29 -13.51 -22.30
N ILE B 570 -5.73 -14.55 -21.69
CA ILE B 570 -5.44 -15.78 -22.42
C ILE B 570 -6.70 -16.33 -23.06
N PHE B 571 -7.75 -16.47 -22.26
CA PHE B 571 -9.02 -16.96 -22.81
C PHE B 571 -9.51 -16.04 -23.92
N ASP B 572 -9.42 -14.73 -23.70
CA ASP B 572 -9.83 -13.80 -24.74
C ASP B 572 -9.09 -14.07 -26.03
N LYS B 573 -7.80 -14.40 -25.93
CA LYS B 573 -7.03 -14.70 -27.13
C LYS B 573 -7.60 -15.92 -27.85
N ALA B 574 -7.94 -16.95 -27.08
CA ALA B 574 -8.58 -18.12 -27.68
C ALA B 574 -9.90 -17.75 -28.33
N ARG B 575 -10.56 -16.70 -27.83
CA ARG B 575 -11.79 -16.25 -28.46
C ARG B 575 -11.51 -15.56 -29.79
N GLN B 576 -10.37 -14.88 -29.92
CA GLN B 576 -10.02 -14.25 -31.18
C GLN B 576 -9.51 -15.26 -32.20
N SER B 577 -8.81 -16.30 -31.75
CA SER B 577 -8.15 -17.25 -32.63
C SER B 577 -8.99 -18.50 -32.88
N ALA B 578 -10.29 -18.42 -32.67
CA ALA B 578 -11.14 -19.57 -32.89
C ALA B 578 -11.04 -20.01 -34.36
N PRO B 579 -10.91 -21.31 -34.63
CA PRO B 579 -10.86 -22.45 -33.69
C PRO B 579 -9.54 -22.50 -32.91
N CYS B 580 -9.57 -22.99 -31.68
CA CYS B 580 -8.39 -22.98 -30.82
C CYS B 580 -8.41 -24.20 -29.91
N VAL B 581 -7.22 -24.54 -29.41
CA VAL B 581 -7.05 -25.64 -28.47
C VAL B 581 -6.19 -25.08 -27.33
N LEU B 582 -6.85 -24.65 -26.26
CA LEU B 582 -6.18 -24.01 -25.14
C LEU B 582 -5.75 -25.08 -24.15
N PHE B 583 -4.46 -25.38 -24.12
CA PHE B 583 -3.90 -26.46 -23.32
C PHE B 583 -3.35 -25.90 -22.00
N PHE B 584 -3.66 -26.59 -20.90
CA PHE B 584 -3.20 -26.22 -19.57
C PHE B 584 -2.32 -27.35 -19.04
N ASP B 585 -1.03 -27.27 -19.36
CA ASP B 585 -0.08 -28.22 -18.82
C ASP B 585 0.28 -27.87 -17.38
N GLU B 586 0.78 -28.86 -16.66
CA GLU B 586 1.23 -28.68 -15.28
C GLU B 586 0.10 -28.12 -14.42
N LEU B 587 -1.05 -28.78 -14.50
CA LEU B 587 -2.19 -28.43 -13.66
C LEU B 587 -2.03 -28.92 -12.23
N ASP B 588 -1.01 -29.73 -11.95
CA ASP B 588 -0.79 -30.24 -10.60
C ASP B 588 -0.27 -29.17 -9.65
N SER B 589 0.12 -28.00 -10.15
CA SER B 589 0.66 -26.94 -9.31
C SER B 589 -0.36 -25.85 -8.99
N ILE B 590 -1.40 -25.69 -9.80
CA ILE B 590 -2.39 -24.65 -9.61
C ILE B 590 -3.74 -25.24 -9.20
N ALA B 591 -4.13 -26.36 -9.78
CA ALA B 591 -5.40 -27.01 -9.50
C ALA B 591 -5.34 -27.89 -8.27
N THR B 592 -4.38 -27.67 -7.38
CA THR B 592 -4.30 -28.45 -6.15
C THR B 592 -5.59 -28.29 -5.36
N GLN B 593 -6.08 -29.40 -4.82
CA GLN B 593 -7.32 -29.38 -4.04
C GLN B 593 -7.20 -28.39 -2.89
N ARG B 594 -8.24 -27.58 -2.71
CA ARG B 594 -8.25 -26.61 -1.62
C ARG B 594 -8.06 -27.31 -0.28
N GLY B 595 -6.93 -27.05 0.38
CA GLY B 595 -6.64 -27.67 1.66
C GLY B 595 -5.98 -29.03 1.54
N GLY B 596 -6.75 -30.02 1.07
CA GLY B 596 -6.22 -31.37 1.04
C GLY B 596 -5.03 -31.52 0.12
N GLY B 597 -5.13 -30.98 -1.09
CA GLY B 597 -4.06 -31.13 -2.07
C GLY B 597 -3.18 -29.90 -2.20
N SER B 598 -3.62 -28.78 -1.63
CA SER B 598 -2.88 -27.53 -1.77
C SER B 598 -1.75 -27.47 -0.76
N GLY B 599 -0.54 -27.18 -1.26
CA GLY B 599 0.62 -27.16 -0.39
C GLY B 599 0.71 -25.92 0.49
N GLY B 600 0.07 -24.82 0.08
CA GLY B 600 0.15 -23.59 0.84
C GLY B 600 -1.20 -23.06 1.28
N ASP B 601 -1.46 -23.08 2.58
CA ASP B 601 -2.69 -22.48 3.10
C ASP B 601 -2.72 -20.99 2.84
N GLY B 602 -1.61 -20.30 3.06
CA GLY B 602 -1.49 -18.88 2.79
C GLY B 602 -1.17 -18.55 1.36
N GLY B 603 -0.94 -19.55 0.51
CA GLY B 603 -0.66 -19.33 -0.89
C GLY B 603 -1.92 -19.11 -1.70
N GLY B 604 -2.51 -17.93 -1.58
CA GLY B 604 -3.76 -17.64 -2.27
C GLY B 604 -3.65 -17.60 -3.77
N ALA B 605 -2.43 -17.62 -4.32
CA ALA B 605 -2.27 -17.56 -5.77
C ALA B 605 -2.91 -18.77 -6.44
N ALA B 606 -2.70 -19.96 -5.89
CA ALA B 606 -3.23 -21.17 -6.50
C ALA B 606 -4.75 -21.15 -6.54
N ASP B 607 -5.37 -20.86 -5.39
CA ASP B 607 -6.83 -20.83 -5.33
C ASP B 607 -7.40 -19.72 -6.20
N ARG B 608 -6.74 -18.55 -6.20
CA ARG B 608 -7.21 -17.45 -7.03
C ARG B 608 -7.18 -17.83 -8.52
N VAL B 609 -6.08 -18.42 -8.96
CA VAL B 609 -5.97 -18.80 -10.36
C VAL B 609 -6.96 -19.90 -10.70
N LEU B 610 -7.16 -20.85 -9.79
CA LEU B 610 -8.14 -21.91 -10.05
C LEU B 610 -9.53 -21.34 -10.20
N ASN B 611 -9.91 -20.41 -9.32
CA ASN B 611 -11.23 -19.80 -9.42
C ASN B 611 -11.38 -19.00 -10.70
N GLN B 612 -10.33 -18.28 -11.09
CA GLN B 612 -10.37 -17.56 -12.36
C GLN B 612 -10.57 -18.51 -13.53
N LEU B 613 -9.85 -19.64 -13.53
CA LEU B 613 -10.02 -20.62 -14.58
C LEU B 613 -11.44 -21.16 -14.62
N LEU B 614 -12.00 -21.47 -13.45
CA LEU B 614 -13.36 -22.00 -13.40
C LEU B 614 -14.35 -20.98 -13.96
N THR B 615 -14.22 -19.73 -13.55
CA THR B 615 -15.12 -18.69 -14.04
C THR B 615 -15.00 -18.55 -15.56
N GLU B 616 -13.78 -18.51 -16.07
CA GLU B 616 -13.59 -18.30 -17.50
C GLU B 616 -14.09 -19.49 -18.31
N MET B 617 -13.87 -20.71 -17.82
CA MET B 617 -14.38 -21.89 -18.51
C MET B 617 -15.90 -21.92 -18.47
N ASP B 618 -16.51 -21.41 -17.39
CA ASP B 618 -17.96 -21.24 -17.39
C ASP B 618 -18.38 -20.25 -18.46
N GLY B 619 -17.62 -19.17 -18.62
CA GLY B 619 -17.93 -18.17 -19.64
C GLY B 619 -17.55 -18.57 -21.05
N MET B 620 -16.81 -19.67 -21.22
CA MET B 620 -16.32 -20.09 -22.52
C MET B 620 -17.21 -21.13 -23.18
N ASN B 621 -18.23 -21.64 -22.49
CA ASN B 621 -19.07 -22.68 -23.08
C ASN B 621 -19.80 -22.16 -24.31
N ALA B 622 -20.19 -20.89 -24.30
CA ALA B 622 -20.93 -20.34 -25.42
C ALA B 622 -20.12 -20.41 -26.71
N LYS B 623 -18.84 -20.07 -26.65
CA LYS B 623 -17.98 -20.11 -27.83
C LYS B 623 -17.88 -21.53 -28.36
N LYS B 624 -18.48 -21.76 -29.53
CA LYS B 624 -18.58 -23.13 -30.06
C LYS B 624 -17.21 -23.70 -30.40
N THR B 625 -16.32 -22.89 -30.97
CA THR B 625 -15.09 -23.37 -31.57
C THR B 625 -13.86 -23.11 -30.68
N VAL B 626 -14.01 -23.25 -29.37
CA VAL B 626 -12.89 -23.21 -28.44
C VAL B 626 -12.91 -24.48 -27.61
N PHE B 627 -11.83 -25.25 -27.66
CA PHE B 627 -11.69 -26.48 -26.90
C PHE B 627 -10.58 -26.34 -25.88
N ILE B 628 -10.89 -26.66 -24.63
CA ILE B 628 -9.98 -26.50 -23.52
C ILE B 628 -9.53 -27.89 -23.08
N ILE B 629 -8.22 -28.10 -23.06
CA ILE B 629 -7.62 -29.37 -22.69
C ILE B 629 -6.72 -29.14 -21.48
N GLY B 630 -6.67 -30.13 -20.60
CA GLY B 630 -5.83 -30.09 -19.43
C GLY B 630 -4.86 -31.27 -19.40
N ALA B 631 -3.95 -31.23 -18.44
CA ALA B 631 -2.98 -32.30 -18.26
C ALA B 631 -2.40 -32.21 -16.86
N THR B 632 -2.53 -33.29 -16.11
CA THR B 632 -2.02 -33.36 -14.75
C THR B 632 -1.43 -34.74 -14.50
N ASN B 633 -0.24 -34.76 -13.91
CA ASN B 633 0.42 -35.99 -13.49
C ASN B 633 0.12 -36.32 -12.03
N ARG B 634 -0.74 -35.55 -11.39
CA ARG B 634 -1.17 -35.82 -10.02
C ARG B 634 -2.70 -35.76 -9.99
N PRO B 635 -3.36 -36.73 -10.62
CA PRO B 635 -4.83 -36.69 -10.69
C PRO B 635 -5.49 -36.74 -9.33
N ASP B 636 -4.84 -37.30 -8.31
CA ASP B 636 -5.45 -37.39 -6.99
C ASP B 636 -5.69 -36.00 -6.41
N ILE B 637 -4.74 -35.08 -6.60
CA ILE B 637 -4.83 -33.75 -6.01
C ILE B 637 -5.50 -32.74 -6.93
N ILE B 638 -6.01 -33.17 -8.08
CA ILE B 638 -6.69 -32.25 -8.98
C ILE B 638 -8.03 -31.86 -8.38
N ASP B 639 -8.33 -30.58 -8.40
CA ASP B 639 -9.57 -30.09 -7.80
C ASP B 639 -10.76 -30.63 -8.57
N SER B 640 -11.75 -31.14 -7.85
CA SER B 640 -12.90 -31.76 -8.49
C SER B 640 -13.77 -30.75 -9.21
N ALA B 641 -13.62 -29.45 -8.90
CA ALA B 641 -14.41 -28.44 -9.60
C ALA B 641 -14.16 -28.47 -11.10
N LEU B 642 -12.92 -28.79 -11.51
CA LEU B 642 -12.59 -28.88 -12.92
C LEU B 642 -13.26 -30.07 -13.60
N LEU B 643 -13.82 -31.00 -12.85
CA LEU B 643 -14.46 -32.18 -13.40
C LEU B 643 -15.95 -31.98 -13.66
N ARG B 644 -16.48 -30.79 -13.35
CA ARG B 644 -17.89 -30.53 -13.57
C ARG B 644 -18.19 -30.46 -15.07
N PRO B 645 -19.37 -30.90 -15.49
CA PRO B 645 -19.74 -30.75 -16.90
C PRO B 645 -19.68 -29.31 -17.34
N GLY B 646 -19.29 -29.10 -18.58
CA GLY B 646 -18.97 -27.78 -19.10
C GLY B 646 -17.51 -27.47 -18.94
N ARG B 647 -16.96 -27.76 -17.76
CA ARG B 647 -15.53 -27.69 -17.51
C ARG B 647 -14.88 -28.99 -17.98
N LEU B 648 -13.63 -29.22 -17.56
CA LEU B 648 -12.84 -30.36 -18.05
C LEU B 648 -13.41 -31.64 -17.47
N ASP B 649 -14.41 -32.19 -18.17
CA ASP B 649 -15.13 -33.36 -17.71
C ASP B 649 -14.80 -34.64 -18.48
N GLN B 650 -14.29 -34.52 -19.70
CA GLN B 650 -13.91 -35.71 -20.47
C GLN B 650 -12.56 -36.19 -19.98
N LEU B 651 -12.58 -37.11 -19.02
CA LEU B 651 -11.35 -37.71 -18.51
C LEU B 651 -10.79 -38.69 -19.52
N ILE B 652 -9.49 -38.60 -19.77
CA ILE B 652 -8.80 -39.52 -20.68
C ILE B 652 -7.53 -40.00 -20.01
N TYR B 653 -7.39 -41.31 -19.89
CA TYR B 653 -6.25 -41.93 -19.23
C TYR B 653 -5.24 -42.35 -20.30
N ILE B 654 -4.00 -41.92 -20.12
CA ILE B 654 -2.92 -42.24 -21.04
C ILE B 654 -1.96 -43.20 -20.33
N PRO B 655 -1.94 -44.49 -20.67
CA PRO B 655 -1.17 -45.45 -19.89
C PRO B 655 0.29 -45.50 -20.31
N LEU B 656 1.09 -46.27 -19.57
CA LEU B 656 2.47 -46.48 -19.97
C LEU B 656 2.51 -47.34 -21.23
N PRO B 657 3.39 -47.04 -22.16
CA PRO B 657 3.41 -47.79 -23.42
C PRO B 657 3.71 -49.27 -23.19
N ASP B 658 3.04 -50.12 -23.97
CA ASP B 658 3.29 -51.56 -23.96
C ASP B 658 4.52 -51.84 -24.81
N GLU B 659 4.75 -53.11 -25.15
CA GLU B 659 5.90 -53.45 -25.97
C GLU B 659 5.82 -52.80 -27.35
N ASP B 660 4.66 -52.92 -28.01
CA ASP B 660 4.51 -52.31 -29.33
C ASP B 660 4.58 -50.79 -29.24
N SER B 661 3.99 -50.21 -28.20
CA SER B 661 4.07 -48.76 -28.02
C SER B 661 5.51 -48.33 -27.81
N ARG B 662 6.28 -49.12 -27.06
CA ARG B 662 7.69 -48.79 -26.85
C ARG B 662 8.48 -48.88 -28.15
N LEU B 663 8.18 -49.89 -28.97
CA LEU B 663 8.83 -49.97 -30.28
C LEU B 663 8.50 -48.74 -31.11
N ASN B 664 7.24 -48.33 -31.11
CA ASN B 664 6.85 -47.15 -31.87
C ASN B 664 7.54 -45.90 -31.36
N ILE B 665 7.67 -45.78 -30.04
CA ILE B 665 8.34 -44.61 -29.46
C ILE B 665 9.82 -44.61 -29.83
N PHE B 666 10.47 -45.78 -29.79
CA PHE B 666 11.86 -45.85 -30.21
C PHE B 666 12.02 -45.44 -31.66
N LYS B 667 11.11 -45.91 -32.53
CA LYS B 667 11.16 -45.53 -33.93
C LYS B 667 10.99 -44.02 -34.09
N ALA B 668 10.04 -43.44 -33.35
CA ALA B 668 9.81 -42.00 -33.43
C ALA B 668 11.03 -41.21 -32.99
N ALA B 669 11.61 -41.58 -31.84
CA ALA B 669 12.77 -40.88 -31.32
C ALA B 669 13.99 -41.02 -32.22
N LEU B 670 14.23 -42.20 -32.76
CA LEU B 670 15.36 -42.43 -33.66
C LEU B 670 15.11 -41.91 -35.07
N ARG B 671 13.89 -41.47 -35.36
CA ARG B 671 13.59 -40.88 -36.66
C ARG B 671 14.45 -39.64 -36.87
N LYS B 672 14.87 -39.43 -38.11
CA LYS B 672 15.75 -38.32 -38.48
C LYS B 672 17.11 -38.44 -37.78
N SER B 673 17.54 -39.66 -37.50
CA SER B 673 18.85 -39.91 -36.93
C SER B 673 19.47 -41.14 -37.60
N PRO B 674 20.79 -41.17 -37.75
CA PRO B 674 21.45 -42.36 -38.33
C PRO B 674 21.56 -43.47 -37.28
N ILE B 675 21.08 -44.65 -37.63
CA ILE B 675 21.10 -45.81 -36.75
C ILE B 675 21.68 -47.00 -37.50
N ALA B 676 22.53 -47.76 -36.82
CA ALA B 676 23.16 -48.92 -37.42
C ALA B 676 22.12 -50.02 -37.67
N LYS B 677 22.41 -50.85 -38.67
CA LYS B 677 21.49 -51.92 -39.02
C LYS B 677 21.50 -53.04 -37.99
N ASP B 678 22.62 -53.25 -37.31
CA ASP B 678 22.72 -54.29 -36.31
C ASP B 678 21.84 -54.03 -35.09
N VAL B 679 21.31 -52.82 -34.95
CA VAL B 679 20.49 -52.47 -33.80
C VAL B 679 19.08 -53.03 -34.04
N ASP B 680 18.67 -53.97 -33.18
CA ASP B 680 17.35 -54.58 -33.28
C ASP B 680 16.41 -53.80 -32.36
N ILE B 681 15.72 -52.81 -32.94
CA ILE B 681 14.83 -51.96 -32.16
C ILE B 681 13.73 -52.79 -31.52
N GLY B 682 13.34 -53.90 -32.16
CA GLY B 682 12.38 -54.79 -31.54
C GLY B 682 12.88 -55.36 -30.23
N ALA B 683 14.17 -55.71 -30.17
CA ALA B 683 14.75 -56.20 -28.93
C ALA B 683 14.75 -55.10 -27.86
N LEU B 684 15.08 -53.87 -28.25
CA LEU B 684 15.05 -52.76 -27.30
C LEU B 684 13.64 -52.56 -26.75
N ALA B 685 12.64 -52.63 -27.61
CA ALA B 685 11.25 -52.53 -27.16
C ALA B 685 10.91 -53.67 -26.21
N LYS B 686 11.41 -54.87 -26.50
CA LYS B 686 11.16 -56.01 -25.62
C LYS B 686 11.64 -55.69 -24.21
N TYR B 687 11.12 -56.45 -23.24
CA TYR B 687 11.27 -56.12 -21.83
C TYR B 687 11.12 -54.61 -21.66
N THR B 688 11.96 -53.98 -20.83
CA THR B 688 11.90 -52.53 -20.65
C THR B 688 10.51 -52.10 -20.21
N GLN B 689 9.91 -52.87 -19.30
CA GLN B 689 8.57 -52.57 -18.83
C GLN B 689 8.58 -51.33 -17.94
N GLY B 690 7.46 -50.61 -17.96
CA GLY B 690 7.32 -49.42 -17.15
C GLY B 690 8.27 -48.30 -17.52
N PHE B 691 8.54 -48.14 -18.81
CA PHE B 691 9.42 -47.08 -19.30
C PHE B 691 8.59 -46.08 -20.08
N SER B 692 8.61 -44.83 -19.61
CA SER B 692 7.88 -43.77 -20.29
C SER B 692 8.64 -43.32 -21.54
N GLY B 693 7.95 -42.57 -22.38
CA GLY B 693 8.58 -42.07 -23.60
C GLY B 693 9.77 -41.17 -23.31
N ALA B 694 9.71 -40.42 -22.23
CA ALA B 694 10.83 -39.56 -21.86
C ALA B 694 12.08 -40.37 -21.57
N ASP B 695 11.92 -41.49 -20.85
CA ASP B 695 13.06 -42.35 -20.58
C ASP B 695 13.65 -42.91 -21.87
N ILE B 696 12.78 -43.29 -22.81
CA ILE B 696 13.26 -43.82 -24.08
C ILE B 696 13.99 -42.75 -24.88
N THR B 697 13.52 -41.51 -24.83
CA THR B 697 14.24 -40.43 -25.51
C THR B 697 15.58 -40.16 -24.85
N GLU B 698 15.63 -40.21 -23.52
CA GLU B 698 16.91 -40.06 -22.83
C GLU B 698 17.88 -41.17 -23.19
N ILE B 699 17.37 -42.39 -23.37
CA ILE B 699 18.21 -43.49 -23.80
C ILE B 699 18.90 -43.16 -25.12
N CYS B 700 18.11 -42.69 -26.09
CA CYS B 700 18.67 -42.33 -27.39
C CYS B 700 19.65 -41.18 -27.26
N GLN B 701 19.35 -40.19 -26.42
CA GLN B 701 20.25 -39.07 -26.25
C GLN B 701 21.59 -39.51 -25.68
N ARG B 702 21.57 -40.40 -24.67
CA ARG B 702 22.81 -40.87 -24.08
C ARG B 702 23.59 -41.74 -25.06
N ALA B 703 22.89 -42.58 -25.84
CA ALA B 703 23.57 -43.35 -26.86
C ALA B 703 24.24 -42.44 -27.88
N CYS B 704 23.55 -41.37 -28.29
CA CYS B 704 24.14 -40.42 -29.22
C CYS B 704 25.33 -39.70 -28.60
N LYS B 705 25.26 -39.39 -27.31
CA LYS B 705 26.40 -38.78 -26.64
C LYS B 705 27.61 -39.71 -26.68
N TYR B 706 27.39 -41.00 -26.42
CA TYR B 706 28.49 -41.96 -26.49
C TYR B 706 29.05 -42.05 -27.90
N ALA B 707 28.19 -42.05 -28.90
CA ALA B 707 28.65 -42.08 -30.29
C ALA B 707 29.47 -40.84 -30.62
N ILE B 708 29.02 -39.69 -30.14
CA ILE B 708 29.76 -38.45 -30.37
C ILE B 708 31.12 -38.51 -29.72
N ARG B 709 31.18 -39.04 -28.49
CA ARG B 709 32.48 -39.18 -27.83
C ARG B 709 33.40 -40.08 -28.63
N GLU B 710 32.88 -41.19 -29.15
CA GLU B 710 33.70 -42.10 -29.94
C GLU B 710 34.20 -41.40 -31.21
N ASN B 711 33.33 -40.66 -31.89
CA ASN B 711 33.75 -39.97 -33.11
C ASN B 711 34.81 -38.92 -32.80
N ILE B 712 34.64 -38.20 -31.69
CA ILE B 712 35.62 -37.19 -31.31
C ILE B 712 36.97 -37.83 -31.02
N GLU B 713 36.95 -38.96 -30.29
CA GLU B 713 38.20 -39.66 -30.00
C GLU B 713 38.87 -40.16 -31.27
N LYS B 714 38.08 -40.68 -32.21
CA LYS B 714 38.65 -41.15 -33.47
C LYS B 714 39.25 -40.00 -34.27
N ASP B 715 38.58 -38.85 -34.29
CA ASP B 715 39.13 -37.69 -34.98
C ASP B 715 40.42 -37.24 -34.33
N ILE B 716 40.48 -37.26 -33.00
CA ILE B 716 41.70 -36.88 -32.30
C ILE B 716 42.83 -37.84 -32.64
N GLU B 717 42.52 -39.15 -32.69
CA GLU B 717 43.54 -40.13 -33.04
C GLU B 717 44.02 -39.92 -34.48
N LYS B 718 43.10 -39.59 -35.39
CA LYS B 718 43.49 -39.29 -36.76
C LYS B 718 44.41 -38.08 -36.81
N GLU B 719 44.09 -37.03 -36.04
CA GLU B 719 44.94 -35.86 -36.01
C GLU B 719 46.32 -36.19 -35.46
N LYS B 720 46.38 -37.02 -34.42
CA LYS B 720 47.67 -37.42 -33.87
C LYS B 720 48.48 -38.22 -34.89
N ARG B 721 47.83 -39.15 -35.59
CA ARG B 721 48.52 -39.92 -36.61
C ARG B 721 49.06 -39.00 -37.71
N ARG B 722 48.27 -38.01 -38.12
CA ARG B 722 48.74 -37.06 -39.11
C ARG B 722 49.94 -36.27 -38.58
N SER B 723 49.88 -35.85 -37.32
CA SER B 723 50.98 -35.07 -36.75
C SER B 723 52.27 -35.89 -36.72
N GLU B 724 52.17 -37.17 -36.35
CA GLU B 724 53.35 -38.02 -36.34
C GLU B 724 53.96 -38.15 -37.74
N ASN B 725 53.12 -38.36 -38.74
CA ASN B 725 53.56 -38.49 -40.13
C ASN B 725 52.66 -37.64 -41.03
N PRO B 726 52.91 -36.33 -41.09
CA PRO B 726 52.08 -35.47 -41.95
C PRO B 726 52.16 -35.82 -43.42
N GLU B 727 53.21 -36.50 -43.86
CA GLU B 727 53.38 -36.88 -45.25
C GLU B 727 52.69 -38.20 -45.60
N ALA B 728 51.97 -38.79 -44.66
CA ALA B 728 51.30 -40.05 -44.90
C ALA B 728 50.20 -39.89 -45.95
N MET B 729 49.90 -40.98 -46.63
CA MET B 729 48.85 -40.97 -47.64
C MET B 729 47.53 -40.51 -47.04
N GLU B 730 46.85 -39.63 -47.76
CA GLU B 730 45.55 -39.11 -47.33
C GLU B 730 44.47 -40.09 -47.78
N GLU B 731 43.97 -40.89 -46.84
CA GLU B 731 42.93 -41.89 -47.12
C GLU B 731 41.58 -41.18 -47.07
N ASP B 732 41.27 -40.49 -48.16
CA ASP B 732 40.01 -39.73 -48.26
C ASP B 732 38.91 -40.68 -48.72
N GLY B 733 38.43 -41.48 -47.77
CA GLY B 733 37.36 -42.41 -48.03
C GLY B 733 36.01 -41.87 -47.63
N VAL B 734 35.80 -40.57 -47.87
CA VAL B 734 34.56 -39.89 -47.52
C VAL B 734 34.44 -39.82 -46.01
N ASP B 735 33.70 -38.83 -45.52
CA ASP B 735 33.52 -38.68 -44.08
C ASP B 735 32.80 -39.91 -43.51
N GLU B 736 33.27 -40.37 -42.36
CA GLU B 736 32.70 -41.56 -41.74
C GLU B 736 31.21 -41.35 -41.48
N VAL B 737 30.41 -42.34 -41.86
CA VAL B 737 28.96 -42.28 -41.66
C VAL B 737 28.65 -42.74 -40.24
N SER B 738 28.57 -41.79 -39.31
CA SER B 738 28.34 -42.15 -37.91
C SER B 738 26.95 -42.72 -37.72
N GLU B 739 26.88 -43.88 -37.07
CA GLU B 739 25.61 -44.53 -36.76
C GLU B 739 25.65 -45.04 -35.33
N ILE B 740 24.49 -45.06 -34.69
CA ILE B 740 24.39 -45.49 -33.31
C ILE B 740 24.55 -47.01 -33.27
N LYS B 741 25.72 -47.48 -32.85
CA LYS B 741 26.00 -48.90 -32.80
C LYS B 741 25.31 -49.55 -31.61
N ALA B 742 25.19 -50.87 -31.66
CA ALA B 742 24.51 -51.60 -30.60
C ALA B 742 25.23 -51.43 -29.27
N ALA B 743 26.54 -51.23 -29.28
CA ALA B 743 27.28 -51.03 -28.04
C ALA B 743 26.83 -49.76 -27.33
N HIS B 744 26.59 -48.69 -28.10
CA HIS B 744 26.12 -47.44 -27.52
C HIS B 744 24.76 -47.64 -26.86
N PHE B 745 23.86 -48.36 -27.51
CA PHE B 745 22.56 -48.64 -26.91
C PHE B 745 22.70 -49.50 -25.66
N GLU B 746 23.62 -50.47 -25.69
CA GLU B 746 23.84 -51.29 -24.50
C GLU B 746 24.31 -50.43 -23.32
N GLU B 747 25.26 -49.52 -23.58
CA GLU B 747 25.73 -48.64 -22.52
C GLU B 747 24.62 -47.73 -22.01
N SER B 748 23.83 -47.16 -22.93
CA SER B 748 22.74 -46.29 -22.52
C SER B 748 21.73 -47.03 -21.66
N MET B 749 21.38 -48.25 -22.06
CA MET B 749 20.47 -49.06 -21.25
C MET B 749 21.09 -49.37 -19.88
N LYS B 750 22.40 -49.65 -19.86
CA LYS B 750 23.08 -49.92 -18.60
C LYS B 750 22.95 -48.72 -17.66
N TYR B 751 23.16 -47.51 -18.17
CA TYR B 751 23.03 -46.30 -17.36
C TYR B 751 21.61 -45.77 -17.34
N ALA B 752 20.68 -46.40 -18.03
CA ALA B 752 19.29 -45.95 -18.04
C ALA B 752 18.54 -46.54 -16.85
N ARG B 753 17.36 -45.98 -16.59
CA ARG B 753 16.58 -46.34 -15.42
C ARG B 753 15.14 -45.91 -15.61
N ARG B 754 14.26 -46.48 -14.80
CA ARG B 754 12.84 -46.21 -14.90
C ARG B 754 12.48 -44.91 -14.21
N SER B 755 11.39 -44.29 -14.67
CA SER B 755 10.88 -43.06 -14.10
C SER B 755 9.50 -43.20 -13.49
N VAL B 756 8.89 -44.39 -13.56
CA VAL B 756 7.57 -44.64 -13.00
C VAL B 756 7.62 -45.99 -12.30
N SER B 757 7.39 -45.99 -10.99
CA SER B 757 7.36 -47.23 -10.23
C SER B 757 6.03 -47.95 -10.44
N ASP B 758 6.08 -49.29 -10.29
CA ASP B 758 4.87 -50.09 -10.46
C ASP B 758 3.77 -49.65 -9.48
N ALA B 759 4.16 -49.17 -8.30
CA ALA B 759 3.17 -48.65 -7.36
C ALA B 759 2.41 -47.48 -7.99
N ASP B 760 3.12 -46.58 -8.65
CA ASP B 760 2.47 -45.48 -9.34
C ASP B 760 1.56 -46.00 -10.45
N ILE B 761 1.99 -47.05 -11.15
CA ILE B 761 1.19 -47.60 -12.24
C ILE B 761 -0.13 -48.11 -11.70
N ARG B 762 -0.08 -48.89 -10.61
CA ARG B 762 -1.30 -49.44 -10.04
C ARG B 762 -2.17 -48.34 -9.46
N LYS B 763 -1.57 -47.30 -8.88
CA LYS B 763 -2.36 -46.20 -8.37
C LYS B 763 -3.08 -45.46 -9.49
N TYR B 764 -2.40 -45.26 -10.62
CA TYR B 764 -3.05 -44.65 -11.77
C TYR B 764 -4.19 -45.52 -12.28
N GLN B 765 -3.98 -46.84 -12.35
CA GLN B 765 -5.07 -47.72 -12.75
C GLN B 765 -6.25 -47.62 -11.79
N ALA B 766 -5.96 -47.52 -10.49
CA ALA B 766 -7.03 -47.36 -9.51
C ALA B 766 -7.79 -46.07 -9.73
N PHE B 767 -7.07 -44.97 -10.01
CA PHE B 767 -7.72 -43.69 -10.27
C PHE B 767 -8.37 -43.65 -11.65
N ALA B 768 -8.15 -44.66 -12.49
CA ALA B 768 -8.85 -44.73 -13.76
C ALA B 768 -10.35 -44.92 -13.58
N GLN B 769 -10.81 -45.29 -12.39
CA GLN B 769 -12.23 -45.42 -12.09
C GLN B 769 -12.65 -44.62 -10.87
N THR B 770 -11.75 -43.82 -10.31
CA THR B 770 -12.02 -43.07 -9.09
C THR B 770 -11.78 -41.58 -9.22
N LEU B 771 -11.06 -41.12 -10.24
CA LEU B 771 -10.77 -39.69 -10.37
C LEU B 771 -12.06 -38.89 -10.54
N GLN B 772 -12.99 -39.39 -11.36
CA GLN B 772 -14.26 -38.71 -11.55
C GLN B 772 -15.04 -38.58 -10.25
N GLN B 773 -14.86 -39.53 -9.33
CA GLN B 773 -15.58 -39.55 -8.06
C GLN B 773 -14.85 -38.70 -7.04
N SER B 774 -14.79 -37.40 -7.32
CA SER B 774 -14.16 -36.44 -6.41
C SER B 774 -15.05 -35.23 -6.18
N ARG B 775 -15.94 -34.94 -7.14
CA ARG B 775 -16.83 -33.80 -7.02
C ARG B 775 -17.79 -33.98 -5.85
N GLY B 776 -18.29 -35.19 -5.65
CA GLY B 776 -19.09 -35.50 -4.49
C GLY B 776 -18.22 -35.73 -3.27
N PHE B 777 -18.60 -36.68 -2.43
CA PHE B 777 -17.76 -37.03 -1.28
C PHE B 777 -16.47 -37.68 -1.75
N GLY B 778 -15.37 -37.28 -1.15
CA GLY B 778 -14.06 -37.77 -1.52
C GLY B 778 -13.02 -36.70 -1.26
N SER B 779 -11.92 -36.78 -2.01
CA SER B 779 -10.78 -35.86 -1.96
C SER B 779 -9.88 -36.16 -0.77
N GLU B 780 -10.20 -37.13 0.08
CA GLU B 780 -9.35 -37.49 1.20
C GLU B 780 -8.58 -38.77 0.92
N LYS C 30 -64.55 17.36 -21.13
CA LYS C 30 -64.83 15.93 -21.02
C LYS C 30 -65.75 15.49 -22.15
N SER C 31 -65.21 14.67 -23.06
CA SER C 31 -65.97 14.15 -24.19
C SER C 31 -65.55 12.70 -24.41
N PRO C 32 -66.42 11.88 -25.00
CA PRO C 32 -66.06 10.48 -25.26
C PRO C 32 -65.06 10.30 -26.39
N ASN C 33 -64.83 11.33 -27.21
CA ASN C 33 -63.94 11.23 -28.36
C ASN C 33 -62.57 11.84 -28.10
N ARG C 34 -62.34 12.40 -26.92
CA ARG C 34 -61.04 12.97 -26.56
C ARG C 34 -60.23 11.91 -25.82
N LEU C 35 -59.08 11.55 -26.39
CA LEU C 35 -58.28 10.44 -25.89
C LEU C 35 -56.81 10.84 -25.81
N VAL C 36 -56.11 10.24 -24.86
CA VAL C 36 -54.70 10.53 -24.62
C VAL C 36 -53.86 9.58 -25.46
N VAL C 37 -52.98 10.13 -26.30
CA VAL C 37 -52.17 9.32 -27.18
C VAL C 37 -51.13 8.55 -26.37
N ASP C 38 -50.75 7.38 -26.87
CA ASP C 38 -49.75 6.54 -26.24
C ASP C 38 -49.01 5.76 -27.31
N GLU C 39 -48.00 5.01 -26.89
CA GLU C 39 -47.22 4.20 -27.81
C GLU C 39 -48.08 3.06 -28.37
N ALA C 40 -47.76 2.66 -29.59
CA ALA C 40 -48.51 1.65 -30.31
C ALA C 40 -47.75 0.33 -30.33
N ILE C 41 -48.41 -0.70 -30.85
CA ILE C 41 -47.83 -2.03 -30.98
C ILE C 41 -47.39 -2.22 -32.42
N ASN C 42 -48.34 -2.13 -33.35
CA ASN C 42 -48.03 -2.23 -34.76
C ASN C 42 -47.42 -0.92 -35.26
N ASP C 43 -46.46 -1.04 -36.18
CA ASP C 43 -45.67 0.10 -36.64
C ASP C 43 -46.22 0.71 -37.93
N ASP C 44 -47.34 0.21 -38.43
CA ASP C 44 -47.90 0.76 -39.67
C ASP C 44 -48.37 2.19 -39.45
N ASN C 45 -48.36 2.96 -40.53
CA ASN C 45 -48.68 4.38 -40.48
C ASN C 45 -50.17 4.66 -40.67
N SER C 46 -50.99 3.62 -40.82
CA SER C 46 -52.42 3.78 -40.99
C SER C 46 -53.24 3.11 -39.89
N VAL C 47 -52.73 2.04 -39.29
CA VAL C 47 -53.47 1.33 -38.25
C VAL C 47 -53.44 2.15 -36.97
N VAL C 48 -54.61 2.40 -36.39
CA VAL C 48 -54.72 3.00 -35.06
C VAL C 48 -55.59 2.09 -34.19
N SER C 49 -55.07 1.70 -33.03
CA SER C 49 -55.76 0.76 -32.16
C SER C 49 -56.51 1.52 -31.09
N LEU C 50 -57.80 1.17 -30.90
CA LEU C 50 -58.62 1.77 -29.87
C LEU C 50 -59.26 0.67 -29.04
N HIS C 51 -59.51 0.98 -27.77
CA HIS C 51 -60.15 0.04 -26.88
C HIS C 51 -61.56 -0.27 -27.40
N PRO C 52 -61.95 -1.54 -27.52
CA PRO C 52 -63.28 -1.83 -28.08
C PRO C 52 -64.42 -1.17 -27.32
N ALA C 53 -64.27 -0.97 -26.00
CA ALA C 53 -65.32 -0.29 -25.24
C ALA C 53 -65.52 1.13 -25.76
N THR C 54 -64.44 1.87 -25.98
CA THR C 54 -64.56 3.23 -26.48
C THR C 54 -65.16 3.25 -27.89
N MET C 55 -64.73 2.32 -28.74
CA MET C 55 -65.27 2.27 -30.10
C MET C 55 -66.77 1.99 -30.07
N GLU C 56 -67.20 1.05 -29.24
CA GLU C 56 -68.63 0.79 -29.11
C GLU C 56 -69.37 2.00 -28.55
N LYS C 57 -68.75 2.72 -27.62
CA LYS C 57 -69.36 3.94 -27.11
C LYS C 57 -69.55 4.96 -28.21
N LEU C 58 -68.57 5.10 -29.09
CA LEU C 58 -68.64 6.04 -30.22
C LEU C 58 -69.29 5.42 -31.45
N GLN C 59 -69.68 4.15 -31.40
CA GLN C 59 -70.31 3.46 -32.52
C GLN C 59 -69.42 3.52 -33.77
N LEU C 60 -68.26 2.89 -33.65
CA LEU C 60 -67.25 2.87 -34.71
C LEU C 60 -67.09 1.45 -35.24
N PHE C 61 -67.21 1.29 -36.56
CA PHE C 61 -67.01 -0.01 -37.16
C PHE C 61 -65.53 -0.34 -37.24
N ARG C 62 -65.17 -1.56 -36.83
CA ARG C 62 -63.78 -1.98 -36.88
C ARG C 62 -63.31 -2.07 -38.33
N GLY C 63 -62.06 -1.66 -38.56
CA GLY C 63 -61.50 -1.71 -39.89
C GLY C 63 -62.04 -0.65 -40.82
N ASP C 64 -62.63 0.41 -40.30
CA ASP C 64 -63.17 1.51 -41.09
C ASP C 64 -62.30 2.75 -40.90
N THR C 65 -62.61 3.78 -41.67
CA THR C 65 -61.81 5.01 -41.67
C THR C 65 -62.36 6.00 -40.64
N ILE C 66 -61.43 6.68 -39.97
CA ILE C 66 -61.76 7.73 -39.01
C ILE C 66 -60.78 8.88 -39.20
N LEU C 67 -61.13 10.03 -38.62
CA LEU C 67 -60.32 11.23 -38.71
C LEU C 67 -59.90 11.65 -37.30
N ILE C 68 -58.63 12.01 -37.15
CA ILE C 68 -58.06 12.38 -35.87
C ILE C 68 -57.51 13.80 -35.98
N LYS C 69 -57.88 14.64 -35.02
CA LYS C 69 -57.41 16.02 -34.94
C LYS C 69 -56.58 16.18 -33.66
N GLY C 70 -55.43 16.86 -33.80
CA GLY C 70 -54.55 17.09 -32.68
C GLY C 70 -54.39 18.57 -32.37
N LYS C 71 -53.15 19.02 -32.26
CA LYS C 71 -52.85 20.39 -31.91
C LYS C 71 -52.78 21.26 -33.17
N LYS C 72 -52.63 22.57 -32.96
CA LYS C 72 -52.65 23.53 -34.06
C LYS C 72 -53.92 23.33 -34.89
N ARG C 73 -53.78 22.91 -36.14
CA ARG C 73 -54.94 22.61 -36.97
C ARG C 73 -54.73 21.34 -37.80
N LYS C 74 -53.72 20.55 -37.47
CA LYS C 74 -53.41 19.35 -38.24
C LYS C 74 -54.44 18.27 -37.96
N ASP C 75 -54.65 17.42 -38.96
CA ASP C 75 -55.53 16.27 -38.83
C ASP C 75 -55.08 15.19 -39.80
N THR C 76 -55.48 13.96 -39.51
CA THR C 76 -55.11 12.81 -40.32
C THR C 76 -56.31 11.88 -40.46
N VAL C 77 -56.21 10.99 -41.43
CA VAL C 77 -57.22 9.98 -41.70
C VAL C 77 -56.56 8.62 -41.56
N CYS C 78 -57.11 7.77 -40.71
CA CYS C 78 -56.50 6.48 -40.42
C CYS C 78 -57.58 5.42 -40.20
N ILE C 79 -57.19 4.16 -40.41
CA ILE C 79 -58.10 3.04 -40.22
C ILE C 79 -57.96 2.54 -38.78
N ALA C 80 -59.10 2.40 -38.10
CA ALA C 80 -59.12 1.98 -36.71
C ALA C 80 -59.22 0.47 -36.59
N LEU C 81 -58.81 -0.03 -35.42
CA LEU C 81 -58.86 -1.45 -35.13
C LEU C 81 -59.07 -1.65 -33.64
N ALA C 82 -59.45 -2.87 -33.29
CA ALA C 82 -59.76 -3.24 -31.91
C ALA C 82 -58.51 -3.75 -31.21
N ASP C 83 -58.30 -3.33 -29.97
CA ASP C 83 -57.18 -3.81 -29.16
C ASP C 83 -57.59 -3.69 -27.70
N GLU C 84 -57.91 -4.84 -27.09
CA GLU C 84 -58.35 -4.83 -25.70
C GLU C 84 -57.24 -4.43 -24.73
N THR C 85 -55.98 -4.48 -25.16
CA THR C 85 -54.88 -4.10 -24.27
C THR C 85 -54.97 -2.63 -23.89
N CYS C 86 -55.34 -1.78 -24.84
CA CYS C 86 -55.41 -0.34 -24.56
C CYS C 86 -56.53 -0.06 -23.56
N GLU C 87 -56.45 1.12 -22.95
CA GLU C 87 -57.45 1.58 -22.02
C GLU C 87 -58.45 2.50 -22.72
N GLU C 88 -59.64 2.62 -22.13
CA GLU C 88 -60.68 3.47 -22.72
C GLU C 88 -60.21 4.91 -22.92
N PRO C 89 -59.60 5.57 -21.94
CA PRO C 89 -59.26 6.99 -22.11
C PRO C 89 -58.03 7.24 -22.94
N LYS C 90 -57.49 6.24 -23.64
CA LYS C 90 -56.25 6.39 -24.38
C LYS C 90 -56.37 5.76 -25.76
N ILE C 91 -55.57 6.27 -26.68
CA ILE C 91 -55.46 5.75 -28.04
C ILE C 91 -53.98 5.58 -28.36
N ARG C 92 -53.67 4.54 -29.12
CA ARG C 92 -52.29 4.19 -29.44
C ARG C 92 -51.99 4.50 -30.89
N MET C 93 -50.91 5.24 -31.13
CA MET C 93 -50.47 5.59 -32.47
C MET C 93 -48.96 5.53 -32.54
N ASN C 94 -48.45 5.37 -33.75
CA ASN C 94 -47.01 5.32 -33.99
C ASN C 94 -46.47 6.73 -34.17
N LYS C 95 -45.14 6.84 -34.20
CA LYS C 95 -44.51 8.15 -34.25
C LYS C 95 -44.88 8.91 -35.52
N VAL C 96 -45.19 8.20 -36.60
CA VAL C 96 -45.52 8.88 -37.85
C VAL C 96 -46.80 9.69 -37.69
N VAL C 97 -47.85 9.05 -37.17
CA VAL C 97 -49.14 9.73 -37.03
C VAL C 97 -49.03 10.85 -36.01
N ARG C 98 -48.30 10.63 -34.92
CA ARG C 98 -48.11 11.67 -33.93
C ARG C 98 -47.39 12.88 -34.53
N SER C 99 -46.36 12.63 -35.34
CA SER C 99 -45.66 13.73 -36.00
C SER C 99 -46.58 14.46 -36.95
N ASN C 100 -47.41 13.74 -37.69
CA ASN C 100 -48.38 14.40 -38.57
C ASN C 100 -49.34 15.27 -37.77
N LEU C 101 -49.66 14.87 -36.54
CA LEU C 101 -50.59 15.60 -35.69
C LEU C 101 -49.90 16.61 -34.78
N ARG C 102 -48.57 16.68 -34.80
CA ARG C 102 -47.83 17.61 -33.96
C ARG C 102 -48.18 17.42 -32.48
N VAL C 103 -48.37 16.17 -32.08
CA VAL C 103 -48.75 15.83 -30.71
C VAL C 103 -47.70 14.88 -30.15
N ARG C 104 -47.21 15.18 -28.96
CA ARG C 104 -46.35 14.29 -28.22
C ARG C 104 -47.18 13.32 -27.39
N LEU C 105 -46.50 12.42 -26.69
CA LEU C 105 -47.19 11.53 -25.77
C LEU C 105 -47.69 12.32 -24.56
N GLY C 106 -48.89 11.96 -24.09
CA GLY C 106 -49.54 12.68 -23.02
C GLY C 106 -50.51 13.75 -23.47
N ASP C 107 -50.51 14.10 -24.76
CA ASP C 107 -51.46 15.05 -25.30
C ASP C 107 -52.81 14.36 -25.54
N VAL C 108 -53.80 15.17 -25.90
CA VAL C 108 -55.16 14.71 -26.13
C VAL C 108 -55.55 15.01 -27.57
N ILE C 109 -56.23 14.05 -28.20
CA ILE C 109 -56.65 14.15 -29.59
C ILE C 109 -58.13 13.83 -29.67
N SER C 110 -58.78 14.35 -30.71
CA SER C 110 -60.20 14.16 -30.94
C SER C 110 -60.39 13.25 -32.15
N VAL C 111 -61.36 12.34 -32.04
CA VAL C 111 -61.61 11.32 -33.06
C VAL C 111 -63.03 11.50 -33.57
N HIS C 112 -63.19 11.43 -34.90
CA HIS C 112 -64.49 11.57 -35.54
C HIS C 112 -64.65 10.48 -36.60
N GLN C 113 -65.80 9.81 -36.58
CA GLN C 113 -66.09 8.81 -37.61
C GLN C 113 -66.18 9.47 -38.98
N CYS C 114 -65.55 8.84 -39.97
CA CYS C 114 -65.54 9.35 -41.34
C CYS C 114 -65.55 8.17 -42.31
N PRO C 115 -66.61 7.36 -42.29
CA PRO C 115 -66.71 6.25 -43.24
C PRO C 115 -66.99 6.68 -44.67
N ASP C 116 -67.30 7.96 -44.90
CA ASP C 116 -67.60 8.46 -46.23
C ASP C 116 -66.36 8.73 -47.06
N VAL C 117 -65.16 8.38 -46.56
CA VAL C 117 -63.94 8.63 -47.32
C VAL C 117 -64.02 7.94 -48.67
N LYS C 118 -63.53 8.62 -49.70
CA LYS C 118 -63.64 8.15 -51.07
C LYS C 118 -62.27 7.74 -51.60
N TYR C 119 -62.27 6.73 -52.46
CA TYR C 119 -61.04 6.32 -53.13
C TYR C 119 -60.54 7.45 -54.03
N GLY C 120 -59.22 7.63 -54.06
CA GLY C 120 -58.63 8.70 -54.83
C GLY C 120 -58.23 8.25 -56.22
N LYS C 121 -58.49 9.12 -57.21
CA LYS C 121 -58.13 8.80 -58.58
C LYS C 121 -56.65 9.00 -58.85
N ARG C 122 -56.01 9.96 -58.19
CA ARG C 122 -54.59 10.24 -58.39
C ARG C 122 -54.02 10.83 -57.12
N VAL C 123 -52.76 10.50 -56.84
CA VAL C 123 -52.03 11.04 -55.70
C VAL C 123 -50.64 11.44 -56.17
N HIS C 124 -50.25 12.68 -55.91
CA HIS C 124 -48.92 13.18 -56.22
C HIS C 124 -48.12 13.19 -54.91
N ILE C 125 -47.09 12.34 -54.87
CA ILE C 125 -46.26 12.16 -53.69
C ILE C 125 -44.80 12.34 -54.08
N LEU C 126 -44.04 13.03 -53.23
CA LEU C 126 -42.63 13.29 -53.46
C LEU C 126 -41.87 12.94 -52.20
N PRO C 127 -40.58 12.65 -52.31
CA PRO C 127 -39.76 12.39 -51.12
C PRO C 127 -39.20 13.68 -50.55
N VAL C 128 -38.45 13.53 -49.46
CA VAL C 128 -37.80 14.65 -48.79
C VAL C 128 -36.33 14.65 -49.16
N ASP C 129 -35.75 15.86 -49.23
CA ASP C 129 -34.36 15.99 -49.66
C ASP C 129 -33.41 15.34 -48.67
N ASP C 130 -33.58 15.62 -47.38
CA ASP C 130 -32.63 15.13 -46.38
C ASP C 130 -32.63 13.60 -46.32
N THR C 131 -33.80 12.99 -46.34
CA THR C 131 -33.89 11.54 -46.18
C THR C 131 -33.47 10.81 -47.46
N VAL C 132 -33.69 11.41 -48.62
CA VAL C 132 -33.41 10.75 -49.90
C VAL C 132 -32.04 11.14 -50.44
N GLU C 133 -31.22 11.85 -49.65
CA GLU C 133 -29.91 12.23 -50.11
C GLU C 133 -29.10 11.00 -50.51
N GLY C 134 -28.45 11.07 -51.65
CA GLY C 134 -27.72 9.91 -52.17
C GLY C 134 -28.56 9.09 -53.13
N VAL C 135 -29.21 8.06 -52.61
CA VAL C 135 -30.00 7.13 -53.42
C VAL C 135 -30.85 7.89 -54.43
N THR C 136 -30.82 7.43 -55.68
CA THR C 136 -31.62 8.02 -56.74
C THR C 136 -31.98 6.95 -57.74
N GLY C 137 -33.07 7.18 -58.47
CA GLY C 137 -33.55 6.23 -59.45
C GLY C 137 -35.05 6.08 -59.45
N ASN C 138 -35.54 4.87 -59.70
CA ASN C 138 -36.97 4.60 -59.75
C ASN C 138 -37.47 4.35 -58.33
N LEU C 139 -37.63 5.44 -57.59
CA LEU C 139 -38.10 5.34 -56.21
C LEU C 139 -39.49 4.75 -56.13
N PHE C 140 -40.31 4.97 -57.15
CA PHE C 140 -41.70 4.51 -57.10
C PHE C 140 -41.78 3.02 -56.84
N ASP C 141 -41.31 2.21 -57.80
CA ASP C 141 -41.41 0.76 -57.64
C ASP C 141 -40.55 0.28 -56.47
N ALA C 142 -39.50 1.02 -56.12
CA ALA C 142 -38.62 0.58 -55.06
C ALA C 142 -39.30 0.65 -53.69
N TYR C 143 -40.00 1.75 -53.42
CA TYR C 143 -40.57 1.99 -52.09
C TYR C 143 -42.09 2.04 -52.10
N LEU C 144 -42.70 2.88 -52.94
CA LEU C 144 -44.12 3.15 -52.81
C LEU C 144 -44.96 1.96 -53.24
N LYS C 145 -44.60 1.30 -54.35
CA LYS C 145 -45.45 0.23 -54.86
C LYS C 145 -45.61 -0.90 -53.87
N PRO C 146 -44.55 -1.42 -53.23
CA PRO C 146 -44.78 -2.40 -52.15
C PRO C 146 -45.61 -1.84 -51.01
N TYR C 147 -45.50 -0.54 -50.75
CA TYR C 147 -46.15 0.07 -49.59
C TYR C 147 -47.65 0.24 -49.80
N PHE C 148 -48.10 0.33 -51.05
CA PHE C 148 -49.51 0.54 -51.35
C PHE C 148 -50.16 -0.62 -52.10
N LEU C 149 -49.36 -1.56 -52.62
CA LEU C 149 -49.92 -2.59 -53.49
C LEU C 149 -50.91 -3.48 -52.76
N GLU C 150 -50.58 -3.88 -51.53
CA GLU C 150 -51.38 -4.89 -50.84
C GLU C 150 -52.61 -4.26 -50.18
N ALA C 151 -52.39 -3.32 -49.26
CA ALA C 151 -53.47 -2.78 -48.45
C ALA C 151 -53.97 -1.45 -49.00
N TYR C 152 -55.27 -1.21 -48.84
CA TYR C 152 -55.86 0.08 -49.16
C TYR C 152 -55.59 1.03 -47.99
N ARG C 153 -54.75 2.03 -48.22
CA ARG C 153 -54.24 2.86 -47.15
C ARG C 153 -54.82 4.26 -47.24
N PRO C 154 -55.25 4.85 -46.12
CA PRO C 154 -55.69 6.25 -46.16
C PRO C 154 -54.52 7.20 -46.34
N VAL C 155 -54.83 8.37 -46.90
CA VAL C 155 -53.83 9.40 -47.16
C VAL C 155 -54.48 10.75 -46.99
N ARG C 156 -53.70 11.69 -46.45
CA ARG C 156 -54.16 13.05 -46.20
C ARG C 156 -53.07 14.01 -46.66
N LYS C 157 -53.48 15.09 -47.33
CA LYS C 157 -52.53 16.04 -47.88
C LYS C 157 -51.67 16.63 -46.76
N GLY C 158 -50.39 16.81 -47.07
CA GLY C 158 -49.44 17.40 -46.14
C GLY C 158 -48.84 16.43 -45.16
N ASP C 159 -49.25 15.17 -45.17
CA ASP C 159 -48.74 14.17 -44.25
C ASP C 159 -47.51 13.48 -44.82
N LEU C 160 -46.61 13.08 -43.93
CA LEU C 160 -45.40 12.37 -44.30
C LEU C 160 -45.48 10.94 -43.79
N PHE C 161 -45.17 9.99 -44.65
CA PHE C 161 -45.13 8.58 -44.26
C PHE C 161 -43.75 8.01 -44.54
N LEU C 162 -43.36 7.05 -43.70
CA LEU C 162 -42.00 6.50 -43.71
C LEU C 162 -42.02 5.10 -44.32
N VAL C 163 -41.09 4.87 -45.24
CA VAL C 163 -40.94 3.57 -45.90
C VAL C 163 -39.52 3.09 -45.66
N ARG C 164 -39.39 1.86 -45.16
CA ARG C 164 -38.10 1.30 -44.78
C ARG C 164 -37.62 0.31 -45.84
N GLY C 165 -36.35 0.42 -46.20
CA GLY C 165 -35.75 -0.47 -47.18
C GLY C 165 -34.39 0.00 -47.63
N GLY C 166 -33.61 -0.89 -48.23
CA GLY C 166 -32.30 -0.51 -48.72
C GLY C 166 -31.41 0.06 -47.65
N MET C 167 -31.51 -0.45 -46.43
CA MET C 167 -30.72 0.01 -45.30
C MET C 167 -30.95 1.50 -45.03
N ARG C 168 -32.14 2.00 -45.36
CA ARG C 168 -32.47 3.38 -45.07
C ARG C 168 -33.98 3.55 -45.01
N SER C 169 -34.40 4.61 -44.35
CA SER C 169 -35.80 4.99 -44.26
C SER C 169 -36.03 6.27 -45.06
N VAL C 170 -37.06 6.27 -45.89
CA VAL C 170 -37.37 7.38 -46.78
C VAL C 170 -38.71 7.96 -46.36
N GLU C 171 -38.75 9.28 -46.18
CA GLU C 171 -39.96 9.99 -45.82
C GLU C 171 -40.57 10.59 -47.07
N PHE C 172 -41.82 10.23 -47.36
CA PHE C 172 -42.55 10.72 -48.52
C PHE C 172 -43.68 11.62 -48.05
N LYS C 173 -43.69 12.85 -48.56
CA LYS C 173 -44.73 13.83 -48.26
C LYS C 173 -45.76 13.84 -49.38
N VAL C 174 -47.04 13.78 -49.01
CA VAL C 174 -48.13 13.74 -49.97
C VAL C 174 -48.36 15.18 -50.46
N ILE C 175 -47.88 15.48 -51.67
CA ILE C 175 -48.01 16.82 -52.20
C ILE C 175 -49.47 17.12 -52.54
N GLU C 176 -50.16 16.19 -53.19
CA GLU C 176 -51.53 16.45 -53.62
C GLU C 176 -52.32 15.15 -53.64
N THR C 177 -53.62 15.26 -53.39
CA THR C 177 -54.52 14.11 -53.38
C THR C 177 -55.82 14.48 -54.09
N ASP C 178 -56.50 13.46 -54.58
CA ASP C 178 -57.80 13.60 -55.20
C ASP C 178 -58.75 12.54 -54.64
N PRO C 179 -60.07 12.80 -54.66
CA PRO C 179 -60.74 14.01 -55.14
C PRO C 179 -60.69 15.13 -54.10
N ALA C 180 -60.33 14.81 -52.86
CA ALA C 180 -60.22 15.77 -51.78
C ALA C 180 -58.91 15.54 -51.04
N GLU C 181 -58.67 16.35 -50.01
CA GLU C 181 -57.44 16.22 -49.24
C GLU C 181 -57.32 14.84 -48.60
N TYR C 182 -58.45 14.21 -48.30
CA TYR C 182 -58.48 12.86 -47.74
C TYR C 182 -58.86 11.87 -48.83
N CYS C 183 -58.08 10.80 -48.96
CA CYS C 183 -58.33 9.81 -50.00
C CYS C 183 -57.87 8.44 -49.50
N VAL C 184 -58.23 7.40 -50.24
CA VAL C 184 -57.78 6.05 -49.97
C VAL C 184 -57.10 5.51 -51.22
N VAL C 185 -55.86 5.06 -51.07
CA VAL C 185 -55.10 4.55 -52.20
C VAL C 185 -55.62 3.16 -52.58
N ALA C 186 -55.79 2.94 -53.87
CA ALA C 186 -56.28 1.68 -54.42
C ALA C 186 -55.37 1.26 -55.56
N PRO C 187 -55.42 -0.02 -55.95
CA PRO C 187 -54.56 -0.47 -57.06
C PRO C 187 -54.73 0.34 -58.33
N ASP C 188 -55.97 0.72 -58.66
CA ASP C 188 -56.21 1.50 -59.87
C ASP C 188 -55.79 2.96 -59.72
N THR C 189 -55.55 3.42 -58.50
CA THR C 189 -55.16 4.81 -58.29
C THR C 189 -53.81 5.10 -58.93
N GLU C 190 -53.70 6.28 -59.52
CA GLU C 190 -52.44 6.73 -60.11
C GLU C 190 -51.54 7.33 -59.04
N ILE C 191 -50.24 7.07 -59.14
CA ILE C 191 -49.25 7.60 -58.23
C ILE C 191 -48.22 8.35 -59.05
N PHE C 192 -47.98 9.61 -58.69
CA PHE C 192 -47.05 10.49 -59.42
C PHE C 192 -45.91 10.87 -58.49
N CYS C 193 -44.70 10.43 -58.83
CA CYS C 193 -43.51 10.69 -58.03
C CYS C 193 -42.35 11.13 -58.91
N GLU C 194 -42.65 11.93 -59.93
CA GLU C 194 -41.63 12.43 -60.84
C GLU C 194 -41.08 13.80 -60.44
N GLY C 195 -41.57 14.39 -59.35
CA GLY C 195 -41.13 15.70 -58.95
C GLY C 195 -39.81 15.68 -58.20
N GLU C 196 -39.31 16.88 -57.92
CA GLU C 196 -38.04 17.04 -57.23
C GLU C 196 -38.22 16.87 -55.72
N PRO C 197 -37.12 16.67 -55.00
CA PRO C 197 -37.22 16.55 -53.54
C PRO C 197 -37.84 17.79 -52.92
N VAL C 198 -38.61 17.56 -51.86
CA VAL C 198 -39.31 18.62 -51.14
C VAL C 198 -38.58 18.89 -49.84
N LYS C 199 -38.59 20.15 -49.42
CA LYS C 199 -37.92 20.54 -48.19
C LYS C 199 -38.67 20.02 -46.97
N ARG C 200 -37.97 20.02 -45.83
CA ARG C 200 -38.55 19.49 -44.60
C ARG C 200 -39.58 20.45 -44.02
N GLU C 201 -39.37 21.76 -44.20
CA GLU C 201 -40.26 22.80 -43.71
C GLU C 201 -40.68 22.54 -42.26
N ASP C 202 -39.69 22.59 -41.39
CA ASP C 202 -39.81 22.53 -39.93
C ASP C 202 -40.38 21.21 -39.44
N GLU C 203 -40.55 20.23 -40.31
CA GLU C 203 -40.97 18.90 -39.87
C GLU C 203 -39.86 18.24 -39.06
N GLU C 204 -40.26 17.37 -38.14
CA GLU C 204 -39.32 16.65 -37.31
C GLU C 204 -38.86 15.37 -38.00
N ARG C 205 -37.61 14.99 -37.73
CA ARG C 205 -37.07 13.76 -38.29
C ARG C 205 -37.86 12.56 -37.77
N LEU C 206 -38.54 11.86 -38.67
CA LEU C 206 -39.28 10.66 -38.26
C LEU C 206 -38.37 9.52 -37.84
N ASP C 207 -37.08 9.62 -38.13
CA ASP C 207 -36.10 8.63 -37.69
C ASP C 207 -35.47 8.98 -36.35
N ASP C 208 -35.90 10.08 -35.72
CA ASP C 208 -35.39 10.41 -34.40
C ASP C 208 -35.65 9.28 -33.42
N VAL C 209 -34.78 9.15 -32.43
CA VAL C 209 -34.89 8.06 -31.48
C VAL C 209 -36.17 8.22 -30.68
N GLY C 210 -36.90 7.12 -30.54
CA GLY C 210 -38.13 7.11 -29.76
C GLY C 210 -38.24 5.85 -28.92
N TYR C 211 -39.40 5.63 -28.31
CA TYR C 211 -39.57 4.42 -27.51
C TYR C 211 -39.59 3.17 -28.40
N ASP C 212 -39.90 3.33 -29.68
CA ASP C 212 -39.88 2.22 -30.62
C ASP C 212 -38.49 1.89 -31.13
N ASP C 213 -37.51 2.79 -30.93
CA ASP C 213 -36.13 2.53 -31.29
C ASP C 213 -35.31 1.99 -30.13
N VAL C 214 -35.94 1.66 -29.02
CA VAL C 214 -35.27 1.09 -27.86
C VAL C 214 -35.95 -0.24 -27.55
N GLY C 215 -35.14 -1.29 -27.45
CA GLY C 215 -35.67 -2.62 -27.16
C GLY C 215 -34.90 -3.27 -26.03
N GLY C 216 -35.56 -4.24 -25.41
CA GLY C 216 -35.01 -4.93 -24.27
C GLY C 216 -35.24 -4.24 -22.94
N VAL C 217 -35.90 -3.09 -22.95
CA VAL C 217 -36.18 -2.33 -21.74
C VAL C 217 -37.64 -1.88 -21.83
N ARG C 218 -38.53 -2.62 -21.16
CA ARG C 218 -39.93 -2.26 -21.06
C ARG C 218 -40.32 -1.83 -19.66
N LYS C 219 -39.82 -2.52 -18.64
CA LYS C 219 -40.06 -2.12 -17.25
C LYS C 219 -39.34 -0.82 -16.93
N GLN C 220 -38.04 -0.76 -17.25
CA GLN C 220 -37.27 0.45 -16.95
C GLN C 220 -37.81 1.64 -17.73
N MET C 221 -38.14 1.44 -19.00
CA MET C 221 -38.69 2.53 -19.81
C MET C 221 -40.04 2.96 -19.26
N ALA C 222 -40.82 2.02 -18.76
CA ALA C 222 -42.10 2.37 -18.15
C ALA C 222 -41.90 3.23 -16.91
N GLN C 223 -40.94 2.88 -16.06
CA GLN C 223 -40.64 3.71 -14.90
C GLN C 223 -40.20 5.10 -15.32
N ILE C 224 -39.33 5.18 -16.31
CA ILE C 224 -38.83 6.48 -16.76
C ILE C 224 -39.98 7.31 -17.30
N ARG C 225 -40.86 6.71 -18.09
CA ARG C 225 -42.01 7.43 -18.61
C ARG C 225 -42.89 7.95 -17.48
N GLU C 226 -43.22 7.08 -16.52
CA GLU C 226 -44.10 7.49 -15.43
C GLU C 226 -43.48 8.62 -14.62
N LEU C 227 -42.15 8.64 -14.49
CA LEU C 227 -41.50 9.72 -13.76
C LEU C 227 -41.46 11.01 -14.54
N VAL C 228 -41.23 10.94 -15.86
CA VAL C 228 -40.86 12.10 -16.65
C VAL C 228 -42.05 12.70 -17.39
N GLU C 229 -42.81 11.88 -18.11
CA GLU C 229 -43.84 12.41 -19.00
C GLU C 229 -44.88 13.19 -18.23
N LEU C 230 -45.29 12.69 -17.06
CA LEU C 230 -46.37 13.35 -16.32
C LEU C 230 -46.03 14.79 -15.93
N PRO C 231 -44.89 15.07 -15.31
CA PRO C 231 -44.57 16.47 -14.97
C PRO C 231 -44.25 17.35 -16.18
N LEU C 232 -43.40 16.85 -17.07
CA LEU C 232 -42.95 17.69 -18.19
C LEU C 232 -44.12 18.09 -19.08
N ARG C 233 -45.01 17.15 -19.40
CA ARG C 233 -46.16 17.47 -20.23
C ARG C 233 -47.19 18.29 -19.46
N HIS C 234 -47.29 18.08 -18.15
CA HIS C 234 -48.30 18.74 -17.31
C HIS C 234 -47.62 19.34 -16.09
N PRO C 235 -46.81 20.39 -16.30
CA PRO C 235 -46.13 21.03 -15.17
C PRO C 235 -47.08 21.90 -14.35
N GLN C 236 -48.06 22.50 -15.03
CA GLN C 236 -49.01 23.37 -14.33
C GLN C 236 -49.79 22.59 -13.28
N LEU C 237 -50.25 21.39 -13.62
CA LEU C 237 -50.99 20.58 -12.67
C LEU C 237 -50.13 20.23 -11.47
N PHE C 238 -48.86 19.89 -11.70
CA PHE C 238 -47.99 19.49 -10.60
C PHE C 238 -47.67 20.67 -9.70
N LYS C 239 -47.44 21.85 -10.27
CA LYS C 239 -47.16 23.01 -9.43
C LYS C 239 -48.40 23.49 -8.70
N SER C 240 -49.59 23.21 -9.26
CA SER C 240 -50.83 23.55 -8.55
C SER C 240 -51.12 22.56 -7.43
N ILE C 241 -50.80 21.28 -7.62
CA ILE C 241 -51.06 20.28 -6.58
C ILE C 241 -50.23 20.59 -5.34
N GLY C 242 -48.95 20.90 -5.53
CA GLY C 242 -48.05 21.16 -4.43
C GLY C 242 -47.12 20.01 -4.09
N VAL C 243 -47.35 18.83 -4.65
CA VAL C 243 -46.48 17.69 -4.41
C VAL C 243 -45.22 17.83 -5.25
N LYS C 244 -44.09 17.41 -4.68
CA LYS C 244 -42.81 17.52 -5.34
C LYS C 244 -42.40 16.18 -5.94
N PRO C 245 -42.34 16.05 -7.26
CA PRO C 245 -41.88 14.78 -7.85
C PRO C 245 -40.37 14.70 -7.85
N PRO C 246 -39.80 13.50 -7.98
CA PRO C 246 -38.35 13.39 -8.04
C PRO C 246 -37.78 14.02 -9.30
N LYS C 247 -36.56 14.56 -9.16
CA LYS C 247 -35.85 15.16 -10.27
C LYS C 247 -34.54 14.47 -10.61
N GLY C 248 -33.99 13.66 -9.71
CA GLY C 248 -32.72 13.01 -9.94
C GLY C 248 -32.85 11.58 -10.41
N ILE C 249 -32.45 11.34 -11.66
CA ILE C 249 -32.52 10.03 -12.28
C ILE C 249 -31.11 9.64 -12.70
N LEU C 250 -30.72 8.41 -12.39
CA LEU C 250 -29.40 7.89 -12.70
C LEU C 250 -29.55 6.56 -13.40
N LEU C 251 -29.25 6.53 -14.69
CA LEU C 251 -29.27 5.30 -15.47
C LEU C 251 -27.91 4.65 -15.41
N TYR C 252 -27.82 3.50 -14.74
CA TYR C 252 -26.56 2.78 -14.62
C TYR C 252 -26.69 1.42 -15.28
N GLY C 253 -25.65 1.02 -16.01
CA GLY C 253 -25.65 -0.23 -16.72
C GLY C 253 -24.37 -0.41 -17.52
N PRO C 254 -24.16 -1.61 -18.05
CA PRO C 254 -22.94 -1.87 -18.83
C PRO C 254 -22.91 -1.04 -20.09
N PRO C 255 -21.72 -0.70 -20.60
CA PRO C 255 -21.63 0.08 -21.84
C PRO C 255 -22.30 -0.65 -23.00
N GLY C 256 -22.97 0.13 -23.84
CA GLY C 256 -23.69 -0.40 -24.98
C GLY C 256 -25.11 -0.82 -24.69
N SER C 257 -25.60 -0.59 -23.47
CA SER C 257 -26.92 -1.04 -23.06
C SER C 257 -28.00 0.01 -23.25
N GLY C 258 -27.66 1.18 -23.78
CA GLY C 258 -28.60 2.26 -23.90
C GLY C 258 -28.14 3.50 -23.17
N LYS C 259 -28.90 3.91 -22.16
CA LYS C 259 -28.58 5.09 -21.37
C LYS C 259 -28.66 6.36 -22.22
N THR C 260 -27.64 6.60 -23.04
CA THR C 260 -27.69 7.73 -23.96
C THR C 260 -28.88 7.63 -24.89
N LEU C 261 -29.15 6.43 -25.41
CA LEU C 261 -30.28 6.24 -26.29
C LEU C 261 -31.60 6.50 -25.57
N ILE C 262 -31.73 6.03 -24.33
CA ILE C 262 -32.96 6.19 -23.59
C ILE C 262 -33.24 7.68 -23.34
N ALA C 263 -32.20 8.43 -22.97
CA ALA C 263 -32.39 9.85 -22.70
C ALA C 263 -32.82 10.60 -23.95
N ARG C 264 -32.18 10.33 -25.10
CA ARG C 264 -32.60 10.96 -26.34
C ARG C 264 -34.02 10.57 -26.71
N ALA C 265 -34.38 9.30 -26.53
CA ALA C 265 -35.74 8.88 -26.84
C ALA C 265 -36.76 9.61 -25.98
N VAL C 266 -36.48 9.71 -24.68
CA VAL C 266 -37.40 10.40 -23.78
C VAL C 266 -37.50 11.87 -24.15
N ALA C 267 -36.37 12.50 -24.44
CA ALA C 267 -36.39 13.92 -24.80
C ALA C 267 -37.18 14.15 -26.08
N ASN C 268 -36.98 13.31 -27.08
CA ASN C 268 -37.69 13.49 -28.35
C ASN C 268 -39.17 13.20 -28.20
N GLU C 269 -39.53 12.22 -27.35
CA GLU C 269 -40.93 11.88 -27.17
C GLU C 269 -41.67 12.90 -26.32
N THR C 270 -40.96 13.61 -25.44
CA THR C 270 -41.57 14.65 -24.62
C THR C 270 -41.40 16.05 -25.21
N GLY C 271 -40.51 16.22 -26.18
CA GLY C 271 -40.27 17.52 -26.75
C GLY C 271 -39.58 18.49 -25.83
N ALA C 272 -39.14 18.05 -24.65
CA ALA C 272 -38.52 18.94 -23.69
C ALA C 272 -37.15 19.40 -24.19
N PHE C 273 -36.81 20.64 -23.84
CA PHE C 273 -35.51 21.19 -24.20
C PHE C 273 -34.41 20.30 -23.62
N PHE C 274 -33.69 19.61 -24.49
CA PHE C 274 -32.70 18.62 -24.09
C PHE C 274 -31.31 19.22 -24.19
N PHE C 275 -30.62 19.30 -23.06
CA PHE C 275 -29.24 19.78 -23.01
C PHE C 275 -28.35 18.59 -22.66
N CYS C 276 -27.41 18.28 -23.56
CA CYS C 276 -26.54 17.11 -23.42
C CYS C 276 -25.19 17.59 -22.88
N ILE C 277 -25.02 17.47 -21.57
CA ILE C 277 -23.72 17.70 -20.94
C ILE C 277 -22.90 16.42 -21.05
N ASN C 278 -21.70 16.54 -21.61
CA ASN C 278 -20.80 15.40 -21.79
C ASN C 278 -19.62 15.56 -20.84
N GLY C 279 -19.34 14.51 -20.08
CA GLY C 279 -18.30 14.54 -19.09
C GLY C 279 -16.96 14.98 -19.65
N PRO C 280 -16.43 14.25 -20.63
CA PRO C 280 -15.14 14.65 -21.21
C PRO C 280 -15.14 16.04 -21.81
N GLU C 281 -16.25 16.47 -22.40
CA GLU C 281 -16.30 17.82 -22.95
C GLU C 281 -16.12 18.85 -21.85
N ILE C 282 -16.73 18.63 -20.69
CA ILE C 282 -16.55 19.53 -19.56
C ILE C 282 -15.13 19.45 -19.03
N MET C 283 -14.57 18.25 -18.92
CA MET C 283 -13.26 18.06 -18.33
C MET C 283 -12.11 18.49 -19.24
N SER C 284 -12.37 18.71 -20.53
CA SER C 284 -11.33 19.17 -21.43
C SER C 284 -11.14 20.67 -21.39
N LYS C 285 -12.25 21.42 -21.29
CA LYS C 285 -12.18 22.86 -21.29
C LYS C 285 -11.40 23.35 -20.07
N LEU C 286 -10.63 24.43 -20.26
CA LEU C 286 -9.68 24.89 -19.27
C LEU C 286 -10.35 25.12 -17.91
N ALA C 287 -9.54 25.19 -16.86
CA ALA C 287 -10.07 25.40 -15.52
C ALA C 287 -10.86 26.69 -15.45
N GLY C 288 -11.99 26.64 -14.77
CA GLY C 288 -12.90 27.77 -14.66
C GLY C 288 -13.96 27.77 -15.75
N GLU C 289 -13.60 27.29 -16.94
CA GLU C 289 -14.57 27.17 -18.02
C GLU C 289 -15.52 26.00 -17.82
N SER C 290 -15.07 24.94 -17.12
CA SER C 290 -15.95 23.81 -16.84
C SER C 290 -17.11 24.22 -15.95
N GLU C 291 -16.81 24.94 -14.86
CA GLU C 291 -17.86 25.42 -13.98
C GLU C 291 -18.78 26.37 -14.72
N SER C 292 -18.21 27.22 -15.57
CA SER C 292 -19.03 28.15 -16.35
C SER C 292 -19.97 27.40 -17.27
N ASN C 293 -19.48 26.33 -17.90
CA ASN C 293 -20.33 25.56 -18.81
C ASN C 293 -21.46 24.87 -18.04
N LEU C 294 -21.14 24.29 -16.88
CA LEU C 294 -22.19 23.67 -16.07
C LEU C 294 -23.24 24.70 -15.66
N ARG C 295 -22.79 25.87 -15.20
CA ARG C 295 -23.70 26.92 -14.78
C ARG C 295 -24.58 27.37 -15.93
N LYS C 296 -23.99 27.56 -17.11
CA LYS C 296 -24.78 27.98 -18.26
C LYS C 296 -25.79 26.91 -18.66
N ALA C 297 -25.38 25.64 -18.61
CA ALA C 297 -26.30 24.57 -18.95
C ALA C 297 -27.52 24.59 -18.02
N PHE C 298 -27.28 24.65 -16.71
CA PHE C 298 -28.40 24.66 -15.77
C PHE C 298 -29.27 25.90 -15.95
N GLU C 299 -28.64 27.07 -16.14
CA GLU C 299 -29.42 28.29 -16.30
C GLU C 299 -30.28 28.24 -17.56
N GLU C 300 -29.72 27.76 -18.66
CA GLU C 300 -30.49 27.66 -19.90
C GLU C 300 -31.60 26.63 -19.77
N ALA C 301 -31.35 25.54 -19.04
CA ALA C 301 -32.43 24.58 -18.80
C ALA C 301 -33.55 25.22 -18.00
N GLU C 302 -33.21 26.04 -17.00
CA GLU C 302 -34.22 26.73 -16.22
C GLU C 302 -34.96 27.79 -17.03
N LYS C 303 -34.46 28.17 -18.20
CA LYS C 303 -35.12 29.14 -19.05
C LYS C 303 -36.07 28.49 -20.05
N ASN C 304 -35.70 27.30 -20.54
CA ASN C 304 -36.51 26.57 -21.52
C ASN C 304 -37.39 25.51 -20.87
N ALA C 305 -37.88 25.76 -19.66
CA ALA C 305 -38.70 24.79 -18.97
C ALA C 305 -39.97 24.51 -19.76
N PRO C 306 -40.43 23.26 -19.83
CA PRO C 306 -39.86 22.05 -19.23
C PRO C 306 -38.57 21.64 -19.92
N SER C 307 -37.63 21.00 -19.21
CA SER C 307 -36.32 20.74 -19.77
C SER C 307 -35.72 19.50 -19.13
N ILE C 308 -34.63 19.04 -19.72
CA ILE C 308 -33.89 17.87 -19.27
C ILE C 308 -32.40 18.16 -19.40
N ILE C 309 -31.62 17.62 -18.48
CA ILE C 309 -30.18 17.85 -18.43
C ILE C 309 -29.52 16.48 -18.34
N PHE C 310 -29.14 15.93 -19.48
CA PHE C 310 -28.55 14.59 -19.52
C PHE C 310 -27.04 14.70 -19.35
N ILE C 311 -26.54 14.20 -18.22
CA ILE C 311 -25.11 14.27 -17.89
C ILE C 311 -24.53 12.90 -18.21
N ASP C 312 -24.02 12.77 -19.44
CA ASP C 312 -23.37 11.53 -19.83
C ASP C 312 -21.97 11.44 -19.21
N GLU C 313 -21.52 10.21 -18.99
CA GLU C 313 -20.22 9.96 -18.38
C GLU C 313 -20.06 10.79 -17.13
N ILE C 314 -21.03 10.69 -16.21
CA ILE C 314 -20.97 11.46 -14.97
C ILE C 314 -19.94 10.92 -13.99
N ASP C 315 -19.35 9.75 -14.28
CA ASP C 315 -18.29 9.23 -13.43
C ASP C 315 -17.03 10.07 -13.54
N SER C 316 -16.71 10.53 -14.74
CA SER C 316 -15.54 11.39 -14.92
C SER C 316 -15.72 12.72 -14.18
N ILE C 317 -16.93 13.29 -14.26
CA ILE C 317 -17.19 14.55 -13.58
C ILE C 317 -17.10 14.36 -12.06
N ALA C 318 -17.72 13.31 -11.56
CA ALA C 318 -17.92 13.11 -10.13
C ALA C 318 -17.48 11.71 -9.73
N PRO C 319 -16.19 11.41 -9.82
CA PRO C 319 -15.68 10.14 -9.31
C PRO C 319 -15.58 10.15 -7.79
N LYS C 320 -15.30 8.98 -7.24
CA LYS C 320 -15.16 8.86 -5.79
C LYS C 320 -14.00 9.72 -5.30
N ARG C 321 -14.17 10.29 -4.11
CA ARG C 321 -13.10 11.09 -3.54
C ARG C 321 -11.86 10.26 -3.29
N GLU C 322 -12.02 8.98 -2.97
CA GLU C 322 -10.87 8.09 -2.75
C GLU C 322 -10.03 7.93 -4.01
N LYS C 323 -10.55 8.26 -5.17
CA LYS C 323 -9.85 8.11 -6.45
C LYS C 323 -9.34 9.41 -7.02
N THR C 324 -10.15 10.47 -6.97
CA THR C 324 -9.71 11.76 -7.50
C THR C 324 -8.52 12.27 -6.70
N ASN C 325 -7.55 12.86 -7.41
CA ASN C 325 -6.32 13.36 -6.81
C ASN C 325 -6.02 14.77 -7.33
N GLY C 326 -7.04 15.62 -7.34
CA GLY C 326 -6.89 16.95 -7.88
C GLY C 326 -7.87 17.93 -7.25
N GLU C 327 -7.60 19.21 -7.48
CA GLU C 327 -8.42 20.27 -6.90
C GLU C 327 -9.55 20.67 -7.85
N VAL C 328 -9.25 20.81 -9.14
CA VAL C 328 -10.26 21.23 -10.10
C VAL C 328 -11.38 20.20 -10.15
N GLU C 329 -11.04 18.92 -10.05
CA GLU C 329 -12.05 17.88 -10.03
C GLU C 329 -13.00 18.05 -8.86
N ARG C 330 -12.46 18.32 -7.67
CA ARG C 330 -13.30 18.54 -6.51
C ARG C 330 -14.15 19.80 -6.68
N ARG C 331 -13.59 20.85 -7.27
CA ARG C 331 -14.36 22.06 -7.51
C ARG C 331 -15.55 21.78 -8.42
N ILE C 332 -15.33 21.00 -9.48
CA ILE C 332 -16.42 20.70 -10.40
C ILE C 332 -17.46 19.83 -9.72
N VAL C 333 -17.02 18.86 -8.92
CA VAL C 333 -17.96 18.01 -8.19
C VAL C 333 -18.84 18.87 -7.28
N SER C 334 -18.21 19.78 -6.54
CA SER C 334 -18.95 20.63 -5.61
C SER C 334 -19.90 21.56 -6.36
N GLN C 335 -19.47 22.08 -7.51
CA GLN C 335 -20.36 22.93 -8.30
C GLN C 335 -21.57 22.15 -8.77
N LEU C 336 -21.36 20.92 -9.22
CA LEU C 336 -22.49 20.09 -9.65
C LEU C 336 -23.44 19.83 -8.49
N LEU C 337 -22.90 19.52 -7.31
CA LEU C 337 -23.74 19.29 -6.14
C LEU C 337 -24.52 20.54 -5.78
N THR C 338 -23.87 21.71 -5.82
CA THR C 338 -24.55 22.95 -5.50
C THR C 338 -25.69 23.22 -6.49
N LEU C 339 -25.44 22.98 -7.77
CA LEU C 339 -26.48 23.21 -8.77
C LEU C 339 -27.64 22.25 -8.58
N MET C 340 -27.35 20.98 -8.31
CA MET C 340 -28.43 20.03 -8.08
C MET C 340 -29.25 20.42 -6.84
N ASP C 341 -28.58 20.88 -5.78
CA ASP C 341 -29.30 21.34 -4.61
C ASP C 341 -30.16 22.55 -4.94
N GLY C 342 -29.63 23.50 -5.71
CA GLY C 342 -30.40 24.66 -6.11
C GLY C 342 -31.57 24.33 -7.00
N LEU C 343 -31.51 23.21 -7.70
CA LEU C 343 -32.64 22.76 -8.50
C LEU C 343 -33.87 22.42 -7.68
N LYS C 344 -33.82 22.52 -6.35
CA LYS C 344 -35.04 22.41 -5.56
C LYS C 344 -36.01 23.53 -5.91
N SER C 345 -35.50 24.76 -6.03
CA SER C 345 -36.27 25.88 -6.57
C SER C 345 -36.00 25.91 -8.07
N ARG C 346 -36.74 25.09 -8.80
CA ARG C 346 -36.50 24.83 -10.22
C ARG C 346 -37.66 25.37 -11.04
N ALA C 347 -37.57 25.15 -12.35
CA ALA C 347 -38.69 25.33 -13.27
C ALA C 347 -38.82 24.03 -14.07
N HIS C 348 -39.51 23.05 -13.49
CA HIS C 348 -39.80 21.79 -14.15
C HIS C 348 -38.58 21.23 -14.87
N VAL C 349 -37.47 21.12 -14.13
CA VAL C 349 -36.19 20.67 -14.67
C VAL C 349 -35.89 19.29 -14.10
N ILE C 350 -35.53 18.36 -14.98
CA ILE C 350 -35.21 16.99 -14.62
C ILE C 350 -33.78 16.69 -15.03
N VAL C 351 -32.99 16.17 -14.11
CA VAL C 351 -31.61 15.77 -14.37
C VAL C 351 -31.58 14.27 -14.60
N MET C 352 -30.92 13.86 -15.68
CA MET C 352 -30.91 12.46 -16.11
C MET C 352 -29.46 12.06 -16.36
N GLY C 353 -28.78 11.63 -15.31
CA GLY C 353 -27.40 11.20 -15.43
C GLY C 353 -27.28 9.82 -16.03
N ALA C 354 -26.03 9.44 -16.29
CA ALA C 354 -25.73 8.14 -16.86
C ALA C 354 -24.31 7.74 -16.48
N THR C 355 -24.15 6.51 -16.02
CA THR C 355 -22.84 5.99 -15.63
C THR C 355 -22.83 4.49 -15.88
N ASN C 356 -21.63 3.90 -15.90
CA ASN C 356 -21.53 2.47 -16.11
C ASN C 356 -21.99 1.69 -14.89
N ARG C 357 -21.56 2.11 -13.70
CA ARG C 357 -22.00 1.51 -12.46
C ARG C 357 -22.11 2.59 -11.41
N PRO C 358 -23.00 2.42 -10.42
CA PRO C 358 -23.17 3.48 -9.41
C PRO C 358 -21.98 3.61 -8.47
N ASN C 359 -21.15 2.57 -8.34
CA ASN C 359 -20.04 2.62 -7.40
C ASN C 359 -19.04 3.72 -7.77
N SER C 360 -18.74 3.87 -9.06
CA SER C 360 -17.77 4.86 -9.49
C SER C 360 -18.23 6.29 -9.23
N ILE C 361 -19.50 6.51 -8.96
CA ILE C 361 -20.04 7.84 -8.69
C ILE C 361 -19.82 8.18 -7.23
N ASP C 362 -19.60 9.45 -6.96
CA ASP C 362 -19.43 9.89 -5.58
C ASP C 362 -20.72 9.64 -4.80
N PRO C 363 -20.63 9.13 -3.58
CA PRO C 363 -21.86 8.83 -2.82
C PRO C 363 -22.75 10.04 -2.64
N ALA C 364 -22.19 11.24 -2.55
CA ALA C 364 -22.99 12.43 -2.30
C ALA C 364 -24.07 12.60 -3.35
N LEU C 365 -23.84 12.12 -4.57
CA LEU C 365 -24.81 12.28 -5.64
C LEU C 365 -26.02 11.35 -5.51
N ARG C 366 -25.93 10.32 -4.66
CA ARG C 366 -26.99 9.34 -4.51
C ARG C 366 -27.87 9.61 -3.30
N ARG C 367 -28.08 10.89 -2.97
CA ARG C 367 -28.84 11.28 -1.80
C ARG C 367 -30.11 12.03 -2.22
N PHE C 368 -30.86 12.47 -1.21
CA PHE C 368 -32.12 13.14 -1.44
C PHE C 368 -31.90 14.48 -2.14
N GLY C 369 -32.79 14.80 -3.08
CA GLY C 369 -32.68 15.99 -3.90
C GLY C 369 -31.78 15.78 -5.09
N ARG C 370 -30.63 15.16 -4.85
CA ARG C 370 -29.70 14.75 -5.90
C ARG C 370 -30.22 13.45 -6.52
N PHE C 371 -29.35 12.71 -7.21
CA PHE C 371 -29.81 11.56 -7.96
C PHE C 371 -30.32 10.49 -7.00
N ASP C 372 -31.64 10.50 -6.75
CA ASP C 372 -32.27 9.59 -5.80
C ASP C 372 -32.93 8.39 -6.46
N ARG C 373 -33.33 8.50 -7.72
CA ARG C 373 -33.86 7.38 -8.47
C ARG C 373 -32.75 6.78 -9.31
N GLU C 374 -32.61 5.46 -9.25
CA GLU C 374 -31.58 4.75 -10.00
C GLU C 374 -32.24 3.64 -10.81
N ILE C 375 -31.98 3.63 -12.11
CA ILE C 375 -32.56 2.67 -13.04
C ILE C 375 -31.41 1.86 -13.64
N ASP C 376 -31.52 0.54 -13.56
CA ASP C 376 -30.51 -0.36 -14.10
C ASP C 376 -30.90 -0.75 -15.51
N ILE C 377 -30.18 -0.22 -16.49
CA ILE C 377 -30.32 -0.66 -17.87
C ILE C 377 -29.34 -1.82 -18.09
N GLY C 378 -29.77 -3.03 -17.78
CA GLY C 378 -28.89 -4.18 -17.80
C GLY C 378 -28.85 -4.86 -19.16
N VAL C 379 -28.23 -6.03 -19.16
CA VAL C 379 -28.13 -6.85 -20.37
C VAL C 379 -29.52 -7.41 -20.70
N PRO C 380 -30.02 -7.24 -21.92
CA PRO C 380 -31.33 -7.81 -22.25
C PRO C 380 -31.31 -9.33 -22.27
N ASP C 381 -32.46 -9.91 -21.97
CA ASP C 381 -32.64 -11.35 -22.07
C ASP C 381 -32.84 -11.72 -23.54
N GLU C 382 -33.18 -12.98 -23.80
CA GLU C 382 -33.24 -13.46 -25.18
C GLU C 382 -34.25 -12.65 -26.01
N ILE C 383 -35.43 -12.41 -25.44
CA ILE C 383 -36.44 -11.65 -26.17
C ILE C 383 -35.98 -10.22 -26.39
N GLY C 384 -35.24 -9.66 -25.43
CA GLY C 384 -34.70 -8.32 -25.62
C GLY C 384 -33.71 -8.26 -26.77
N ARG C 385 -32.85 -9.27 -26.87
CA ARG C 385 -31.90 -9.33 -27.99
C ARG C 385 -32.65 -9.48 -29.31
N LEU C 386 -33.71 -10.28 -29.32
CA LEU C 386 -34.52 -10.39 -30.52
C LEU C 386 -35.12 -9.05 -30.91
N GLU C 387 -35.62 -8.30 -29.92
CA GLU C 387 -36.19 -6.99 -30.21
C GLU C 387 -35.13 -6.03 -30.75
N VAL C 388 -33.93 -6.07 -30.18
CA VAL C 388 -32.84 -5.23 -30.67
C VAL C 388 -32.52 -5.57 -32.12
N LEU C 389 -32.43 -6.87 -32.42
CA LEU C 389 -32.12 -7.28 -33.78
C LEU C 389 -33.21 -6.85 -34.75
N ARG C 390 -34.47 -6.98 -34.35
CA ARG C 390 -35.56 -6.53 -35.19
C ARG C 390 -35.49 -5.03 -35.43
N ILE C 391 -35.13 -4.27 -34.39
CA ILE C 391 -35.00 -2.82 -34.52
C ILE C 391 -33.89 -2.47 -35.51
N HIS C 392 -32.76 -3.16 -35.43
CA HIS C 392 -31.62 -2.84 -36.27
C HIS C 392 -31.67 -3.52 -37.64
N THR C 393 -32.67 -4.37 -37.89
CA THR C 393 -32.82 -5.01 -39.20
C THR C 393 -34.13 -4.66 -39.86
N LYS C 394 -34.87 -3.66 -39.35
CA LYS C 394 -36.15 -3.30 -39.95
C LYS C 394 -35.97 -2.53 -41.25
N ASN C 395 -34.87 -1.79 -41.38
CA ASN C 395 -34.58 -1.08 -42.61
C ASN C 395 -33.99 -1.98 -43.69
N MET C 396 -33.67 -3.23 -43.36
CA MET C 396 -33.05 -4.16 -44.28
C MET C 396 -34.01 -5.30 -44.60
N LYS C 397 -33.95 -5.77 -45.84
CA LYS C 397 -34.80 -6.87 -46.30
C LYS C 397 -34.08 -8.18 -46.00
N LEU C 398 -34.54 -8.88 -44.96
CA LEU C 398 -33.94 -10.15 -44.58
C LEU C 398 -34.39 -11.25 -45.53
N ALA C 399 -33.45 -12.08 -45.96
CA ALA C 399 -33.77 -13.22 -46.81
C ALA C 399 -34.41 -14.32 -45.98
N GLU C 400 -34.98 -15.31 -46.67
CA GLU C 400 -35.58 -16.43 -45.99
C GLU C 400 -34.52 -17.27 -45.30
N ASP C 401 -34.95 -17.98 -44.25
CA ASP C 401 -34.13 -18.85 -43.42
C ASP C 401 -33.29 -18.03 -42.42
N VAL C 402 -33.39 -16.71 -42.44
CA VAL C 402 -32.69 -15.88 -41.47
C VAL C 402 -33.52 -15.86 -40.18
N ASP C 403 -33.21 -16.77 -39.27
CA ASP C 403 -33.98 -16.95 -38.03
C ASP C 403 -33.36 -16.07 -36.96
N LEU C 404 -33.98 -14.91 -36.72
CA LEU C 404 -33.47 -14.01 -35.68
C LEU C 404 -33.56 -14.63 -34.30
N GLU C 405 -34.49 -15.57 -34.12
CA GLU C 405 -34.56 -16.28 -32.84
C GLU C 405 -33.30 -17.08 -32.58
N ARG C 406 -32.78 -17.73 -33.61
CA ARG C 406 -31.53 -18.48 -33.46
C ARG C 406 -30.39 -17.56 -33.03
N ILE C 407 -30.28 -16.40 -33.69
CA ILE C 407 -29.21 -15.46 -33.37
C ILE C 407 -29.36 -14.96 -31.94
N SER C 408 -30.59 -14.60 -31.55
CA SER C 408 -30.82 -14.12 -30.19
C SER C 408 -30.44 -15.18 -29.17
N LYS C 409 -30.78 -16.44 -29.45
CA LYS C 409 -30.41 -17.51 -28.53
C LYS C 409 -28.91 -17.73 -28.50
N ASP C 410 -28.22 -17.43 -29.60
CA ASP C 410 -26.78 -17.63 -29.70
C ASP C 410 -25.98 -16.39 -29.34
N THR C 411 -26.62 -15.33 -28.87
CA THR C 411 -25.95 -14.06 -28.56
C THR C 411 -25.99 -13.75 -27.07
N HIS C 412 -25.75 -14.74 -26.23
CA HIS C 412 -25.69 -14.50 -24.80
C HIS C 412 -24.52 -13.58 -24.47
N GLY C 413 -24.77 -12.62 -23.59
CA GLY C 413 -23.75 -11.66 -23.21
C GLY C 413 -23.57 -10.50 -24.16
N TYR C 414 -24.46 -10.34 -25.13
CA TYR C 414 -24.36 -9.29 -26.13
C TYR C 414 -25.25 -8.12 -25.72
N VAL C 415 -24.64 -6.97 -25.50
CA VAL C 415 -25.38 -5.74 -25.22
C VAL C 415 -25.84 -5.17 -26.55
N GLY C 416 -26.76 -4.20 -26.50
CA GLY C 416 -27.40 -3.73 -27.72
C GLY C 416 -26.40 -3.24 -28.76
N ALA C 417 -25.28 -2.67 -28.30
CA ALA C 417 -24.27 -2.18 -29.22
C ALA C 417 -23.67 -3.33 -30.01
N ASP C 418 -23.39 -4.46 -29.36
CA ASP C 418 -22.84 -5.61 -30.07
C ASP C 418 -23.82 -6.14 -31.11
N LEU C 419 -25.11 -6.17 -30.76
CA LEU C 419 -26.13 -6.64 -31.69
C LEU C 419 -26.36 -5.69 -32.85
N ALA C 420 -26.14 -4.39 -32.63
CA ALA C 420 -26.16 -3.43 -33.72
C ALA C 420 -24.92 -3.51 -34.58
N ALA C 421 -23.78 -3.89 -34.01
CA ALA C 421 -22.55 -4.03 -34.76
C ALA C 421 -22.54 -5.30 -35.61
N LEU C 422 -23.11 -6.39 -35.10
CA LEU C 422 -23.14 -7.62 -35.90
C LEU C 422 -24.07 -7.48 -37.09
N CYS C 423 -25.20 -6.80 -36.91
CA CYS C 423 -26.08 -6.51 -38.04
C CYS C 423 -25.38 -5.65 -39.07
N THR C 424 -24.62 -4.65 -38.60
CA THR C 424 -23.86 -3.81 -39.51
C THR C 424 -22.82 -4.62 -40.28
N GLU C 425 -22.14 -5.54 -39.59
CA GLU C 425 -21.16 -6.38 -40.26
C GLU C 425 -21.83 -7.25 -41.32
N ALA C 426 -22.99 -7.81 -41.00
CA ALA C 426 -23.71 -8.61 -41.98
C ALA C 426 -24.09 -7.77 -43.20
N ALA C 427 -24.60 -6.55 -42.96
CA ALA C 427 -24.95 -5.68 -44.07
C ALA C 427 -23.74 -5.34 -44.93
N LEU C 428 -22.59 -5.10 -44.28
CA LEU C 428 -21.39 -4.78 -45.02
C LEU C 428 -20.90 -5.99 -45.83
N GLN C 429 -21.05 -7.19 -45.29
CA GLN C 429 -20.70 -8.39 -46.05
C GLN C 429 -21.59 -8.51 -47.27
N CYS C 430 -22.89 -8.27 -47.11
CA CYS C 430 -23.79 -8.31 -48.27
C CYS C 430 -23.40 -7.27 -49.30
N ILE C 431 -23.06 -6.06 -48.85
CA ILE C 431 -22.68 -5.00 -49.77
C ILE C 431 -21.40 -5.38 -50.50
N ARG C 432 -20.43 -5.95 -49.79
CA ARG C 432 -19.19 -6.38 -50.44
C ARG C 432 -19.48 -7.45 -51.48
N GLU C 433 -20.34 -8.42 -51.16
CA GLU C 433 -20.68 -9.46 -52.13
C GLU C 433 -21.33 -8.86 -53.37
N LYS C 434 -22.26 -7.92 -53.18
CA LYS C 434 -22.98 -7.35 -54.31
C LYS C 434 -22.23 -6.23 -55.01
N MET C 435 -21.09 -5.80 -54.48
CA MET C 435 -20.34 -4.71 -55.10
C MET C 435 -19.86 -5.09 -56.51
N ASP C 436 -19.44 -6.34 -56.70
CA ASP C 436 -18.96 -6.75 -58.02
C ASP C 436 -20.02 -6.55 -59.09
N VAL C 437 -21.29 -6.58 -58.73
CA VAL C 437 -22.36 -6.38 -59.70
C VAL C 437 -22.37 -4.93 -60.20
N ILE C 438 -22.21 -3.98 -59.29
CA ILE C 438 -22.35 -2.56 -59.58
C ILE C 438 -20.97 -1.92 -59.60
N ASP C 439 -20.68 -1.16 -60.65
CA ASP C 439 -19.42 -0.45 -60.73
C ASP C 439 -19.29 0.52 -59.56
N LEU C 440 -18.07 0.70 -59.09
CA LEU C 440 -17.79 1.42 -57.85
C LEU C 440 -17.57 2.91 -58.07
N GLU C 441 -17.70 3.41 -59.30
CA GLU C 441 -17.58 4.84 -59.56
C GLU C 441 -18.91 5.57 -59.44
N ASP C 442 -20.02 4.86 -59.49
CA ASP C 442 -21.32 5.52 -59.44
C ASP C 442 -21.50 6.24 -58.10
N ASP C 443 -21.97 7.49 -58.18
CA ASP C 443 -22.18 8.28 -56.97
C ASP C 443 -23.37 7.77 -56.18
N SER C 444 -24.46 7.43 -56.87
CA SER C 444 -25.69 6.96 -56.23
C SER C 444 -26.01 5.56 -56.73
N ILE C 445 -26.39 4.69 -55.80
CA ILE C 445 -26.72 3.31 -56.14
C ILE C 445 -28.19 3.22 -56.51
N ASP C 446 -28.50 2.30 -57.42
CA ASP C 446 -29.89 2.12 -57.85
C ASP C 446 -30.75 1.69 -56.68
N ALA C 447 -31.94 2.29 -56.56
CA ALA C 447 -32.83 1.96 -55.47
C ALA C 447 -33.27 0.49 -55.54
N GLU C 448 -33.54 0.00 -56.75
CA GLU C 448 -33.92 -1.40 -56.89
C GLU C 448 -32.82 -2.32 -56.40
N ILE C 449 -31.56 -1.98 -56.69
CA ILE C 449 -30.44 -2.78 -56.23
C ILE C 449 -30.41 -2.82 -54.71
N LEU C 450 -30.57 -1.66 -54.07
CA LEU C 450 -30.56 -1.62 -52.61
C LEU C 450 -31.69 -2.46 -52.03
N ASN C 451 -32.90 -2.32 -52.58
CA ASN C 451 -34.03 -3.09 -52.07
C ASN C 451 -33.91 -4.58 -52.37
N SER C 452 -33.10 -4.96 -53.35
CA SER C 452 -32.90 -6.36 -53.69
C SER C 452 -31.72 -6.98 -52.95
N MET C 453 -30.97 -6.20 -52.17
CA MET C 453 -29.86 -6.74 -51.39
C MET C 453 -30.43 -7.42 -50.16
N ALA C 454 -30.53 -8.74 -50.22
CA ALA C 454 -31.10 -9.54 -49.14
C ALA C 454 -29.97 -10.16 -48.33
N VAL C 455 -29.99 -9.94 -47.02
CA VAL C 455 -28.96 -10.45 -46.13
C VAL C 455 -29.27 -11.90 -45.81
N THR C 456 -28.30 -12.77 -46.05
CA THR C 456 -28.45 -14.22 -45.85
C THR C 456 -27.98 -14.61 -44.46
N ASN C 457 -28.50 -15.75 -43.99
CA ASN C 457 -28.13 -16.24 -42.67
C ASN C 457 -26.62 -16.47 -42.56
N GLU C 458 -25.96 -16.75 -43.68
CA GLU C 458 -24.51 -16.95 -43.64
C GLU C 458 -23.80 -15.68 -43.18
N HIS C 459 -24.26 -14.53 -43.66
CA HIS C 459 -23.65 -13.27 -43.24
C HIS C 459 -23.76 -13.08 -41.74
N PHE C 460 -24.94 -13.32 -41.18
CA PHE C 460 -25.13 -13.17 -39.75
C PHE C 460 -24.30 -14.19 -38.97
N HIS C 461 -24.20 -15.42 -39.47
CA HIS C 461 -23.39 -16.41 -38.80
C HIS C 461 -21.92 -16.01 -38.76
N THR C 462 -21.40 -15.53 -39.89
CA THR C 462 -20.02 -15.08 -39.92
C THR C 462 -19.80 -13.89 -39.00
N ALA C 463 -20.74 -12.93 -39.01
CA ALA C 463 -20.60 -11.76 -38.15
C ALA C 463 -20.63 -12.17 -36.68
N LEU C 464 -21.51 -13.09 -36.31
CA LEU C 464 -21.56 -13.58 -34.94
C LEU C 464 -20.27 -14.29 -34.56
N GLY C 465 -19.72 -15.08 -35.48
CA GLY C 465 -18.46 -15.75 -35.20
C GLY C 465 -17.32 -14.76 -35.01
N ASN C 466 -17.31 -13.69 -35.80
CA ASN C 466 -16.25 -12.68 -35.71
C ASN C 466 -16.43 -11.73 -34.55
N SER C 467 -17.59 -11.73 -33.90
CA SER C 467 -17.89 -10.83 -32.80
C SER C 467 -17.83 -11.56 -31.46
N ASN C 468 -17.60 -10.81 -30.41
CA ASN C 468 -17.50 -11.35 -29.06
C ASN C 468 -18.37 -10.54 -28.12
N PRO C 469 -18.86 -11.16 -27.04
CA PRO C 469 -19.70 -10.44 -26.08
C PRO C 469 -18.90 -9.42 -25.28
N SER C 470 -19.62 -8.42 -24.79
CA SER C 470 -19.04 -7.36 -23.97
C SER C 470 -19.47 -7.41 -22.51
N ALA C 471 -20.65 -7.96 -22.23
CA ALA C 471 -21.18 -8.04 -20.87
C ALA C 471 -21.27 -9.48 -20.41
N LEU C 472 -20.28 -10.29 -20.80
CA LEU C 472 -20.31 -11.71 -20.45
C LEU C 472 -20.14 -11.94 -18.96
N ARG C 473 -19.32 -11.12 -18.30
CA ARG C 473 -19.05 -11.28 -16.88
C ARG C 473 -20.04 -10.54 -16.00
N GLU C 474 -20.99 -9.82 -16.59
CA GLU C 474 -21.99 -9.10 -15.81
C GLU C 474 -23.06 -10.05 -15.30
N THR C 475 -23.51 -9.81 -14.07
CA THR C 475 -24.59 -10.59 -13.50
C THR C 475 -25.85 -10.41 -14.34
N VAL C 476 -26.55 -11.51 -14.60
CA VAL C 476 -27.69 -11.53 -15.50
C VAL C 476 -28.93 -11.87 -14.69
N VAL C 477 -29.97 -11.05 -14.84
CA VAL C 477 -31.27 -11.29 -14.22
C VAL C 477 -32.24 -11.67 -15.33
N GLU C 478 -32.76 -12.89 -15.26
CA GLU C 478 -33.64 -13.38 -16.30
C GLU C 478 -34.52 -14.49 -15.73
N VAL C 479 -35.57 -14.82 -16.46
CA VAL C 479 -36.44 -15.93 -16.12
C VAL C 479 -35.95 -17.16 -16.88
N PRO C 480 -35.46 -18.20 -16.20
CA PRO C 480 -34.87 -19.33 -16.91
C PRO C 480 -35.91 -20.10 -17.72
N ASN C 481 -35.43 -20.73 -18.78
CA ASN C 481 -36.29 -21.53 -19.66
C ASN C 481 -36.57 -22.92 -19.11
N VAL C 482 -35.82 -23.37 -18.10
CA VAL C 482 -36.00 -24.71 -17.56
C VAL C 482 -37.37 -24.81 -16.90
N SER C 483 -38.07 -25.90 -17.19
CA SER C 483 -39.40 -26.18 -16.63
C SER C 483 -39.35 -27.52 -15.91
N TRP C 484 -40.50 -27.90 -15.34
CA TRP C 484 -40.57 -29.16 -14.60
C TRP C 484 -40.28 -30.35 -15.49
N ASN C 485 -40.70 -30.27 -16.76
CA ASN C 485 -40.52 -31.40 -17.66
C ASN C 485 -39.04 -31.71 -17.90
N ASP C 486 -38.18 -30.69 -17.78
CA ASP C 486 -36.76 -30.91 -18.03
C ASP C 486 -36.13 -31.81 -16.97
N ILE C 487 -36.75 -31.93 -15.80
CA ILE C 487 -36.23 -32.74 -14.70
C ILE C 487 -37.12 -33.96 -14.54
N GLY C 488 -36.51 -35.13 -14.38
CA GLY C 488 -37.22 -36.37 -14.17
C GLY C 488 -37.13 -36.80 -12.72
N GLY C 489 -38.28 -37.14 -12.15
CA GLY C 489 -38.33 -37.57 -10.76
C GLY C 489 -38.34 -36.41 -9.80
N LEU C 490 -37.93 -36.64 -8.56
CA LEU C 490 -37.88 -35.61 -7.54
C LEU C 490 -39.25 -34.97 -7.35
N GLU C 491 -40.28 -35.82 -7.36
CA GLU C 491 -41.65 -35.32 -7.22
C GLU C 491 -41.88 -34.71 -5.83
N ASN C 492 -41.38 -35.36 -4.79
CA ASN C 492 -41.53 -34.81 -3.44
C ASN C 492 -40.79 -33.50 -3.28
N VAL C 493 -39.62 -33.37 -3.93
CA VAL C 493 -38.90 -32.10 -3.90
C VAL C 493 -39.70 -31.03 -4.61
N LYS C 494 -40.35 -31.37 -5.73
CA LYS C 494 -41.21 -30.41 -6.40
C LYS C 494 -42.35 -29.97 -5.47
N ARG C 495 -42.95 -30.93 -4.77
CA ARG C 495 -44.03 -30.59 -3.84
C ARG C 495 -43.54 -29.63 -2.76
N GLU C 496 -42.39 -29.94 -2.15
CA GLU C 496 -41.87 -29.10 -1.09
C GLU C 496 -41.52 -27.71 -1.61
N LEU C 497 -40.94 -27.62 -2.80
CA LEU C 497 -40.58 -26.33 -3.36
C LEU C 497 -41.80 -25.50 -3.69
N GLN C 498 -42.86 -26.14 -4.19
CA GLN C 498 -44.10 -25.42 -4.43
C GLN C 498 -44.70 -24.91 -3.12
N GLU C 499 -44.65 -25.74 -2.07
CA GLU C 499 -45.21 -25.32 -0.79
C GLU C 499 -44.36 -24.25 -0.12
N THR C 500 -43.07 -24.17 -0.45
CA THR C 500 -42.14 -23.31 0.27
C THR C 500 -41.85 -22.01 -0.44
N VAL C 501 -41.94 -21.98 -1.78
CA VAL C 501 -41.53 -20.84 -2.58
C VAL C 501 -42.70 -20.25 -3.35
N GLN C 502 -43.41 -21.07 -4.11
CA GLN C 502 -44.48 -20.56 -4.97
C GLN C 502 -45.59 -19.95 -4.15
N TYR C 503 -46.02 -20.63 -3.08
CA TYR C 503 -47.15 -20.13 -2.31
C TYR C 503 -46.85 -18.80 -1.63
N PRO C 504 -45.70 -18.61 -0.97
CA PRO C 504 -45.39 -17.28 -0.43
C PRO C 504 -45.39 -16.20 -1.49
N VAL C 505 -44.93 -16.50 -2.70
CA VAL C 505 -44.80 -15.47 -3.73
C VAL C 505 -46.16 -15.12 -4.32
N GLU C 506 -46.83 -16.10 -4.92
CA GLU C 506 -48.10 -15.83 -5.58
C GLU C 506 -49.26 -15.66 -4.60
N HIS C 507 -49.12 -16.17 -3.38
CA HIS C 507 -50.18 -16.10 -2.37
C HIS C 507 -49.58 -15.62 -1.05
N PRO C 508 -49.15 -14.37 -0.98
CA PRO C 508 -48.60 -13.85 0.28
C PRO C 508 -49.70 -13.44 1.26
N GLU C 509 -50.86 -13.08 0.71
CA GLU C 509 -51.97 -12.67 1.56
C GLU C 509 -52.40 -13.81 2.48
N LYS C 510 -52.44 -15.03 1.96
CA LYS C 510 -52.81 -16.17 2.79
C LYS C 510 -51.81 -16.38 3.91
N PHE C 511 -50.51 -16.25 3.61
CA PHE C 511 -49.50 -16.41 4.64
C PHE C 511 -49.63 -15.35 5.72
N GLU C 512 -49.86 -14.09 5.31
CA GLU C 512 -50.04 -13.03 6.30
C GLU C 512 -51.28 -13.29 7.14
N LYS C 513 -52.37 -13.76 6.51
CA LYS C 513 -53.60 -14.03 7.25
C LYS C 513 -53.41 -15.15 8.26
N PHE C 514 -52.70 -16.21 7.89
CA PHE C 514 -52.59 -17.37 8.76
C PHE C 514 -51.90 -17.04 10.07
N GLY C 515 -51.14 -15.95 10.13
CA GLY C 515 -50.60 -15.45 11.39
C GLY C 515 -49.10 -15.50 11.55
N MET C 516 -48.36 -16.04 10.57
CA MET C 516 -46.91 -16.05 10.67
C MET C 516 -46.31 -16.06 9.27
N SER C 517 -45.05 -15.67 9.20
CA SER C 517 -44.34 -15.54 7.94
C SER C 517 -43.45 -16.75 7.68
N PRO C 518 -43.26 -17.13 6.42
CA PRO C 518 -42.46 -18.31 6.11
C PRO C 518 -40.97 -18.00 6.16
N SER C 519 -40.18 -19.03 5.87
CA SER C 519 -38.73 -18.91 5.79
C SER C 519 -38.32 -18.77 4.33
N LYS C 520 -37.34 -17.90 4.10
CA LYS C 520 -36.85 -17.60 2.75
C LYS C 520 -35.49 -18.22 2.48
N GLY C 521 -35.15 -19.29 3.18
CA GLY C 521 -33.85 -19.92 3.01
C GLY C 521 -33.94 -21.40 2.77
N VAL C 522 -33.42 -21.84 1.63
CA VAL C 522 -33.41 -23.25 1.24
C VAL C 522 -31.98 -23.66 0.98
N LEU C 523 -31.71 -24.97 1.12
CA LEU C 523 -30.39 -25.52 0.91
C LEU C 523 -30.54 -26.91 0.32
N PHE C 524 -30.24 -27.03 -0.97
CA PHE C 524 -30.20 -28.33 -1.63
C PHE C 524 -28.88 -29.01 -1.32
N TYR C 525 -28.95 -30.27 -0.88
CA TYR C 525 -27.75 -31.07 -0.71
C TYR C 525 -28.01 -32.47 -1.27
N GLY C 526 -26.96 -33.07 -1.81
CA GLY C 526 -27.04 -34.38 -2.38
C GLY C 526 -25.87 -34.66 -3.31
N PRO C 527 -25.87 -35.84 -3.91
CA PRO C 527 -24.80 -36.21 -4.82
C PRO C 527 -24.74 -35.27 -6.01
N PRO C 528 -23.56 -35.06 -6.58
CA PRO C 528 -23.46 -34.21 -7.77
C PRO C 528 -24.20 -34.81 -8.96
N GLY C 529 -24.74 -33.94 -9.80
CA GLY C 529 -25.47 -34.36 -10.98
C GLY C 529 -26.92 -34.70 -10.74
N CYS C 530 -27.43 -34.49 -9.52
CA CYS C 530 -28.80 -34.84 -9.19
C CYS C 530 -29.83 -33.89 -9.77
N GLY C 531 -29.46 -32.64 -10.03
CA GLY C 531 -30.39 -31.70 -10.65
C GLY C 531 -30.81 -30.55 -9.75
N LYS C 532 -29.92 -30.10 -8.88
CA LYS C 532 -30.24 -28.98 -8.00
C LYS C 532 -30.45 -27.69 -8.81
N THR C 533 -29.51 -27.39 -9.72
CA THR C 533 -29.62 -26.18 -10.52
C THR C 533 -30.87 -26.20 -11.39
N LEU C 534 -31.17 -27.34 -12.00
CA LEU C 534 -32.38 -27.45 -12.82
C LEU C 534 -33.64 -27.33 -12.00
N LEU C 535 -33.59 -27.66 -10.71
CA LEU C 535 -34.72 -27.46 -9.82
C LEU C 535 -34.88 -25.99 -9.43
N ALA C 536 -33.79 -25.30 -9.14
CA ALA C 536 -33.89 -23.87 -8.85
C ALA C 536 -34.41 -23.10 -10.06
N LYS C 537 -33.84 -23.37 -11.23
CA LYS C 537 -34.33 -22.73 -12.45
C LYS C 537 -35.78 -23.11 -12.72
N ALA C 538 -36.13 -24.37 -12.48
CA ALA C 538 -37.50 -24.82 -12.75
C ALA C 538 -38.50 -24.09 -11.86
N ILE C 539 -38.19 -23.95 -10.57
CA ILE C 539 -39.10 -23.27 -9.68
C ILE C 539 -39.16 -21.78 -10.02
N ALA C 540 -38.04 -21.19 -10.42
CA ALA C 540 -38.06 -19.79 -10.85
C ALA C 540 -38.97 -19.61 -12.05
N ASN C 541 -38.89 -20.52 -13.03
CA ASN C 541 -39.75 -20.43 -14.19
C ASN C 541 -41.21 -20.63 -13.82
N GLU C 542 -41.49 -21.58 -12.92
CA GLU C 542 -42.87 -21.82 -12.52
C GLU C 542 -43.46 -20.59 -11.83
N CYS C 543 -42.69 -19.95 -10.95
CA CYS C 543 -43.16 -18.75 -10.29
C CYS C 543 -43.07 -17.51 -11.17
N GLN C 544 -42.47 -17.62 -12.35
CA GLN C 544 -42.26 -16.47 -13.23
C GLN C 544 -41.52 -15.36 -12.49
N ALA C 545 -40.57 -15.76 -11.66
CA ALA C 545 -39.74 -14.84 -10.91
C ALA C 545 -38.33 -14.82 -11.50
N ASN C 546 -37.61 -13.75 -11.21
CA ASN C 546 -36.26 -13.60 -11.70
C ASN C 546 -35.35 -14.64 -11.07
N PHE C 547 -34.23 -14.91 -11.73
CA PHE C 547 -33.26 -15.90 -11.27
C PHE C 547 -31.87 -15.33 -11.44
N ILE C 548 -31.11 -15.26 -10.36
CA ILE C 548 -29.73 -14.80 -10.35
C ILE C 548 -28.85 -15.97 -9.96
N SER C 549 -27.93 -16.36 -10.85
CA SER C 549 -27.04 -17.48 -10.61
C SER C 549 -25.69 -16.95 -10.14
N VAL C 550 -25.25 -17.41 -8.97
CA VAL C 550 -23.99 -17.00 -8.38
C VAL C 550 -23.23 -18.25 -7.96
N LYS C 551 -21.95 -18.31 -8.33
CA LYS C 551 -21.09 -19.42 -7.98
C LYS C 551 -19.97 -18.94 -7.08
N GLY C 552 -19.50 -19.84 -6.23
CA GLY C 552 -18.46 -19.54 -5.28
C GLY C 552 -17.19 -19.01 -5.97
N PRO C 553 -16.78 -19.67 -7.04
CA PRO C 553 -15.65 -19.13 -7.82
C PRO C 553 -15.86 -17.71 -8.29
N GLU C 554 -17.09 -17.34 -8.65
CA GLU C 554 -17.35 -15.97 -9.09
C GLU C 554 -17.21 -14.99 -7.93
N LEU C 555 -17.63 -15.39 -6.73
CA LEU C 555 -17.49 -14.53 -5.57
C LEU C 555 -16.03 -14.36 -5.18
N LEU C 556 -15.30 -15.47 -5.09
CA LEU C 556 -13.91 -15.41 -4.63
C LEU C 556 -13.03 -14.63 -5.61
N THR C 557 -13.24 -14.84 -6.92
CA THR C 557 -12.40 -14.20 -7.92
C THR C 557 -12.58 -12.69 -7.99
N MET C 558 -13.44 -12.11 -7.14
CA MET C 558 -13.61 -10.66 -7.05
C MET C 558 -12.41 -10.10 -6.28
N TRP C 559 -11.27 -10.05 -6.97
CA TRP C 559 -10.01 -9.62 -6.37
C TRP C 559 -9.71 -10.41 -5.10
N PHE C 560 -9.97 -11.71 -5.15
CA PHE C 560 -9.78 -12.61 -4.02
C PHE C 560 -10.56 -12.12 -2.80
N GLY C 561 -11.79 -11.65 -3.04
CA GLY C 561 -12.65 -11.19 -1.97
C GLY C 561 -12.38 -9.78 -1.49
N GLU C 562 -11.40 -9.10 -2.06
CA GLU C 562 -11.08 -7.74 -1.59
C GLU C 562 -12.12 -6.74 -2.05
N SER C 563 -12.73 -6.94 -3.23
CA SER C 563 -13.78 -6.07 -3.73
C SER C 563 -15.11 -6.54 -3.13
N GLU C 564 -15.23 -6.35 -1.81
CA GLU C 564 -16.39 -6.85 -1.08
C GLU C 564 -17.68 -6.23 -1.57
N ALA C 565 -17.64 -4.97 -2.01
CA ALA C 565 -18.88 -4.28 -2.41
C ALA C 565 -19.64 -5.07 -3.46
N ASN C 566 -18.92 -5.75 -4.36
CA ASN C 566 -19.60 -6.52 -5.40
C ASN C 566 -20.62 -7.47 -4.81
N VAL C 567 -20.27 -8.15 -3.72
CA VAL C 567 -21.23 -9.06 -3.09
C VAL C 567 -22.48 -8.30 -2.69
N ARG C 568 -22.32 -7.18 -2.00
CA ARG C 568 -23.46 -6.39 -1.61
C ARG C 568 -24.26 -5.90 -2.79
N GLU C 569 -23.64 -5.82 -3.98
CA GLU C 569 -24.40 -5.48 -5.17
C GLU C 569 -25.39 -6.58 -5.51
N ILE C 570 -24.95 -7.84 -5.48
CA ILE C 570 -25.79 -8.92 -5.95
C ILE C 570 -27.11 -8.94 -5.21
N PHE C 571 -27.06 -8.93 -3.87
CA PHE C 571 -28.28 -8.91 -3.10
C PHE C 571 -29.12 -7.69 -3.44
N ASP C 572 -28.48 -6.53 -3.57
CA ASP C 572 -29.22 -5.33 -3.96
C ASP C 572 -29.98 -5.57 -5.25
N LYS C 573 -29.35 -6.27 -6.20
CA LYS C 573 -30.03 -6.56 -7.46
C LYS C 573 -31.28 -7.39 -7.22
N ALA C 574 -31.17 -8.41 -6.36
CA ALA C 574 -32.35 -9.20 -6.02
C ALA C 574 -33.41 -8.34 -5.36
N ARG C 575 -33.01 -7.26 -4.70
CA ARG C 575 -33.98 -6.35 -4.11
C ARG C 575 -34.70 -5.53 -5.18
N GLN C 576 -34.00 -5.21 -6.28
CA GLN C 576 -34.65 -4.48 -7.36
C GLN C 576 -35.53 -5.38 -8.21
N SER C 577 -35.15 -6.65 -8.38
CA SER C 577 -35.83 -7.57 -9.28
C SER C 577 -36.85 -8.44 -8.57
N ALA C 578 -37.31 -8.03 -7.40
CA ALA C 578 -38.28 -8.82 -6.67
C ALA C 578 -39.54 -8.97 -7.50
N PRO C 579 -40.12 -10.18 -7.59
CA PRO C 579 -39.69 -11.44 -6.94
C PRO C 579 -38.43 -12.02 -7.56
N CYS C 580 -37.61 -12.71 -6.77
CA CYS C 580 -36.33 -13.20 -7.26
C CYS C 580 -36.00 -14.51 -6.56
N VAL C 581 -35.12 -15.28 -7.20
CA VAL C 581 -34.62 -16.55 -6.66
C VAL C 581 -33.10 -16.48 -6.79
N LEU C 582 -32.42 -16.09 -5.71
CA LEU C 582 -30.98 -15.90 -5.72
C LEU C 582 -30.31 -17.22 -5.35
N PHE C 583 -29.74 -17.89 -6.35
CA PHE C 583 -29.16 -19.21 -6.20
C PHE C 583 -27.66 -19.11 -5.99
N PHE C 584 -27.14 -19.87 -5.02
CA PHE C 584 -25.72 -19.91 -4.70
C PHE C 584 -25.21 -21.31 -4.96
N ASP C 585 -24.79 -21.57 -6.20
CA ASP C 585 -24.20 -22.84 -6.54
C ASP C 585 -22.75 -22.89 -6.07
N GLU C 586 -22.23 -24.11 -5.93
CA GLU C 586 -20.84 -24.33 -5.55
C GLU C 586 -20.53 -23.64 -4.22
N LEU C 587 -21.39 -23.90 -3.23
CA LEU C 587 -21.17 -23.40 -1.89
C LEU C 587 -20.10 -24.17 -1.14
N ASP C 588 -19.61 -25.29 -1.70
CA ASP C 588 -18.59 -26.08 -1.04
C ASP C 588 -17.22 -25.42 -1.08
N SER C 589 -17.05 -24.34 -1.85
CA SER C 589 -15.77 -23.67 -1.97
C SER C 589 -15.67 -22.41 -1.12
N ILE C 590 -16.79 -21.80 -0.74
CA ILE C 590 -16.80 -20.57 0.03
C ILE C 590 -17.33 -20.79 1.44
N ALA C 591 -18.36 -21.64 1.58
CA ALA C 591 -18.97 -21.91 2.87
C ALA C 591 -18.24 -23.00 3.64
N THR C 592 -16.97 -23.23 3.32
CA THR C 592 -16.20 -24.22 4.06
C THR C 592 -16.14 -23.86 5.54
N GLN C 593 -16.31 -24.85 6.40
CA GLN C 593 -16.30 -24.61 7.83
C GLN C 593 -15.00 -23.94 8.25
N ARG C 594 -15.11 -22.92 9.09
CA ARG C 594 -13.93 -22.20 9.57
C ARG C 594 -12.99 -23.18 10.26
N GLY C 595 -11.81 -23.38 9.68
CA GLY C 595 -10.83 -24.29 10.25
C GLY C 595 -11.03 -25.73 9.84
N GLY C 596 -12.11 -26.35 10.34
CA GLY C 596 -12.30 -27.77 10.09
C GLY C 596 -12.49 -28.08 8.62
N GLY C 597 -13.34 -27.32 7.94
CA GLY C 597 -13.64 -27.58 6.55
C GLY C 597 -12.91 -26.66 5.58
N SER C 598 -12.32 -25.60 6.09
CA SER C 598 -11.66 -24.62 5.24
C SER C 598 -10.26 -25.09 4.87
N GLY C 599 -9.96 -25.08 3.58
CA GLY C 599 -8.67 -25.55 3.11
C GLY C 599 -7.53 -24.59 3.36
N GLY C 600 -7.83 -23.30 3.50
CA GLY C 600 -6.79 -22.31 3.69
C GLY C 600 -6.94 -21.50 4.96
N ASP C 601 -6.03 -21.69 5.90
CA ASP C 601 -6.03 -20.87 7.11
C ASP C 601 -5.78 -19.41 6.79
N GLY C 602 -4.82 -19.13 5.90
CA GLY C 602 -4.53 -17.79 5.46
C GLY C 602 -5.42 -17.30 4.34
N GLY C 603 -6.30 -18.14 3.82
CA GLY C 603 -7.21 -17.74 2.76
C GLY C 603 -8.43 -17.03 3.31
N GLY C 604 -8.25 -15.77 3.69
CA GLY C 604 -9.33 -15.00 4.28
C GLY C 604 -10.47 -14.71 3.34
N ALA C 605 -10.31 -14.98 2.05
CA ALA C 605 -11.38 -14.70 1.09
C ALA C 605 -12.63 -15.51 1.40
N ALA C 606 -12.46 -16.79 1.71
CA ALA C 606 -13.61 -17.65 1.97
C ALA C 606 -14.39 -17.18 3.18
N ASP C 607 -13.68 -16.95 4.29
CA ASP C 607 -14.36 -16.51 5.51
C ASP C 607 -14.99 -15.13 5.32
N ARG C 608 -14.29 -14.23 4.63
CA ARG C 608 -14.84 -12.90 4.38
C ARG C 608 -16.13 -12.99 3.59
N VAL C 609 -16.14 -13.78 2.51
CA VAL C 609 -17.33 -13.89 1.69
C VAL C 609 -18.45 -14.57 2.47
N LEU C 610 -18.12 -15.58 3.27
CA LEU C 610 -19.15 -16.23 4.06
C LEU C 610 -19.79 -15.26 5.04
N ASN C 611 -18.98 -14.44 5.71
CA ASN C 611 -19.52 -13.48 6.66
C ASN C 611 -20.37 -12.43 5.94
N GLN C 612 -19.93 -11.99 4.76
CA GLN C 612 -20.74 -11.06 3.98
C GLN C 612 -22.08 -11.67 3.61
N LEU C 613 -22.08 -12.94 3.20
CA LEU C 613 -23.33 -13.61 2.87
C LEU C 613 -24.24 -13.70 4.08
N LEU C 614 -23.68 -14.05 5.24
CA LEU C 614 -24.48 -14.14 6.45
C LEU C 614 -25.11 -12.80 6.80
N THR C 615 -24.30 -11.73 6.75
CA THR C 615 -24.83 -10.40 7.05
C THR C 615 -25.94 -10.02 6.09
N GLU C 616 -25.73 -10.25 4.80
CA GLU C 616 -26.72 -9.84 3.81
C GLU C 616 -28.00 -10.65 3.93
N MET C 617 -27.89 -11.96 4.20
CA MET C 617 -29.08 -12.77 4.40
C MET C 617 -29.81 -12.37 5.67
N ASP C 618 -29.09 -11.91 6.68
CA ASP C 618 -29.76 -11.32 7.84
C ASP C 618 -30.51 -10.07 7.45
N GLY C 619 -29.92 -9.25 6.59
CA GLY C 619 -30.57 -8.03 6.12
C GLY C 619 -31.65 -8.25 5.08
N MET C 620 -31.76 -9.47 4.54
CA MET C 620 -32.69 -9.76 3.46
C MET C 620 -34.02 -10.34 3.96
N ASN C 621 -34.12 -10.66 5.25
CA ASN C 621 -35.35 -11.27 5.75
C ASN C 621 -36.54 -10.33 5.59
N ALA C 622 -36.32 -9.03 5.72
CA ALA C 622 -37.43 -8.08 5.62
C ALA C 622 -38.08 -8.14 4.25
N LYS C 623 -37.27 -8.21 3.18
CA LYS C 623 -37.81 -8.27 1.83
C LYS C 623 -38.64 -9.53 1.65
N LYS C 624 -39.95 -9.36 1.52
CA LYS C 624 -40.86 -10.50 1.49
C LYS C 624 -40.64 -11.38 0.27
N THR C 625 -40.38 -10.76 -0.89
CA THR C 625 -40.40 -11.46 -2.18
C THR C 625 -39.00 -11.76 -2.70
N VAL C 626 -38.06 -12.10 -1.82
CA VAL C 626 -36.74 -12.57 -2.23
C VAL C 626 -36.50 -13.90 -1.55
N PHE C 627 -36.24 -14.92 -2.36
CA PHE C 627 -35.96 -16.27 -1.87
C PHE C 627 -34.52 -16.65 -2.23
N ILE C 628 -33.79 -17.09 -1.22
CA ILE C 628 -32.37 -17.44 -1.37
C ILE C 628 -32.25 -18.94 -1.29
N ILE C 629 -31.64 -19.54 -2.31
CA ILE C 629 -31.45 -20.97 -2.41
C ILE C 629 -29.96 -21.25 -2.49
N GLY C 630 -29.54 -22.37 -1.90
CA GLY C 630 -28.15 -22.79 -1.94
C GLY C 630 -28.03 -24.18 -2.55
N ALA C 631 -26.79 -24.60 -2.73
CA ALA C 631 -26.50 -25.91 -3.29
C ALA C 631 -25.06 -26.26 -2.98
N THR C 632 -24.87 -27.39 -2.31
CA THR C 632 -23.54 -27.86 -1.95
C THR C 632 -23.49 -29.38 -2.09
N ASN C 633 -22.42 -29.85 -2.72
CA ASN C 633 -22.14 -31.27 -2.85
C ASN C 633 -21.24 -31.78 -1.75
N ARG C 634 -20.89 -30.92 -0.78
CA ARG C 634 -20.10 -31.30 0.38
C ARG C 634 -20.82 -30.82 1.63
N PRO C 635 -21.96 -31.40 1.94
CA PRO C 635 -22.74 -30.93 3.10
C PRO C 635 -22.00 -31.04 4.42
N ASP C 636 -21.04 -31.95 4.52
CA ASP C 636 -20.31 -32.10 5.78
C ASP C 636 -19.51 -30.84 6.11
N ILE C 637 -18.89 -30.23 5.10
CA ILE C 637 -18.03 -29.07 5.32
C ILE C 637 -18.79 -27.75 5.21
N ILE C 638 -20.10 -27.79 5.03
CA ILE C 638 -20.87 -26.55 4.95
C ILE C 638 -20.94 -25.91 6.32
N ASP C 639 -20.69 -24.61 6.38
CA ASP C 639 -20.67 -23.91 7.66
C ASP C 639 -22.06 -23.91 8.27
N SER C 640 -22.14 -24.25 9.55
CA SER C 640 -23.43 -24.36 10.22
C SER C 640 -24.13 -23.02 10.38
N ALA C 641 -23.39 -21.91 10.25
CA ALA C 641 -24.02 -20.60 10.36
C ALA C 641 -25.11 -20.42 9.31
N LEU C 642 -24.92 -20.99 8.12
CA LEU C 642 -25.93 -20.91 7.07
C LEU C 642 -27.19 -21.69 7.40
N LEU C 643 -27.16 -22.55 8.41
CA LEU C 643 -28.30 -23.36 8.78
C LEU C 643 -29.20 -22.68 9.81
N ARG C 644 -28.83 -21.48 10.26
CA ARG C 644 -29.62 -20.79 11.25
C ARG C 644 -30.95 -20.34 10.65
N PRO C 645 -32.03 -20.33 11.43
CA PRO C 645 -33.30 -19.82 10.92
C PRO C 645 -33.17 -18.39 10.41
N GLY C 646 -33.90 -18.08 9.36
CA GLY C 646 -33.74 -16.83 8.63
C GLY C 646 -32.78 -17.00 7.49
N ARG C 647 -31.65 -17.66 7.75
CA ARG C 647 -30.70 -18.07 6.71
C ARG C 647 -31.17 -19.38 6.09
N LEU C 648 -30.28 -20.04 5.35
CA LEU C 648 -30.64 -21.24 4.59
C LEU C 648 -30.88 -22.40 5.57
N ASP C 649 -32.11 -22.47 6.06
CA ASP C 649 -32.48 -23.46 7.07
C ASP C 649 -33.34 -24.59 6.55
N GLN C 650 -34.03 -24.41 5.43
CA GLN C 650 -34.84 -25.48 4.85
C GLN C 650 -33.92 -26.43 4.09
N LEU C 651 -33.46 -27.47 4.77
CA LEU C 651 -32.62 -28.48 4.16
C LEU C 651 -33.47 -29.38 3.27
N ILE C 652 -33.00 -29.63 2.05
CA ILE C 652 -33.68 -30.50 1.12
C ILE C 652 -32.65 -31.46 0.52
N TYR C 653 -32.91 -32.75 0.66
CA TYR C 653 -32.01 -33.79 0.19
C TYR C 653 -32.49 -34.28 -1.17
N ILE C 654 -31.59 -34.28 -2.14
CA ILE C 654 -31.89 -34.72 -3.50
C ILE C 654 -31.15 -36.03 -3.74
N PRO C 655 -31.83 -37.18 -3.77
CA PRO C 655 -31.12 -38.46 -3.83
C PRO C 655 -30.74 -38.86 -5.24
N LEU C 656 -29.99 -39.95 -5.37
CA LEU C 656 -29.69 -40.48 -6.69
C LEU C 656 -30.96 -41.06 -7.30
N PRO C 657 -31.18 -40.86 -8.60
CA PRO C 657 -32.42 -41.33 -9.21
C PRO C 657 -32.55 -42.84 -9.12
N ASP C 658 -33.79 -43.29 -8.88
CA ASP C 658 -34.12 -44.71 -8.88
C ASP C 658 -34.27 -45.18 -10.33
N GLU C 659 -34.84 -46.37 -10.52
CA GLU C 659 -35.04 -46.87 -11.88
C GLU C 659 -35.98 -45.97 -12.68
N ASP C 660 -37.12 -45.62 -12.09
CA ASP C 660 -38.07 -44.76 -12.79
C ASP C 660 -37.47 -43.38 -13.02
N SER C 661 -36.76 -42.85 -12.03
CA SER C 661 -36.10 -41.56 -12.20
C SER C 661 -35.07 -41.62 -13.32
N ARG C 662 -34.33 -42.72 -13.41
CA ARG C 662 -33.35 -42.87 -14.48
C ARG C 662 -34.03 -42.93 -15.84
N LEU C 663 -35.16 -43.64 -15.93
CA LEU C 663 -35.91 -43.66 -17.18
C LEU C 663 -36.36 -42.25 -17.56
N ASN C 664 -36.86 -41.48 -16.58
CA ASN C 664 -37.29 -40.13 -16.86
C ASN C 664 -36.13 -39.25 -17.31
N ILE C 665 -34.95 -39.43 -16.68
CA ILE C 665 -33.78 -38.65 -17.07
C ILE C 665 -33.34 -39.00 -18.48
N PHE C 666 -33.36 -40.30 -18.82
CA PHE C 666 -33.02 -40.70 -20.19
C PHE C 666 -33.99 -40.08 -21.19
N LYS C 667 -35.28 -40.09 -20.87
CA LYS C 667 -36.26 -39.48 -21.76
C LYS C 667 -36.00 -37.99 -21.91
N ALA C 668 -35.68 -37.31 -20.81
CA ALA C 668 -35.42 -35.88 -20.88
C ALA C 668 -34.18 -35.57 -21.72
N ALA C 669 -33.10 -36.31 -21.50
CA ALA C 669 -31.88 -36.09 -22.26
C ALA C 669 -32.04 -36.41 -23.73
N LEU C 670 -32.73 -37.49 -24.07
CA LEU C 670 -32.95 -37.86 -25.46
C LEU C 670 -34.04 -37.03 -26.12
N ARG C 671 -34.75 -36.20 -25.35
CA ARG C 671 -35.76 -35.32 -25.92
C ARG C 671 -35.10 -34.37 -26.92
N LYS C 672 -35.83 -34.06 -27.99
CA LYS C 672 -35.32 -33.21 -29.08
C LYS C 672 -34.12 -33.85 -29.77
N SER C 673 -34.07 -35.17 -29.79
CA SER C 673 -33.03 -35.90 -30.50
C SER C 673 -33.65 -37.10 -31.20
N PRO C 674 -33.13 -37.50 -32.37
CA PRO C 674 -33.64 -38.69 -33.05
C PRO C 674 -33.10 -39.96 -32.40
N ILE C 675 -34.01 -40.87 -32.05
CA ILE C 675 -33.64 -42.12 -31.40
C ILE C 675 -34.34 -43.26 -32.14
N ALA C 676 -33.62 -44.35 -32.33
CA ALA C 676 -34.16 -45.52 -33.01
C ALA C 676 -35.23 -46.19 -32.16
N LYS C 677 -36.16 -46.86 -32.83
CA LYS C 677 -37.25 -47.53 -32.14
C LYS C 677 -36.77 -48.78 -31.41
N ASP C 678 -35.72 -49.43 -31.91
CA ASP C 678 -35.20 -50.63 -31.28
C ASP C 678 -34.58 -50.36 -29.92
N VAL C 679 -34.34 -49.10 -29.57
CA VAL C 679 -33.72 -48.75 -28.29
C VAL C 679 -34.80 -48.82 -27.21
N ASP C 680 -34.62 -49.74 -26.26
CA ASP C 680 -35.55 -49.90 -25.15
C ASP C 680 -35.03 -49.07 -23.99
N ILE C 681 -35.53 -47.83 -23.89
CA ILE C 681 -35.06 -46.92 -22.84
C ILE C 681 -35.37 -47.50 -21.47
N GLY C 682 -36.43 -48.30 -21.36
CA GLY C 682 -36.70 -48.97 -20.10
C GLY C 682 -35.58 -49.90 -19.69
N ALA C 683 -34.99 -50.61 -20.66
CA ALA C 683 -33.86 -51.48 -20.36
C ALA C 683 -32.65 -50.66 -19.91
N LEU C 684 -32.40 -49.52 -20.57
CA LEU C 684 -31.30 -48.67 -20.17
C LEU C 684 -31.50 -48.17 -18.75
N ALA C 685 -32.72 -47.76 -18.41
CA ALA C 685 -33.01 -47.35 -17.03
C ALA C 685 -32.80 -48.50 -16.06
N LYS C 686 -33.15 -49.72 -16.47
CA LYS C 686 -32.94 -50.88 -15.61
C LYS C 686 -31.46 -50.99 -15.24
N TYR C 687 -31.19 -51.73 -14.18
CA TYR C 687 -29.87 -51.74 -13.55
C TYR C 687 -29.33 -50.32 -13.54
N THR C 688 -28.04 -50.13 -13.84
CA THR C 688 -27.46 -48.79 -13.90
C THR C 688 -27.65 -48.05 -12.57
N GLN C 689 -27.48 -48.77 -11.47
CA GLN C 689 -27.67 -48.19 -10.16
C GLN C 689 -26.56 -47.21 -9.83
N GLY C 690 -26.90 -46.20 -9.05
CA GLY C 690 -25.93 -45.19 -8.64
C GLY C 690 -25.40 -44.35 -9.78
N PHE C 691 -26.25 -44.04 -10.75
CA PHE C 691 -25.88 -43.21 -11.89
C PHE C 691 -26.59 -41.87 -11.79
N SER C 692 -25.81 -40.80 -11.71
CA SER C 692 -26.37 -39.47 -11.66
C SER C 692 -26.85 -39.02 -13.04
N GLY C 693 -27.64 -37.96 -13.06
CA GLY C 693 -28.14 -37.45 -14.32
C GLY C 693 -27.03 -37.01 -15.26
N ALA C 694 -25.94 -36.49 -14.71
CA ALA C 694 -24.81 -36.08 -15.53
C ALA C 694 -24.22 -37.27 -16.28
N ASP C 695 -24.08 -38.40 -15.59
CA ASP C 695 -23.56 -39.60 -16.25
C ASP C 695 -24.49 -40.05 -17.37
N ILE C 696 -25.79 -39.98 -17.14
CA ILE C 696 -26.75 -40.37 -18.16
C ILE C 696 -26.67 -39.43 -19.36
N THR C 697 -26.49 -38.14 -19.13
CA THR C 697 -26.33 -37.21 -20.24
C THR C 697 -25.04 -37.48 -21.01
N GLU C 698 -23.96 -37.79 -20.30
CA GLU C 698 -22.71 -38.15 -20.97
C GLU C 698 -22.86 -39.42 -21.80
N ILE C 699 -23.66 -40.37 -21.31
CA ILE C 699 -23.93 -41.58 -22.09
C ILE C 699 -24.56 -41.20 -23.43
N CYS C 700 -25.58 -40.35 -23.41
CA CYS C 700 -26.22 -39.93 -24.64
C CYS C 700 -25.26 -39.17 -25.54
N GLN C 701 -24.42 -38.31 -24.95
CA GLN C 701 -23.47 -37.55 -25.75
C GLN C 701 -22.48 -38.48 -26.45
N ARG C 702 -21.98 -39.49 -25.74
CA ARG C 702 -21.03 -40.41 -26.36
C ARG C 702 -21.69 -41.26 -27.43
N ALA C 703 -22.94 -41.69 -27.18
CA ALA C 703 -23.67 -42.43 -28.20
C ALA C 703 -23.87 -41.57 -29.45
N CYS C 704 -24.19 -40.29 -29.26
CA CYS C 704 -24.35 -39.40 -30.40
C CYS C 704 -23.03 -39.19 -31.12
N LYS C 705 -21.93 -39.13 -30.37
CA LYS C 705 -20.62 -39.02 -31.03
C LYS C 705 -20.34 -40.23 -31.89
N TYR C 706 -20.66 -41.43 -31.39
CA TYR C 706 -20.47 -42.64 -32.19
C TYR C 706 -21.35 -42.61 -33.43
N ALA C 707 -22.59 -42.17 -33.28
CA ALA C 707 -23.49 -42.08 -34.44
C ALA C 707 -22.94 -41.10 -35.46
N ILE C 708 -22.42 -39.97 -35.00
CA ILE C 708 -21.83 -38.97 -35.90
C ILE C 708 -20.64 -39.57 -36.63
N ARG C 709 -19.80 -40.31 -35.93
CA ARG C 709 -18.67 -40.95 -36.58
C ARG C 709 -19.14 -41.92 -37.66
N GLU C 710 -20.16 -42.70 -37.37
CA GLU C 710 -20.68 -43.63 -38.37
C GLU C 710 -21.23 -42.90 -39.58
N ASN C 711 -21.98 -41.82 -39.35
CA ASN C 711 -22.52 -41.06 -40.48
C ASN C 711 -21.41 -40.45 -41.31
N ILE C 712 -20.37 -39.92 -40.66
CA ILE C 712 -19.25 -39.34 -41.39
C ILE C 712 -18.55 -40.40 -42.22
N GLU C 713 -18.34 -41.59 -41.65
CA GLU C 713 -17.70 -42.66 -42.40
C GLU C 713 -18.55 -43.09 -43.58
N LYS C 714 -19.86 -43.17 -43.40
CA LYS C 714 -20.74 -43.54 -44.50
C LYS C 714 -20.71 -42.48 -45.60
N ASP C 715 -20.70 -41.21 -45.23
CA ASP C 715 -20.61 -40.14 -46.23
C ASP C 715 -19.29 -40.22 -46.99
N ILE C 716 -18.20 -40.51 -46.28
CA ILE C 716 -16.90 -40.65 -46.93
C ILE C 716 -16.93 -41.82 -47.91
N GLU C 717 -17.53 -42.94 -47.50
CA GLU C 717 -17.63 -44.09 -48.40
C GLU C 717 -18.47 -43.76 -49.62
N LYS C 718 -19.56 -43.01 -49.43
CA LYS C 718 -20.37 -42.58 -50.56
C LYS C 718 -19.56 -41.72 -51.52
N GLU C 719 -18.77 -40.78 -50.97
CA GLU C 719 -17.94 -39.94 -51.81
C GLU C 719 -16.92 -40.76 -52.58
N LYS C 720 -16.31 -41.75 -51.92
CA LYS C 720 -15.36 -42.62 -52.60
C LYS C 720 -16.03 -43.40 -53.72
N ARG C 721 -17.21 -43.94 -53.45
CA ARG C 721 -17.94 -44.68 -54.49
C ARG C 721 -18.25 -43.77 -55.67
N ARG C 722 -18.65 -42.53 -55.40
CA ARG C 722 -18.92 -41.60 -56.49
C ARG C 722 -17.64 -41.30 -57.26
N SER C 723 -16.52 -41.13 -56.57
CA SER C 723 -15.27 -40.83 -57.26
C SER C 723 -14.86 -41.98 -58.17
N GLU C 724 -15.02 -43.22 -57.70
CA GLU C 724 -14.69 -44.37 -58.53
C GLU C 724 -15.55 -44.40 -59.80
N ASN C 725 -16.86 -44.16 -59.65
CA ASN C 725 -17.78 -44.14 -60.77
C ASN C 725 -18.68 -42.92 -60.67
N PRO C 726 -18.19 -41.76 -61.09
CA PRO C 726 -19.03 -40.54 -61.01
C PRO C 726 -20.27 -40.60 -61.86
N GLU C 727 -20.32 -41.48 -62.87
CA GLU C 727 -21.47 -41.61 -63.74
C GLU C 727 -22.52 -42.58 -63.19
N ALA C 728 -22.31 -43.10 -61.99
CA ALA C 728 -23.26 -44.05 -61.40
C ALA C 728 -24.59 -43.37 -61.12
N MET C 729 -25.65 -44.18 -61.09
CA MET C 729 -26.98 -43.66 -60.82
C MET C 729 -27.01 -42.96 -59.47
N GLU C 730 -27.65 -41.79 -59.43
CA GLU C 730 -27.78 -41.01 -58.20
C GLU C 730 -28.99 -41.52 -57.44
N GLU C 731 -28.75 -42.31 -56.40
CA GLU C 731 -29.82 -42.88 -55.57
C GLU C 731 -30.23 -41.84 -54.54
N ASP C 732 -31.04 -40.88 -54.99
CA ASP C 732 -31.51 -39.79 -54.14
C ASP C 732 -32.73 -40.27 -53.36
N GLY C 733 -32.46 -41.06 -52.33
CA GLY C 733 -33.51 -41.57 -51.48
C GLY C 733 -33.68 -40.73 -50.23
N VAL C 734 -33.57 -39.41 -50.38
CA VAL C 734 -33.69 -38.48 -49.26
C VAL C 734 -32.50 -38.66 -48.33
N ASP C 735 -32.17 -37.61 -47.58
CA ASP C 735 -31.06 -37.70 -46.64
C ASP C 735 -31.35 -38.74 -45.58
N GLU C 736 -30.33 -39.53 -45.23
CA GLU C 736 -30.51 -40.59 -44.25
C GLU C 736 -30.97 -40.01 -42.93
N VAL C 737 -31.99 -40.63 -42.34
CA VAL C 737 -32.53 -40.19 -41.07
C VAL C 737 -31.70 -40.80 -39.95
N SER C 738 -30.70 -40.07 -39.48
CA SER C 738 -29.79 -40.59 -38.47
C SER C 738 -30.52 -40.75 -37.14
N GLU C 739 -30.40 -41.95 -36.56
CA GLU C 739 -31.00 -42.24 -35.27
C GLU C 739 -29.98 -43.00 -34.42
N ILE C 740 -30.06 -42.80 -33.11
CA ILE C 740 -29.14 -43.45 -32.19
C ILE C 740 -29.51 -44.92 -32.09
N LYS C 741 -28.73 -45.78 -32.73
CA LYS C 741 -29.01 -47.21 -32.73
C LYS C 741 -28.60 -47.84 -31.40
N ALA C 742 -29.13 -49.03 -31.16
CA ALA C 742 -28.85 -49.72 -29.91
C ALA C 742 -27.37 -50.03 -29.75
N ALA C 743 -26.66 -50.22 -30.87
CA ALA C 743 -25.23 -50.48 -30.80
C ALA C 743 -24.48 -49.29 -30.22
N HIS C 744 -24.88 -48.08 -30.60
CA HIS C 744 -24.24 -46.89 -30.06
C HIS C 744 -24.45 -46.79 -28.56
N PHE C 745 -25.66 -47.09 -28.09
CA PHE C 745 -25.92 -47.08 -26.65
C PHE C 745 -25.11 -48.16 -25.95
N GLU C 746 -24.98 -49.33 -26.56
CA GLU C 746 -24.17 -50.38 -25.96
C GLU C 746 -22.73 -49.94 -25.81
N GLU C 747 -22.16 -49.33 -26.85
CA GLU C 747 -20.79 -48.84 -26.76
C GLU C 747 -20.65 -47.75 -25.70
N SER C 748 -21.61 -46.83 -25.65
CA SER C 748 -21.55 -45.76 -24.67
C SER C 748 -21.60 -46.32 -23.26
N MET C 749 -22.48 -47.30 -23.01
CA MET C 749 -22.53 -47.94 -21.71
C MET C 749 -21.23 -48.66 -21.41
N LYS C 750 -20.64 -49.31 -22.41
CA LYS C 750 -19.37 -50.00 -22.22
C LYS C 750 -18.30 -49.03 -21.75
N TYR C 751 -18.22 -47.86 -22.38
CA TYR C 751 -17.25 -46.85 -22.00
C TYR C 751 -17.76 -45.92 -20.90
N ALA C 752 -19.00 -46.11 -20.44
CA ALA C 752 -19.55 -45.28 -19.38
C ALA C 752 -19.17 -45.84 -18.02
N ARG C 753 -19.36 -45.01 -16.99
CA ARG C 753 -18.92 -45.37 -15.65
C ARG C 753 -19.67 -44.49 -14.64
N ARG C 754 -19.63 -44.92 -13.38
CA ARG C 754 -20.34 -44.23 -12.32
C ARG C 754 -19.55 -43.04 -11.82
N SER C 755 -20.27 -42.05 -11.28
CA SER C 755 -19.66 -40.86 -10.72
C SER C 755 -19.91 -40.70 -9.23
N VAL C 756 -20.66 -41.62 -8.61
CA VAL C 756 -20.95 -41.57 -7.18
C VAL C 756 -20.79 -42.99 -6.64
N SER C 757 -19.85 -43.17 -5.72
CA SER C 757 -19.65 -44.47 -5.08
C SER C 757 -20.72 -44.72 -4.02
N ASP C 758 -21.00 -46.01 -3.78
CA ASP C 758 -21.99 -46.36 -2.78
C ASP C 758 -21.61 -45.83 -1.40
N ALA C 759 -20.31 -45.72 -1.12
CA ALA C 759 -19.89 -45.11 0.14
C ALA C 759 -20.40 -43.68 0.24
N ASP C 760 -20.29 -42.92 -0.84
CA ASP C 760 -20.82 -41.56 -0.84
C ASP C 760 -22.33 -41.58 -0.66
N ILE C 761 -23.02 -42.54 -1.26
CA ILE C 761 -24.48 -42.62 -1.14
C ILE C 761 -24.86 -42.82 0.32
N ARG C 762 -24.21 -43.77 0.99
CA ARG C 762 -24.54 -44.02 2.39
C ARG C 762 -24.16 -42.86 3.27
N LYS C 763 -23.05 -42.17 2.96
CA LYS C 763 -22.68 -41.00 3.74
C LYS C 763 -23.72 -39.89 3.58
N TYR C 764 -24.22 -39.69 2.37
CA TYR C 764 -25.28 -38.71 2.16
C TYR C 764 -26.54 -39.08 2.93
N GLN C 765 -26.90 -40.36 2.91
CA GLN C 765 -28.06 -40.80 3.69
C GLN C 765 -27.84 -40.53 5.18
N ALA C 766 -26.62 -40.78 5.67
CA ALA C 766 -26.31 -40.50 7.06
C ALA C 766 -26.46 -39.02 7.37
N PHE C 767 -25.97 -38.16 6.49
CA PHE C 767 -26.09 -36.73 6.68
C PHE C 767 -27.51 -36.22 6.42
N ALA C 768 -28.40 -37.08 5.92
CA ALA C 768 -29.80 -36.71 5.78
C ALA C 768 -30.47 -36.48 7.13
N GLN C 769 -29.85 -36.91 8.23
CA GLN C 769 -30.38 -36.68 9.57
C GLN C 769 -29.34 -36.03 10.49
N THR C 770 -28.17 -35.65 9.95
CA THR C 770 -27.09 -35.10 10.76
C THR C 770 -26.60 -33.74 10.28
N LEU C 771 -26.91 -33.33 9.05
CA LEU C 771 -26.43 -32.05 8.54
C LEU C 771 -26.95 -30.89 9.38
N GLN C 772 -28.23 -30.93 9.75
CA GLN C 772 -28.80 -29.88 10.58
C GLN C 772 -28.10 -29.79 11.92
N GLN C 773 -27.57 -30.91 12.43
CA GLN C 773 -26.93 -30.94 13.74
C GLN C 773 -25.45 -30.57 13.59
N SER C 774 -25.24 -29.30 13.22
CA SER C 774 -23.90 -28.78 13.08
C SER C 774 -23.77 -27.42 13.76
N ARG C 775 -24.89 -26.71 13.90
CA ARG C 775 -24.87 -25.39 14.53
C ARG C 775 -24.47 -25.50 15.99
N GLY C 776 -24.95 -26.54 16.69
CA GLY C 776 -24.51 -26.80 18.05
C GLY C 776 -23.16 -27.50 18.05
N PHE C 777 -22.99 -28.45 18.97
CA PHE C 777 -21.76 -29.24 18.98
C PHE C 777 -21.70 -30.13 17.74
N GLY C 778 -20.53 -30.20 17.14
CA GLY C 778 -20.33 -30.97 15.94
C GLY C 778 -19.25 -30.32 15.08
N SER C 779 -19.34 -30.58 13.77
CA SER C 779 -18.44 -30.08 12.74
C SER C 779 -17.12 -30.84 12.72
N GLU C 780 -16.92 -31.82 13.60
CA GLU C 780 -15.70 -32.61 13.59
C GLU C 780 -15.96 -33.99 12.97
N LYS D 30 -43.73 39.21 38.28
CA LYS D 30 -44.25 37.93 38.76
C LYS D 30 -45.76 38.00 38.93
N SER D 31 -46.47 37.26 38.10
CA SER D 31 -47.93 37.20 38.17
C SER D 31 -48.36 35.77 37.90
N PRO D 32 -49.54 35.37 38.39
CA PRO D 32 -50.00 33.99 38.14
C PRO D 32 -50.49 33.75 36.72
N ASN D 33 -50.70 34.80 35.93
CA ASN D 33 -51.21 34.67 34.57
C ASN D 33 -50.12 34.79 33.52
N ARG D 34 -48.87 35.02 33.92
CA ARG D 34 -47.75 35.11 32.98
C ARG D 34 -47.09 33.73 32.88
N LEU D 35 -47.09 33.17 31.67
CA LEU D 35 -46.64 31.80 31.46
C LEU D 35 -45.71 31.73 30.26
N VAL D 36 -44.79 30.78 30.30
CA VAL D 36 -43.80 30.60 29.25
C VAL D 36 -44.35 29.62 28.23
N VAL D 37 -44.42 30.04 26.97
CA VAL D 37 -44.98 29.20 25.92
C VAL D 37 -44.05 28.03 25.63
N ASP D 38 -44.64 26.91 25.20
CA ASP D 38 -43.90 25.71 24.87
C ASP D 38 -44.64 24.97 23.78
N GLU D 39 -44.03 23.89 23.28
CA GLU D 39 -44.65 23.07 22.25
C GLU D 39 -45.89 22.37 22.80
N ALA D 40 -46.85 22.13 21.90
CA ALA D 40 -48.12 21.55 22.26
C ALA D 40 -48.18 20.09 21.81
N ILE D 41 -49.26 19.41 22.20
CA ILE D 41 -49.49 18.02 21.85
C ILE D 41 -50.49 17.99 20.70
N ASN D 42 -51.69 18.52 20.94
CA ASN D 42 -52.70 18.61 19.90
C ASN D 42 -52.38 19.76 18.94
N ASP D 43 -52.66 19.54 17.66
CA ASP D 43 -52.29 20.46 16.61
C ASP D 43 -53.40 21.44 16.23
N ASP D 44 -54.53 21.40 16.93
CA ASP D 44 -55.63 22.30 16.62
C ASP D 44 -55.23 23.74 16.92
N ASN D 45 -55.85 24.67 16.20
CA ASN D 45 -55.52 26.08 16.29
C ASN D 45 -56.32 26.82 17.35
N SER D 46 -57.18 26.12 18.09
CA SER D 46 -57.99 26.72 19.14
C SER D 46 -57.73 26.12 20.52
N VAL D 47 -57.33 24.85 20.59
CA VAL D 47 -57.09 24.21 21.87
C VAL D 47 -55.78 24.72 22.46
N VAL D 48 -55.82 25.18 23.71
CA VAL D 48 -54.62 25.53 24.45
C VAL D 48 -54.65 24.77 25.77
N SER D 49 -53.58 24.03 26.06
CA SER D 49 -53.51 23.18 27.25
C SER D 49 -52.79 23.91 28.36
N LEU D 50 -53.40 23.92 29.55
CA LEU D 50 -52.79 24.53 30.73
C LEU D 50 -52.78 23.53 31.86
N HIS D 51 -51.79 23.66 32.74
CA HIS D 51 -51.70 22.79 33.90
C HIS D 51 -52.92 23.01 34.79
N PRO D 52 -53.62 21.96 35.23
CA PRO D 52 -54.82 22.19 36.04
C PRO D 52 -54.57 23.00 37.29
N ALA D 53 -53.38 22.90 37.88
CA ALA D 53 -53.08 23.69 39.06
C ALA D 53 -53.14 25.17 38.75
N THR D 54 -52.54 25.59 37.63
CA THR D 54 -52.56 27.00 37.26
C THR D 54 -53.99 27.46 36.95
N MET D 55 -54.76 26.62 36.26
CA MET D 55 -56.13 27.00 35.95
C MET D 55 -56.96 27.17 37.22
N GLU D 56 -56.80 26.26 38.18
CA GLU D 56 -57.50 26.41 39.45
C GLU D 56 -57.04 27.65 40.18
N LYS D 57 -55.74 27.97 40.10
CA LYS D 57 -55.24 29.19 40.72
C LYS D 57 -55.91 30.43 40.11
N LEU D 58 -56.07 30.42 38.79
CA LEU D 58 -56.72 31.54 38.09
C LEU D 58 -58.23 31.38 38.00
N GLN D 59 -58.79 30.29 38.53
CA GLN D 59 -60.23 30.05 38.52
C GLN D 59 -60.76 30.08 37.08
N LEU D 60 -60.30 29.12 36.28
CA LEU D 60 -60.65 29.02 34.88
C LEU D 60 -61.44 27.73 34.64
N PHE D 61 -62.61 27.88 34.02
CA PHE D 61 -63.42 26.71 33.70
C PHE D 61 -62.85 25.98 32.49
N ARG D 62 -62.73 24.66 32.61
CA ARG D 62 -62.21 23.86 31.51
C ARG D 62 -63.16 23.92 30.33
N GLY D 63 -62.60 23.98 29.12
CA GLY D 63 -63.40 24.03 27.92
C GLY D 63 -64.09 25.35 27.68
N ASP D 64 -63.61 26.42 28.31
CA ASP D 64 -64.18 27.76 28.15
C ASP D 64 -63.19 28.63 27.37
N THR D 65 -63.63 29.83 27.04
CA THR D 65 -62.84 30.75 26.23
C THR D 65 -61.97 31.64 27.11
N ILE D 66 -60.74 31.88 26.64
CA ILE D 66 -59.81 32.78 27.30
C ILE D 66 -59.10 33.60 26.23
N LEU D 67 -58.44 34.67 26.67
CA LEU D 67 -57.71 35.58 25.80
C LEU D 67 -56.25 35.57 26.19
N ILE D 68 -55.37 35.51 25.19
CA ILE D 68 -53.93 35.45 25.40
C ILE D 68 -53.30 36.64 24.69
N LYS D 69 -52.44 37.36 25.41
CA LYS D 69 -51.70 38.49 24.88
C LYS D 69 -50.21 38.16 24.90
N GLY D 70 -49.53 38.49 23.80
CA GLY D 70 -48.11 38.23 23.67
C GLY D 70 -47.31 39.51 23.51
N LYS D 71 -46.46 39.54 22.48
CA LYS D 71 -45.59 40.68 22.25
C LYS D 71 -46.29 41.71 21.37
N LYS D 72 -45.63 42.85 21.18
CA LYS D 72 -46.21 43.97 20.44
C LYS D 72 -47.57 44.31 21.04
N ARG D 73 -48.65 44.11 20.28
CA ARG D 73 -49.99 44.33 20.80
C ARG D 73 -50.96 43.24 20.34
N LYS D 74 -50.44 42.14 19.81
CA LYS D 74 -51.29 41.07 19.29
C LYS D 74 -51.92 40.30 20.44
N ASP D 75 -53.12 39.76 20.17
CA ASP D 75 -53.80 38.92 21.13
C ASP D 75 -54.71 37.95 20.36
N THR D 76 -55.07 36.87 21.03
CA THR D 76 -55.90 35.83 20.43
C THR D 76 -56.91 35.34 21.46
N VAL D 77 -57.93 34.66 20.95
CA VAL D 77 -58.98 34.06 21.77
C VAL D 77 -58.98 32.57 21.50
N CYS D 78 -58.84 31.77 22.55
CA CYS D 78 -58.72 30.33 22.39
C CYS D 78 -59.41 29.61 23.54
N ILE D 79 -59.79 28.36 23.30
CA ILE D 79 -60.44 27.54 24.30
C ILE D 79 -59.38 26.76 25.07
N ALA D 80 -59.45 26.83 26.39
CA ALA D 80 -58.47 26.18 27.25
C ALA D 80 -58.91 24.77 27.61
N LEU D 81 -57.92 23.96 28.00
CA LEU D 81 -58.16 22.58 28.40
C LEU D 81 -57.13 22.18 29.44
N ALA D 82 -57.43 21.08 30.13
CA ALA D 82 -56.60 20.56 31.20
C ALA D 82 -55.58 19.58 30.65
N ASP D 83 -54.34 19.68 31.12
CA ASP D 83 -53.28 18.75 30.73
C ASP D 83 -52.27 18.70 31.87
N GLU D 84 -52.30 17.62 32.64
CA GLU D 84 -51.41 17.47 33.78
C GLU D 84 -49.95 17.35 33.37
N THR D 85 -49.68 17.02 32.10
CA THR D 85 -48.30 16.87 31.66
C THR D 85 -47.55 18.20 31.73
N CYS D 86 -48.22 19.29 31.38
CA CYS D 86 -47.60 20.60 31.39
C CYS D 86 -47.25 21.00 32.82
N GLU D 87 -46.35 21.97 32.93
CA GLU D 87 -45.95 22.53 34.22
C GLU D 87 -46.72 23.81 34.51
N GLU D 88 -46.79 24.16 35.79
CA GLU D 88 -47.52 25.36 36.17
C GLU D 88 -46.99 26.62 35.48
N PRO D 89 -45.68 26.87 35.45
CA PRO D 89 -45.20 28.14 34.88
C PRO D 89 -45.16 28.17 33.36
N LYS D 90 -45.77 27.20 32.67
CA LYS D 90 -45.70 27.13 31.23
C LYS D 90 -47.08 26.83 30.65
N ILE D 91 -47.26 27.25 29.39
CA ILE D 91 -48.47 26.99 28.61
C ILE D 91 -48.03 26.45 27.25
N ARG D 92 -48.82 25.53 26.71
CA ARG D 92 -48.49 24.86 25.47
C ARG D 92 -49.42 25.35 24.36
N MET D 93 -48.83 25.76 23.24
CA MET D 93 -49.58 26.22 22.09
C MET D 93 -48.89 25.73 20.82
N ASN D 94 -49.67 25.66 19.74
CA ASN D 94 -49.14 25.24 18.45
C ASN D 94 -48.58 26.44 17.70
N LYS D 95 -47.90 26.15 16.58
CA LYS D 95 -47.21 27.21 15.87
C LYS D 95 -48.17 28.27 15.35
N VAL D 96 -49.42 27.90 15.09
CA VAL D 96 -50.38 28.88 14.56
C VAL D 96 -50.63 29.97 15.58
N VAL D 97 -50.94 29.59 16.82
CA VAL D 97 -51.25 30.57 17.85
C VAL D 97 -50.02 31.40 18.18
N ARG D 98 -48.85 30.77 18.21
CA ARG D 98 -47.63 31.50 18.48
C ARG D 98 -47.37 32.54 17.39
N SER D 99 -47.58 32.15 16.13
CA SER D 99 -47.41 33.10 15.03
C SER D 99 -48.40 34.24 15.14
N ASN D 100 -49.64 33.95 15.50
CA ASN D 100 -50.61 35.02 15.70
C ASN D 100 -50.18 35.96 16.81
N LEU D 101 -49.48 35.45 17.82
CA LEU D 101 -49.02 36.24 18.95
C LEU D 101 -47.63 36.81 18.76
N ARG D 102 -46.95 36.49 17.66
CA ARG D 102 -45.61 36.99 17.40
C ARG D 102 -44.66 36.64 18.55
N VAL D 103 -44.83 35.44 19.10
CA VAL D 103 -44.02 34.98 20.23
C VAL D 103 -43.35 33.67 19.83
N ARG D 104 -42.05 33.58 20.06
CA ARG D 104 -41.31 32.35 19.89
C ARG D 104 -41.38 31.53 21.17
N LEU D 105 -40.76 30.35 21.14
CA LEU D 105 -40.64 29.55 22.35
C LEU D 105 -39.68 30.20 23.31
N GLY D 106 -40.00 30.13 24.61
CA GLY D 106 -39.24 30.79 25.64
C GLY D 106 -39.75 32.17 26.02
N ASP D 107 -40.67 32.73 25.25
CA ASP D 107 -41.28 34.01 25.60
C ASP D 107 -42.37 33.80 26.65
N VAL D 108 -42.89 34.92 27.15
CA VAL D 108 -43.91 34.93 28.20
C VAL D 108 -45.16 35.60 27.66
N ILE D 109 -46.32 35.02 27.99
CA ILE D 109 -47.61 35.50 27.54
C ILE D 109 -48.53 35.65 28.73
N SER D 110 -49.51 36.53 28.60
CA SER D 110 -50.47 36.81 29.65
C SER D 110 -51.84 36.24 29.27
N VAL D 111 -52.52 35.65 30.24
CA VAL D 111 -53.79 34.96 30.02
C VAL D 111 -54.86 35.64 30.86
N HIS D 112 -56.02 35.88 30.26
CA HIS D 112 -57.15 36.51 30.94
C HIS D 112 -58.43 35.74 30.62
N GLN D 113 -59.21 35.45 31.66
CA GLN D 113 -60.49 34.79 31.46
C GLN D 113 -61.43 35.70 30.67
N CYS D 114 -62.11 35.11 29.68
CA CYS D 114 -63.06 35.84 28.83
C CYS D 114 -64.22 34.93 28.47
N PRO D 115 -64.99 34.48 29.46
CA PRO D 115 -66.16 33.64 29.16
C PRO D 115 -67.31 34.40 28.52
N ASP D 116 -67.24 35.73 28.46
CA ASP D 116 -68.31 36.54 27.88
C ASP D 116 -68.27 36.59 26.37
N VAL D 117 -67.37 35.82 25.73
CA VAL D 117 -67.29 35.84 24.27
C VAL D 117 -68.64 35.47 23.68
N LYS D 118 -69.00 36.16 22.61
CA LYS D 118 -70.31 36.01 21.98
C LYS D 118 -70.19 35.33 20.63
N TYR D 119 -71.20 34.54 20.28
CA TYR D 119 -71.25 33.93 18.96
C TYR D 119 -71.37 35.01 17.89
N GLY D 120 -70.67 34.81 16.78
CA GLY D 120 -70.65 35.78 15.71
C GLY D 120 -71.71 35.50 14.66
N LYS D 121 -72.36 36.57 14.20
CA LYS D 121 -73.39 36.43 13.18
C LYS D 121 -72.80 36.23 11.79
N ARG D 122 -71.64 36.83 11.51
CA ARG D 122 -71.01 36.71 10.21
C ARG D 122 -69.50 36.86 10.37
N VAL D 123 -68.76 36.13 9.54
CA VAL D 123 -67.30 36.20 9.51
C VAL D 123 -66.86 36.25 8.06
N HIS D 124 -66.05 37.26 7.72
CA HIS D 124 -65.47 37.39 6.39
C HIS D 124 -64.03 36.91 6.46
N ILE D 125 -63.74 35.81 5.78
CA ILE D 125 -62.44 35.16 5.78
C ILE D 125 -61.97 34.99 4.35
N LEU D 126 -60.68 35.26 4.12
CA LEU D 126 -60.09 35.11 2.80
C LEU D 126 -58.79 34.34 2.94
N PRO D 127 -58.34 33.70 1.86
CA PRO D 127 -57.05 32.99 1.90
C PRO D 127 -55.89 33.93 1.58
N VAL D 128 -54.69 33.36 1.60
CA VAL D 128 -53.47 34.10 1.30
C VAL D 128 -53.03 33.73 -0.11
N ASP D 129 -52.41 34.71 -0.78
CA ASP D 129 -52.02 34.51 -2.17
C ASP D 129 -50.96 33.43 -2.30
N ASP D 130 -49.91 33.49 -1.48
CA ASP D 130 -48.79 32.57 -1.62
C ASP D 130 -49.23 31.13 -1.37
N THR D 131 -50.02 30.90 -0.34
CA THR D 131 -50.41 29.54 0.02
C THR D 131 -51.45 28.97 -0.93
N VAL D 132 -52.32 29.82 -1.49
CA VAL D 132 -53.40 29.37 -2.35
C VAL D 132 -53.03 29.43 -3.83
N GLU D 133 -51.77 29.70 -4.14
CA GLU D 133 -51.35 29.77 -5.54
C GLU D 133 -51.67 28.45 -6.23
N GLY D 134 -52.24 28.54 -7.43
CA GLY D 134 -52.66 27.34 -8.14
C GLY D 134 -54.11 27.00 -7.89
N VAL D 135 -54.35 26.13 -6.92
CA VAL D 135 -55.69 25.65 -6.60
C VAL D 135 -56.69 26.79 -6.58
N THR D 136 -57.83 26.60 -7.25
CA THR D 136 -58.89 27.58 -7.27
C THR D 136 -60.22 26.87 -7.40
N GLY D 137 -61.27 27.55 -6.94
CA GLY D 137 -62.61 26.99 -6.98
C GLY D 137 -63.41 27.29 -5.73
N ASN D 138 -64.24 26.33 -5.30
CA ASN D 138 -65.09 26.52 -4.13
C ASN D 138 -64.27 26.16 -2.89
N LEU D 139 -63.41 27.09 -2.48
CA LEU D 139 -62.57 26.87 -1.32
C LEU D 139 -63.38 26.71 -0.06
N PHE D 140 -64.55 27.35 0.01
CA PHE D 140 -65.35 27.32 1.23
C PHE D 140 -65.66 25.90 1.65
N ASP D 141 -66.45 25.18 0.85
CA ASP D 141 -66.83 23.82 1.21
C ASP D 141 -65.62 22.90 1.24
N ALA D 142 -64.58 23.22 0.48
CA ALA D 142 -63.41 22.35 0.42
C ALA D 142 -62.65 22.35 1.73
N TYR D 143 -62.42 23.53 2.31
CA TYR D 143 -61.57 23.67 3.48
C TYR D 143 -62.32 24.17 4.71
N LEU D 144 -63.03 25.29 4.61
CA LEU D 144 -63.54 25.94 5.81
C LEU D 144 -64.70 25.14 6.42
N LYS D 145 -65.61 24.64 5.60
CA LYS D 145 -66.79 23.98 6.14
C LYS D 145 -66.44 22.78 7.00
N PRO D 146 -65.56 21.86 6.57
CA PRO D 146 -65.13 20.81 7.49
C PRO D 146 -64.44 21.35 8.73
N TYR D 147 -63.75 22.49 8.61
CA TYR D 147 -62.96 23.03 9.71
C TYR D 147 -63.82 23.67 10.79
N PHE D 148 -65.02 24.13 10.44
CA PHE D 148 -65.90 24.80 11.38
C PHE D 148 -67.20 24.04 11.66
N LEU D 149 -67.52 23.03 10.86
CA LEU D 149 -68.84 22.39 10.96
C LEU D 149 -69.02 21.71 12.30
N GLU D 150 -68.00 21.00 12.78
CA GLU D 150 -68.17 20.16 13.97
C GLU D 150 -68.05 20.99 15.25
N ALA D 151 -66.90 21.63 15.45
CA ALA D 151 -66.61 22.29 16.71
C ALA D 151 -66.88 23.79 16.61
N TYR D 152 -67.32 24.37 17.73
CA TYR D 152 -67.46 25.81 17.86
C TYR D 152 -66.09 26.40 18.16
N ARG D 153 -65.53 27.13 17.20
CA ARG D 153 -64.15 27.55 17.28
C ARG D 153 -64.06 29.06 17.50
N PRO D 154 -63.19 29.52 18.40
CA PRO D 154 -63.00 30.97 18.55
C PRO D 154 -62.25 31.55 17.34
N VAL D 155 -62.48 32.84 17.12
CA VAL D 155 -61.86 33.56 16.02
C VAL D 155 -61.61 34.99 16.45
N ARG D 156 -60.49 35.53 16.00
CA ARG D 156 -60.07 36.90 16.31
C ARG D 156 -59.61 37.57 15.03
N LYS D 157 -60.00 38.83 14.84
CA LYS D 157 -59.67 39.54 13.62
C LYS D 157 -58.15 39.63 13.46
N GLY D 158 -57.69 39.48 12.22
CA GLY D 158 -56.28 39.59 11.89
C GLY D 158 -55.50 38.31 12.09
N ASP D 159 -56.13 37.25 12.59
CA ASP D 159 -55.44 35.99 12.84
C ASP D 159 -55.52 35.09 11.61
N LEU D 160 -54.47 34.29 11.43
CA LEU D 160 -54.39 33.33 10.33
C LEU D 160 -54.47 31.92 10.89
N PHE D 161 -55.32 31.10 10.29
CA PHE D 161 -55.43 29.70 10.68
C PHE D 161 -55.16 28.81 9.48
N LEU D 162 -54.59 27.63 9.76
CA LEU D 162 -54.09 26.73 8.74
C LEU D 162 -55.04 25.54 8.59
N VAL D 163 -55.39 25.22 7.35
CA VAL D 163 -56.26 24.09 7.04
C VAL D 163 -55.50 23.16 6.09
N ARG D 164 -55.43 21.89 6.44
CA ARG D 164 -54.66 20.91 5.68
C ARG D 164 -55.58 20.04 4.83
N GLY D 165 -55.21 19.84 3.57
CA GLY D 165 -55.99 19.02 2.67
C GLY D 165 -55.51 19.15 1.24
N GLY D 166 -55.89 18.20 0.39
CA GLY D 166 -55.51 18.27 -1.00
C GLY D 166 -54.02 18.34 -1.22
N MET D 167 -53.25 17.65 -0.38
CA MET D 167 -51.79 17.64 -0.44
C MET D 167 -51.22 19.05 -0.31
N ARG D 168 -51.92 19.93 0.41
CA ARG D 168 -51.41 21.27 0.63
C ARG D 168 -52.06 21.85 1.87
N SER D 169 -51.40 22.85 2.44
CA SER D 169 -51.92 23.60 3.57
C SER D 169 -52.26 25.01 3.13
N VAL D 170 -53.44 25.47 3.51
CA VAL D 170 -53.96 26.77 3.10
C VAL D 170 -54.11 27.63 4.36
N GLU D 171 -53.56 28.84 4.30
CA GLU D 171 -53.65 29.80 5.39
C GLU D 171 -54.78 30.77 5.09
N PHE D 172 -55.74 30.85 6.01
CA PHE D 172 -56.88 31.75 5.88
C PHE D 172 -56.78 32.84 6.94
N LYS D 173 -56.81 34.09 6.49
CA LYS D 173 -56.77 35.25 7.36
C LYS D 173 -58.19 35.78 7.56
N VAL D 174 -58.54 36.03 8.83
CA VAL D 174 -59.88 36.50 9.18
C VAL D 174 -59.92 38.00 8.89
N ILE D 175 -60.56 38.37 7.78
CA ILE D 175 -60.63 39.77 7.39
C ILE D 175 -61.53 40.55 8.36
N GLU D 176 -62.71 40.00 8.68
CA GLU D 176 -63.65 40.72 9.52
C GLU D 176 -64.48 39.73 10.34
N THR D 177 -64.89 40.18 11.51
CA THR D 177 -65.70 39.37 12.42
C THR D 177 -66.79 40.23 13.02
N ASP D 178 -67.86 39.57 13.45
CA ASP D 178 -68.97 40.19 14.14
C ASP D 178 -69.34 39.38 15.37
N PRO D 179 -69.93 40.01 16.40
CA PRO D 179 -70.26 41.43 16.51
C PRO D 179 -69.04 42.26 16.89
N ALA D 180 -67.97 41.62 17.34
CA ALA D 180 -66.74 42.29 17.73
C ALA D 180 -65.55 41.55 17.11
N GLU D 181 -64.35 42.04 17.38
CA GLU D 181 -63.15 41.41 16.83
C GLU D 181 -63.02 39.96 17.29
N TYR D 182 -63.55 39.64 18.46
CA TYR D 182 -63.54 38.28 18.99
C TYR D 182 -64.93 37.68 18.83
N CYS D 183 -64.99 36.47 18.27
CA CYS D 183 -66.26 35.81 18.03
C CYS D 183 -66.07 34.30 18.13
N VAL D 184 -67.18 33.57 18.15
CA VAL D 184 -67.18 32.12 18.13
C VAL D 184 -68.01 31.65 16.95
N VAL D 185 -67.41 30.84 16.08
CA VAL D 185 -68.11 30.36 14.89
C VAL D 185 -69.11 29.28 15.30
N ALA D 186 -70.31 29.36 14.75
CA ALA D 186 -71.40 28.43 15.00
C ALA D 186 -71.99 27.98 13.68
N PRO D 187 -72.74 26.88 13.69
CA PRO D 187 -73.34 26.41 12.43
C PRO D 187 -74.20 27.46 11.73
N ASP D 188 -74.95 28.25 12.50
CA ASP D 188 -75.79 29.28 11.92
C ASP D 188 -75.01 30.49 11.45
N THR D 189 -73.76 30.63 11.87
CA THR D 189 -72.95 31.77 11.48
C THR D 189 -72.69 31.77 9.98
N GLU D 190 -72.73 32.96 9.39
CA GLU D 190 -72.44 33.12 7.98
C GLU D 190 -70.94 33.22 7.76
N ILE D 191 -70.45 32.61 6.68
CA ILE D 191 -69.04 32.64 6.31
C ILE D 191 -68.94 33.20 4.90
N PHE D 192 -68.14 34.24 4.73
CA PHE D 192 -67.98 34.92 3.46
C PHE D 192 -66.54 34.77 2.98
N CYS D 193 -66.35 34.07 1.86
CA CYS D 193 -65.03 33.82 1.31
C CYS D 193 -65.02 34.06 -0.19
N GLU D 194 -65.73 35.09 -0.63
CA GLU D 194 -65.79 35.43 -2.05
C GLU D 194 -64.76 36.48 -2.46
N GLY D 195 -63.94 36.96 -1.53
CA GLY D 195 -62.97 37.99 -1.85
C GLY D 195 -61.71 37.44 -2.51
N GLU D 196 -60.86 38.36 -2.92
CA GLU D 196 -59.62 38.01 -3.58
C GLU D 196 -58.55 37.61 -2.57
N PRO D 197 -57.48 36.97 -3.03
CA PRO D 197 -56.40 36.61 -2.11
C PRO D 197 -55.80 37.83 -1.43
N VAL D 198 -55.41 37.64 -0.17
CA VAL D 198 -54.84 38.71 0.65
C VAL D 198 -53.34 38.50 0.75
N LYS D 199 -52.61 39.61 0.83
CA LYS D 199 -51.16 39.54 0.91
C LYS D 199 -50.72 39.04 2.27
N ARG D 200 -49.46 38.61 2.35
CA ARG D 200 -48.92 38.05 3.58
C ARG D 200 -48.66 39.14 4.62
N GLU D 201 -48.28 40.34 4.16
CA GLU D 201 -48.01 41.49 5.02
C GLU D 201 -47.14 41.09 6.21
N ASP D 202 -45.92 40.69 5.89
CA ASP D 202 -44.83 40.38 6.82
C ASP D 202 -45.14 39.22 7.75
N GLU D 203 -46.24 38.52 7.53
CA GLU D 203 -46.52 37.31 8.31
C GLU D 203 -45.52 36.21 7.95
N GLU D 204 -45.27 35.34 8.92
CA GLU D 204 -44.35 34.22 8.72
C GLU D 204 -45.09 33.03 8.14
N ARG D 205 -44.37 32.25 7.32
CA ARG D 205 -44.94 31.05 6.74
C ARG D 205 -45.30 30.06 7.84
N LEU D 206 -46.59 29.77 8.00
CA LEU D 206 -47.01 28.79 9.00
C LEU D 206 -46.59 27.37 8.65
N ASP D 207 -46.14 27.14 7.42
CA ASP D 207 -45.61 25.85 7.00
C ASP D 207 -44.11 25.74 7.21
N ASP D 208 -43.47 26.77 7.75
CA ASP D 208 -42.03 26.68 8.03
C ASP D 208 -41.75 25.50 8.96
N VAL D 209 -40.55 24.94 8.82
CA VAL D 209 -40.20 23.77 9.59
C VAL D 209 -40.14 24.15 11.06
N GLY D 210 -40.75 23.30 11.90
CA GLY D 210 -40.74 23.50 13.33
C GLY D 210 -40.52 22.20 14.08
N TYR D 211 -40.67 22.22 15.40
CA TYR D 211 -40.52 20.98 16.16
C TYR D 211 -41.63 19.99 15.85
N ASP D 212 -42.77 20.47 15.36
CA ASP D 212 -43.87 19.60 14.98
C ASP D 212 -43.69 18.98 13.59
N ASP D 213 -42.75 19.50 12.79
CA ASP D 213 -42.43 18.92 11.49
C ASP D 213 -41.27 17.96 11.55
N VAL D 214 -40.78 17.62 12.74
CA VAL D 214 -39.69 16.67 12.93
C VAL D 214 -40.21 15.56 13.84
N GLY D 215 -40.07 14.33 13.39
CA GLY D 215 -40.52 13.18 14.16
C GLY D 215 -39.44 12.13 14.27
N GLY D 216 -39.58 11.29 15.30
CA GLY D 216 -38.61 10.27 15.58
C GLY D 216 -37.44 10.73 16.41
N VAL D 217 -37.40 12.00 16.80
CA VAL D 217 -36.33 12.57 17.60
C VAL D 217 -36.98 13.43 18.67
N ARG D 218 -37.13 12.87 19.87
CA ARG D 218 -37.63 13.60 21.03
C ARG D 218 -36.56 13.86 22.07
N LYS D 219 -35.71 12.86 22.33
CA LYS D 219 -34.59 13.05 23.25
C LYS D 219 -33.56 13.99 22.66
N GLN D 220 -33.14 13.73 21.42
CA GLN D 220 -32.13 14.58 20.78
C GLN D 220 -32.64 16.00 20.61
N MET D 221 -33.90 16.15 20.19
CA MET D 221 -34.47 17.49 20.04
C MET D 221 -34.56 18.18 21.38
N ALA D 222 -34.86 17.43 22.44
CA ALA D 222 -34.90 18.03 23.78
C ALA D 222 -33.52 18.54 24.19
N GLN D 223 -32.47 17.76 23.92
CA GLN D 223 -31.12 18.23 24.22
C GLN D 223 -30.80 19.49 23.44
N ILE D 224 -31.14 19.49 22.15
CA ILE D 224 -30.83 20.65 21.31
C ILE D 224 -31.57 21.88 21.83
N ARG D 225 -32.85 21.71 22.18
CA ARG D 225 -33.60 22.82 22.73
C ARG D 225 -32.95 23.35 24.00
N GLU D 226 -32.63 22.45 24.94
CA GLU D 226 -32.07 22.89 26.21
C GLU D 226 -30.75 23.61 26.00
N LEU D 227 -29.97 23.21 24.99
CA LEU D 227 -28.71 23.90 24.72
C LEU D 227 -28.91 25.25 24.06
N VAL D 228 -29.87 25.36 23.15
CA VAL D 228 -29.95 26.49 22.23
C VAL D 228 -30.95 27.55 22.71
N GLU D 229 -32.18 27.13 23.04
CA GLU D 229 -33.24 28.10 23.30
C GLU D 229 -32.89 28.99 24.48
N LEU D 230 -32.31 28.42 25.53
CA LEU D 230 -32.06 29.22 26.73
C LEU D 230 -31.11 30.39 26.47
N PRO D 231 -29.94 30.20 25.85
CA PRO D 231 -29.07 31.35 25.59
C PRO D 231 -29.59 32.31 24.53
N LEU D 232 -30.05 31.77 23.40
CA LEU D 232 -30.46 32.64 22.29
C LEU D 232 -31.63 33.53 22.68
N ARG D 233 -32.62 32.96 23.36
CA ARG D 233 -33.77 33.75 23.78
C ARG D 233 -33.41 34.68 24.94
N HIS D 234 -32.47 34.27 25.79
CA HIS D 234 -32.10 35.02 26.98
C HIS D 234 -30.58 35.15 27.04
N PRO D 235 -30.01 35.93 26.12
CA PRO D 235 -28.55 36.12 26.12
C PRO D 235 -28.08 37.06 27.22
N GLN D 236 -28.93 38.04 27.55
CA GLN D 236 -28.56 39.00 28.59
C GLN D 236 -28.36 38.30 29.93
N LEU D 237 -29.25 37.37 30.29
CA LEU D 237 -29.11 36.65 31.54
C LEU D 237 -27.83 35.84 31.56
N PHE D 238 -27.50 35.19 30.44
CA PHE D 238 -26.29 34.35 30.42
C PHE D 238 -25.03 35.19 30.49
N LYS D 239 -25.00 36.34 29.81
CA LYS D 239 -23.81 37.19 29.90
C LYS D 239 -23.70 37.87 31.25
N SER D 240 -24.82 38.06 31.95
CA SER D 240 -24.76 38.60 33.30
C SER D 240 -24.33 37.55 34.31
N ILE D 241 -24.74 36.29 34.12
CA ILE D 241 -24.35 35.24 35.05
C ILE D 241 -22.84 35.04 35.04
N GLY D 242 -22.24 35.00 33.85
CA GLY D 242 -20.82 34.77 33.70
C GLY D 242 -20.46 33.35 33.29
N VAL D 243 -21.40 32.42 33.33
CA VAL D 243 -21.14 31.05 32.92
C VAL D 243 -21.13 30.96 31.40
N LYS D 244 -20.25 30.13 30.85
CA LYS D 244 -20.11 29.99 29.42
C LYS D 244 -20.81 28.73 28.95
N PRO D 245 -21.89 28.83 28.17
CA PRO D 245 -22.53 27.63 27.65
C PRO D 245 -21.79 27.11 26.42
N PRO D 246 -22.01 25.85 26.05
CA PRO D 246 -21.37 25.33 24.85
C PRO D 246 -21.88 26.00 23.59
N LYS D 247 -21.00 26.11 22.60
CA LYS D 247 -21.33 26.68 21.31
C LYS D 247 -21.17 25.71 20.16
N GLY D 248 -20.44 24.62 20.33
CA GLY D 248 -20.20 23.68 19.25
C GLY D 248 -21.10 22.47 19.30
N ILE D 249 -21.98 22.36 18.31
CA ILE D 249 -22.94 21.28 18.19
C ILE D 249 -22.69 20.58 16.86
N LEU D 250 -22.65 19.25 16.89
CA LEU D 250 -22.39 18.43 15.72
C LEU D 250 -23.46 17.36 15.63
N LEU D 251 -24.36 17.49 14.66
CA LEU D 251 -25.39 16.49 14.42
C LEU D 251 -24.86 15.47 13.43
N TYR D 252 -24.65 14.25 13.90
CA TYR D 252 -24.15 13.18 13.04
C TYR D 252 -25.18 12.07 12.97
N GLY D 253 -25.38 11.53 11.77
CA GLY D 253 -26.34 10.49 11.53
C GLY D 253 -26.41 10.10 10.07
N PRO D 254 -27.12 9.02 9.77
CA PRO D 254 -27.21 8.56 8.38
C PRO D 254 -27.95 9.58 7.53
N PRO D 255 -27.65 9.63 6.23
CA PRO D 255 -28.36 10.58 5.34
C PRO D 255 -29.85 10.31 5.34
N GLY D 256 -30.62 11.40 5.29
CA GLY D 256 -32.07 11.33 5.33
C GLY D 256 -32.68 11.30 6.71
N SER D 257 -31.87 11.42 7.76
CA SER D 257 -32.34 11.31 9.13
C SER D 257 -32.70 12.65 9.75
N GLY D 258 -32.58 13.74 9.01
CA GLY D 258 -32.81 15.06 9.55
C GLY D 258 -31.59 15.95 9.42
N LYS D 259 -31.03 16.36 10.54
CA LYS D 259 -29.85 17.22 10.56
C LYS D 259 -30.17 18.59 9.98
N THR D 260 -30.24 18.68 8.64
CA THR D 260 -30.64 19.93 8.01
C THR D 260 -32.03 20.36 8.47
N LEU D 261 -32.95 19.41 8.57
CA LEU D 261 -34.30 19.73 9.03
C LEU D 261 -34.30 20.23 10.46
N ILE D 262 -33.51 19.58 11.33
CA ILE D 262 -33.47 19.96 12.73
C ILE D 262 -32.94 21.39 12.89
N ALA D 263 -31.88 21.71 12.15
CA ALA D 263 -31.31 23.05 12.25
C ALA D 263 -32.29 24.11 11.78
N ARG D 264 -32.97 23.89 10.66
CA ARG D 264 -33.98 24.85 10.22
C ARG D 264 -35.12 24.97 11.22
N ALA D 265 -35.56 23.85 11.80
CA ALA D 265 -36.63 23.91 12.79
C ALA D 265 -36.20 24.73 14.00
N VAL D 266 -34.99 24.50 14.49
CA VAL D 266 -34.50 25.24 15.65
C VAL D 266 -34.38 26.71 15.32
N ALA D 267 -33.84 27.03 14.14
CA ALA D 267 -33.69 28.43 13.75
C ALA D 267 -35.05 29.13 13.64
N ASN D 268 -36.03 28.47 13.04
CA ASN D 268 -37.34 29.09 12.87
C ASN D 268 -38.05 29.22 14.21
N GLU D 269 -37.86 28.25 15.12
CA GLU D 269 -38.53 28.31 16.41
C GLU D 269 -37.88 29.32 17.34
N THR D 270 -36.60 29.61 17.16
CA THR D 270 -35.91 30.60 17.97
C THR D 270 -35.85 31.97 17.31
N GLY D 271 -36.13 32.06 16.01
CA GLY D 271 -36.06 33.32 15.31
C GLY D 271 -34.65 33.85 15.14
N ALA D 272 -33.64 33.08 15.50
CA ALA D 272 -32.27 33.55 15.41
C ALA D 272 -31.84 33.68 13.94
N PHE D 273 -30.99 34.67 13.69
CA PHE D 273 -30.45 34.87 12.34
C PHE D 273 -29.72 33.61 11.90
N PHE D 274 -30.28 32.92 10.93
CA PHE D 274 -29.78 31.62 10.49
C PHE D 274 -28.97 31.80 9.21
N PHE D 275 -27.69 31.45 9.27
CA PHE D 275 -26.80 31.49 8.11
C PHE D 275 -26.47 30.04 7.74
N CYS D 276 -26.80 29.65 6.52
CA CYS D 276 -26.63 28.28 6.06
C CYS D 276 -25.37 28.22 5.19
N ILE D 277 -24.27 27.81 5.81
CA ILE D 277 -23.05 27.53 5.07
C ILE D 277 -23.14 26.11 4.52
N ASN D 278 -22.94 25.98 3.22
CA ASN D 278 -22.99 24.68 2.54
C ASN D 278 -21.60 24.30 2.08
N GLY D 279 -21.18 23.09 2.43
CA GLY D 279 -19.85 22.63 2.13
C GLY D 279 -19.48 22.76 0.67
N PRO D 280 -20.24 22.09 -0.21
CA PRO D 280 -19.93 22.21 -1.64
C PRO D 280 -19.97 23.62 -2.17
N GLU D 281 -20.88 24.46 -1.66
CA GLU D 281 -20.90 25.85 -2.12
C GLU D 281 -19.60 26.55 -1.79
N ILE D 282 -19.04 26.30 -0.61
CA ILE D 282 -17.76 26.88 -0.24
C ILE D 282 -16.64 26.29 -1.10
N MET D 283 -16.67 24.97 -1.33
CA MET D 283 -15.59 24.30 -2.03
C MET D 283 -15.61 24.54 -3.54
N SER D 284 -16.70 25.06 -4.09
CA SER D 284 -16.76 25.36 -5.51
C SER D 284 -16.16 26.71 -5.84
N LYS D 285 -16.39 27.72 -4.99
CA LYS D 285 -15.89 29.05 -5.25
C LYS D 285 -14.37 29.05 -5.26
N LEU D 286 -13.80 29.87 -6.15
CA LEU D 286 -12.36 29.83 -6.43
C LEU D 286 -11.54 29.98 -5.17
N ALA D 287 -10.27 29.61 -5.24
CA ALA D 287 -9.39 29.71 -4.08
C ALA D 287 -9.32 31.14 -3.58
N GLY D 288 -9.35 31.29 -2.26
CA GLY D 288 -9.36 32.60 -1.62
C GLY D 288 -10.76 33.12 -1.38
N GLU D 289 -11.69 32.78 -2.27
CA GLU D 289 -13.09 33.16 -2.07
C GLU D 289 -13.76 32.31 -1.02
N SER D 290 -13.31 31.05 -0.85
CA SER D 290 -13.89 30.20 0.18
C SER D 290 -13.63 30.75 1.57
N GLU D 291 -12.38 31.12 1.85
CA GLU D 291 -12.04 31.72 3.12
C GLU D 291 -12.79 33.02 3.32
N SER D 292 -12.92 33.81 2.27
CA SER D 292 -13.65 35.07 2.36
C SER D 292 -15.11 34.82 2.72
N ASN D 293 -15.72 33.80 2.11
CA ASN D 293 -17.11 33.49 2.41
C ASN D 293 -17.28 33.03 3.86
N LEU D 294 -16.38 32.18 4.34
CA LEU D 294 -16.45 31.75 5.73
C LEU D 294 -16.31 32.94 6.67
N ARG D 295 -15.34 33.81 6.40
CA ARG D 295 -15.13 34.99 7.23
C ARG D 295 -16.36 35.89 7.23
N LYS D 296 -16.95 36.12 6.06
CA LYS D 296 -18.14 36.96 5.99
C LYS D 296 -19.29 36.33 6.75
N ALA D 297 -19.45 35.01 6.62
CA ALA D 297 -20.54 34.34 7.34
C ALA D 297 -20.39 34.54 8.83
N PHE D 298 -19.20 34.28 9.37
CA PHE D 298 -18.99 34.44 10.81
C PHE D 298 -19.18 35.89 11.24
N GLU D 299 -18.64 36.84 10.46
CA GLU D 299 -18.77 38.24 10.83
C GLU D 299 -20.22 38.68 10.84
N GLU D 300 -20.99 38.28 9.83
CA GLU D 300 -22.40 38.65 9.77
C GLU D 300 -23.19 37.99 10.90
N ALA D 301 -22.83 36.75 11.26
CA ALA D 301 -23.47 36.12 12.40
C ALA D 301 -23.19 36.90 13.67
N GLU D 302 -21.95 37.37 13.85
CA GLU D 302 -21.61 38.17 15.01
C GLU D 302 -22.29 39.54 15.02
N LYS D 303 -22.86 39.96 13.89
CA LYS D 303 -23.57 41.23 13.81
C LYS D 303 -25.05 41.09 14.11
N ASN D 304 -25.64 39.96 13.72
CA ASN D 304 -27.06 39.70 13.92
C ASN D 304 -27.33 38.85 15.15
N ALA D 305 -26.51 38.99 16.19
CA ALA D 305 -26.68 38.18 17.38
C ALA D 305 -28.04 38.45 18.02
N PRO D 306 -28.72 37.43 18.53
CA PRO D 306 -28.34 36.01 18.57
C PRO D 306 -28.39 35.38 17.19
N SER D 307 -27.56 34.37 16.91
CA SER D 307 -27.43 33.85 15.57
C SER D 307 -27.02 32.39 15.62
N ILE D 308 -27.09 31.75 14.45
CA ILE D 308 -26.74 30.35 14.27
C ILE D 308 -26.00 30.21 12.95
N ILE D 309 -25.04 29.30 12.90
CA ILE D 309 -24.21 29.09 11.72
C ILE D 309 -24.23 27.60 11.43
N PHE D 310 -25.15 27.17 10.56
CA PHE D 310 -25.32 25.76 10.24
C PHE D 310 -24.38 25.39 9.09
N ILE D 311 -23.39 24.56 9.39
CA ILE D 311 -22.38 24.15 8.41
C ILE D 311 -22.78 22.75 7.94
N ASP D 312 -23.55 22.71 6.85
CA ASP D 312 -23.94 21.43 6.28
C ASP D 312 -22.78 20.82 5.50
N GLU D 313 -22.77 19.49 5.43
CA GLU D 313 -21.71 18.76 4.75
C GLU D 313 -20.35 19.26 5.22
N ILE D 314 -20.13 19.27 6.52
CA ILE D 314 -18.86 19.74 7.07
C ILE D 314 -17.73 18.74 6.85
N ASP D 315 -18.04 17.54 6.38
CA ASP D 315 -16.99 16.57 6.07
C ASP D 315 -16.18 17.01 4.86
N SER D 316 -16.84 17.58 3.85
CA SER D 316 -16.12 18.08 2.68
C SER D 316 -15.21 19.23 3.06
N ILE D 317 -15.67 20.14 3.92
CA ILE D 317 -14.86 21.26 4.33
C ILE D 317 -13.66 20.77 5.14
N ALA D 318 -13.90 19.88 6.08
CA ALA D 318 -12.90 19.47 7.08
C ALA D 318 -12.82 17.95 7.14
N PRO D 319 -12.33 17.31 6.08
CA PRO D 319 -12.08 15.88 6.13
C PRO D 319 -10.81 15.57 6.90
N LYS D 320 -10.59 14.28 7.15
CA LYS D 320 -9.40 13.85 7.87
C LYS D 320 -8.15 14.23 7.08
N ARG D 321 -7.09 14.58 7.81
CA ARG D 321 -5.84 14.92 7.14
C ARG D 321 -5.28 13.72 6.38
N GLU D 322 -5.52 12.51 6.88
CA GLU D 322 -5.06 11.30 6.20
C GLU D 322 -5.68 11.14 4.81
N LYS D 323 -6.79 11.82 4.54
CA LYS D 323 -7.51 11.72 3.29
C LYS D 323 -7.30 12.90 2.36
N THR D 324 -7.32 14.12 2.90
CA THR D 324 -7.11 15.30 2.05
C THR D 324 -5.71 15.27 1.46
N ASN D 325 -5.61 15.68 0.19
CA ASN D 325 -4.35 15.67 -0.54
C ASN D 325 -4.17 17.01 -1.27
N GLY D 326 -4.43 18.10 -0.57
CA GLY D 326 -4.36 19.41 -1.18
C GLY D 326 -4.02 20.49 -0.17
N GLU D 327 -3.66 21.66 -0.70
CA GLU D 327 -3.28 22.78 0.15
C GLU D 327 -4.46 23.67 0.48
N VAL D 328 -5.31 23.96 -0.52
CA VAL D 328 -6.45 24.83 -0.28
C VAL D 328 -7.39 24.20 0.74
N GLU D 329 -7.54 22.88 0.69
CA GLU D 329 -8.37 22.20 1.68
C GLU D 329 -7.85 22.42 3.09
N ARG D 330 -6.53 22.29 3.28
CA ARG D 330 -5.94 22.52 4.59
C ARG D 330 -6.10 23.98 5.01
N ARG D 331 -5.96 24.91 4.07
CA ARG D 331 -6.16 26.32 4.40
C ARG D 331 -7.57 26.58 4.88
N ILE D 332 -8.56 25.98 4.22
CA ILE D 332 -9.95 26.19 4.63
C ILE D 332 -10.20 25.56 5.99
N VAL D 333 -9.65 24.36 6.21
CA VAL D 333 -9.80 23.70 7.51
C VAL D 333 -9.24 24.59 8.62
N SER D 334 -8.03 25.13 8.39
CA SER D 334 -7.40 25.96 9.40
C SER D 334 -8.16 27.25 9.62
N GLN D 335 -8.70 27.83 8.56
CA GLN D 335 -9.51 29.04 8.71
C GLN D 335 -10.75 28.76 9.54
N LEU D 336 -11.40 27.62 9.29
CA LEU D 336 -12.58 27.25 10.08
C LEU D 336 -12.20 27.07 11.55
N LEU D 337 -11.08 26.40 11.81
CA LEU D 337 -10.63 26.21 13.19
C LEU D 337 -10.33 27.55 13.86
N THR D 338 -9.67 28.45 13.15
CA THR D 338 -9.36 29.76 13.70
C THR D 338 -10.64 30.53 14.02
N LEU D 339 -11.62 30.48 13.14
CA LEU D 339 -12.87 31.19 13.39
C LEU D 339 -13.61 30.59 14.58
N MET D 340 -13.64 29.26 14.68
CA MET D 340 -14.30 28.65 15.83
C MET D 340 -13.60 29.02 17.12
N ASP D 341 -12.27 29.05 17.11
CA ASP D 341 -11.53 29.47 18.30
C ASP D 341 -11.84 30.92 18.64
N GLY D 342 -11.89 31.80 17.64
CA GLY D 342 -12.22 33.19 17.88
C GLY D 342 -13.63 33.39 18.38
N LEU D 343 -14.53 32.45 18.09
CA LEU D 343 -15.88 32.53 18.63
C LEU D 343 -15.94 32.40 20.14
N LYS D 344 -14.81 32.23 20.83
CA LYS D 344 -14.83 32.34 22.28
C LYS D 344 -15.23 33.73 22.72
N SER D 345 -14.68 34.76 22.06
CA SER D 345 -15.14 36.13 22.23
C SER D 345 -16.21 36.37 21.16
N ARG D 346 -17.43 35.96 21.47
CA ARG D 346 -18.52 35.92 20.51
C ARG D 346 -19.60 36.92 20.92
N ALA D 347 -20.68 36.93 20.14
CA ALA D 347 -21.93 37.61 20.52
C ALA D 347 -23.04 36.58 20.34
N HIS D 348 -23.23 35.75 21.37
CA HIS D 348 -24.32 34.78 21.42
C HIS D 348 -24.46 34.04 20.09
N VAL D 349 -23.35 33.47 19.62
CA VAL D 349 -23.29 32.77 18.35
C VAL D 349 -23.13 31.29 18.61
N ILE D 350 -23.94 30.47 17.95
CA ILE D 350 -23.92 29.03 18.09
C ILE D 350 -23.64 28.41 16.73
N VAL D 351 -22.68 27.51 16.68
CA VAL D 351 -22.32 26.79 15.47
C VAL D 351 -22.96 25.42 15.52
N MET D 352 -23.63 25.04 14.44
CA MET D 352 -24.43 23.81 14.38
C MET D 352 -24.03 23.06 13.12
N GLY D 353 -22.98 22.25 13.21
CA GLY D 353 -22.53 21.47 12.09
C GLY D 353 -23.39 20.26 11.84
N ALA D 354 -23.10 19.58 10.73
CA ALA D 354 -23.82 18.38 10.35
C ALA D 354 -22.94 17.52 9.46
N THR D 355 -22.87 16.24 9.76
CA THR D 355 -22.08 15.29 8.99
C THR D 355 -22.76 13.93 9.06
N ASN D 356 -22.36 13.03 8.15
CA ASN D 356 -22.93 11.70 8.14
C ASN D 356 -22.42 10.87 9.32
N ARG D 357 -21.12 10.91 9.58
CA ARG D 357 -20.54 10.24 10.73
C ARG D 357 -19.40 11.09 11.25
N PRO D 358 -19.10 11.01 12.56
CA PRO D 358 -18.03 11.85 13.11
C PRO D 358 -16.65 11.45 12.65
N ASN D 359 -16.46 10.20 12.20
CA ASN D 359 -15.13 9.75 11.81
C ASN D 359 -14.57 10.55 10.64
N SER D 360 -15.42 10.85 9.65
CA SER D 360 -14.97 11.58 8.48
C SER D 360 -14.52 13.00 8.79
N ILE D 361 -14.87 13.53 9.95
CA ILE D 361 -14.49 14.88 10.35
C ILE D 361 -13.10 14.86 10.95
N ASP D 362 -12.37 15.94 10.75
CA ASP D 362 -11.04 16.04 11.32
C ASP D 362 -11.14 16.03 12.84
N PRO D 363 -10.26 15.29 13.54
CA PRO D 363 -10.38 15.23 15.00
C PRO D 363 -10.28 16.59 15.67
N ALA D 364 -9.54 17.53 15.08
CA ALA D 364 -9.37 18.83 15.70
C ALA D 364 -10.70 19.51 15.98
N LEU D 365 -11.72 19.23 15.17
CA LEU D 365 -13.02 19.86 15.33
C LEU D 365 -13.80 19.32 16.52
N ARG D 366 -13.41 18.17 17.07
CA ARG D 366 -14.14 17.53 18.16
C ARG D 366 -13.52 17.81 19.51
N ARG D 367 -12.94 19.01 19.70
CA ARG D 367 -12.25 19.38 20.92
C ARG D 367 -12.98 20.53 21.61
N PHE D 368 -12.41 20.97 22.73
CA PHE D 368 -13.01 22.01 23.53
C PHE D 368 -13.04 23.34 22.77
N GLY D 369 -14.13 24.07 22.92
CA GLY D 369 -14.37 25.32 22.20
C GLY D 369 -14.93 25.08 20.82
N ARG D 370 -14.37 24.12 20.11
CA ARG D 370 -14.88 23.66 18.83
C ARG D 370 -16.04 22.72 19.08
N PHE D 371 -16.41 21.90 18.09
CA PHE D 371 -17.61 21.09 18.20
C PHE D 371 -17.44 20.06 19.31
N ASP D 372 -17.88 20.40 20.51
CA ASP D 372 -17.73 19.56 21.69
C ASP D 372 -18.97 18.76 22.03
N ARG D 373 -20.15 19.21 21.63
CA ARG D 373 -21.38 18.46 21.81
C ARG D 373 -21.69 17.73 20.51
N GLU D 374 -22.00 16.44 20.61
CA GLU D 374 -22.32 15.62 19.45
C GLU D 374 -23.64 14.93 19.70
N ILE D 375 -24.57 15.09 18.75
CA ILE D 375 -25.91 14.53 18.83
C ILE D 375 -26.08 13.56 17.68
N ASP D 376 -26.49 12.33 18.00
CA ASP D 376 -26.71 11.29 16.99
C ASP D 376 -28.17 11.32 16.57
N ILE D 377 -28.43 11.78 15.36
CA ILE D 377 -29.75 11.67 14.76
C ILE D 377 -29.81 10.35 14.00
N GLY D 378 -30.16 9.28 14.70
CA GLY D 378 -30.11 7.95 14.13
C GLY D 378 -31.39 7.56 13.43
N VAL D 379 -31.45 6.28 13.08
CA VAL D 379 -32.64 5.72 12.44
C VAL D 379 -33.78 5.66 13.46
N PRO D 380 -34.96 6.19 13.16
CA PRO D 380 -36.06 6.11 14.12
C PRO D 380 -36.55 4.68 14.31
N ASP D 381 -37.07 4.41 15.50
CA ASP D 381 -37.71 3.14 15.79
C ASP D 381 -39.10 3.13 15.18
N GLU D 382 -39.90 2.10 15.48
CA GLU D 382 -41.19 1.93 14.82
C GLU D 382 -42.09 3.14 15.07
N ILE D 383 -42.15 3.61 16.32
CA ILE D 383 -43.00 4.75 16.63
C ILE D 383 -42.49 6.00 15.92
N GLY D 384 -41.16 6.13 15.78
CA GLY D 384 -40.62 7.26 15.04
C GLY D 384 -41.03 7.24 13.58
N ARG D 385 -41.01 6.06 12.96
CA ARG D 385 -41.45 5.94 11.58
C ARG D 385 -42.93 6.27 11.46
N LEU D 386 -43.74 5.84 12.44
CA LEU D 386 -45.15 6.20 12.44
C LEU D 386 -45.32 7.71 12.52
N GLU D 387 -44.55 8.37 13.38
CA GLU D 387 -44.63 9.82 13.49
C GLU D 387 -44.24 10.50 12.19
N VAL D 388 -43.19 10.01 11.53
CA VAL D 388 -42.77 10.57 10.26
C VAL D 388 -43.88 10.43 9.22
N LEU D 389 -44.49 9.25 9.16
CA LEU D 389 -45.56 9.02 8.21
C LEU D 389 -46.76 9.93 8.48
N ARG D 390 -47.10 10.11 9.76
CA ARG D 390 -48.19 11.01 10.11
C ARG D 390 -47.85 12.44 9.70
N ILE D 391 -46.59 12.85 9.90
CA ILE D 391 -46.17 14.19 9.50
C ILE D 391 -46.30 14.37 8.01
N HIS D 392 -45.90 13.39 7.22
CA HIS D 392 -45.90 13.51 5.77
C HIS D 392 -47.24 13.15 5.14
N THR D 393 -48.22 12.70 5.92
CA THR D 393 -49.54 12.39 5.41
C THR D 393 -50.63 13.23 6.06
N LYS D 394 -50.27 14.27 6.81
CA LYS D 394 -51.27 15.11 7.46
C LYS D 394 -51.98 16.03 6.47
N ASN D 395 -51.30 16.43 5.40
CA ASN D 395 -51.92 17.24 4.37
C ASN D 395 -52.78 16.42 3.41
N MET D 396 -52.74 15.10 3.50
CA MET D 396 -53.49 14.22 2.61
C MET D 396 -54.58 13.49 3.38
N LYS D 397 -55.71 13.27 2.70
CA LYS D 397 -56.85 12.57 3.28
C LYS D 397 -56.66 11.08 3.05
N LEU D 398 -56.29 10.37 4.11
CA LEU D 398 -56.09 8.92 4.01
C LEU D 398 -57.43 8.21 4.00
N ALA D 399 -57.57 7.23 3.11
CA ALA D 399 -58.77 6.43 3.06
C ALA D 399 -58.77 5.42 4.21
N GLU D 400 -59.93 4.80 4.41
CA GLU D 400 -60.05 3.79 5.45
C GLU D 400 -59.23 2.56 5.09
N ASP D 401 -58.82 1.83 6.12
CA ASP D 401 -58.02 0.60 6.04
C ASP D 401 -56.55 0.94 5.81
N VAL D 402 -56.18 2.21 5.69
CA VAL D 402 -54.78 2.60 5.56
C VAL D 402 -54.16 2.62 6.95
N ASP D 403 -53.57 1.49 7.34
CA ASP D 403 -53.01 1.32 8.68
C ASP D 403 -51.56 1.77 8.67
N LEU D 404 -51.30 2.99 9.14
CA LEU D 404 -49.93 3.48 9.18
C LEU D 404 -49.06 2.66 10.11
N GLU D 405 -49.68 2.01 11.11
CA GLU D 405 -48.91 1.14 12.00
C GLU D 405 -48.33 -0.04 11.22
N ARG D 406 -49.10 -0.60 10.30
CA ARG D 406 -48.59 -1.70 9.48
C ARG D 406 -47.39 -1.25 8.66
N ILE D 407 -47.49 -0.07 8.04
CA ILE D 407 -46.39 0.43 7.22
C ILE D 407 -45.16 0.67 8.08
N SER D 408 -45.34 1.30 9.25
CA SER D 408 -44.21 1.56 10.12
C SER D 408 -43.54 0.26 10.54
N LYS D 409 -44.34 -0.77 10.84
CA LYS D 409 -43.76 -2.06 11.21
C LYS D 409 -43.05 -2.71 10.03
N ASP D 410 -43.50 -2.42 8.81
CA ASP D 410 -42.93 -3.01 7.60
C ASP D 410 -41.82 -2.16 6.98
N THR D 411 -41.43 -1.06 7.63
CA THR D 411 -40.45 -0.12 7.07
C THR D 411 -39.17 -0.10 7.90
N HIS D 412 -38.69 -1.26 8.32
CA HIS D 412 -37.43 -1.33 9.03
C HIS D 412 -36.29 -0.87 8.14
N GLY D 413 -35.39 -0.07 8.70
CA GLY D 413 -34.27 0.46 7.94
C GLY D 413 -34.58 1.67 7.10
N TYR D 414 -35.75 2.27 7.27
CA TYR D 414 -36.17 3.42 6.48
C TYR D 414 -35.91 4.69 7.26
N VAL D 415 -35.07 5.56 6.73
CA VAL D 415 -34.81 6.87 7.31
C VAL D 415 -35.93 7.79 6.86
N GLY D 416 -36.04 8.96 7.51
CA GLY D 416 -37.19 9.81 7.27
C GLY D 416 -37.37 10.19 5.81
N ALA D 417 -36.25 10.30 5.08
CA ALA D 417 -36.34 10.64 3.66
C ALA D 417 -37.05 9.54 2.88
N ASP D 418 -36.74 8.28 3.18
CA ASP D 418 -37.41 7.17 2.51
C ASP D 418 -38.89 7.16 2.80
N LEU D 419 -39.28 7.44 4.04
CA LEU D 419 -40.68 7.46 4.42
C LEU D 419 -41.42 8.66 3.82
N ALA D 420 -40.72 9.77 3.58
CA ALA D 420 -41.30 10.88 2.85
C ALA D 420 -41.40 10.60 1.36
N ALA D 421 -40.50 9.80 0.81
CA ALA D 421 -40.53 9.45 -0.60
C ALA D 421 -41.61 8.43 -0.90
N LEU D 422 -41.83 7.47 -0.01
CA LEU D 422 -42.88 6.48 -0.25
C LEU D 422 -44.27 7.11 -0.19
N CYS D 423 -44.46 8.05 0.75
CA CYS D 423 -45.73 8.79 0.78
C CYS D 423 -45.93 9.58 -0.49
N THR D 424 -44.85 10.21 -0.99
CA THR D 424 -44.94 10.94 -2.24
C THR D 424 -45.29 10.02 -3.40
N GLU D 425 -44.69 8.84 -3.43
CA GLU D 425 -45.01 7.89 -4.49
C GLU D 425 -46.46 7.46 -4.43
N ALA D 426 -46.98 7.23 -3.22
CA ALA D 426 -48.39 6.88 -3.07
C ALA D 426 -49.29 8.01 -3.57
N ALA D 427 -48.96 9.25 -3.20
CA ALA D 427 -49.74 10.39 -3.65
C ALA D 427 -49.72 10.51 -5.16
N LEU D 428 -48.54 10.27 -5.77
CA LEU D 428 -48.44 10.36 -7.22
C LEU D 428 -49.23 9.24 -7.89
N GLN D 429 -49.24 8.05 -7.30
CA GLN D 429 -50.07 6.98 -7.85
C GLN D 429 -51.55 7.35 -7.79
N CYS D 430 -51.99 7.93 -6.67
CA CYS D 430 -53.38 8.37 -6.58
C CYS D 430 -53.68 9.44 -7.63
N ILE D 431 -52.76 10.39 -7.82
CA ILE D 431 -52.98 11.44 -8.81
C ILE D 431 -53.05 10.85 -10.21
N ARG D 432 -52.17 9.89 -10.51
CA ARG D 432 -52.21 9.25 -11.82
C ARG D 432 -53.53 8.53 -12.03
N GLU D 433 -54.01 7.81 -11.01
CA GLU D 433 -55.29 7.12 -11.13
C GLU D 433 -56.43 8.11 -11.38
N LYS D 434 -56.44 9.22 -10.65
CA LYS D 434 -57.53 10.19 -10.78
C LYS D 434 -57.36 11.15 -11.95
N MET D 435 -56.22 11.12 -12.64
CA MET D 435 -56.00 12.04 -13.75
C MET D 435 -57.01 11.81 -14.87
N ASP D 436 -57.35 10.55 -15.15
CA ASP D 436 -58.31 10.27 -16.22
C ASP D 436 -59.64 10.97 -16.00
N VAL D 437 -60.00 11.26 -14.74
CA VAL D 437 -61.25 11.94 -14.45
C VAL D 437 -61.19 13.39 -14.93
N ILE D 438 -60.07 14.05 -14.68
CA ILE D 438 -59.93 15.49 -14.93
C ILE D 438 -59.05 15.69 -16.15
N ASP D 439 -59.50 16.52 -17.08
CA ASP D 439 -58.70 16.83 -18.26
C ASP D 439 -57.39 17.48 -17.85
N LEU D 440 -56.34 17.19 -18.61
CA LEU D 440 -54.98 17.55 -18.23
C LEU D 440 -54.56 18.93 -18.74
N GLU D 441 -55.46 19.67 -19.40
CA GLU D 441 -55.15 21.01 -19.84
C GLU D 441 -55.48 22.08 -18.80
N ASP D 442 -56.31 21.75 -17.82
CA ASP D 442 -56.70 22.74 -16.82
C ASP D 442 -55.49 23.21 -16.03
N ASP D 443 -55.39 24.53 -15.87
CA ASP D 443 -54.27 25.10 -15.13
C ASP D 443 -54.39 24.82 -13.63
N SER D 444 -55.60 24.95 -13.08
CA SER D 444 -55.86 24.76 -11.67
C SER D 444 -56.86 23.63 -11.49
N ILE D 445 -56.58 22.75 -10.53
CA ILE D 445 -57.46 21.62 -10.26
C ILE D 445 -58.53 22.04 -9.26
N ASP D 446 -59.71 21.44 -9.39
CA ASP D 446 -60.81 21.76 -8.49
C ASP D 446 -60.43 21.38 -7.05
N ALA D 447 -60.74 22.27 -6.12
CA ALA D 447 -60.42 22.01 -4.71
C ALA D 447 -61.16 20.79 -4.20
N GLU D 448 -62.42 20.64 -4.58
CA GLU D 448 -63.18 19.46 -4.16
C GLU D 448 -62.53 18.18 -4.65
N ILE D 449 -62.02 18.19 -5.89
CA ILE D 449 -61.35 17.02 -6.42
C ILE D 449 -60.12 16.68 -5.59
N LEU D 450 -59.32 17.70 -5.26
CA LEU D 450 -58.13 17.45 -4.45
C LEU D 450 -58.49 16.89 -3.08
N ASN D 451 -59.49 17.48 -2.43
CA ASN D 451 -59.89 16.99 -1.12
C ASN D 451 -60.55 15.62 -1.17
N SER D 452 -61.06 15.21 -2.34
CA SER D 452 -61.67 13.91 -2.49
C SER D 452 -60.69 12.84 -2.95
N MET D 453 -59.44 13.20 -3.24
CA MET D 453 -58.42 12.22 -3.62
C MET D 453 -57.94 11.52 -2.37
N ALA D 454 -58.47 10.32 -2.13
CA ALA D 454 -58.13 9.53 -0.96
C ALA D 454 -57.12 8.46 -1.33
N VAL D 455 -56.01 8.44 -0.60
CA VAL D 455 -54.93 7.48 -0.87
C VAL D 455 -55.29 6.15 -0.23
N THR D 456 -55.28 5.09 -1.04
CA THR D 456 -55.66 3.75 -0.60
C THR D 456 -54.43 2.98 -0.14
N ASN D 457 -54.68 1.97 0.71
CA ASN D 457 -53.59 1.15 1.22
C ASN D 457 -52.82 0.48 0.08
N GLU D 458 -53.47 0.23 -1.05
CA GLU D 458 -52.79 -0.39 -2.17
C GLU D 458 -51.65 0.50 -2.68
N HIS D 459 -51.90 1.81 -2.73
CA HIS D 459 -50.85 2.73 -3.18
C HIS D 459 -49.64 2.66 -2.26
N PHE D 460 -49.86 2.67 -0.96
CA PHE D 460 -48.75 2.60 -0.02
C PHE D 460 -48.04 1.26 -0.11
N HIS D 461 -48.79 0.17 -0.31
CA HIS D 461 -48.16 -1.14 -0.44
C HIS D 461 -47.27 -1.19 -1.67
N THR D 462 -47.76 -0.68 -2.80
CA THR D 462 -46.94 -0.67 -4.02
C THR D 462 -45.71 0.22 -3.83
N ALA D 463 -45.88 1.39 -3.21
CA ALA D 463 -44.75 2.28 -3.00
C ALA D 463 -43.71 1.63 -2.10
N LEU D 464 -44.15 0.96 -1.04
CA LEU D 464 -43.23 0.25 -0.17
C LEU D 464 -42.50 -0.86 -0.91
N GLY D 465 -43.22 -1.59 -1.76
CA GLY D 465 -42.58 -2.64 -2.53
C GLY D 465 -41.54 -2.10 -3.49
N ASN D 466 -41.83 -0.94 -4.10
CA ASN D 466 -40.91 -0.32 -5.05
C ASN D 466 -39.76 0.41 -4.38
N SER D 467 -39.82 0.62 -3.07
CA SER D 467 -38.79 1.35 -2.33
C SER D 467 -37.92 0.38 -1.53
N ASN D 468 -36.71 0.83 -1.23
CA ASN D 468 -35.75 0.03 -0.48
C ASN D 468 -35.16 0.86 0.66
N PRO D 469 -34.74 0.22 1.74
CA PRO D 469 -34.17 0.96 2.86
C PRO D 469 -32.79 1.53 2.52
N SER D 470 -32.44 2.58 3.24
CA SER D 470 -31.15 3.25 3.08
C SER D 470 -30.21 3.06 4.25
N ALA D 471 -30.75 2.83 5.46
CA ALA D 471 -29.95 2.66 6.67
C ALA D 471 -30.08 1.24 7.21
N LEU D 472 -30.17 0.27 6.29
CA LEU D 472 -30.35 -1.12 6.70
C LEU D 472 -29.14 -1.66 7.44
N ARG D 473 -27.94 -1.27 7.03
CA ARG D 473 -26.71 -1.76 7.63
C ARG D 473 -26.25 -0.95 8.83
N GLU D 474 -26.97 0.11 9.17
CA GLU D 474 -26.62 0.93 10.32
C GLU D 474 -27.06 0.26 11.61
N THR D 475 -26.21 0.38 12.63
CA THR D 475 -26.54 -0.13 13.95
C THR D 475 -27.79 0.55 14.48
N VAL D 476 -28.70 -0.22 15.04
CA VAL D 476 -30.01 0.27 15.48
C VAL D 476 -30.09 0.17 17.00
N VAL D 477 -30.45 1.27 17.65
CA VAL D 477 -30.68 1.31 19.09
C VAL D 477 -32.19 1.44 19.30
N GLU D 478 -32.78 0.44 19.94
CA GLU D 478 -34.22 0.43 20.14
C GLU D 478 -34.55 -0.46 21.32
N VAL D 479 -35.77 -0.32 21.82
CA VAL D 479 -36.29 -1.17 22.89
C VAL D 479 -37.04 -2.32 22.22
N PRO D 480 -36.59 -3.56 22.37
CA PRO D 480 -37.22 -4.66 21.64
C PRO D 480 -38.64 -4.92 22.13
N ASN D 481 -39.46 -5.45 21.23
CA ASN D 481 -40.85 -5.78 21.55
C ASN D 481 -41.00 -7.11 22.28
N VAL D 482 -39.94 -7.94 22.31
CA VAL D 482 -40.04 -9.25 22.95
C VAL D 482 -40.23 -9.07 24.45
N SER D 483 -41.16 -9.83 25.02
CA SER D 483 -41.45 -9.81 26.44
C SER D 483 -41.29 -11.21 27.01
N TRP D 484 -41.52 -11.35 28.30
CA TRP D 484 -41.35 -12.64 28.96
C TRP D 484 -42.32 -13.67 28.39
N ASN D 485 -43.52 -13.23 28.01
CA ASN D 485 -44.52 -14.18 27.51
C ASN D 485 -44.06 -14.85 26.22
N ASP D 486 -43.21 -14.18 25.44
CA ASP D 486 -42.76 -14.75 24.17
C ASP D 486 -41.88 -15.98 24.38
N ILE D 487 -41.29 -16.13 25.56
CA ILE D 487 -40.42 -17.25 25.87
C ILE D 487 -41.13 -18.16 26.86
N GLY D 488 -41.06 -19.46 26.62
CA GLY D 488 -41.65 -20.46 27.50
C GLY D 488 -40.57 -21.17 28.29
N GLY D 489 -40.79 -21.25 29.60
CA GLY D 489 -39.84 -21.91 30.48
C GLY D 489 -38.70 -21.00 30.86
N LEU D 490 -37.58 -21.58 31.26
CA LEU D 490 -36.40 -20.82 31.65
C LEU D 490 -36.72 -19.85 32.78
N GLU D 491 -37.52 -20.34 33.74
CA GLU D 491 -37.93 -19.50 34.86
C GLU D 491 -36.74 -19.13 35.74
N ASN D 492 -35.85 -20.08 36.01
CA ASN D 492 -34.68 -19.78 36.82
C ASN D 492 -33.76 -18.79 36.11
N VAL D 493 -33.64 -18.90 34.79
CA VAL D 493 -32.86 -17.93 34.03
C VAL D 493 -33.48 -16.55 34.14
N LYS D 494 -34.82 -16.46 34.09
CA LYS D 494 -35.48 -15.18 34.28
C LYS D 494 -35.17 -14.62 35.66
N ARG D 495 -35.21 -15.47 36.69
CA ARG D 495 -34.88 -15.02 38.04
C ARG D 495 -33.47 -14.47 38.11
N GLU D 496 -32.51 -15.21 37.56
CA GLU D 496 -31.12 -14.77 37.61
C GLU D 496 -30.92 -13.47 36.85
N LEU D 497 -31.56 -13.34 35.68
CA LEU D 497 -31.41 -12.13 34.89
C LEU D 497 -32.03 -10.93 35.59
N GLN D 498 -33.17 -11.12 36.26
CA GLN D 498 -33.75 -10.03 37.03
C GLN D 498 -32.83 -9.64 38.18
N GLU D 499 -32.23 -10.62 38.85
CA GLU D 499 -31.35 -10.31 39.97
C GLU D 499 -30.04 -9.68 39.51
N THR D 500 -29.64 -9.93 38.26
CA THR D 500 -28.32 -9.53 37.79
C THR D 500 -28.33 -8.26 36.96
N VAL D 501 -29.43 -7.96 36.28
CA VAL D 501 -29.51 -6.85 35.33
C VAL D 501 -30.52 -5.81 35.77
N GLN D 502 -31.77 -6.22 36.03
CA GLN D 502 -32.82 -5.27 36.34
C GLN D 502 -32.53 -4.53 37.64
N TYR D 503 -32.09 -5.25 38.68
CA TYR D 503 -31.88 -4.59 39.96
C TYR D 503 -30.75 -3.56 39.92
N PRO D 504 -29.59 -3.85 39.32
CA PRO D 504 -28.58 -2.79 39.20
C PRO D 504 -29.07 -1.58 38.44
N VAL D 505 -29.92 -1.76 37.43
CA VAL D 505 -30.35 -0.64 36.59
C VAL D 505 -31.39 0.20 37.32
N GLU D 506 -32.53 -0.41 37.68
CA GLU D 506 -33.61 0.34 38.30
C GLU D 506 -33.34 0.65 39.77
N HIS D 507 -32.45 -0.09 40.42
CA HIS D 507 -32.15 0.08 41.84
C HIS D 507 -30.64 0.11 42.03
N PRO D 508 -29.96 1.14 41.52
CA PRO D 508 -28.51 1.23 41.72
C PRO D 508 -28.15 1.74 43.11
N GLU D 509 -29.04 2.53 43.69
CA GLU D 509 -28.79 3.08 45.02
C GLU D 509 -28.63 1.96 46.05
N LYS D 510 -29.46 0.93 45.96
CA LYS D 510 -29.35 -0.19 46.88
C LYS D 510 -28.00 -0.89 46.73
N PHE D 511 -27.56 -1.09 45.49
CA PHE D 511 -26.27 -1.74 45.27
C PHE D 511 -25.13 -0.91 45.84
N GLU D 512 -25.17 0.41 45.62
CA GLU D 512 -24.13 1.27 46.17
C GLU D 512 -24.15 1.23 47.69
N LYS D 513 -25.35 1.23 48.28
CA LYS D 513 -25.47 1.20 49.73
C LYS D 513 -24.91 -0.10 50.31
N PHE D 514 -25.19 -1.23 49.67
CA PHE D 514 -24.81 -2.51 50.24
C PHE D 514 -23.29 -2.66 50.36
N GLY D 515 -22.53 -1.87 49.63
CA GLY D 515 -21.09 -1.80 49.83
C GLY D 515 -20.22 -2.31 48.69
N MET D 516 -20.82 -2.85 47.63
CA MET D 516 -20.01 -3.31 46.50
C MET D 516 -20.84 -3.23 45.23
N SER D 517 -20.13 -3.21 44.10
CA SER D 517 -20.76 -3.05 42.79
C SER D 517 -20.91 -4.41 42.10
N PRO D 518 -21.95 -4.58 41.29
CA PRO D 518 -22.18 -5.86 40.62
C PRO D 518 -21.30 -6.02 39.39
N SER D 519 -21.46 -7.16 38.74
CA SER D 519 -20.76 -7.45 37.50
C SER D 519 -21.68 -7.17 36.31
N LYS D 520 -21.10 -6.60 35.26
CA LYS D 520 -21.84 -6.20 34.07
C LYS D 520 -21.58 -7.13 32.89
N GLY D 521 -21.17 -8.36 33.16
CA GLY D 521 -20.87 -9.30 32.09
C GLY D 521 -21.59 -10.63 32.24
N VAL D 522 -22.38 -10.97 31.24
CA VAL D 522 -23.14 -12.22 31.21
C VAL D 522 -22.77 -12.98 29.95
N LEU D 523 -22.94 -14.30 30.00
CA LEU D 523 -22.62 -15.17 28.88
C LEU D 523 -23.62 -16.31 28.87
N PHE D 524 -24.55 -16.27 27.92
CA PHE D 524 -25.47 -17.37 27.69
C PHE D 524 -24.78 -18.46 26.89
N TYR D 525 -24.87 -19.70 27.37
CA TYR D 525 -24.38 -20.83 26.61
C TYR D 525 -25.40 -21.96 26.70
N GLY D 526 -25.51 -22.72 25.62
CA GLY D 526 -26.43 -23.83 25.55
C GLY D 526 -26.68 -24.25 24.12
N PRO D 527 -27.55 -25.24 23.94
CA PRO D 527 -27.85 -25.73 22.61
C PRO D 527 -28.48 -24.64 21.75
N PRO D 528 -28.29 -24.69 20.44
CA PRO D 528 -28.92 -23.69 19.58
C PRO D 528 -30.44 -23.81 19.59
N GLY D 529 -31.11 -22.67 19.43
CA GLY D 529 -32.55 -22.63 19.43
C GLY D 529 -33.19 -22.57 20.80
N CYS D 530 -32.40 -22.45 21.86
CA CYS D 530 -32.94 -22.45 23.21
C CYS D 530 -33.61 -21.14 23.59
N GLY D 531 -33.24 -20.02 22.98
CA GLY D 531 -33.89 -18.76 23.25
C GLY D 531 -33.03 -17.73 23.94
N LYS D 532 -31.73 -17.73 23.64
CA LYS D 532 -30.83 -16.76 24.23
C LYS D 532 -31.17 -15.34 23.76
N THR D 533 -31.33 -15.15 22.46
CA THR D 533 -31.64 -13.84 21.93
C THR D 533 -32.98 -13.32 22.44
N LEU D 534 -33.99 -14.19 22.51
CA LEU D 534 -35.28 -13.79 23.04
C LEU D 534 -35.21 -13.45 24.53
N LEU D 535 -34.26 -14.03 25.25
CA LEU D 535 -34.05 -13.67 26.64
C LEU D 535 -33.35 -12.32 26.79
N ALA D 536 -32.34 -12.05 25.96
CA ALA D 536 -31.70 -10.74 26.01
C ALA D 536 -32.69 -9.64 25.65
N LYS D 537 -33.44 -9.83 24.57
CA LYS D 537 -34.45 -8.85 24.19
C LYS D 537 -35.51 -8.73 25.26
N ALA D 538 -35.90 -9.85 25.86
CA ALA D 538 -36.94 -9.83 26.88
C ALA D 538 -36.49 -9.02 28.09
N ILE D 539 -35.26 -9.23 28.55
CA ILE D 539 -34.77 -8.49 29.71
C ILE D 539 -34.61 -7.01 29.36
N ALA D 540 -34.18 -6.72 28.12
CA ALA D 540 -34.10 -5.32 27.71
C ALA D 540 -35.46 -4.65 27.75
N ASN D 541 -36.49 -5.34 27.26
CA ASN D 541 -37.84 -4.78 27.29
C ASN D 541 -38.33 -4.61 28.72
N GLU D 542 -38.04 -5.59 29.59
CA GLU D 542 -38.48 -5.49 30.97
C GLU D 542 -37.84 -4.29 31.66
N CYS D 543 -36.54 -4.09 31.44
CA CYS D 543 -35.86 -2.95 32.04
C CYS D 543 -36.12 -1.65 31.29
N GLN D 544 -36.81 -1.70 30.15
CA GLN D 544 -37.05 -0.52 29.32
C GLN D 544 -35.74 0.17 28.98
N ALA D 545 -34.71 -0.64 28.73
CA ALA D 545 -33.39 -0.17 28.35
C ALA D 545 -33.15 -0.45 26.86
N ASN D 546 -32.22 0.28 26.29
CA ASN D 546 -31.90 0.12 24.89
C ASN D 546 -31.26 -1.24 24.65
N PHE D 547 -31.32 -1.69 23.40
CA PHE D 547 -30.78 -2.99 23.01
C PHE D 547 -30.04 -2.84 21.69
N ILE D 548 -28.77 -3.20 21.69
CA ILE D 548 -27.93 -3.18 20.49
C ILE D 548 -27.55 -4.61 20.17
N SER D 549 -27.93 -5.06 18.98
CA SER D 549 -27.65 -6.43 18.54
C SER D 549 -26.43 -6.41 17.63
N VAL D 550 -25.41 -7.19 18.00
CA VAL D 550 -24.18 -7.29 17.24
C VAL D 550 -23.86 -8.76 17.03
N LYS D 551 -23.53 -9.12 15.80
CA LYS D 551 -23.18 -10.49 15.44
C LYS D 551 -21.73 -10.54 14.97
N GLY D 552 -21.10 -11.68 15.19
CA GLY D 552 -19.72 -11.88 14.83
C GLY D 552 -19.47 -11.63 13.35
N PRO D 553 -20.34 -12.16 12.50
CA PRO D 553 -20.23 -11.85 11.07
C PRO D 553 -20.26 -10.36 10.77
N GLU D 554 -21.04 -9.58 11.52
CA GLU D 554 -21.08 -8.14 11.29
C GLU D 554 -19.77 -7.49 11.69
N LEU D 555 -19.15 -7.97 12.76
CA LEU D 555 -17.86 -7.42 13.18
C LEU D 555 -16.77 -7.76 12.19
N LEU D 556 -16.68 -9.04 11.80
CA LEU D 556 -15.60 -9.47 10.91
C LEU D 556 -15.71 -8.81 9.54
N THR D 557 -16.92 -8.70 9.00
CA THR D 557 -17.10 -8.15 7.66
C THR D 557 -16.77 -6.67 7.57
N MET D 558 -16.33 -6.04 8.66
CA MET D 558 -15.88 -4.65 8.64
C MET D 558 -14.49 -4.62 8.02
N TRP D 559 -14.45 -4.78 6.69
CA TRP D 559 -13.19 -4.86 5.95
C TRP D 559 -12.28 -5.93 6.53
N PHE D 560 -12.87 -7.07 6.89
CA PHE D 560 -12.14 -8.17 7.50
C PHE D 560 -11.40 -7.72 8.76
N GLY D 561 -12.05 -6.87 9.55
CA GLY D 561 -11.49 -6.39 10.79
C GLY D 561 -10.51 -5.24 10.65
N GLU D 562 -10.25 -4.78 9.43
CA GLU D 562 -9.29 -3.70 9.24
C GLU D 562 -9.86 -2.36 9.70
N SER D 563 -11.17 -2.15 9.54
CA SER D 563 -11.83 -0.93 10.01
C SER D 563 -12.16 -1.10 11.49
N GLU D 564 -11.09 -1.13 12.30
CA GLU D 564 -11.24 -1.40 13.72
C GLU D 564 -12.10 -0.35 14.41
N ALA D 565 -12.02 0.91 13.97
CA ALA D 565 -12.73 1.98 14.64
C ALA D 565 -14.21 1.67 14.79
N ASN D 566 -14.80 1.00 13.80
CA ASN D 566 -16.22 0.67 13.86
C ASN D 566 -16.57 -0.03 15.17
N VAL D 567 -15.73 -0.98 15.58
CA VAL D 567 -16.00 -1.67 16.85
C VAL D 567 -16.07 -0.67 17.99
N ARG D 568 -15.06 0.20 18.08
CA ARG D 568 -15.06 1.21 19.13
C ARG D 568 -16.26 2.12 19.05
N GLU D 569 -16.88 2.24 17.86
CA GLU D 569 -18.11 3.01 17.77
C GLU D 569 -19.23 2.34 18.53
N ILE D 570 -19.38 1.02 18.37
CA ILE D 570 -20.54 0.34 18.94
C ILE D 570 -20.60 0.57 20.43
N PHE D 571 -19.49 0.31 21.13
CA PHE D 571 -19.47 0.54 22.57
C PHE D 571 -19.79 2.00 22.89
N ASP D 572 -19.21 2.92 22.13
CA ASP D 572 -19.49 4.33 22.35
C ASP D 572 -21.00 4.58 22.27
N LYS D 573 -21.67 3.92 21.34
CA LYS D 573 -23.11 4.09 21.21
C LYS D 573 -23.81 3.62 22.48
N ALA D 574 -23.39 2.48 23.02
CA ALA D 574 -23.95 2.02 24.27
C ALA D 574 -23.69 3.01 25.40
N ARG D 575 -22.61 3.78 25.28
CA ARG D 575 -22.33 4.81 26.29
C ARG D 575 -23.29 5.98 26.15
N GLN D 576 -23.72 6.29 24.92
CA GLN D 576 -24.68 7.37 24.73
C GLN D 576 -26.10 6.95 25.11
N SER D 577 -26.45 5.68 24.88
CA SER D 577 -27.80 5.19 25.05
C SER D 577 -28.02 4.53 26.41
N ALA D 578 -27.17 4.83 27.38
CA ALA D 578 -27.33 4.23 28.69
C ALA D 578 -28.69 4.62 29.28
N PRO D 579 -29.42 3.67 29.87
CA PRO D 579 -29.09 2.25 30.07
C PRO D 579 -29.15 1.45 28.78
N CYS D 580 -28.33 0.41 28.63
CA CYS D 580 -28.24 -0.33 27.39
C CYS D 580 -27.93 -1.79 27.70
N VAL D 581 -28.24 -2.64 26.74
CA VAL D 581 -27.96 -4.08 26.80
C VAL D 581 -27.29 -4.44 25.49
N LEU D 582 -25.96 -4.47 25.48
CA LEU D 582 -25.17 -4.72 24.27
C LEU D 582 -24.97 -6.23 24.12
N PHE D 583 -25.70 -6.82 23.19
CA PHE D 583 -25.72 -8.27 22.99
C PHE D 583 -24.75 -8.64 21.88
N PHE D 584 -23.97 -9.70 22.10
CA PHE D 584 -23.01 -10.21 21.14
C PHE D 584 -23.41 -11.63 20.77
N ASP D 585 -24.28 -11.75 19.78
CA ASP D 585 -24.67 -13.06 19.27
C ASP D 585 -23.58 -13.61 18.36
N GLU D 586 -23.60 -14.93 18.19
CA GLU D 586 -22.66 -15.62 17.30
C GLU D 586 -21.21 -15.32 17.70
N LEU D 587 -20.93 -15.50 18.99
CA LEU D 587 -19.58 -15.35 19.49
C LEU D 587 -18.69 -16.53 19.16
N ASP D 588 -19.26 -17.61 18.61
CA ASP D 588 -18.47 -18.78 18.24
C ASP D 588 -17.61 -18.55 17.02
N SER D 589 -17.80 -17.45 16.30
CA SER D 589 -17.03 -17.17 15.10
C SER D 589 -15.89 -16.18 15.31
N ILE D 590 -15.96 -15.36 16.35
CA ILE D 590 -14.95 -14.35 16.62
C ILE D 590 -14.15 -14.66 17.88
N ALA D 591 -14.82 -15.18 18.92
CA ALA D 591 -14.18 -15.51 20.18
C ALA D 591 -13.53 -16.89 20.17
N THR D 592 -13.24 -17.42 18.98
CA THR D 592 -12.57 -18.71 18.91
C THR D 592 -11.24 -18.66 19.64
N GLN D 593 -10.95 -19.71 20.41
CA GLN D 593 -9.71 -19.76 21.17
C GLN D 593 -8.51 -19.60 20.26
N ARG D 594 -7.57 -18.76 20.67
CA ARG D 594 -6.36 -18.53 19.88
C ARG D 594 -5.64 -19.85 19.63
N GLY D 595 -5.59 -20.28 18.38
CA GLY D 595 -4.93 -21.52 18.03
C GLY D 595 -5.81 -22.74 18.16
N GLY D 596 -6.16 -23.10 19.41
CA GLY D 596 -6.91 -24.32 19.62
C GLY D 596 -8.29 -24.28 18.99
N GLY D 597 -9.02 -23.19 19.21
CA GLY D 597 -10.37 -23.08 18.70
C GLY D 597 -10.50 -22.25 17.44
N SER D 598 -9.43 -21.53 17.09
CA SER D 598 -9.48 -20.63 15.94
C SER D 598 -9.22 -21.41 14.66
N GLY D 599 -10.12 -21.24 13.68
CA GLY D 599 -9.99 -21.98 12.44
C GLY D 599 -8.92 -21.46 11.51
N GLY D 600 -8.54 -20.19 11.65
CA GLY D 600 -7.55 -19.61 10.76
C GLY D 600 -6.35 -19.04 11.49
N ASP D 601 -5.19 -19.68 11.30
CA ASP D 601 -3.95 -19.13 11.87
C ASP D 601 -3.63 -17.77 11.28
N GLY D 602 -3.77 -17.63 9.96
CA GLY D 602 -3.55 -16.37 9.29
C GLY D 602 -4.74 -15.44 9.31
N GLY D 603 -5.87 -15.87 9.86
CA GLY D 603 -7.05 -15.03 9.95
C GLY D 603 -6.99 -14.11 11.15
N GLY D 604 -6.18 -13.05 11.04
CA GLY D 604 -6.00 -12.12 12.15
C GLY D 604 -7.24 -11.34 12.50
N ALA D 605 -8.29 -11.39 11.69
CA ALA D 605 -9.50 -10.63 11.98
C ALA D 605 -10.13 -11.09 13.28
N ALA D 606 -10.22 -12.40 13.50
CA ALA D 606 -10.86 -12.91 14.70
C ALA D 606 -10.12 -12.48 15.95
N ASP D 607 -8.79 -12.67 15.98
CA ASP D 607 -8.01 -12.30 17.14
C ASP D 607 -8.05 -10.78 17.35
N ARG D 608 -7.97 -10.02 16.27
CA ARG D 608 -8.01 -8.56 16.38
C ARG D 608 -9.33 -8.11 17.01
N VAL D 609 -10.45 -8.65 16.51
CA VAL D 609 -11.74 -8.25 17.04
C VAL D 609 -11.89 -8.71 18.49
N LEU D 610 -11.40 -9.90 18.82
CA LEU D 610 -11.49 -10.36 20.19
C LEU D 610 -10.71 -9.44 21.13
N ASN D 611 -9.51 -9.04 20.72
CA ASN D 611 -8.71 -8.16 21.57
C ASN D 611 -9.37 -6.79 21.71
N GLN D 612 -9.97 -6.29 20.62
CA GLN D 612 -10.70 -5.03 20.71
C GLN D 612 -11.86 -5.14 21.69
N LEU D 613 -12.60 -6.25 21.63
CA LEU D 613 -13.71 -6.45 22.56
C LEU D 613 -13.21 -6.49 24.00
N LEU D 614 -12.11 -7.21 24.24
CA LEU D 614 -11.57 -7.29 25.58
C LEU D 614 -11.17 -5.92 26.10
N THR D 615 -10.47 -5.14 25.27
CA THR D 615 -10.06 -3.80 25.68
C THR D 615 -11.28 -2.93 26.00
N GLU D 616 -12.28 -2.96 25.13
CA GLU D 616 -13.44 -2.10 25.32
C GLU D 616 -14.25 -2.51 26.55
N MET D 617 -14.39 -3.81 26.78
CA MET D 617 -15.09 -4.26 27.98
C MET D 617 -14.31 -3.92 29.24
N ASP D 618 -12.97 -3.89 29.16
CA ASP D 618 -12.19 -3.37 30.26
C ASP D 618 -12.48 -1.90 30.48
N GLY D 619 -12.62 -1.14 29.40
CA GLY D 619 -12.93 0.28 29.50
C GLY D 619 -14.37 0.59 29.82
N MET D 620 -15.25 -0.41 29.78
CA MET D 620 -16.68 -0.21 29.98
C MET D 620 -17.13 -0.46 31.41
N ASN D 621 -16.24 -0.98 32.28
CA ASN D 621 -16.65 -1.28 33.64
C ASN D 621 -17.09 -0.02 34.39
N ALA D 622 -16.44 1.11 34.09
CA ALA D 622 -16.78 2.34 34.80
C ALA D 622 -18.23 2.74 34.58
N LYS D 623 -18.70 2.63 33.33
CA LYS D 623 -20.08 3.00 33.02
C LYS D 623 -21.04 2.09 33.77
N LYS D 624 -21.75 2.67 34.74
CA LYS D 624 -22.59 1.87 35.63
C LYS D 624 -23.75 1.21 34.88
N THR D 625 -24.36 1.93 33.93
CA THR D 625 -25.62 1.53 33.33
C THR D 625 -25.44 0.94 31.93
N VAL D 626 -24.37 0.18 31.71
CA VAL D 626 -24.18 -0.56 30.46
C VAL D 626 -23.95 -2.02 30.84
N PHE D 627 -24.80 -2.90 30.31
CA PHE D 627 -24.69 -4.33 30.55
C PHE D 627 -24.38 -5.04 29.24
N ILE D 628 -23.34 -5.87 29.26
CA ILE D 628 -22.86 -6.58 28.08
C ILE D 628 -23.22 -8.04 28.24
N ILE D 629 -23.92 -8.58 27.25
CA ILE D 629 -24.37 -9.96 27.24
C ILE D 629 -23.78 -10.65 26.02
N GLY D 630 -23.45 -11.93 26.16
CA GLY D 630 -22.93 -12.72 25.08
C GLY D 630 -23.79 -13.94 24.83
N ALA D 631 -23.46 -14.67 23.76
CA ALA D 631 -24.18 -15.87 23.40
C ALA D 631 -23.33 -16.68 22.46
N THR D 632 -23.05 -17.93 22.84
CA THR D 632 -22.24 -18.83 22.02
C THR D 632 -22.81 -20.23 22.11
N ASN D 633 -22.94 -20.87 20.95
CA ASN D 633 -23.36 -22.26 20.86
C ASN D 633 -22.17 -23.21 20.81
N ARG D 634 -20.96 -22.69 20.96
CA ARG D 634 -19.75 -23.50 21.01
C ARG D 634 -18.95 -23.07 22.23
N PRO D 635 -19.46 -23.34 23.43
CA PRO D 635 -18.77 -22.90 24.64
C PRO D 635 -17.38 -23.47 24.80
N ASP D 636 -17.09 -24.62 24.20
CA ASP D 636 -15.76 -25.21 24.33
C ASP D 636 -14.70 -24.33 23.69
N ILE D 637 -15.01 -23.75 22.53
CA ILE D 637 -14.03 -22.95 21.80
C ILE D 637 -14.08 -21.47 22.16
N ILE D 638 -14.89 -21.09 23.14
CA ILE D 638 -14.95 -19.69 23.55
C ILE D 638 -13.66 -19.33 24.29
N ASP D 639 -13.08 -18.19 23.93
CA ASP D 639 -11.83 -17.79 24.54
C ASP D 639 -12.03 -17.50 26.02
N SER D 640 -11.13 -18.04 26.85
CA SER D 640 -11.29 -17.89 28.28
C SER D 640 -11.07 -16.46 28.75
N ALA D 641 -10.46 -15.62 27.92
CA ALA D 641 -10.27 -14.22 28.31
C ALA D 641 -11.59 -13.53 28.59
N LEU D 642 -12.64 -13.90 27.85
CA LEU D 642 -13.96 -13.33 28.06
C LEU D 642 -14.58 -13.75 29.38
N LEU D 643 -14.03 -14.76 30.05
CA LEU D 643 -14.56 -15.25 31.31
C LEU D 643 -13.96 -14.55 32.51
N ARG D 644 -13.02 -13.61 32.30
CA ARG D 644 -12.41 -12.92 33.41
C ARG D 644 -13.41 -11.99 34.09
N PRO D 645 -13.32 -11.82 35.41
CA PRO D 645 -14.21 -10.86 36.08
C PRO D 645 -14.09 -9.48 35.49
N GLY D 646 -15.20 -8.77 35.45
CA GLY D 646 -15.31 -7.51 34.73
C GLY D 646 -15.80 -7.74 33.32
N ARG D 647 -15.24 -8.73 32.65
CA ARG D 647 -15.73 -9.19 31.36
C ARG D 647 -16.88 -10.17 31.57
N LEU D 648 -17.25 -10.91 30.52
CA LEU D 648 -18.42 -11.79 30.56
C LEU D 648 -18.13 -12.98 31.46
N ASP D 649 -18.36 -12.79 32.76
CA ASP D 649 -18.05 -13.80 33.76
C ASP D 649 -19.26 -14.51 34.33
N GLN D 650 -20.46 -13.92 34.23
CA GLN D 650 -21.66 -14.57 34.73
C GLN D 650 -22.11 -15.58 33.68
N LEU D 651 -21.67 -16.82 33.83
CA LEU D 651 -22.08 -17.91 32.95
C LEU D 651 -23.50 -18.33 33.26
N ILE D 652 -24.33 -18.47 32.23
CA ILE D 652 -25.70 -18.91 32.38
C ILE D 652 -25.96 -20.00 31.34
N TYR D 653 -26.40 -21.16 31.81
CA TYR D 653 -26.66 -22.31 30.96
C TYR D 653 -28.15 -22.36 30.66
N ILE D 654 -28.49 -22.44 29.37
CA ILE D 654 -29.87 -22.51 28.92
C ILE D 654 -30.11 -23.91 28.36
N PRO D 655 -30.84 -24.78 29.06
CA PRO D 655 -30.93 -26.18 28.63
C PRO D 655 -32.02 -26.39 27.59
N LEU D 656 -32.10 -27.61 27.05
CA LEU D 656 -33.17 -27.94 26.14
C LEU D 656 -34.49 -27.99 26.91
N PRO D 657 -35.57 -27.50 26.33
CA PRO D 657 -36.84 -27.46 27.07
C PRO D 657 -37.32 -28.85 27.45
N ASP D 658 -37.89 -28.96 28.64
CA ASP D 658 -38.50 -30.19 29.11
C ASP D 658 -39.90 -30.31 28.50
N GLU D 659 -40.72 -31.23 29.00
CA GLU D 659 -42.07 -31.38 28.47
C GLU D 659 -42.89 -30.10 28.66
N ASP D 660 -42.89 -29.56 29.88
CA ASP D 660 -43.64 -28.33 30.14
C ASP D 660 -43.09 -27.17 29.32
N SER D 661 -41.77 -27.08 29.22
CA SER D 661 -41.16 -26.02 28.42
C SER D 661 -41.56 -26.17 26.96
N ARG D 662 -41.62 -27.41 26.45
CA ARG D 662 -42.04 -27.63 25.07
C ARG D 662 -43.50 -27.23 24.87
N LEU D 663 -44.36 -27.54 25.85
CA LEU D 663 -45.74 -27.10 25.76
C LEU D 663 -45.82 -25.58 25.71
N ASN D 664 -45.05 -24.90 26.55
CA ASN D 664 -45.04 -23.45 26.57
C ASN D 664 -44.55 -22.89 25.23
N ILE D 665 -43.52 -23.51 24.67
CA ILE D 665 -42.99 -23.05 23.38
C ILE D 665 -44.02 -23.25 22.27
N PHE D 666 -44.72 -24.39 22.28
CA PHE D 666 -45.77 -24.61 21.29
C PHE D 666 -46.87 -23.56 21.43
N LYS D 667 -47.26 -23.24 22.67
CA LYS D 667 -48.27 -22.21 22.88
C LYS D 667 -47.79 -20.87 22.37
N ALA D 668 -46.52 -20.53 22.63
CA ALA D 668 -45.98 -19.25 22.18
C ALA D 668 -45.95 -19.17 20.65
N ALA D 669 -45.47 -20.22 20.00
CA ALA D 669 -45.38 -20.23 18.55
C ALA D 669 -46.75 -20.20 17.89
N LEU D 670 -47.72 -20.94 18.42
CA LEU D 670 -49.07 -20.96 17.87
C LEU D 670 -49.88 -19.75 18.27
N ARG D 671 -49.35 -18.90 19.17
CA ARG D 671 -50.03 -17.67 19.53
C ARG D 671 -50.20 -16.78 18.31
N LYS D 672 -51.33 -16.07 18.25
CA LYS D 672 -51.67 -15.22 17.11
C LYS D 672 -51.84 -16.04 15.83
N SER D 673 -52.25 -17.29 15.96
CA SER D 673 -52.54 -18.16 14.82
C SER D 673 -53.80 -18.95 15.10
N PRO D 674 -54.60 -19.26 14.08
CA PRO D 674 -55.79 -20.09 14.28
C PRO D 674 -55.40 -21.56 14.38
N ILE D 675 -55.85 -22.21 15.45
CA ILE D 675 -55.56 -23.63 15.70
C ILE D 675 -56.86 -24.35 16.00
N ALA D 676 -57.00 -25.55 15.46
CA ALA D 676 -58.20 -26.34 15.68
C ALA D 676 -58.26 -26.82 17.13
N LYS D 677 -59.49 -27.06 17.60
CA LYS D 677 -59.69 -27.49 18.98
C LYS D 677 -59.26 -28.94 19.17
N ASP D 678 -59.35 -29.76 18.12
CA ASP D 678 -58.96 -31.16 18.23
C ASP D 678 -57.47 -31.35 18.45
N VAL D 679 -56.66 -30.30 18.27
CA VAL D 679 -55.22 -30.40 18.43
C VAL D 679 -54.90 -30.36 19.92
N ASP D 680 -54.35 -31.45 20.44
CA ASP D 680 -53.97 -31.54 21.85
C ASP D 680 -52.50 -31.13 21.97
N ILE D 681 -52.28 -29.85 22.25
CA ILE D 681 -50.92 -29.33 22.34
C ILE D 681 -50.15 -30.04 23.44
N GLY D 682 -50.85 -30.50 24.48
CA GLY D 682 -50.18 -31.29 25.51
C GLY D 682 -49.59 -32.57 24.95
N ALA D 683 -50.32 -33.22 24.03
CA ALA D 683 -49.78 -34.42 23.39
C ALA D 683 -48.56 -34.10 22.54
N LEU D 684 -48.60 -32.98 21.81
CA LEU D 684 -47.44 -32.58 21.02
C LEU D 684 -46.23 -32.32 21.91
N ALA D 685 -46.44 -31.65 23.05
CA ALA D 685 -45.35 -31.44 23.99
C ALA D 685 -44.83 -32.76 24.53
N LYS D 686 -45.72 -33.73 24.76
CA LYS D 686 -45.30 -35.04 25.23
C LYS D 686 -44.31 -35.64 24.26
N TYR D 687 -43.54 -36.62 24.73
CA TYR D 687 -42.38 -37.13 24.02
C TYR D 687 -41.65 -35.96 23.38
N THR D 688 -41.19 -36.10 22.13
CA THR D 688 -40.51 -35.01 21.43
C THR D 688 -39.32 -34.52 22.23
N GLN D 689 -38.56 -35.46 22.81
CA GLN D 689 -37.42 -35.09 23.63
C GLN D 689 -36.29 -34.57 22.77
N GLY D 690 -35.50 -33.67 23.35
CA GLY D 690 -34.37 -33.09 22.65
C GLY D 690 -34.75 -32.24 21.45
N PHE D 691 -35.86 -31.51 21.56
CA PHE D 691 -36.32 -30.63 20.49
C PHE D 691 -36.18 -29.19 20.94
N SER D 692 -35.38 -28.43 20.19
CA SER D 692 -35.18 -27.02 20.50
C SER D 692 -36.40 -26.21 20.05
N GLY D 693 -36.47 -24.97 20.53
CA GLY D 693 -37.58 -24.10 20.16
C GLY D 693 -37.64 -23.84 18.67
N ALA D 694 -36.47 -23.78 18.02
CA ALA D 694 -36.44 -23.57 16.58
C ALA D 694 -37.11 -24.72 15.83
N ASP D 695 -36.86 -25.95 16.27
CA ASP D 695 -37.51 -27.10 15.64
C ASP D 695 -39.02 -27.03 15.84
N ILE D 696 -39.47 -26.63 17.02
CA ILE D 696 -40.90 -26.51 17.28
C ILE D 696 -41.53 -25.43 16.41
N THR D 697 -40.83 -24.32 16.21
CA THR D 697 -41.34 -23.29 15.32
C THR D 697 -41.40 -23.77 13.87
N GLU D 698 -40.39 -24.52 13.44
CA GLU D 698 -40.42 -25.09 12.09
C GLU D 698 -41.58 -26.08 11.94
N ILE D 699 -41.89 -26.82 12.99
CA ILE D 699 -43.04 -27.73 12.94
C ILE D 699 -44.31 -26.95 12.64
N CYS D 700 -44.52 -25.85 13.37
CA CYS D 700 -45.71 -25.03 13.14
C CYS D 700 -45.70 -24.43 11.74
N GLN D 701 -44.53 -23.99 11.27
CA GLN D 701 -44.46 -23.40 9.94
C GLN D 701 -44.82 -24.42 8.87
N ARG D 702 -44.33 -25.65 9.00
CA ARG D 702 -44.64 -26.68 8.00
C ARG D 702 -46.11 -27.08 8.08
N ALA D 703 -46.66 -27.16 9.28
CA ALA D 703 -48.09 -27.44 9.41
C ALA D 703 -48.91 -26.34 8.75
N CYS D 704 -48.53 -25.10 8.94
CA CYS D 704 -49.23 -23.99 8.31
C CYS D 704 -49.08 -24.04 6.78
N LYS D 705 -47.91 -24.45 6.30
CA LYS D 705 -47.74 -24.60 4.85
C LYS D 705 -48.70 -25.67 4.31
N TYR D 706 -48.83 -26.78 5.02
CA TYR D 706 -49.76 -27.82 4.58
C TYR D 706 -51.19 -27.30 4.60
N ALA D 707 -51.56 -26.55 5.64
CA ALA D 707 -52.90 -25.99 5.70
C ALA D 707 -53.15 -25.02 4.55
N ILE D 708 -52.14 -24.21 4.21
CA ILE D 708 -52.26 -23.28 3.09
C ILE D 708 -52.45 -24.04 1.80
N ARG D 709 -51.69 -25.13 1.62
CA ARG D 709 -51.85 -25.94 0.41
C ARG D 709 -53.26 -26.49 0.32
N GLU D 710 -53.80 -26.98 1.43
CA GLU D 710 -55.16 -27.51 1.42
C GLU D 710 -56.17 -26.43 1.09
N ASN D 711 -56.02 -25.24 1.67
CA ASN D 711 -56.95 -24.16 1.37
C ASN D 711 -56.87 -23.76 -0.09
N ILE D 712 -55.66 -23.69 -0.65
CA ILE D 712 -55.49 -23.34 -2.05
C ILE D 712 -56.16 -24.39 -2.94
N GLU D 713 -55.98 -25.66 -2.62
CA GLU D 713 -56.59 -26.71 -3.42
C GLU D 713 -58.11 -26.64 -3.33
N LYS D 714 -58.65 -26.36 -2.14
CA LYS D 714 -60.09 -26.24 -1.99
C LYS D 714 -60.63 -25.05 -2.78
N ASP D 715 -59.92 -23.92 -2.76
CA ASP D 715 -60.34 -22.77 -3.55
C ASP D 715 -60.31 -23.09 -5.04
N ILE D 716 -59.29 -23.81 -5.49
CA ILE D 716 -59.21 -24.20 -6.90
C ILE D 716 -60.38 -25.10 -7.26
N GLU D 717 -60.71 -26.05 -6.38
CA GLU D 717 -61.85 -26.93 -6.65
C GLU D 717 -63.15 -26.14 -6.69
N LYS D 718 -63.30 -25.16 -5.80
CA LYS D 718 -64.49 -24.30 -5.84
C LYS D 718 -64.57 -23.54 -7.16
N GLU D 719 -63.43 -23.01 -7.62
CA GLU D 719 -63.42 -22.30 -8.89
C GLU D 719 -63.79 -23.23 -10.04
N LYS D 720 -63.28 -24.46 -10.03
CA LYS D 720 -63.62 -25.42 -11.07
C LYS D 720 -65.11 -25.74 -11.04
N ARG D 721 -65.67 -25.95 -9.85
CA ARG D 721 -67.10 -26.23 -9.74
C ARG D 721 -67.91 -25.07 -10.27
N ARG D 722 -67.50 -23.84 -9.96
CA ARG D 722 -68.20 -22.67 -10.49
C ARG D 722 -68.10 -22.62 -12.01
N SER D 723 -66.93 -22.93 -12.56
CA SER D 723 -66.75 -22.89 -14.01
C SER D 723 -67.65 -23.92 -14.69
N GLU D 724 -67.75 -25.12 -14.12
CA GLU D 724 -68.63 -26.13 -14.71
C GLU D 724 -70.07 -25.66 -14.71
N ASN D 725 -70.54 -25.08 -13.60
CA ASN D 725 -71.90 -24.59 -13.47
C ASN D 725 -71.87 -23.20 -12.85
N PRO D 726 -71.60 -22.16 -13.65
CA PRO D 726 -71.56 -20.80 -13.10
C PRO D 726 -72.89 -20.32 -12.55
N GLU D 727 -74.00 -20.95 -12.96
CA GLU D 727 -75.33 -20.57 -12.49
C GLU D 727 -75.71 -21.26 -11.19
N ALA D 728 -74.81 -22.05 -10.60
CA ALA D 728 -75.12 -22.77 -9.38
C ALA D 728 -75.34 -21.79 -8.23
N MET D 729 -76.11 -22.25 -7.24
CA MET D 729 -76.38 -21.42 -6.07
C MET D 729 -75.09 -21.01 -5.39
N GLU D 730 -75.01 -19.74 -5.02
CA GLU D 730 -73.84 -19.20 -4.32
C GLU D 730 -73.99 -19.48 -2.83
N GLU D 731 -73.28 -20.49 -2.34
CA GLU D 731 -73.33 -20.86 -0.92
C GLU D 731 -72.37 -19.96 -0.16
N ASP D 732 -72.83 -18.74 0.12
CA ASP D 732 -72.04 -17.74 0.82
C ASP D 732 -72.18 -17.98 2.33
N GLY D 733 -71.47 -19.00 2.80
CA GLY D 733 -71.46 -19.33 4.21
C GLY D 733 -70.28 -18.73 4.93
N VAL D 734 -69.92 -17.51 4.57
CA VAL D 734 -68.79 -16.80 5.17
C VAL D 734 -67.50 -17.49 4.75
N ASP D 735 -66.39 -16.76 4.75
CA ASP D 735 -65.11 -17.34 4.38
C ASP D 735 -64.73 -18.43 5.37
N GLU D 736 -64.20 -19.54 4.84
CA GLU D 736 -63.83 -20.67 5.69
C GLU D 736 -62.81 -20.23 6.73
N VAL D 737 -63.06 -20.63 7.98
CA VAL D 737 -62.15 -20.31 9.08
C VAL D 737 -61.04 -21.33 9.11
N SER D 738 -59.93 -21.03 8.45
CA SER D 738 -58.83 -21.98 8.35
C SER D 738 -58.18 -22.17 9.72
N GLU D 739 -58.03 -23.43 10.12
CA GLU D 739 -57.38 -23.78 11.37
C GLU D 739 -56.44 -24.95 11.13
N ILE D 740 -55.36 -24.98 11.90
CA ILE D 740 -54.37 -26.04 11.76
C ILE D 740 -54.94 -27.33 12.33
N LYS D 741 -55.34 -28.25 11.46
CA LYS D 741 -55.94 -29.49 11.88
C LYS D 741 -54.88 -30.46 12.38
N ALA D 742 -55.32 -31.47 13.12
CA ALA D 742 -54.38 -32.43 13.70
C ALA D 742 -53.62 -33.19 12.62
N ALA D 743 -54.22 -33.36 11.44
CA ALA D 743 -53.53 -34.05 10.35
C ALA D 743 -52.31 -33.25 9.90
N HIS D 744 -52.43 -31.92 9.83
CA HIS D 744 -51.30 -31.10 9.45
C HIS D 744 -50.17 -31.23 10.45
N PHE D 745 -50.49 -31.25 11.75
CA PHE D 745 -49.46 -31.44 12.76
C PHE D 745 -48.83 -32.81 12.66
N GLU D 746 -49.64 -33.84 12.37
CA GLU D 746 -49.09 -35.18 12.20
C GLU D 746 -48.10 -35.21 11.04
N GLU D 747 -48.46 -34.60 9.91
CA GLU D 747 -47.55 -34.57 8.77
C GLU D 747 -46.28 -33.80 9.10
N SER D 748 -46.42 -32.65 9.77
CA SER D 748 -45.25 -31.86 10.14
C SER D 748 -44.31 -32.64 11.05
N MET D 749 -44.88 -33.34 12.04
CA MET D 749 -44.06 -34.17 12.90
C MET D 749 -43.39 -35.29 12.12
N LYS D 750 -44.12 -35.89 11.17
CA LYS D 750 -43.55 -36.93 10.34
C LYS D 750 -42.33 -36.43 9.59
N TYR D 751 -42.42 -35.24 9.01
CA TYR D 751 -41.30 -34.64 8.29
C TYR D 751 -40.38 -33.84 9.19
N ALA D 752 -40.69 -33.73 10.49
CA ALA D 752 -39.85 -33.00 11.42
C ALA D 752 -38.73 -33.89 11.95
N ARG D 753 -37.74 -33.26 12.56
CA ARG D 753 -36.55 -33.97 13.02
C ARG D 753 -35.84 -33.13 14.07
N ARG D 754 -34.94 -33.78 14.80
CA ARG D 754 -34.22 -33.13 15.88
C ARG D 754 -33.04 -32.34 15.35
N SER D 755 -32.66 -31.30 16.09
CA SER D 755 -31.52 -30.47 15.75
C SER D 755 -30.39 -30.53 16.78
N VAL D 756 -30.57 -31.29 17.86
CA VAL D 756 -29.55 -31.44 18.90
C VAL D 756 -29.47 -32.91 19.28
N SER D 757 -28.33 -33.54 19.06
CA SER D 757 -28.13 -34.93 19.43
C SER D 757 -27.89 -35.06 20.93
N ASP D 758 -28.25 -36.22 21.47
CA ASP D 758 -28.06 -36.46 22.90
C ASP D 758 -26.59 -36.32 23.29
N ALA D 759 -25.67 -36.66 22.38
CA ALA D 759 -24.26 -36.45 22.66
C ALA D 759 -23.97 -34.98 22.92
N ASP D 760 -24.55 -34.09 22.12
CA ASP D 760 -24.38 -32.67 22.36
C ASP D 760 -24.99 -32.27 23.70
N ILE D 761 -26.13 -32.86 24.05
CA ILE D 761 -26.78 -32.53 25.32
C ILE D 761 -25.88 -32.88 26.49
N ARG D 762 -25.31 -34.09 26.47
CA ARG D 762 -24.43 -34.50 27.55
C ARG D 762 -23.15 -33.69 27.57
N LYS D 763 -22.63 -33.31 26.40
CA LYS D 763 -21.44 -32.47 26.37
C LYS D 763 -21.72 -31.09 26.97
N TYR D 764 -22.90 -30.53 26.67
CA TYR D 764 -23.27 -29.26 27.27
C TYR D 764 -23.41 -29.39 28.79
N GLN D 765 -24.02 -30.48 29.25
CA GLN D 765 -24.11 -30.70 30.69
C GLN D 765 -22.72 -30.80 31.31
N ALA D 766 -21.80 -31.48 30.64
CA ALA D 766 -20.43 -31.57 31.13
C ALA D 766 -19.77 -30.20 31.21
N PHE D 767 -19.97 -29.37 30.20
CA PHE D 767 -19.42 -28.02 30.21
C PHE D 767 -20.17 -27.09 31.14
N ALA D 768 -21.30 -27.54 31.70
CA ALA D 768 -21.98 -26.75 32.72
C ALA D 768 -21.16 -26.59 33.99
N GLN D 769 -20.12 -27.39 34.17
CA GLN D 769 -19.22 -27.27 35.31
C GLN D 769 -17.76 -27.14 34.89
N THR D 770 -17.48 -27.02 33.60
CA THR D 770 -16.11 -26.98 33.08
C THR D 770 -15.82 -25.76 32.22
N LEU D 771 -16.84 -25.05 31.73
CA LEU D 771 -16.59 -23.90 30.87
C LEU D 771 -15.80 -22.82 31.60
N GLN D 772 -16.17 -22.55 32.86
CA GLN D 772 -15.45 -21.56 33.64
C GLN D 772 -13.98 -21.93 33.82
N GLN D 773 -13.68 -23.23 33.83
CA GLN D 773 -12.31 -23.70 34.05
C GLN D 773 -11.56 -23.75 32.71
N SER D 774 -11.35 -22.56 32.14
CA SER D 774 -10.63 -22.44 30.89
C SER D 774 -9.58 -21.33 30.99
N ARG D 775 -9.81 -20.35 31.88
CA ARG D 775 -8.86 -19.26 32.03
C ARG D 775 -7.52 -19.76 32.54
N GLY D 776 -7.54 -20.72 33.47
CA GLY D 776 -6.30 -21.35 33.91
C GLY D 776 -5.85 -22.40 32.92
N PHE D 777 -5.33 -23.51 33.42
CA PHE D 777 -4.96 -24.62 32.54
C PHE D 777 -6.21 -25.24 31.93
N GLY D 778 -6.14 -25.52 30.64
CA GLY D 778 -7.25 -26.08 29.91
C GLY D 778 -7.19 -25.62 28.45
N SER D 779 -8.36 -25.59 27.83
CA SER D 779 -8.58 -25.19 26.44
C SER D 779 -8.18 -26.29 25.47
N GLU D 780 -7.69 -27.43 25.93
CA GLU D 780 -7.34 -28.53 25.04
C GLU D 780 -8.41 -29.63 25.10
N LYS E 30 21.47 42.29 51.67
CA LYS E 30 21.19 41.16 52.54
C LYS E 30 20.61 41.63 53.86
N SER E 31 19.34 41.30 54.08
CA SER E 31 18.64 41.66 55.31
C SER E 31 17.75 40.50 55.71
N PRO E 32 17.43 40.37 57.00
CA PRO E 32 16.56 39.27 57.44
C PRO E 32 15.10 39.45 57.06
N ASN E 33 14.69 40.65 56.65
CA ASN E 33 13.30 40.93 56.31
C ASN E 33 13.04 40.93 54.82
N ARG E 34 14.06 40.70 53.99
CA ARG E 34 13.89 40.63 52.54
C ARG E 34 13.70 39.17 52.13
N LEU E 35 12.55 38.87 51.54
CA LEU E 35 12.16 37.49 51.25
C LEU E 35 11.64 37.39 49.83
N VAL E 36 11.84 36.21 49.23
CA VAL E 36 11.42 35.95 47.85
C VAL E 36 10.01 35.39 47.87
N VAL E 37 9.10 36.06 47.15
CA VAL E 37 7.71 35.63 47.14
C VAL E 37 7.57 34.31 46.38
N ASP E 38 6.58 33.52 46.78
CA ASP E 38 6.28 32.24 46.15
C ASP E 38 4.79 31.97 46.25
N GLU E 39 4.36 30.87 45.64
CA GLU E 39 2.96 30.49 45.67
C GLU E 39 2.55 30.09 47.08
N ALA E 40 1.28 30.31 47.40
CA ALA E 40 0.72 30.07 48.71
C ALA E 40 -0.12 28.80 48.71
N ILE E 41 -0.56 28.42 49.91
CA ILE E 41 -1.41 27.26 50.10
C ILE E 41 -2.84 27.73 50.27
N ASN E 42 -3.08 28.54 51.31
CA ASN E 42 -4.39 29.11 51.54
C ASN E 42 -4.64 30.28 50.57
N ASP E 43 -5.88 30.40 50.11
CA ASP E 43 -6.24 31.35 49.08
C ASP E 43 -6.79 32.66 49.64
N ASP E 44 -6.80 32.82 50.96
CA ASP E 44 -7.31 34.05 51.55
C ASP E 44 -6.40 35.23 51.19
N ASN E 45 -7.00 36.41 51.16
CA ASN E 45 -6.32 37.62 50.74
C ASN E 45 -5.62 38.35 51.89
N SER E 46 -5.70 37.80 53.10
CA SER E 46 -5.06 38.41 54.27
C SER E 46 -4.01 37.51 54.92
N VAL E 47 -4.16 36.19 54.82
CA VAL E 47 -3.20 35.28 55.43
C VAL E 47 -1.93 35.26 54.62
N VAL E 48 -0.79 35.46 55.29
CA VAL E 48 0.53 35.29 54.68
C VAL E 48 1.33 34.34 55.55
N SER E 49 1.86 33.29 54.95
CA SER E 49 2.57 32.24 55.68
C SER E 49 4.06 32.50 55.62
N LEU E 50 4.73 32.46 56.78
CA LEU E 50 6.17 32.63 56.86
C LEU E 50 6.77 31.47 57.64
N HIS E 51 8.01 31.13 57.30
CA HIS E 51 8.71 30.07 58.01
C HIS E 51 8.89 30.47 59.47
N PRO E 52 8.55 29.60 60.43
CA PRO E 52 8.67 30.02 61.84
C PRO E 52 10.07 30.46 62.23
N ALA E 53 11.11 29.90 61.60
CA ALA E 53 12.47 30.33 61.90
C ALA E 53 12.65 31.80 61.58
N THR E 54 12.19 32.23 60.40
CA THR E 54 12.33 33.63 60.02
C THR E 54 11.51 34.54 60.93
N MET E 55 10.30 34.11 61.29
CA MET E 55 9.48 34.92 62.18
C MET E 55 10.14 35.08 63.54
N GLU E 56 10.70 34.01 64.08
CA GLU E 56 11.43 34.10 65.34
C GLU E 56 12.66 35.00 65.20
N LYS E 57 13.33 34.93 64.06
CA LYS E 57 14.47 35.81 63.82
C LYS E 57 14.04 37.28 63.85
N LEU E 58 12.90 37.59 63.25
CA LEU E 58 12.37 38.94 63.22
C LEU E 58 11.50 39.26 64.42
N GLN E 59 11.28 38.30 65.33
CA GLN E 59 10.48 38.51 66.52
C GLN E 59 9.07 38.96 66.15
N LEU E 60 8.36 38.08 65.46
CA LEU E 60 7.01 38.34 64.97
C LEU E 60 6.02 37.43 65.67
N PHE E 61 4.98 38.01 66.25
CA PHE E 61 3.94 37.22 66.89
C PHE E 61 3.02 36.60 65.85
N ARG E 62 2.76 35.31 66.00
CA ARG E 62 1.87 34.61 65.07
C ARG E 62 0.46 35.17 65.18
N GLY E 63 -0.21 35.29 64.02
CA GLY E 63 -1.56 35.80 64.00
C GLY E 63 -1.67 37.28 64.24
N ASP E 64 -0.59 38.04 64.05
CA ASP E 64 -0.57 39.47 64.24
C ASP E 64 -0.42 40.15 62.88
N THR E 65 -0.52 41.47 62.87
CA THR E 65 -0.49 42.26 61.64
C THR E 65 0.94 42.66 61.30
N ILE E 66 1.25 42.62 60.01
CA ILE E 66 2.54 43.07 59.48
C ILE E 66 2.30 43.83 58.20
N LEU E 67 3.33 44.55 57.76
CA LEU E 67 3.27 45.36 56.55
C LEU E 67 4.32 44.85 55.58
N ILE E 68 3.93 44.73 54.30
CA ILE E 68 4.80 44.21 53.26
C ILE E 68 4.93 45.26 52.17
N LYS E 69 6.17 45.55 51.79
CA LYS E 69 6.48 46.49 50.72
C LYS E 69 7.13 45.75 49.57
N GLY E 70 6.68 46.06 48.35
CA GLY E 70 7.21 45.43 47.15
C GLY E 70 7.90 46.42 46.23
N LYS E 71 7.51 46.40 44.96
CA LYS E 71 8.12 47.26 43.96
C LYS E 71 7.38 48.60 43.88
N LYS E 72 7.93 49.50 43.07
CA LYS E 72 7.39 50.86 42.98
C LYS E 72 7.31 51.47 44.38
N ARG E 73 6.10 51.75 44.86
CA ARG E 73 5.91 52.25 46.21
C ARG E 73 4.71 51.59 46.89
N LYS E 74 4.19 50.51 46.33
CA LYS E 74 3.02 49.87 46.88
C LYS E 74 3.37 49.11 48.15
N ASP E 75 2.38 49.00 49.04
CA ASP E 75 2.53 48.23 50.26
C ASP E 75 1.17 47.74 50.71
N THR E 76 1.17 46.70 51.53
CA THR E 76 -0.05 46.09 52.01
C THR E 76 0.10 45.73 53.48
N VAL E 77 -1.03 45.48 54.13
CA VAL E 77 -1.08 45.08 55.52
C VAL E 77 -1.78 43.73 55.58
N CYS E 78 -1.12 42.74 56.18
CA CYS E 78 -1.65 41.38 56.19
C CYS E 78 -1.30 40.69 57.50
N ILE E 79 -2.09 39.68 57.85
CA ILE E 79 -1.87 38.91 59.06
C ILE E 79 -0.97 37.72 58.73
N ALA E 80 0.08 37.55 59.52
CA ALA E 80 1.06 36.51 59.30
C ALA E 80 0.68 35.23 60.05
N LEU E 81 1.23 34.12 59.59
CA LEU E 81 0.98 32.82 60.21
C LEU E 81 2.21 31.94 60.02
N ALA E 82 2.26 30.86 60.80
CA ALA E 82 3.38 29.94 60.79
C ALA E 82 3.13 28.82 59.79
N ASP E 83 4.17 28.46 59.03
CA ASP E 83 4.07 27.35 58.09
C ASP E 83 5.48 26.79 57.91
N GLU E 84 5.74 25.64 58.52
CA GLU E 84 7.06 25.03 58.45
C GLU E 84 7.41 24.56 57.04
N THR E 85 6.43 24.41 56.15
CA THR E 85 6.72 23.95 54.80
C THR E 85 7.57 24.97 54.05
N CYS E 86 7.30 26.25 54.25
CA CYS E 86 8.04 27.29 53.55
C CYS E 86 9.50 27.30 54.03
N GLU E 87 10.35 27.92 53.21
CA GLU E 87 11.77 28.08 53.53
C GLU E 87 12.01 29.45 54.14
N GLU E 88 13.12 29.56 54.88
CA GLU E 88 13.46 30.82 55.52
C GLU E 88 13.57 31.97 54.53
N PRO E 89 14.28 31.84 53.40
CA PRO E 89 14.47 32.99 52.50
C PRO E 89 13.27 33.30 51.62
N LYS E 90 12.11 32.70 51.87
CA LYS E 90 10.94 32.89 51.01
C LYS E 90 9.69 33.13 51.84
N ILE E 91 8.74 33.80 51.23
CA ILE E 91 7.42 34.06 51.80
C ILE E 91 6.37 33.70 50.76
N ARG E 92 5.25 33.16 51.23
CA ARG E 92 4.19 32.67 50.36
C ARG E 92 2.99 33.62 50.42
N MET E 93 2.52 34.04 49.25
CA MET E 93 1.36 34.91 49.15
C MET E 93 0.53 34.50 47.94
N ASN E 94 -0.75 34.85 47.98
CA ASN E 94 -1.65 34.55 46.89
C ASN E 94 -1.59 35.65 45.84
N LYS E 95 -2.24 35.40 44.70
CA LYS E 95 -2.13 36.32 43.58
C LYS E 95 -2.69 37.70 43.92
N VAL E 96 -3.65 37.78 44.85
CA VAL E 96 -4.25 39.06 45.19
C VAL E 96 -3.19 39.97 45.82
N VAL E 97 -2.48 39.46 46.82
CA VAL E 97 -1.49 40.28 47.51
C VAL E 97 -0.35 40.63 46.58
N ARG E 98 0.07 39.69 45.74
CA ARG E 98 1.14 39.98 44.78
C ARG E 98 0.71 41.07 43.81
N SER E 99 -0.53 41.01 43.33
CA SER E 99 -1.02 42.06 42.44
C SER E 99 -1.06 43.41 43.14
N ASN E 100 -1.49 43.42 44.41
CA ASN E 100 -1.48 44.67 45.17
C ASN E 100 -0.06 45.22 45.30
N LEU E 101 0.94 44.34 45.37
CA LEU E 101 2.32 44.73 45.53
C LEU E 101 3.06 44.89 44.20
N ARG E 102 2.41 44.61 43.08
CA ARG E 102 3.04 44.73 41.76
C ARG E 102 4.31 43.91 41.68
N VAL E 103 4.29 42.73 42.31
CA VAL E 103 5.44 41.84 42.34
C VAL E 103 5.05 40.49 41.76
N ARG E 104 5.86 39.98 40.84
CA ARG E 104 5.70 38.64 40.31
C ARG E 104 6.43 37.65 41.20
N LEU E 105 6.34 36.38 40.84
CA LEU E 105 7.11 35.36 41.55
C LEU E 105 8.58 35.51 41.22
N GLY E 106 9.43 35.28 42.22
CA GLY E 106 10.86 35.49 42.09
C GLY E 106 11.35 36.86 42.52
N ASP E 107 10.45 37.80 42.76
CA ASP E 107 10.83 39.10 43.27
C ASP E 107 11.07 39.03 44.77
N VAL E 108 11.57 40.14 45.33
CA VAL E 108 11.91 40.25 46.74
C VAL E 108 11.05 41.34 47.36
N ILE E 109 10.56 41.08 48.57
CA ILE E 109 9.70 41.99 49.31
C ILE E 109 10.26 42.17 50.71
N SER E 110 9.94 43.31 51.31
CA SER E 110 10.40 43.65 52.65
C SER E 110 9.22 43.60 53.62
N VAL E 111 9.46 43.06 54.81
CA VAL E 111 8.44 42.82 55.81
C VAL E 111 8.79 43.62 57.07
N HIS E 112 7.80 44.29 57.64
CA HIS E 112 7.99 45.09 58.85
C HIS E 112 6.85 44.80 59.83
N GLN E 113 7.20 44.57 61.08
CA GLN E 113 6.18 44.37 62.10
C GLN E 113 5.37 45.63 62.30
N CYS E 114 4.04 45.48 62.38
CA CYS E 114 3.13 46.59 62.57
C CYS E 114 1.96 46.16 63.44
N PRO E 115 2.22 45.76 64.69
CA PRO E 115 1.13 45.38 65.60
C PRO E 115 0.29 46.54 66.06
N ASP E 116 0.70 47.79 65.79
CA ASP E 116 -0.03 48.97 66.22
C ASP E 116 -1.22 49.29 65.33
N VAL E 117 -1.54 48.43 64.34
CA VAL E 117 -2.66 48.70 63.46
C VAL E 117 -3.94 48.87 64.28
N LYS E 118 -4.77 49.82 63.86
CA LYS E 118 -5.97 50.19 64.60
C LYS E 118 -7.21 49.76 63.83
N TYR E 119 -8.25 49.39 64.58
CA TYR E 119 -9.53 49.08 63.96
C TYR E 119 -10.10 50.34 63.31
N GLY E 120 -10.71 50.15 62.14
CA GLY E 120 -11.25 51.27 61.38
C GLY E 120 -12.72 51.51 61.70
N LYS E 121 -13.07 52.79 61.82
CA LYS E 121 -14.45 53.17 62.10
C LYS E 121 -15.34 53.06 60.86
N ARG E 122 -14.79 53.33 59.68
CA ARG E 122 -15.55 53.28 58.45
C ARG E 122 -14.63 52.95 57.28
N VAL E 123 -15.16 52.20 56.32
CA VAL E 123 -14.43 51.85 55.11
C VAL E 123 -15.36 52.04 53.92
N HIS E 124 -14.91 52.81 52.93
CA HIS E 124 -15.64 53.02 51.69
C HIS E 124 -15.02 52.13 50.62
N ILE E 125 -15.78 51.16 50.16
CA ILE E 125 -15.32 50.17 49.19
C ILE E 125 -16.29 50.14 48.02
N LEU E 126 -15.76 50.05 46.81
CA LEU E 126 -16.56 50.00 45.60
C LEU E 126 -16.05 48.86 44.73
N PRO E 127 -16.89 48.33 43.84
CA PRO E 127 -16.44 47.28 42.92
C PRO E 127 -15.82 47.89 41.67
N VAL E 128 -15.38 47.00 40.79
CA VAL E 128 -14.78 47.39 39.51
C VAL E 128 -15.81 47.18 38.42
N ASP E 129 -15.74 48.04 37.39
CA ASP E 129 -16.72 48.00 36.32
C ASP E 129 -16.64 46.71 35.53
N ASP E 130 -15.43 46.30 35.14
CA ASP E 130 -15.28 45.14 34.27
C ASP E 130 -15.77 43.87 34.97
N THR E 131 -15.40 43.69 36.24
CA THR E 131 -15.74 42.46 36.94
C THR E 131 -17.21 42.42 37.34
N VAL E 132 -17.83 43.57 37.60
CA VAL E 132 -19.20 43.63 38.08
C VAL E 132 -20.19 43.85 36.93
N GLU E 133 -19.72 43.81 35.68
CA GLU E 133 -20.61 44.01 34.55
C GLU E 133 -21.75 43.00 34.61
N GLY E 134 -22.98 43.48 34.39
CA GLY E 134 -24.13 42.61 34.49
C GLY E 134 -24.77 42.67 35.86
N VAL E 135 -24.39 41.74 36.73
CA VAL E 135 -24.95 41.62 38.07
C VAL E 135 -25.08 42.99 38.73
N THR E 136 -26.24 43.26 39.30
CA THR E 136 -26.48 44.50 40.02
C THR E 136 -27.47 44.25 41.14
N GLY E 137 -27.42 45.10 42.16
CA GLY E 137 -28.30 44.97 43.30
C GLY E 137 -27.59 45.26 44.62
N ASN E 138 -27.97 44.53 45.66
CA ASN E 138 -27.39 44.72 46.99
C ASN E 138 -26.10 43.91 47.07
N LEU E 139 -25.05 44.46 46.46
CA LEU E 139 -23.76 43.78 46.46
C LEU E 139 -23.20 43.63 47.87
N PHE E 140 -23.53 44.56 48.77
CA PHE E 140 -22.95 44.53 50.10
C PHE E 140 -23.23 43.21 50.80
N ASP E 141 -24.50 42.93 51.09
CA ASP E 141 -24.83 41.69 51.80
C ASP E 141 -24.49 40.46 50.96
N ALA E 142 -24.48 40.60 49.64
CA ALA E 142 -24.23 39.46 48.78
C ALA E 142 -22.78 38.99 48.89
N TYR E 143 -21.83 39.92 48.86
CA TYR E 143 -20.41 39.58 48.82
C TYR E 143 -19.64 40.03 50.04
N LEU E 144 -19.72 41.30 50.40
CA LEU E 144 -18.81 41.84 51.41
C LEU E 144 -19.15 41.32 52.80
N LYS E 145 -20.42 41.26 53.15
CA LYS E 145 -20.79 40.89 54.51
C LYS E 145 -20.31 39.50 54.88
N PRO E 146 -20.51 38.46 54.05
CA PRO E 146 -19.88 37.17 54.36
C PRO E 146 -18.37 37.24 54.42
N TYR E 147 -17.77 38.14 53.63
CA TYR E 147 -16.32 38.20 53.54
C TYR E 147 -15.67 38.85 54.75
N PHE E 148 -16.40 39.71 55.47
CA PHE E 148 -15.87 40.40 56.63
C PHE E 148 -16.54 40.02 57.95
N LEU E 149 -17.67 39.32 57.90
CA LEU E 149 -18.45 39.09 59.11
C LEU E 149 -17.68 38.25 60.12
N GLU E 150 -17.01 37.19 59.65
CA GLU E 150 -16.40 36.23 60.57
C GLU E 150 -15.06 36.73 61.07
N ALA E 151 -14.11 36.95 60.17
CA ALA E 151 -12.73 37.24 60.55
C ALA E 151 -12.47 38.75 60.51
N TYR E 152 -11.60 39.20 61.42
CA TYR E 152 -11.11 40.58 61.39
C TYR E 152 -10.00 40.66 60.36
N ARG E 153 -10.25 41.37 59.27
CA ARG E 153 -9.37 41.35 58.12
C ARG E 153 -8.66 42.69 57.97
N PRO E 154 -7.35 42.71 57.70
CA PRO E 154 -6.68 43.97 57.41
C PRO E 154 -7.08 44.52 56.06
N VAL E 155 -6.97 45.84 55.93
CA VAL E 155 -7.32 46.55 54.71
C VAL E 155 -6.39 47.73 54.55
N ARG E 156 -6.01 48.00 53.29
CA ARG E 156 -5.12 49.10 52.95
C ARG E 156 -5.70 49.83 51.75
N LYS E 157 -5.65 51.16 51.79
CA LYS E 157 -6.23 51.96 50.72
C LYS E 157 -5.58 51.62 49.39
N GLY E 158 -6.39 51.60 48.34
CA GLY E 158 -5.92 51.34 46.99
C GLY E 158 -5.77 49.87 46.64
N ASP E 159 -6.02 48.97 47.59
CA ASP E 159 -5.89 47.54 47.34
C ASP E 159 -7.20 46.95 46.84
N LEU E 160 -7.07 45.93 46.01
CA LEU E 160 -8.22 45.22 45.45
C LEU E 160 -8.26 43.81 46.03
N PHE E 161 -9.44 43.41 46.51
CA PHE E 161 -9.63 42.05 47.01
C PHE E 161 -10.75 41.36 46.23
N LEU E 162 -10.60 40.05 46.09
CA LEU E 162 -11.47 39.25 45.24
C LEU E 162 -12.43 38.45 46.10
N VAL E 163 -13.72 38.48 45.74
CA VAL E 163 -14.76 37.73 46.42
C VAL E 163 -15.44 36.83 45.40
N ARG E 164 -15.54 35.54 45.72
CA ARG E 164 -16.07 34.55 44.80
C ARG E 164 -17.49 34.17 45.21
N GLY E 165 -18.39 34.11 44.22
CA GLY E 165 -19.76 33.74 44.45
C GLY E 165 -20.63 33.99 43.25
N GLY E 166 -21.81 33.37 43.21
CA GLY E 166 -22.72 33.59 42.11
C GLY E 166 -22.12 33.26 40.77
N MET E 167 -21.28 32.23 40.71
CA MET E 167 -20.62 31.81 39.48
C MET E 167 -19.78 32.94 38.89
N ARG E 168 -19.26 33.83 39.74
CA ARG E 168 -18.39 34.89 39.26
C ARG E 168 -17.54 35.39 40.42
N SER E 169 -16.43 36.02 40.05
CA SER E 169 -15.53 36.66 41.01
C SER E 169 -15.61 38.17 40.84
N VAL E 170 -15.75 38.88 41.95
CA VAL E 170 -15.92 40.32 41.96
C VAL E 170 -14.72 40.93 42.66
N GLU E 171 -14.10 41.91 42.01
CA GLU E 171 -12.96 42.63 42.57
C GLU E 171 -13.46 43.93 43.18
N PHE E 172 -13.17 44.12 44.47
CA PHE E 172 -13.56 45.32 45.19
C PHE E 172 -12.31 46.10 45.56
N LYS E 173 -12.29 47.37 45.16
CA LYS E 173 -11.19 48.28 45.45
C LYS E 173 -11.56 49.16 46.65
N VAL E 174 -10.65 49.25 47.61
CA VAL E 174 -10.88 50.02 48.83
C VAL E 174 -10.67 51.49 48.49
N ILE E 175 -11.76 52.24 48.35
CA ILE E 175 -11.65 53.64 47.98
C ILE E 175 -11.08 54.45 49.14
N GLU E 176 -11.58 54.22 50.35
CA GLU E 176 -11.15 55.01 51.50
C GLU E 176 -11.22 54.18 52.76
N THR E 177 -10.34 54.49 53.71
CA THR E 177 -10.28 53.80 54.99
C THR E 177 -10.06 54.81 56.11
N ASP E 178 -10.46 54.42 57.31
CA ASP E 178 -10.26 55.20 58.51
C ASP E 178 -9.72 54.31 59.62
N PRO E 179 -8.98 54.87 60.58
CA PRO E 179 -8.60 56.29 60.72
C PRO E 179 -7.42 56.64 59.82
N ALA E 180 -6.73 55.63 59.29
CA ALA E 180 -5.59 55.82 58.41
C ALA E 180 -5.74 54.90 57.21
N GLU E 181 -4.74 54.96 56.31
CA GLU E 181 -4.80 54.12 55.12
C GLU E 181 -4.83 52.64 55.46
N TYR E 182 -4.25 52.27 56.60
CA TYR E 182 -4.26 50.90 57.09
C TYR E 182 -5.27 50.76 58.22
N CYS E 183 -6.14 49.76 58.12
CA CYS E 183 -7.18 49.56 59.11
C CYS E 183 -7.49 48.08 59.22
N VAL E 184 -8.26 47.72 60.24
CA VAL E 184 -8.74 46.35 60.43
C VAL E 184 -10.26 46.39 60.50
N VAL E 185 -10.91 45.60 59.64
CA VAL E 185 -12.37 45.59 59.62
C VAL E 185 -12.89 44.79 60.81
N ALA E 186 -13.91 45.33 61.46
CA ALA E 186 -14.54 44.74 62.62
C ALA E 186 -16.05 44.73 62.43
N PRO E 187 -16.77 43.91 63.21
CA PRO E 187 -18.24 43.90 63.05
C PRO E 187 -18.88 45.26 63.20
N ASP E 188 -18.40 46.07 64.15
CA ASP E 188 -18.96 47.40 64.36
C ASP E 188 -18.55 48.39 63.28
N THR E 189 -17.54 48.06 62.47
CA THR E 189 -17.08 48.98 61.44
C THR E 189 -18.17 49.19 60.38
N GLU E 190 -18.29 50.43 59.92
CA GLU E 190 -19.22 50.76 58.86
C GLU E 190 -18.61 50.45 57.50
N ILE E 191 -19.43 49.95 56.59
CA ILE E 191 -19.01 49.63 55.22
C ILE E 191 -19.92 50.40 54.27
N PHE E 192 -19.32 51.17 53.37
CA PHE E 192 -20.05 52.01 52.43
C PHE E 192 -19.76 51.53 51.01
N CYS E 193 -20.78 51.03 50.33
CA CYS E 193 -20.64 50.50 48.97
C CYS E 193 -21.78 51.02 48.09
N GLU E 194 -22.16 52.27 48.27
CA GLU E 194 -23.22 52.89 47.49
C GLU E 194 -22.70 53.64 46.27
N GLY E 195 -21.39 53.68 46.05
CA GLY E 195 -20.83 54.42 44.94
C GLY E 195 -20.90 53.66 43.63
N GLU E 196 -20.51 54.35 42.56
CA GLU E 196 -20.54 53.79 41.22
C GLU E 196 -19.32 52.90 40.98
N PRO E 197 -19.35 52.07 39.94
CA PRO E 197 -18.19 51.24 39.62
C PRO E 197 -16.96 52.09 39.36
N VAL E 198 -15.80 51.56 39.77
CA VAL E 198 -14.53 52.23 39.61
C VAL E 198 -13.76 51.57 38.48
N LYS E 199 -12.98 52.38 37.77
CA LYS E 199 -12.20 51.88 36.65
C LYS E 199 -11.04 51.02 37.13
N ARG E 200 -10.49 50.24 36.20
CA ARG E 200 -9.41 49.33 36.54
C ARG E 200 -8.10 50.07 36.76
N GLU E 201 -7.89 51.17 36.02
CA GLU E 201 -6.70 52.00 36.12
C GLU E 201 -5.43 51.16 36.14
N ASP E 202 -5.21 50.47 35.01
CA ASP E 202 -4.02 49.69 34.70
C ASP E 202 -3.80 48.52 35.63
N GLU E 203 -4.75 48.22 36.50
CA GLU E 203 -4.64 47.02 37.34
C GLU E 203 -4.78 45.77 36.49
N GLU E 204 -4.15 44.70 36.94
CA GLU E 204 -4.21 43.43 36.24
C GLU E 204 -5.43 42.62 36.68
N ARG E 205 -5.97 41.84 35.75
CA ARG E 205 -7.12 41.00 36.06
C ARG E 205 -6.72 39.97 37.11
N LEU E 206 -7.34 40.04 38.28
CA LEU E 206 -7.06 39.06 39.33
C LEU E 206 -7.58 37.68 38.99
N ASP E 207 -8.42 37.55 37.96
CA ASP E 207 -8.90 36.26 37.49
C ASP E 207 -8.03 35.68 36.39
N ASP E 208 -6.94 36.36 36.03
CA ASP E 208 -6.03 35.80 35.03
C ASP E 208 -5.51 34.45 35.48
N VAL E 209 -5.20 33.59 34.51
CA VAL E 209 -4.78 32.24 34.82
C VAL E 209 -3.44 32.30 35.56
N GLY E 210 -3.35 31.53 36.64
CA GLY E 210 -2.12 31.43 37.40
C GLY E 210 -1.83 30.01 37.83
N TYR E 211 -0.84 29.82 38.69
CA TYR E 211 -0.54 28.47 39.17
C TYR E 211 -1.67 27.93 40.04
N ASP E 212 -2.48 28.81 40.62
CA ASP E 212 -3.61 28.38 41.42
C ASP E 212 -4.83 28.03 40.58
N ASP E 213 -4.84 28.38 39.30
CA ASP E 213 -5.91 28.00 38.39
C ASP E 213 -5.60 26.73 37.61
N VAL E 214 -4.50 26.06 37.94
CA VAL E 214 -4.12 24.80 37.29
C VAL E 214 -3.99 23.74 38.37
N GLY E 215 -4.68 22.63 38.18
CA GLY E 215 -4.65 21.55 39.15
C GLY E 215 -4.35 20.22 38.48
N GLY E 216 -3.87 19.28 39.29
CA GLY E 216 -3.48 17.98 38.79
C GLY E 216 -2.08 17.91 38.25
N VAL E 217 -1.35 19.03 38.25
CA VAL E 217 0.02 19.08 37.75
C VAL E 217 0.83 19.88 38.76
N ARG E 218 1.54 19.18 39.64
CA ARG E 218 2.45 19.79 40.60
C ARG E 218 3.91 19.51 40.28
N LYS E 219 4.23 18.28 39.87
CA LYS E 219 5.59 17.96 39.45
C LYS E 219 5.93 18.64 38.13
N GLN E 220 5.06 18.52 37.13
CA GLN E 220 5.33 19.14 35.84
C GLN E 220 5.38 20.66 35.96
N MET E 221 4.46 21.24 36.72
CA MET E 221 4.48 22.68 36.91
C MET E 221 5.74 23.12 37.66
N ALA E 222 6.21 22.30 38.60
CA ALA E 222 7.45 22.61 39.29
C ALA E 222 8.64 22.61 38.33
N GLN E 223 8.70 21.62 37.44
CA GLN E 223 9.77 21.61 36.44
C GLN E 223 9.70 22.83 35.55
N ILE E 224 8.50 23.18 35.11
CA ILE E 224 8.34 24.34 34.23
C ILE E 224 8.77 25.62 34.94
N ARG E 225 8.38 25.76 36.20
CA ARG E 225 8.79 26.92 36.98
C ARG E 225 10.31 26.98 37.10
N GLU E 226 10.93 25.87 37.48
CA GLU E 226 12.38 25.87 37.67
C GLU E 226 13.10 26.21 36.38
N LEU E 227 12.54 25.79 35.23
CA LEU E 227 13.19 26.11 33.96
C LEU E 227 12.98 27.56 33.56
N VAL E 228 11.81 28.12 33.82
CA VAL E 228 11.38 29.38 33.21
C VAL E 228 11.61 30.57 34.14
N GLU E 229 11.12 30.48 35.38
CA GLU E 229 11.12 31.65 36.26
C GLU E 229 12.53 32.16 36.51
N LEU E 230 13.49 31.26 36.72
CA LEU E 230 14.83 31.70 37.07
C LEU E 230 15.47 32.57 35.99
N PRO E 231 15.49 32.17 34.71
CA PRO E 231 16.09 33.05 33.69
C PRO E 231 15.28 34.29 33.38
N LEU E 232 13.96 34.14 33.20
CA LEU E 232 13.15 35.27 32.78
C LEU E 232 13.16 36.38 33.84
N ARG E 233 13.02 36.01 35.10
CA ARG E 233 13.05 37.01 36.17
C ARG E 233 14.46 37.55 36.39
N HIS E 234 15.49 36.73 36.17
CA HIS E 234 16.87 37.10 36.43
C HIS E 234 17.72 36.77 35.20
N PRO E 235 17.51 37.50 34.10
CA PRO E 235 18.29 37.26 32.89
C PRO E 235 19.72 37.79 33.00
N GLN E 236 19.88 38.89 33.75
CA GLN E 236 21.20 39.48 33.90
C GLN E 236 22.16 38.51 34.58
N LEU E 237 21.69 37.85 35.63
CA LEU E 237 22.55 36.89 36.33
C LEU E 237 22.95 35.74 35.40
N PHE E 238 22.01 35.25 34.60
CA PHE E 238 22.32 34.13 33.72
C PHE E 238 23.28 34.53 32.61
N LYS E 239 23.12 35.72 32.05
CA LYS E 239 24.05 36.14 31.01
C LYS E 239 25.41 36.49 31.59
N SER E 240 25.47 36.87 32.87
CA SER E 240 26.76 37.10 33.50
C SER E 240 27.46 35.80 33.87
N ILE E 241 26.71 34.77 34.27
CA ILE E 241 27.31 33.50 34.63
C ILE E 241 27.99 32.87 33.41
N GLY E 242 27.32 32.88 32.26
CA GLY E 242 27.83 32.28 31.05
C GLY E 242 27.24 30.92 30.72
N VAL E 243 26.50 30.32 31.65
CA VAL E 243 25.86 29.04 31.40
C VAL E 243 24.61 29.25 30.55
N LYS E 244 24.35 28.31 29.64
CA LYS E 244 23.22 28.42 28.73
C LYS E 244 22.08 27.52 29.22
N PRO E 245 20.96 28.08 29.64
CA PRO E 245 19.82 27.24 30.04
C PRO E 245 19.04 26.77 28.83
N PRO E 246 18.23 25.73 28.97
CA PRO E 246 17.42 25.27 27.84
C PRO E 246 16.36 26.30 27.47
N LYS E 247 16.04 26.33 26.17
CA LYS E 247 15.02 27.21 25.64
C LYS E 247 13.86 26.48 25.00
N GLY E 248 14.02 25.21 24.65
CA GLY E 248 12.98 24.46 23.98
C GLY E 248 12.18 23.57 24.91
N ILE E 249 10.90 23.92 25.08
CA ILE E 249 9.98 23.21 25.95
C ILE E 249 8.82 22.73 25.10
N LEU E 250 8.43 21.47 25.27
CA LEU E 250 7.36 20.85 24.51
C LEU E 250 6.41 20.18 25.49
N LEU E 251 5.22 20.75 25.66
CA LEU E 251 4.19 20.16 26.51
C LEU E 251 3.34 19.24 25.65
N TYR E 252 3.41 17.94 25.91
CA TYR E 252 2.64 16.96 25.18
C TYR E 252 1.71 16.23 26.13
N GLY E 253 0.47 16.01 25.69
CA GLY E 253 -0.52 15.36 26.50
C GLY E 253 -1.86 15.29 25.78
N PRO E 254 -2.81 14.55 26.34
CA PRO E 254 -4.12 14.42 25.70
C PRO E 254 -4.85 15.74 25.68
N PRO E 255 -5.73 15.96 24.69
CA PRO E 255 -6.49 17.22 24.64
C PRO E 255 -7.32 17.41 25.91
N GLY E 256 -7.40 18.66 26.35
CA GLY E 256 -8.11 19.01 27.55
C GLY E 256 -7.32 18.90 28.83
N SER E 257 -6.03 18.58 28.75
CA SER E 257 -5.20 18.35 29.91
C SER E 257 -4.45 19.59 30.37
N GLY E 258 -4.64 20.72 29.70
CA GLY E 258 -3.90 21.92 30.00
C GLY E 258 -3.11 22.42 28.81
N LYS E 259 -1.79 22.43 28.93
CA LYS E 259 -0.91 22.89 27.86
C LYS E 259 -1.11 24.37 27.59
N THR E 260 -2.19 24.73 26.90
CA THR E 260 -2.50 26.14 26.68
C THR E 260 -2.68 26.86 28.01
N LEU E 261 -3.37 26.23 28.96
CA LEU E 261 -3.58 26.83 30.27
C LEU E 261 -2.25 27.03 31.00
N ILE E 262 -1.38 26.03 30.94
CA ILE E 262 -0.10 26.10 31.65
C ILE E 262 0.74 27.25 31.10
N ALA E 263 0.79 27.39 29.77
CA ALA E 263 1.58 28.45 29.17
C ALA E 263 1.05 29.83 29.57
N ARG E 264 -0.26 30.03 29.53
CA ARG E 264 -0.82 31.31 29.96
C ARG E 264 -0.54 31.56 31.42
N ALA E 265 -0.66 30.54 32.27
CA ALA E 265 -0.37 30.71 33.69
C ALA E 265 1.08 31.13 33.91
N VAL E 266 2.00 30.46 33.24
CA VAL E 266 3.42 30.79 33.39
C VAL E 266 3.68 32.21 32.90
N ALA E 267 3.11 32.57 31.75
CA ALA E 267 3.32 33.91 31.21
C ALA E 267 2.78 34.98 32.15
N ASN E 268 1.59 34.76 32.70
CA ASN E 268 1.00 35.76 33.59
C ASN E 268 1.76 35.84 34.91
N GLU E 269 2.27 34.70 35.39
CA GLU E 269 2.99 34.71 36.65
C GLU E 269 4.39 35.29 36.52
N THR E 270 4.98 35.21 35.32
CA THR E 270 6.29 35.79 35.08
C THR E 270 6.23 37.18 34.47
N GLY E 271 5.08 37.59 33.96
CA GLY E 271 4.95 38.88 33.31
C GLY E 271 5.69 39.01 32.01
N ALA E 272 6.24 37.92 31.49
CA ALA E 272 7.00 37.97 30.26
C ALA E 272 6.08 38.25 29.07
N PHE E 273 6.61 38.98 28.09
CA PHE E 273 5.88 39.26 26.87
C PHE E 273 5.48 37.95 26.20
N PHE E 274 4.19 37.65 26.20
CA PHE E 274 3.68 36.37 25.73
C PHE E 274 3.10 36.54 24.33
N PHE E 275 3.69 35.83 23.37
CA PHE E 275 3.21 35.83 21.99
C PHE E 275 2.61 34.44 21.71
N CYS E 276 1.34 34.41 21.35
CA CYS E 276 0.62 33.17 21.14
C CYS E 276 0.53 32.90 19.64
N ILE E 277 1.44 32.08 19.15
CA ILE E 277 1.37 31.59 17.78
C ILE E 277 0.44 30.39 17.74
N ASN E 278 -0.56 30.46 16.86
CA ASN E 278 -1.54 29.39 16.71
C ASN E 278 -1.34 28.72 15.37
N GLY E 279 -1.23 27.39 15.40
CA GLY E 279 -0.95 26.62 14.21
C GLY E 279 -1.91 26.91 13.07
N PRO E 280 -3.21 26.68 13.29
CA PRO E 280 -4.17 26.97 12.21
C PRO E 280 -4.17 28.41 11.74
N GLU E 281 -3.94 29.36 12.65
CA GLU E 281 -3.88 30.76 12.23
C GLU E 281 -2.74 30.97 11.24
N ILE E 282 -1.60 30.35 11.49
CA ILE E 282 -0.47 30.45 10.57
C ILE E 282 -0.79 29.73 9.26
N MET E 283 -1.40 28.55 9.34
CA MET E 283 -1.65 27.73 8.17
C MET E 283 -2.79 28.25 7.30
N SER E 284 -3.61 29.17 7.81
CA SER E 284 -4.69 29.73 7.01
C SER E 284 -4.22 30.89 6.15
N LYS E 285 -3.33 31.73 6.67
CA LYS E 285 -2.86 32.88 5.92
C LYS E 285 -2.11 32.44 4.68
N LEU E 286 -2.28 33.21 3.59
CA LEU E 286 -1.80 32.80 2.28
C LEU E 286 -0.31 32.47 2.30
N ALA E 287 0.14 31.76 1.28
CA ALA E 287 1.54 31.37 1.19
C ALA E 287 2.44 32.60 1.23
N GLY E 288 3.53 32.50 1.97
CA GLY E 288 4.46 33.60 2.15
C GLY E 288 4.12 34.45 3.35
N GLU E 289 2.83 34.58 3.65
CA GLU E 289 2.41 35.31 4.86
C GLU E 289 2.64 34.51 6.11
N SER E 290 2.61 33.17 6.03
CA SER E 290 2.87 32.34 7.19
C SER E 290 4.30 32.52 7.69
N GLU E 291 5.26 32.45 6.76
CA GLU E 291 6.65 32.66 7.12
C GLU E 291 6.86 34.07 7.67
N SER E 292 6.20 35.05 7.05
CA SER E 292 6.30 36.42 7.54
C SER E 292 5.78 36.55 8.96
N ASN E 293 4.66 35.88 9.26
CA ASN E 293 4.11 35.95 10.61
C ASN E 293 5.04 35.30 11.61
N LEU E 294 5.60 34.13 11.27
CA LEU E 294 6.56 33.49 12.18
C LEU E 294 7.76 34.39 12.43
N ARG E 295 8.30 34.97 11.36
CA ARG E 295 9.45 35.85 11.49
C ARG E 295 9.14 37.05 12.37
N LYS E 296 7.98 37.67 12.16
CA LYS E 296 7.59 38.81 12.97
C LYS E 296 7.41 38.42 14.42
N ALA E 297 6.81 37.26 14.67
CA ALA E 297 6.64 36.81 16.05
C ALA E 297 7.97 36.67 16.75
N PHE E 298 8.92 35.97 16.11
CA PHE E 298 10.22 35.79 16.73
C PHE E 298 10.94 37.12 16.93
N GLU E 299 10.89 38.00 15.92
CA GLU E 299 11.58 39.28 16.03
C GLU E 299 10.99 40.12 17.16
N GLU E 300 9.66 40.16 17.27
CA GLU E 300 9.04 40.93 18.33
C GLU E 300 9.33 40.32 19.69
N ALA E 301 9.41 39.00 19.78
CA ALA E 301 9.80 38.38 21.04
C ALA E 301 11.22 38.77 21.41
N GLU E 302 12.13 38.83 20.44
CA GLU E 302 13.49 39.26 20.70
C GLU E 302 13.59 40.73 21.06
N LYS E 303 12.54 41.51 20.84
CA LYS E 303 12.53 42.93 21.19
C LYS E 303 11.97 43.17 22.59
N ASN E 304 11.00 42.36 23.01
CA ASN E 304 10.37 42.50 24.32
C ASN E 304 10.96 41.54 25.35
N ALA E 305 12.25 41.24 25.25
CA ALA E 305 12.87 40.30 26.16
C ALA E 305 12.79 40.83 27.59
N PRO E 306 12.52 39.97 28.58
CA PRO E 306 12.30 38.52 28.50
C PRO E 306 10.96 38.21 27.84
N SER E 307 10.83 37.08 27.16
CA SER E 307 9.65 36.80 26.36
C SER E 307 9.42 35.31 26.26
N ILE E 308 8.25 34.96 25.75
CA ILE E 308 7.83 33.57 25.56
C ILE E 308 7.09 33.48 24.24
N ILE E 309 7.24 32.35 23.55
CA ILE E 309 6.64 32.14 22.25
C ILE E 309 5.92 30.80 22.31
N PHE E 310 4.62 30.83 22.62
CA PHE E 310 3.83 29.62 22.78
C PHE E 310 3.26 29.22 21.43
N ILE E 311 3.73 28.09 20.90
CA ILE E 311 3.31 27.60 19.59
C ILE E 311 2.29 26.49 19.84
N ASP E 312 1.01 26.89 19.87
CA ASP E 312 -0.05 25.91 20.04
C ASP E 312 -0.30 25.15 18.74
N GLU E 313 -0.77 23.92 18.89
CA GLU E 313 -1.03 23.05 17.74
C GLU E 313 0.19 23.03 16.82
N ILE E 314 1.36 22.72 17.38
CA ILE E 314 2.59 22.68 16.58
C ILE E 314 2.65 21.46 15.68
N ASP E 315 1.73 20.51 15.84
CA ASP E 315 1.70 19.36 14.95
C ASP E 315 1.27 19.77 13.55
N SER E 316 0.31 20.69 13.44
CA SER E 316 -0.11 21.16 12.13
C SER E 316 1.03 21.90 11.42
N ILE E 317 1.76 22.72 12.16
CA ILE E 317 2.88 23.46 11.58
C ILE E 317 3.96 22.50 11.12
N ALA E 318 4.32 21.55 11.97
CA ALA E 318 5.48 20.69 11.77
C ALA E 318 5.09 19.23 11.96
N PRO E 319 4.29 18.69 11.06
CA PRO E 319 3.98 17.26 11.09
C PRO E 319 5.15 16.46 10.52
N LYS E 320 5.03 15.14 10.66
CA LYS E 320 6.08 14.25 10.16
C LYS E 320 6.18 14.38 8.64
N ARG E 321 7.41 14.27 8.14
CA ARG E 321 7.62 14.34 6.70
C ARG E 321 6.91 13.20 5.98
N GLU E 322 6.79 12.03 6.62
CA GLU E 322 6.09 10.90 6.03
C GLU E 322 4.61 11.20 5.80
N LYS E 323 4.06 12.21 6.45
CA LYS E 323 2.65 12.57 6.34
C LYS E 323 2.40 13.79 5.48
N THR E 324 3.20 14.84 5.63
CA THR E 324 3.01 16.03 4.82
C THR E 324 3.22 15.72 3.35
N ASN E 325 2.38 16.31 2.50
CA ASN E 325 2.42 16.07 1.07
C ASN E 325 2.35 17.41 0.32
N GLY E 326 3.14 18.38 0.76
CA GLY E 326 3.10 19.69 0.17
C GLY E 326 4.43 20.42 0.32
N GLU E 327 4.55 21.51 -0.43
CA GLU E 327 5.79 22.28 -0.43
C GLU E 327 5.74 23.40 0.60
N VAL E 328 4.61 24.11 0.69
CA VAL E 328 4.50 25.22 1.63
C VAL E 328 4.65 24.71 3.06
N GLU E 329 4.13 23.53 3.34
CA GLU E 329 4.28 22.94 4.67
C GLU E 329 5.75 22.72 5.00
N ARG E 330 6.52 22.18 4.05
CA ARG E 330 7.95 21.98 4.28
C ARG E 330 8.67 23.31 4.44
N ARG E 331 8.27 24.32 3.66
CA ARG E 331 8.90 25.64 3.81
C ARG E 331 8.66 26.20 5.20
N ILE E 332 7.44 26.07 5.71
CA ILE E 332 7.15 26.58 7.05
C ILE E 332 7.90 25.80 8.11
N VAL E 333 7.98 24.48 7.95
CA VAL E 333 8.75 23.66 8.90
C VAL E 333 10.19 24.12 8.94
N SER E 334 10.79 24.31 7.75
CA SER E 334 12.19 24.71 7.68
C SER E 334 12.40 26.11 8.25
N GLN E 335 11.45 27.01 8.01
CA GLN E 335 11.55 28.34 8.58
C GLN E 335 11.52 28.29 10.10
N LEU E 336 10.63 27.47 10.66
CA LEU E 336 10.56 27.31 12.11
C LEU E 336 11.87 26.75 12.65
N LEU E 337 12.42 25.74 11.98
CA LEU E 337 13.69 25.17 12.42
C LEU E 337 14.81 26.21 12.37
N THR E 338 14.85 27.00 11.29
CA THR E 338 15.88 28.04 11.17
C THR E 338 15.75 29.06 12.28
N LEU E 339 14.53 29.47 12.59
CA LEU E 339 14.33 30.46 13.65
C LEU E 339 14.72 29.89 15.01
N MET E 340 14.36 28.64 15.28
CA MET E 340 14.76 28.03 16.55
C MET E 340 16.27 27.93 16.65
N ASP E 341 16.94 27.57 15.55
CA ASP E 341 18.40 27.52 15.56
C ASP E 341 18.98 28.91 15.81
N GLY E 342 18.43 29.93 15.16
CA GLY E 342 18.91 31.29 15.37
C GLY E 342 18.67 31.80 16.77
N LEU E 343 17.69 31.23 17.47
CA LEU E 343 17.46 31.59 18.86
C LEU E 343 18.62 31.21 19.78
N LYS E 344 19.68 30.59 19.27
CA LYS E 344 20.87 30.41 20.08
C LYS E 344 21.47 31.76 20.47
N SER E 345 21.54 32.69 19.50
CA SER E 345 21.88 34.08 19.78
C SER E 345 20.57 34.81 20.01
N ARG E 346 20.07 34.73 21.24
CA ARG E 346 18.74 35.19 21.61
C ARG E 346 18.85 36.37 22.57
N ALA E 347 17.69 36.85 23.01
CA ALA E 347 17.59 37.77 24.14
C ALA E 347 16.56 37.17 25.09
N HIS E 348 17.03 36.25 25.93
CA HIS E 348 16.21 35.65 26.99
C HIS E 348 14.84 35.25 26.47
N VAL E 349 14.83 34.48 25.38
CA VAL E 349 13.61 34.05 24.71
C VAL E 349 13.44 32.56 24.93
N ILE E 350 12.23 32.16 25.34
CA ILE E 350 11.89 30.78 25.61
C ILE E 350 10.74 30.38 24.71
N VAL E 351 10.90 29.26 24.00
CA VAL E 351 9.87 28.72 23.13
C VAL E 351 9.14 27.60 23.89
N MET E 352 7.82 27.65 23.88
CA MET E 352 6.98 26.74 24.66
C MET E 352 5.92 26.17 23.73
N GLY E 353 6.27 25.08 23.05
CA GLY E 353 5.35 24.43 22.16
C GLY E 353 4.32 23.59 22.89
N ALA E 354 3.36 23.09 22.12
CA ALA E 354 2.30 22.24 22.66
C ALA E 354 1.76 21.35 21.56
N THR E 355 1.62 20.07 21.86
CA THR E 355 1.10 19.10 20.92
C THR E 355 0.38 18.01 21.69
N ASN E 356 -0.44 17.22 20.99
CA ASN E 356 -1.16 16.15 21.64
C ASN E 356 -0.22 14.99 22.01
N ARG E 357 0.64 14.61 21.09
CA ARG E 357 1.65 13.58 21.35
C ARG E 357 2.91 13.95 20.60
N PRO E 358 4.08 13.53 21.10
CA PRO E 358 5.33 13.90 20.43
C PRO E 358 5.53 13.21 19.09
N ASN E 359 4.86 12.07 18.86
CA ASN E 359 5.07 11.33 17.62
C ASN E 359 4.65 12.14 16.40
N SER E 360 3.54 12.86 16.49
CA SER E 360 3.05 13.63 15.35
C SER E 360 3.99 14.78 14.97
N ILE E 361 4.91 15.15 15.83
CA ILE E 361 5.85 16.23 15.57
C ILE E 361 7.03 15.69 14.77
N ASP E 362 7.58 16.52 13.90
CA ASP E 362 8.73 16.12 13.13
C ASP E 362 9.91 15.85 14.06
N PRO E 363 10.67 14.77 13.85
CA PRO E 363 11.77 14.46 14.77
C PRO E 363 12.79 15.58 14.88
N ALA E 364 12.98 16.36 13.82
CA ALA E 364 13.99 17.41 13.84
C ALA E 364 13.75 18.40 14.98
N LEU E 365 12.50 18.57 15.40
CA LEU E 365 12.19 19.52 16.45
C LEU E 365 12.58 19.01 17.84
N ARG E 366 12.86 17.71 17.99
CA ARG E 366 13.16 17.13 19.29
C ARG E 366 14.66 16.96 19.50
N ARG E 367 15.47 17.87 18.98
CA ARG E 367 16.92 17.79 19.05
C ARG E 367 17.47 18.94 19.87
N PHE E 368 18.80 18.98 19.97
CA PHE E 368 19.48 19.98 20.77
C PHE E 368 19.27 21.37 20.17
N GLY E 369 19.09 22.35 21.05
CA GLY E 369 18.79 23.72 20.66
C GLY E 369 17.32 23.92 20.37
N ARG E 370 16.72 22.99 19.64
CA ARG E 370 15.29 22.96 19.40
C ARG E 370 14.60 22.37 20.63
N PHE E 371 13.36 21.89 20.49
CA PHE E 371 12.60 21.47 21.65
C PHE E 371 13.24 20.24 22.27
N ASP E 372 14.10 20.47 23.27
CA ASP E 372 14.86 19.41 23.92
C ASP E 372 14.25 18.96 25.23
N ARG E 373 13.49 19.80 25.90
CA ARG E 373 12.77 19.43 27.11
C ARG E 373 11.34 19.08 26.74
N GLU E 374 10.86 17.94 27.22
CA GLU E 374 9.50 17.50 26.95
C GLU E 374 8.80 17.18 28.27
N ILE E 375 7.64 17.79 28.47
CA ILE E 375 6.85 17.64 29.68
C ILE E 375 5.53 16.99 29.31
N ASP E 376 5.19 15.91 30.00
CA ASP E 376 3.94 15.19 29.75
C ASP E 376 2.88 15.72 30.70
N ILE E 377 1.92 16.46 30.17
CA ILE E 377 0.74 16.86 30.92
C ILE E 377 -0.32 15.78 30.73
N GLY E 378 -0.28 14.75 31.56
CA GLY E 378 -1.13 13.60 31.39
C GLY E 378 -2.47 13.74 32.09
N VAL E 379 -3.19 12.63 32.12
CA VAL E 379 -4.48 12.57 32.81
C VAL E 379 -4.25 12.65 34.32
N PRO E 380 -4.91 13.55 35.03
CA PRO E 380 -4.71 13.62 36.49
C PRO E 380 -5.26 12.39 37.19
N ASP E 381 -4.66 12.06 38.32
CA ASP E 381 -5.14 11.00 39.18
C ASP E 381 -6.34 11.52 39.98
N GLU E 382 -6.82 10.72 40.94
CA GLU E 382 -8.05 11.07 41.65
C GLU E 382 -7.91 12.42 42.35
N ILE E 383 -6.80 12.64 43.04
CA ILE E 383 -6.61 13.90 43.73
C ILE E 383 -6.51 15.05 42.74
N GLY E 384 -5.93 14.82 41.57
CA GLY E 384 -5.88 15.86 40.56
C GLY E 384 -7.27 16.24 40.07
N ARG E 385 -8.14 15.25 39.87
CA ARG E 385 -9.51 15.53 39.48
C ARG E 385 -10.24 16.29 40.57
N LEU E 386 -10.00 15.94 41.83
CA LEU E 386 -10.59 16.69 42.93
C LEU E 386 -10.12 18.14 42.90
N GLU E 387 -8.84 18.37 42.65
CA GLU E 387 -8.32 19.73 42.59
C GLU E 387 -8.96 20.50 41.44
N VAL E 388 -9.11 19.85 40.29
CA VAL E 388 -9.75 20.50 39.14
C VAL E 388 -11.18 20.89 39.49
N LEU E 389 -11.92 19.97 40.13
CA LEU E 389 -13.29 20.26 40.49
C LEU E 389 -13.37 21.41 41.48
N ARG E 390 -12.46 21.43 42.47
CA ARG E 390 -12.44 22.53 43.42
C ARG E 390 -12.14 23.85 42.72
N ILE E 391 -11.23 23.83 41.74
CA ILE E 391 -10.91 25.03 40.99
C ILE E 391 -12.11 25.54 40.22
N HIS E 392 -12.86 24.63 39.59
CA HIS E 392 -13.99 25.03 38.76
C HIS E 392 -15.28 25.21 39.55
N THR E 393 -15.27 24.92 40.85
CA THR E 393 -16.46 25.11 41.69
C THR E 393 -16.22 26.10 42.82
N LYS E 394 -15.10 26.83 42.79
CA LYS E 394 -14.81 27.78 43.86
C LYS E 394 -15.66 29.04 43.75
N ASN E 395 -16.05 29.41 42.54
CA ASN E 395 -16.94 30.55 42.35
C ASN E 395 -18.39 30.22 42.62
N MET E 396 -18.73 28.95 42.84
CA MET E 396 -20.09 28.51 43.06
C MET E 396 -20.26 28.01 44.49
N LYS E 397 -21.44 28.26 45.06
CA LYS E 397 -21.76 27.83 46.41
C LYS E 397 -22.33 26.42 46.34
N LEU E 398 -21.52 25.44 46.72
CA LEU E 398 -21.96 24.05 46.72
C LEU E 398 -22.88 23.78 47.90
N ALA E 399 -23.98 23.07 47.65
CA ALA E 399 -24.88 22.68 48.72
C ALA E 399 -24.28 21.52 49.51
N GLU E 400 -24.88 21.23 50.66
CA GLU E 400 -24.44 20.13 51.48
C GLU E 400 -24.71 18.80 50.78
N ASP E 401 -23.91 17.80 51.13
CA ASP E 401 -23.96 16.43 50.60
C ASP E 401 -23.30 16.37 49.23
N VAL E 402 -22.81 17.47 48.69
CA VAL E 402 -22.09 17.45 47.42
C VAL E 402 -20.66 17.01 47.68
N ASP E 403 -20.40 15.72 47.58
CA ASP E 403 -19.10 15.14 47.91
C ASP E 403 -18.25 15.13 46.65
N LEU E 404 -17.34 16.11 46.54
CA LEU E 404 -16.47 16.16 45.37
C LEU E 404 -15.54 14.96 45.30
N GLU E 405 -15.25 14.35 46.46
CA GLU E 405 -14.44 13.13 46.46
C GLU E 405 -15.15 12.01 45.72
N ARG E 406 -16.46 11.88 45.90
CA ARG E 406 -17.21 10.86 45.18
C ARG E 406 -17.12 11.08 43.68
N ILE E 407 -17.30 12.33 43.24
CA ILE E 407 -17.25 12.63 41.81
C ILE E 407 -15.87 12.34 41.27
N SER E 408 -14.82 12.76 41.98
CA SER E 408 -13.47 12.50 41.52
C SER E 408 -13.21 11.02 41.40
N LYS E 409 -13.70 10.23 42.35
CA LYS E 409 -13.52 8.78 42.27
C LYS E 409 -14.32 8.19 41.12
N ASP E 410 -15.44 8.82 40.76
CA ASP E 410 -16.30 8.33 39.69
C ASP E 410 -15.99 8.92 38.33
N THR E 411 -14.92 9.71 38.21
CA THR E 411 -14.57 10.41 36.98
C THR E 411 -13.26 9.89 36.39
N HIS E 412 -13.06 8.58 36.40
CA HIS E 412 -11.87 8.01 35.78
C HIS E 412 -11.87 8.28 34.29
N GLY E 413 -10.71 8.67 33.76
CA GLY E 413 -10.59 8.98 32.35
C GLY E 413 -11.04 10.36 31.95
N TYR E 414 -11.29 11.24 32.92
CA TYR E 414 -11.78 12.58 32.65
C TYR E 414 -10.60 13.55 32.71
N VAL E 415 -10.33 14.21 31.59
CA VAL E 415 -9.33 15.26 31.53
C VAL E 415 -9.94 16.54 32.06
N GLY E 416 -9.11 17.54 32.34
CA GLY E 416 -9.61 18.73 33.03
C GLY E 416 -10.75 19.40 32.29
N ALA E 417 -10.74 19.32 30.96
CA ALA E 417 -11.82 19.93 30.19
C ALA E 417 -13.15 19.26 30.48
N ASP E 418 -13.16 17.93 30.58
CA ASP E 418 -14.39 17.22 30.89
C ASP E 418 -14.91 17.59 32.28
N LEU E 419 -14.01 17.72 33.25
CA LEU E 419 -14.40 18.09 34.59
C LEU E 419 -14.87 19.54 34.69
N ALA E 420 -14.36 20.42 33.83
CA ALA E 420 -14.88 21.76 33.73
C ALA E 420 -16.22 21.83 33.03
N ALA E 421 -16.45 20.91 32.09
CA ALA E 421 -17.73 20.86 31.37
C ALA E 421 -18.84 20.27 32.22
N LEU E 422 -18.54 19.27 33.05
CA LEU E 422 -19.57 18.70 33.91
C LEU E 422 -20.00 19.68 34.98
N CYS E 423 -19.06 20.45 35.54
CA CYS E 423 -19.42 21.50 36.48
C CYS E 423 -20.29 22.54 35.81
N THR E 424 -19.95 22.91 34.57
CA THR E 424 -20.77 23.86 33.84
C THR E 424 -22.17 23.32 33.60
N GLU E 425 -22.28 22.04 33.25
CA GLU E 425 -23.60 21.45 33.05
C GLU E 425 -24.41 21.47 34.34
N ALA E 426 -23.76 21.17 35.47
CA ALA E 426 -24.47 21.23 36.75
C ALA E 426 -24.95 22.64 37.04
N ALA E 427 -24.09 23.63 36.80
CA ALA E 427 -24.49 25.02 37.03
C ALA E 427 -25.66 25.41 36.14
N LEU E 428 -25.63 24.97 34.89
CA LEU E 428 -26.72 25.29 33.97
C LEU E 428 -28.01 24.60 34.38
N GLN E 429 -27.93 23.38 34.91
CA GLN E 429 -29.11 22.72 35.42
C GLN E 429 -29.69 23.49 36.60
N CYS E 430 -28.83 23.95 37.50
CA CYS E 430 -29.31 24.76 38.62
C CYS E 430 -29.96 26.04 38.13
N ILE E 431 -29.35 26.69 37.14
CA ILE E 431 -29.91 27.93 36.62
C ILE E 431 -31.27 27.66 35.96
N ARG E 432 -31.38 26.57 35.22
CA ARG E 432 -32.66 26.23 34.61
C ARG E 432 -33.73 25.98 35.66
N GLU E 433 -33.37 25.26 36.73
CA GLU E 433 -34.33 25.01 37.81
C GLU E 433 -34.78 26.32 38.45
N LYS E 434 -33.84 27.22 38.71
CA LYS E 434 -34.18 28.47 39.39
C LYS E 434 -34.74 29.54 38.47
N MET E 435 -34.73 29.31 37.14
CA MET E 435 -35.22 30.32 36.22
C MET E 435 -36.70 30.62 36.43
N ASP E 436 -37.50 29.59 36.74
CA ASP E 436 -38.93 29.81 36.95
C ASP E 436 -39.19 30.82 38.06
N VAL E 437 -38.26 30.95 39.01
CA VAL E 437 -38.44 31.90 40.10
C VAL E 437 -38.33 33.33 39.59
N ILE E 438 -37.35 33.59 38.72
CA ILE E 438 -37.03 34.93 38.26
C ILE E 438 -37.50 35.09 36.82
N ASP E 439 -38.22 36.18 36.56
CA ASP E 439 -38.67 36.46 35.20
C ASP E 439 -37.47 36.61 34.28
N LEU E 440 -37.64 36.17 33.03
CA LEU E 440 -36.55 36.05 32.08
C LEU E 440 -36.31 37.30 31.27
N GLU E 441 -37.05 38.39 31.52
CA GLU E 441 -36.82 39.64 30.83
C GLU E 441 -35.81 40.53 31.53
N ASP E 442 -35.54 40.29 32.82
CA ASP E 442 -34.62 41.13 33.55
C ASP E 442 -33.23 41.08 32.95
N ASP E 443 -32.62 42.25 32.76
CA ASP E 443 -31.28 42.32 32.19
C ASP E 443 -30.24 41.80 33.17
N SER E 444 -30.35 42.19 34.44
CA SER E 444 -29.40 41.80 35.48
C SER E 444 -30.12 41.00 36.55
N ILE E 445 -29.50 39.91 36.99
CA ILE E 445 -30.08 39.06 38.02
C ILE E 445 -29.67 39.58 39.40
N ASP E 446 -30.56 39.39 40.37
CA ASP E 446 -30.27 39.84 41.72
C ASP E 446 -29.06 39.10 42.28
N ALA E 447 -28.18 39.85 42.93
CA ALA E 447 -26.97 39.25 43.49
C ALA E 447 -27.31 38.21 44.55
N GLU E 448 -28.30 38.52 45.40
CA GLU E 448 -28.71 37.55 46.41
C GLU E 448 -29.20 36.26 45.78
N ILE E 449 -29.94 36.36 44.67
CA ILE E 449 -30.41 35.16 43.99
C ILE E 449 -29.22 34.33 43.51
N LEU E 450 -28.23 34.98 42.90
CA LEU E 450 -27.07 34.25 42.42
C LEU E 450 -26.33 33.57 43.56
N ASN E 451 -26.12 34.29 44.67
CA ASN E 451 -25.41 33.70 45.80
C ASN E 451 -26.23 32.62 46.49
N SER E 452 -27.55 32.60 46.32
CA SER E 452 -28.41 31.59 46.90
C SER E 452 -28.62 30.39 45.99
N MET E 453 -28.11 30.42 44.77
CA MET E 453 -28.23 29.28 43.86
C MET E 453 -27.20 28.24 44.27
N ALA E 454 -27.65 27.22 45.00
CA ALA E 454 -26.79 26.16 45.50
C ALA E 454 -26.92 24.93 44.61
N VAL E 455 -25.80 24.45 44.12
CA VAL E 455 -25.79 23.29 43.23
C VAL E 455 -25.87 22.02 44.07
N THR E 456 -26.86 21.19 43.76
CA THR E 456 -27.12 19.95 44.50
C THR E 456 -26.38 18.79 43.87
N ASN E 457 -26.15 17.75 44.68
CA ASN E 457 -25.45 16.57 44.19
C ASN E 457 -26.19 15.93 43.03
N GLU E 458 -27.51 16.10 42.96
CA GLU E 458 -28.27 15.53 41.86
C GLU E 458 -27.82 16.14 40.52
N HIS E 459 -27.56 17.44 40.51
CA HIS E 459 -27.12 18.09 39.28
C HIS E 459 -25.79 17.48 38.81
N PHE E 460 -24.85 17.31 39.74
CA PHE E 460 -23.56 16.74 39.36
C PHE E 460 -23.71 15.29 38.92
N HIS E 461 -24.59 14.52 39.57
CA HIS E 461 -24.80 13.14 39.16
C HIS E 461 -25.36 13.07 37.75
N THR E 462 -26.36 13.90 37.45
CA THR E 462 -26.92 13.91 36.10
C THR E 462 -25.87 14.35 35.08
N ALA E 463 -25.08 15.38 35.39
CA ALA E 463 -24.06 15.84 34.47
C ALA E 463 -23.02 14.75 34.22
N LEU E 464 -22.61 14.05 35.27
CA LEU E 464 -21.66 12.95 35.11
C LEU E 464 -22.26 11.83 34.26
N GLY E 465 -23.53 11.52 34.47
CA GLY E 465 -24.17 10.49 33.65
C GLY E 465 -24.24 10.89 32.19
N ASN E 466 -24.50 12.17 31.93
CA ASN E 466 -24.62 12.66 30.56
C ASN E 466 -23.27 12.88 29.89
N SER E 467 -22.17 12.85 30.65
CA SER E 467 -20.84 13.09 30.11
C SER E 467 -20.07 11.78 30.00
N ASN E 468 -19.08 11.78 29.12
CA ASN E 468 -18.24 10.61 28.87
C ASN E 468 -16.78 11.01 28.92
N PRO E 469 -15.90 10.07 29.27
CA PRO E 469 -14.47 10.38 29.33
C PRO E 469 -13.87 10.58 27.95
N SER E 470 -12.78 11.32 27.90
CA SER E 470 -12.05 11.60 26.68
C SER E 470 -10.70 10.92 26.60
N ALA E 471 -10.07 10.64 27.74
CA ALA E 471 -8.75 10.01 27.80
C ALA E 471 -8.84 8.62 28.40
N LEU E 472 -9.92 7.90 28.10
CA LEU E 472 -10.13 6.58 28.68
C LEU E 472 -9.10 5.58 28.18
N ARG E 473 -8.72 5.67 26.91
CA ARG E 473 -7.78 4.73 26.31
C ARG E 473 -6.32 5.14 26.52
N GLU E 474 -6.06 6.28 27.15
CA GLU E 474 -4.70 6.72 27.38
C GLU E 474 -4.09 5.97 28.56
N THR E 475 -2.80 5.65 28.43
CA THR E 475 -2.07 5.01 29.51
C THR E 475 -2.06 5.93 30.72
N VAL E 476 -2.31 5.35 31.90
CA VAL E 476 -2.45 6.12 33.13
C VAL E 476 -1.30 5.75 34.08
N VAL E 477 -0.61 6.77 34.58
CA VAL E 477 0.44 6.60 35.57
C VAL E 477 -0.10 7.12 36.89
N GLU E 478 -0.20 6.24 37.88
CA GLU E 478 -0.77 6.62 39.17
C GLU E 478 -0.26 5.65 40.22
N VAL E 479 -0.43 6.05 41.49
CA VAL E 479 -0.10 5.20 42.63
C VAL E 479 -1.38 4.47 43.03
N PRO E 480 -1.44 3.14 42.91
CA PRO E 480 -2.69 2.44 43.18
C PRO E 480 -3.08 2.51 44.65
N ASN E 481 -4.39 2.43 44.89
CA ASN E 481 -4.93 2.47 46.24
C ASN E 481 -4.84 1.13 46.95
N VAL E 482 -4.56 0.04 46.23
CA VAL E 482 -4.51 -1.28 46.86
C VAL E 482 -3.34 -1.35 47.83
N SER E 483 -3.59 -1.89 49.01
CA SER E 483 -2.59 -2.06 50.05
C SER E 483 -2.51 -3.53 50.43
N TRP E 484 -1.61 -3.83 51.37
CA TRP E 484 -1.42 -5.22 51.78
C TRP E 484 -2.69 -5.80 52.40
N ASN E 485 -3.46 -4.96 53.10
CA ASN E 485 -4.67 -5.45 53.76
C ASN E 485 -5.69 -5.97 52.76
N ASP E 486 -5.68 -5.44 51.53
CA ASP E 486 -6.65 -5.86 50.54
C ASP E 486 -6.44 -7.32 50.11
N ILE E 487 -5.24 -7.85 50.31
CA ILE E 487 -4.91 -9.23 49.94
C ILE E 487 -4.76 -10.06 51.20
N GLY E 488 -5.34 -11.26 51.18
CA GLY E 488 -5.24 -12.18 52.30
C GLY E 488 -4.29 -13.31 51.97
N GLY E 489 -3.37 -13.58 52.90
CA GLY E 489 -2.40 -14.64 52.72
C GLY E 489 -1.23 -14.19 51.87
N LEU E 490 -0.54 -15.14 51.26
CA LEU E 490 0.61 -14.85 50.40
C LEU E 490 1.67 -14.06 51.18
N GLU E 491 1.88 -14.47 52.43
CA GLU E 491 2.85 -13.77 53.28
C GLU E 491 4.27 -13.93 52.75
N ASN E 492 4.63 -15.14 52.32
CA ASN E 492 5.96 -15.36 51.77
C ASN E 492 6.16 -14.57 50.48
N VAL E 493 5.13 -14.45 49.66
CA VAL E 493 5.21 -13.62 48.46
C VAL E 493 5.44 -12.16 48.83
N LYS E 494 4.76 -11.69 49.88
CA LYS E 494 4.98 -10.33 50.36
C LYS E 494 6.44 -10.16 50.80
N ARG E 495 6.96 -11.14 51.52
CA ARG E 495 8.35 -11.07 51.96
C ARG E 495 9.30 -10.98 50.77
N GLU E 496 9.10 -11.86 49.78
CA GLU E 496 9.98 -11.86 48.61
C GLU E 496 9.88 -10.56 47.84
N LEU E 497 8.66 -10.02 47.69
CA LEU E 497 8.49 -8.78 46.95
C LEU E 497 9.13 -7.61 47.68
N GLN E 498 9.04 -7.59 49.01
CA GLN E 498 9.71 -6.54 49.76
C GLN E 498 11.23 -6.66 49.61
N GLU E 499 11.75 -7.88 49.64
CA GLU E 499 13.19 -8.06 49.51
C GLU E 499 13.68 -7.77 48.09
N THR E 500 12.79 -7.88 47.10
CA THR E 500 13.20 -7.80 45.70
C THR E 500 12.94 -6.45 45.06
N VAL E 501 11.94 -5.71 45.54
CA VAL E 501 11.48 -4.48 44.90
C VAL E 501 11.67 -3.28 45.83
N GLN E 502 11.12 -3.37 47.05
CA GLN E 502 11.15 -2.22 47.95
C GLN E 502 12.57 -1.85 48.33
N TYR E 503 13.40 -2.85 48.67
CA TYR E 503 14.75 -2.55 49.12
C TYR E 503 15.60 -1.91 48.04
N PRO E 504 15.62 -2.40 46.80
CA PRO E 504 16.36 -1.69 45.75
C PRO E 504 15.90 -0.25 45.55
N VAL E 505 14.60 0.01 45.70
CA VAL E 505 14.07 1.34 45.43
C VAL E 505 14.40 2.30 46.56
N GLU E 506 13.92 2.00 47.77
CA GLU E 506 14.12 2.89 48.90
C GLU E 506 15.53 2.83 49.47
N HIS E 507 16.27 1.75 49.21
CA HIS E 507 17.62 1.55 49.74
C HIS E 507 18.54 1.10 48.62
N PRO E 508 18.79 1.96 47.64
CA PRO E 508 19.71 1.60 46.55
C PRO E 508 21.17 1.70 46.96
N GLU E 509 21.44 2.58 47.92
CA GLU E 509 22.82 2.77 48.38
C GLU E 509 23.37 1.49 48.97
N LYS E 510 22.55 0.78 49.76
CA LYS E 510 23.00 -0.48 50.34
C LYS E 510 23.32 -1.50 49.25
N PHE E 511 22.48 -1.59 48.22
CA PHE E 511 22.73 -2.53 47.14
C PHE E 511 24.02 -2.19 46.41
N GLU E 512 24.26 -0.90 46.13
CA GLU E 512 25.49 -0.51 45.48
C GLU E 512 26.69 -0.83 46.36
N LYS E 513 26.58 -0.59 47.66
CA LYS E 513 27.67 -0.86 48.58
C LYS E 513 28.00 -2.35 48.64
N PHE E 514 26.98 -3.21 48.66
CA PHE E 514 27.22 -4.63 48.85
C PHE E 514 28.04 -5.23 47.72
N GLY E 515 28.07 -4.58 46.55
CA GLY E 515 28.98 -4.96 45.49
C GLY E 515 28.33 -5.48 44.23
N MET E 516 27.00 -5.62 44.17
CA MET E 516 26.35 -6.06 42.96
C MET E 516 24.94 -5.50 42.90
N SER E 517 24.39 -5.49 41.69
CA SER E 517 23.08 -4.90 41.44
C SER E 517 22.02 -5.99 41.37
N PRO E 518 20.79 -5.69 41.78
CA PRO E 518 19.73 -6.71 41.76
C PRO E 518 19.13 -6.87 40.38
N SER E 519 18.16 -7.78 40.31
CA SER E 519 17.42 -8.02 39.08
C SER E 519 16.09 -7.26 39.13
N LYS E 520 15.72 -6.69 37.98
CA LYS E 520 14.51 -5.88 37.87
C LYS E 520 13.41 -6.59 37.11
N GLY E 521 13.42 -7.92 37.10
CA GLY E 521 12.42 -8.68 36.39
C GLY E 521 11.76 -9.75 37.24
N VAL E 522 10.44 -9.65 37.38
CA VAL E 522 9.65 -10.59 38.15
C VAL E 522 8.57 -11.17 37.25
N LEU E 523 8.10 -12.37 37.60
CA LEU E 523 7.08 -13.07 36.84
C LEU E 523 6.20 -13.84 37.80
N PHE E 524 4.98 -13.35 38.01
CA PHE E 524 4.00 -14.07 38.80
C PHE E 524 3.35 -15.13 37.94
N TYR E 525 3.29 -16.36 38.46
CA TYR E 525 2.55 -17.42 37.79
C TYR E 525 1.76 -18.19 38.83
N GLY E 526 0.60 -18.68 38.41
CA GLY E 526 -0.27 -19.43 39.28
C GLY E 526 -1.68 -19.48 38.74
N PRO E 527 -2.57 -20.12 39.49
CA PRO E 527 -3.96 -20.23 39.06
C PRO E 527 -4.62 -18.87 38.93
N PRO E 528 -5.60 -18.72 38.04
CA PRO E 528 -6.29 -17.43 37.93
C PRO E 528 -7.06 -17.10 39.20
N GLY E 529 -7.16 -15.81 39.49
CA GLY E 529 -7.87 -15.34 40.66
C GLY E 529 -7.08 -15.37 41.94
N CYS E 530 -5.79 -15.69 41.88
CA CYS E 530 -4.97 -15.78 43.08
C CYS E 530 -4.59 -14.43 43.66
N GLY E 531 -4.53 -13.37 42.84
CA GLY E 531 -4.24 -12.05 43.35
C GLY E 531 -2.92 -11.47 42.89
N LYS E 532 -2.51 -11.80 41.67
CA LYS E 532 -1.28 -11.26 41.12
C LYS E 532 -1.36 -9.74 40.95
N THR E 533 -2.45 -9.28 40.32
CA THR E 533 -2.61 -7.85 40.08
C THR E 533 -2.69 -7.07 41.40
N LEU E 534 -3.41 -7.60 42.37
CA LEU E 534 -3.50 -6.95 43.67
C LEU E 534 -2.17 -6.94 44.40
N LEU E 535 -1.30 -7.90 44.11
CA LEU E 535 0.05 -7.89 44.67
C LEU E 535 0.94 -6.85 44.00
N ALA E 536 0.88 -6.74 42.67
CA ALA E 536 1.64 -5.71 41.98
C ALA E 536 1.21 -4.32 42.43
N LYS E 537 -0.09 -4.07 42.46
CA LYS E 537 -0.59 -2.79 42.94
C LYS E 537 -0.22 -2.57 44.40
N ALA E 538 -0.29 -3.62 45.21
CA ALA E 538 0.01 -3.47 46.63
C ALA E 538 1.47 -3.09 46.84
N ILE E 539 2.39 -3.72 46.11
CA ILE E 539 3.80 -3.40 46.26
C ILE E 539 4.08 -1.99 45.72
N ALA E 540 3.40 -1.61 44.65
CA ALA E 540 3.55 -0.25 44.14
C ALA E 540 3.12 0.77 45.18
N ASN E 541 1.98 0.52 45.84
CA ASN E 541 1.51 1.43 46.87
C ASN E 541 2.47 1.46 48.05
N GLU E 542 2.99 0.30 48.45
CA GLU E 542 3.93 0.26 49.57
C GLU E 542 5.18 1.06 49.27
N CYS E 543 5.72 0.91 48.06
CA CYS E 543 6.91 1.67 47.68
C CYS E 543 6.59 3.11 47.28
N GLN E 544 5.31 3.47 47.21
CA GLN E 544 4.90 4.81 46.78
C GLN E 544 5.51 5.13 45.41
N ALA E 545 5.56 4.12 44.55
CA ALA E 545 6.06 4.24 43.20
C ALA E 545 4.90 4.19 42.21
N ASN E 546 5.15 4.73 41.03
CA ASN E 546 4.12 4.74 39.99
C ASN E 546 3.81 3.32 39.53
N PHE E 547 2.63 3.15 38.94
CA PHE E 547 2.18 1.85 38.47
C PHE E 547 1.54 2.04 37.10
N ILE E 548 2.05 1.32 36.11
CA ILE E 548 1.52 1.32 34.75
C ILE E 548 0.99 -0.07 34.46
N SER E 549 -0.30 -0.16 34.17
CA SER E 549 -0.95 -1.43 33.88
C SER E 549 -1.07 -1.60 32.38
N VAL E 550 -0.52 -2.70 31.87
CA VAL E 550 -0.54 -3.01 30.45
C VAL E 550 -1.02 -4.45 30.28
N LYS E 551 -1.97 -4.65 29.36
CA LYS E 551 -2.51 -5.96 29.07
C LYS E 551 -2.19 -6.34 27.63
N GLY E 552 -2.06 -7.64 27.40
CA GLY E 552 -1.71 -8.16 26.11
C GLY E 552 -2.69 -7.72 25.03
N PRO E 553 -3.99 -7.80 25.33
CA PRO E 553 -4.99 -7.26 24.40
C PRO E 553 -4.77 -5.80 24.04
N GLU E 554 -4.31 -4.99 25.00
CA GLU E 554 -4.05 -3.58 24.71
C GLU E 554 -2.87 -3.43 23.77
N LEU E 555 -1.85 -4.27 23.92
CA LEU E 555 -0.68 -4.21 23.04
C LEU E 555 -1.05 -4.67 21.63
N LEU E 556 -1.72 -5.81 21.52
CA LEU E 556 -2.04 -6.37 20.21
C LEU E 556 -2.99 -5.45 19.43
N THR E 557 -3.99 -4.89 20.10
CA THR E 557 -4.98 -4.07 19.42
C THR E 557 -4.41 -2.76 18.88
N MET E 558 -3.12 -2.51 19.05
CA MET E 558 -2.46 -1.34 18.48
C MET E 558 -2.26 -1.60 16.99
N TRP E 559 -3.36 -1.51 16.24
CA TRP E 559 -3.35 -1.80 14.81
C TRP E 559 -2.76 -3.19 14.53
N PHE E 560 -3.13 -4.15 15.38
CA PHE E 560 -2.63 -5.52 15.28
C PHE E 560 -1.10 -5.55 15.33
N GLY E 561 -0.52 -4.72 16.18
CA GLY E 561 0.91 -4.66 16.35
C GLY E 561 1.65 -3.85 15.32
N GLU E 562 0.95 -3.26 14.36
CA GLU E 562 1.62 -2.49 13.31
C GLU E 562 2.12 -1.16 13.84
N SER E 563 1.42 -0.55 14.79
CA SER E 563 1.86 0.70 15.42
C SER E 563 2.84 0.36 16.55
N GLU E 564 4.00 -0.14 16.14
CA GLU E 564 4.99 -0.62 17.11
C GLU E 564 5.46 0.49 18.04
N ALA E 565 5.53 1.72 17.55
CA ALA E 565 6.07 2.82 18.36
C ALA E 565 5.34 2.92 19.69
N ASN E 566 4.03 2.66 19.70
CA ASN E 566 3.27 2.76 20.95
C ASN E 566 3.93 1.95 22.06
N VAL E 567 4.37 0.74 21.75
CA VAL E 567 5.03 -0.07 22.76
C VAL E 567 6.24 0.67 23.33
N ARG E 568 7.09 1.17 22.44
CA ARG E 568 8.27 1.92 22.89
C ARG E 568 7.88 3.15 23.69
N GLU E 569 6.67 3.66 23.51
CA GLU E 569 6.21 4.77 24.34
C GLU E 569 6.05 4.32 25.79
N ILE E 570 5.43 3.16 26.00
CA ILE E 570 5.08 2.75 27.36
C ILE E 570 6.33 2.69 28.23
N PHE E 571 7.36 1.99 27.76
CA PHE E 571 8.60 1.93 28.52
C PHE E 571 9.17 3.33 28.75
N ASP E 572 9.15 4.16 27.70
CA ASP E 572 9.63 5.53 27.88
C ASP E 572 8.89 6.22 29.01
N LYS E 573 7.58 5.97 29.13
CA LYS E 573 6.83 6.58 30.21
C LYS E 573 7.35 6.11 31.56
N ALA E 574 7.63 4.81 31.68
CA ALA E 574 8.21 4.31 32.91
C ALA E 574 9.56 4.94 33.18
N ARG E 575 10.26 5.37 32.14
CA ARG E 575 11.53 6.06 32.33
C ARG E 575 11.32 7.47 32.87
N GLN E 576 10.21 8.12 32.49
CA GLN E 576 9.92 9.45 33.01
C GLN E 576 9.39 9.39 34.43
N SER E 577 8.61 8.35 34.76
CA SER E 577 7.92 8.26 36.04
C SER E 577 8.69 7.45 37.07
N ALA E 578 10.00 7.29 36.88
CA ALA E 578 10.78 6.53 37.83
C ALA E 578 10.70 7.18 39.21
N PRO E 579 10.50 6.40 40.29
CA PRO E 579 10.37 4.93 40.32
C PRO E 579 9.04 4.44 39.76
N CYS E 580 9.01 3.26 39.15
CA CYS E 580 7.81 2.77 38.49
C CYS E 580 7.76 1.25 38.60
N VAL E 581 6.55 0.72 38.44
CA VAL E 581 6.29 -0.72 38.46
C VAL E 581 5.45 -1.00 37.22
N LEU E 582 6.10 -1.42 36.14
CA LEU E 582 5.45 -1.65 34.85
C LEU E 582 4.95 -3.09 34.81
N PHE E 583 3.63 -3.26 34.97
CA PHE E 583 3.00 -4.57 35.07
C PHE E 583 2.46 -4.99 33.72
N PHE E 584 2.71 -6.25 33.35
CA PHE E 584 2.24 -6.83 32.09
C PHE E 584 1.30 -7.98 32.41
N ASP E 585 0.02 -7.65 32.58
CA ASP E 585 -0.99 -8.66 32.80
C ASP E 585 -1.37 -9.33 31.48
N GLU E 586 -1.94 -10.52 31.58
CA GLU E 586 -2.40 -11.27 30.42
C GLU E 586 -1.26 -11.49 29.42
N LEU E 587 -0.14 -11.99 29.94
CA LEU E 587 1.00 -12.34 29.11
C LEU E 587 0.78 -13.65 28.36
N ASP E 588 -0.28 -14.39 28.66
CA ASP E 588 -0.56 -15.64 27.98
C ASP E 588 -1.03 -15.45 26.55
N SER E 589 -1.36 -14.22 26.15
CA SER E 589 -1.86 -13.96 24.81
C SER E 589 -0.79 -13.41 23.86
N ILE E 590 0.28 -12.81 24.39
CA ILE E 590 1.32 -12.21 23.57
C ILE E 590 2.62 -12.98 23.67
N ALA E 591 2.96 -13.47 24.87
CA ALA E 591 4.19 -14.20 25.11
C ALA E 591 4.06 -15.68 24.77
N THR E 592 3.10 -16.04 23.94
CA THR E 592 2.96 -17.43 23.54
C THR E 592 4.23 -17.92 22.85
N GLN E 593 4.65 -19.13 23.20
CA GLN E 593 5.88 -19.68 22.63
C GLN E 593 5.78 -19.71 21.11
N ARG E 594 6.86 -19.28 20.46
CA ARG E 594 6.90 -19.27 18.99
C ARG E 594 6.65 -20.67 18.46
N GLY E 595 5.52 -20.85 17.77
CA GLY E 595 5.18 -22.14 17.21
C GLY E 595 4.45 -23.04 18.19
N GLY E 596 5.16 -23.52 19.20
CA GLY E 596 4.57 -24.49 20.12
C GLY E 596 3.39 -23.93 20.88
N GLY E 597 3.54 -22.73 21.44
CA GLY E 597 2.49 -22.13 22.25
C GLY E 597 1.68 -21.08 21.51
N SER E 598 2.16 -20.65 20.35
CA SER E 598 1.50 -19.58 19.62
C SER E 598 0.34 -20.14 18.80
N GLY E 599 -0.83 -19.53 18.95
CA GLY E 599 -2.01 -20.02 18.25
C GLY E 599 -2.05 -19.67 16.79
N GLY E 600 -1.34 -18.62 16.37
CA GLY E 600 -1.38 -18.19 14.99
C GLY E 600 0.00 -18.16 14.34
N ASP E 601 0.22 -19.05 13.38
CA ASP E 601 1.47 -19.02 12.62
C ASP E 601 1.59 -17.73 11.83
N GLY E 602 0.52 -17.30 11.18
CA GLY E 602 0.48 -16.05 10.44
C GLY E 602 0.20 -14.84 11.30
N GLY E 603 -0.07 -15.02 12.58
CA GLY E 603 -0.30 -13.90 13.48
C GLY E 603 0.97 -13.28 13.97
N GLY E 604 1.63 -12.50 13.11
CA GLY E 604 2.91 -11.90 13.46
C GLY E 604 2.83 -10.87 14.56
N ALA E 605 1.62 -10.46 14.95
CA ALA E 605 1.50 -9.45 16.00
C ALA E 605 2.09 -9.94 17.32
N ALA E 606 1.80 -11.18 17.68
CA ALA E 606 2.28 -11.70 18.96
C ALA E 606 3.80 -11.75 19.00
N ASP E 607 4.41 -12.32 17.96
CA ASP E 607 5.87 -12.42 17.93
C ASP E 607 6.51 -11.03 17.86
N ARG E 608 5.92 -10.14 17.08
CA ARG E 608 6.46 -8.78 16.98
C ARG E 608 6.44 -8.09 18.33
N VAL E 609 5.32 -8.17 19.05
CA VAL E 609 5.22 -7.52 20.34
C VAL E 609 6.16 -8.17 21.35
N LEU E 610 6.29 -9.51 21.29
CA LEU E 610 7.20 -10.17 22.20
C LEU E 610 8.63 -9.72 21.97
N ASN E 611 9.04 -9.62 20.70
CA ASN E 611 10.40 -9.18 20.41
C ASN E 611 10.62 -7.74 20.83
N GLN E 612 9.61 -6.88 20.64
CA GLN E 612 9.72 -5.51 21.10
C GLN E 612 9.89 -5.46 22.61
N LEU E 613 9.11 -6.26 23.33
CA LEU E 613 9.24 -6.30 24.79
C LEU E 613 10.63 -6.76 25.21
N LEU E 614 11.15 -7.80 24.54
CA LEU E 614 12.47 -8.30 24.87
C LEU E 614 13.53 -7.22 24.65
N THR E 615 13.47 -6.55 23.50
CA THR E 615 14.42 -5.49 23.21
C THR E 615 14.36 -4.37 24.25
N GLU E 616 13.14 -3.94 24.59
CA GLU E 616 12.99 -2.83 25.52
C GLU E 616 13.44 -3.22 26.91
N MET E 617 13.14 -4.44 27.35
CA MET E 617 13.62 -4.88 28.66
C MET E 617 15.13 -5.03 28.69
N ASP E 618 15.74 -5.38 27.54
CA ASP E 618 17.20 -5.33 27.46
C ASP E 618 17.69 -3.91 27.62
N GLY E 619 17.00 -2.95 27.01
CA GLY E 619 17.38 -1.55 27.12
C GLY E 619 17.01 -0.89 28.43
N MET E 620 16.21 -1.57 29.26
CA MET E 620 15.73 -1.00 30.51
C MET E 620 16.57 -1.38 31.72
N ASN E 621 17.55 -2.27 31.55
CA ASN E 621 18.35 -2.71 32.70
C ASN E 621 19.13 -1.54 33.29
N ALA E 622 19.58 -0.62 32.45
CA ALA E 622 20.38 0.50 32.95
C ALA E 622 19.58 1.34 33.95
N LYS E 623 18.32 1.62 33.64
CA LYS E 623 17.50 2.42 34.53
C LYS E 623 17.33 1.71 35.88
N LYS E 624 17.93 2.28 36.92
CA LYS E 624 17.97 1.60 38.21
C LYS E 624 16.58 1.48 38.83
N THR E 625 15.75 2.51 38.69
CA THR E 625 14.50 2.61 39.43
C THR E 625 13.28 2.28 38.58
N VAL E 626 13.38 1.29 37.69
CA VAL E 626 12.25 0.78 36.95
C VAL E 626 12.20 -0.73 37.17
N PHE E 627 11.07 -1.21 37.69
CA PHE E 627 10.86 -2.63 37.93
C PHE E 627 9.74 -3.13 37.04
N ILE E 628 10.00 -4.21 36.33
CA ILE E 628 9.06 -4.79 35.37
C ILE E 628 8.55 -6.09 35.95
N ILE E 629 7.22 -6.19 36.05
CA ILE E 629 6.55 -7.36 36.61
C ILE E 629 5.64 -7.93 35.53
N GLY E 630 5.52 -9.27 35.53
CA GLY E 630 4.66 -9.96 34.60
C GLY E 630 3.63 -10.80 35.34
N ALA E 631 2.71 -11.37 34.57
CA ALA E 631 1.67 -12.22 35.13
C ALA E 631 1.08 -13.06 34.01
N THR E 632 1.12 -14.37 34.17
CA THR E 632 0.59 -15.30 33.19
C THR E 632 -0.09 -16.47 33.89
N ASN E 633 -1.28 -16.80 33.44
CA ASN E 633 -2.01 -17.97 33.92
C ASN E 633 -1.77 -19.20 33.07
N ARG E 634 -0.86 -19.09 32.08
CA ARG E 634 -0.47 -20.22 31.24
C ARG E 634 1.04 -20.27 31.22
N PRO E 635 1.67 -20.61 32.35
CA PRO E 635 3.13 -20.63 32.40
C PRO E 635 3.77 -21.60 31.43
N ASP E 636 3.06 -22.65 31.03
CA ASP E 636 3.64 -23.62 30.10
C ASP E 636 3.94 -22.98 28.75
N ILE E 637 3.04 -22.12 28.27
CA ILE E 637 3.19 -21.53 26.94
C ILE E 637 3.93 -20.20 26.98
N ILE E 638 4.44 -19.79 28.14
CA ILE E 638 5.19 -18.54 28.22
C ILE E 638 6.53 -18.72 27.54
N ASP E 639 6.91 -17.75 26.71
CA ASP E 639 8.16 -17.86 25.97
C ASP E 639 9.33 -17.81 26.92
N SER E 640 10.28 -18.73 26.74
CA SER E 640 11.41 -18.83 27.65
C SER E 640 12.35 -17.64 27.54
N ALA E 641 12.26 -16.87 26.46
CA ALA E 641 13.11 -15.69 26.32
C ALA E 641 12.89 -14.71 27.45
N LEU E 642 11.65 -14.60 27.95
CA LEU E 642 11.35 -13.73 29.06
C LEU E 642 11.96 -14.19 30.37
N LEU E 643 12.45 -15.42 30.43
CA LEU E 643 13.04 -15.96 31.64
C LEU E 643 14.54 -15.72 31.74
N ARG E 644 15.13 -15.07 30.73
CA ARG E 644 16.55 -14.81 30.74
C ARG E 644 16.89 -13.78 31.83
N PRO E 645 18.06 -13.89 32.46
CA PRO E 645 18.46 -12.86 33.43
C PRO E 645 18.49 -11.49 32.80
N GLY E 646 18.14 -10.49 33.59
CA GLY E 646 17.90 -9.15 33.09
C GLY E 646 16.45 -8.95 32.74
N ARG E 647 15.86 -9.91 32.03
CA ARG E 647 14.43 -9.95 31.77
C ARG E 647 13.72 -10.57 32.97
N LEU E 648 12.45 -10.96 32.78
CA LEU E 648 11.62 -11.45 33.88
C LEU E 648 12.11 -12.83 34.32
N ASP E 649 13.09 -12.81 35.22
CA ASP E 649 13.74 -14.04 35.67
C ASP E 649 13.36 -14.46 37.08
N GLN E 650 12.87 -13.54 37.91
CA GLN E 650 12.46 -13.90 39.26
C GLN E 650 11.06 -14.51 39.19
N LEU E 651 11.01 -15.84 39.08
CA LEU E 651 9.76 -16.56 39.07
C LEU E 651 9.15 -16.60 40.47
N ILE E 652 7.86 -16.30 40.57
CA ILE E 652 7.16 -16.33 41.84
C ILE E 652 5.85 -17.07 41.63
N TYR E 653 5.63 -18.13 42.40
CA TYR E 653 4.45 -18.96 42.30
C TYR E 653 3.44 -18.52 43.35
N ILE E 654 2.21 -18.25 42.91
CA ILE E 654 1.14 -17.82 43.79
C ILE E 654 0.12 -18.96 43.88
N PRO E 655 0.05 -19.69 44.99
CA PRO E 655 -0.80 -20.89 45.01
C PRO E 655 -2.25 -20.58 45.34
N LEU E 656 -3.10 -21.59 45.28
CA LEU E 656 -4.49 -21.42 45.69
C LEU E 656 -4.54 -21.23 47.20
N PRO E 657 -5.40 -20.33 47.69
CA PRO E 657 -5.43 -20.07 49.13
C PRO E 657 -5.81 -21.30 49.92
N ASP E 658 -5.16 -21.46 51.08
CA ASP E 658 -5.49 -22.53 52.03
C ASP E 658 -6.72 -22.11 52.82
N GLU E 659 -7.01 -22.83 53.91
CA GLU E 659 -8.17 -22.47 54.73
C GLU E 659 -8.01 -21.07 55.33
N ASP E 660 -6.85 -20.79 55.93
CA ASP E 660 -6.64 -19.48 56.52
C ASP E 660 -6.64 -18.39 55.45
N SER E 661 -6.03 -18.68 54.30
CA SER E 661 -6.04 -17.71 53.20
C SER E 661 -7.47 -17.45 52.73
N ARG E 662 -8.30 -18.50 52.67
CA ARG E 662 -9.69 -18.32 52.27
C ARG E 662 -10.44 -17.48 53.28
N LEU E 663 -10.19 -17.71 54.57
CA LEU E 663 -10.81 -16.87 55.59
C LEU E 663 -10.41 -15.41 55.41
N ASN E 664 -9.13 -15.17 55.16
CA ASN E 664 -8.65 -13.81 54.96
C ASN E 664 -9.29 -13.17 53.74
N ILE E 665 -9.44 -13.95 52.66
CA ILE E 665 -10.05 -13.43 51.44
C ILE E 665 -11.52 -13.10 51.68
N PHE E 666 -12.23 -13.97 52.42
CA PHE E 666 -13.63 -13.67 52.76
C PHE E 666 -13.73 -12.40 53.57
N LYS E 667 -12.83 -12.22 54.55
CA LYS E 667 -12.84 -11.00 55.34
C LYS E 667 -12.58 -9.78 54.47
N ALA E 668 -11.62 -9.89 53.54
CA ALA E 668 -11.31 -8.77 52.67
C ALA E 668 -12.49 -8.41 51.77
N ALA E 669 -13.11 -9.41 51.16
CA ALA E 669 -14.25 -9.16 50.28
C ALA E 669 -15.44 -8.61 51.02
N LEU E 670 -15.74 -9.13 52.21
CA LEU E 670 -16.86 -8.64 53.01
C LEU E 670 -16.55 -7.33 53.72
N ARG E 671 -15.30 -6.87 53.68
CA ARG E 671 -14.96 -5.59 54.26
C ARG E 671 -15.74 -4.48 53.58
N LYS E 672 -16.13 -3.47 54.37
CA LYS E 672 -16.94 -2.36 53.89
C LYS E 672 -18.32 -2.84 53.42
N SER E 673 -18.82 -3.91 54.01
CA SER E 673 -20.15 -4.41 53.72
C SER E 673 -20.81 -4.85 55.02
N PRO E 674 -22.13 -4.70 55.12
CA PRO E 674 -22.83 -5.18 56.34
C PRO E 674 -23.03 -6.69 56.28
N ILE E 675 -22.61 -7.37 57.34
CA ILE E 675 -22.72 -8.82 57.44
C ILE E 675 -23.35 -9.18 58.77
N ALA E 676 -24.25 -10.16 58.75
CA ALA E 676 -24.92 -10.59 59.97
C ALA E 676 -23.94 -11.30 60.89
N LYS E 677 -24.24 -11.25 62.20
CA LYS E 677 -23.37 -11.86 63.19
C LYS E 677 -23.47 -13.38 63.15
N ASP E 678 -24.62 -13.92 62.76
CA ASP E 678 -24.79 -15.37 62.69
C ASP E 678 -23.92 -16.02 61.63
N VAL E 679 -23.34 -15.24 60.73
CA VAL E 679 -22.51 -15.79 59.65
C VAL E 679 -21.14 -16.13 60.24
N ASP E 680 -20.79 -17.41 60.22
CA ASP E 680 -19.50 -17.88 60.72
C ASP E 680 -18.54 -17.95 59.54
N ILE E 681 -17.79 -16.86 59.33
CA ILE E 681 -16.88 -16.79 58.20
C ILE E 681 -15.83 -17.89 58.29
N GLY E 682 -15.48 -18.32 59.51
CA GLY E 682 -14.58 -19.45 59.66
C GLY E 682 -15.15 -20.71 59.04
N ALA E 683 -16.45 -20.94 59.20
CA ALA E 683 -17.08 -22.10 58.58
C ALA E 683 -17.05 -21.99 57.06
N LEU E 684 -17.30 -20.79 56.53
CA LEU E 684 -17.23 -20.60 55.09
C LEU E 684 -15.83 -20.89 54.57
N ALA E 685 -14.80 -20.41 55.28
CA ALA E 685 -13.43 -20.72 54.89
C ALA E 685 -13.16 -22.21 54.95
N LYS E 686 -13.73 -22.90 55.95
CA LYS E 686 -13.56 -24.34 56.06
C LYS E 686 -14.04 -25.01 54.77
N TYR E 687 -13.58 -26.24 54.56
CA TYR E 687 -13.75 -26.92 53.29
C TYR E 687 -13.52 -25.92 52.16
N THR E 688 -14.34 -25.95 51.11
CA THR E 688 -14.22 -24.99 50.01
C THR E 688 -12.81 -25.04 49.42
N GLN E 689 -12.27 -26.24 49.27
CA GLN E 689 -10.92 -26.40 48.75
C GLN E 689 -10.88 -26.06 47.26
N GLY E 690 -9.73 -25.57 46.82
CA GLY E 690 -9.54 -25.23 45.42
C GLY E 690 -10.42 -24.09 44.94
N PHE E 691 -10.66 -23.09 45.79
CA PHE E 691 -11.48 -21.94 45.45
C PHE E 691 -10.57 -20.72 45.38
N SER E 692 -10.53 -20.09 44.20
CA SER E 692 -9.74 -18.89 44.03
C SER E 692 -10.45 -17.69 44.64
N GLY E 693 -9.69 -16.60 44.80
CA GLY E 693 -10.27 -15.39 45.36
C GLY E 693 -11.43 -14.85 44.53
N ALA E 694 -11.35 -15.01 43.21
CA ALA E 694 -12.42 -14.54 42.36
C ALA E 694 -13.72 -15.28 42.65
N ASP E 695 -13.64 -16.60 42.85
CA ASP E 695 -14.84 -17.36 43.20
C ASP E 695 -15.41 -16.89 44.53
N ILE E 696 -14.56 -16.60 45.50
CA ILE E 696 -15.02 -16.13 46.79
C ILE E 696 -15.70 -14.77 46.66
N THR E 697 -15.16 -13.89 45.82
CA THR E 697 -15.80 -12.60 45.60
C THR E 697 -17.14 -12.76 44.90
N GLU E 698 -17.23 -13.68 43.94
CA GLU E 698 -18.51 -13.95 43.29
C GLU E 698 -19.52 -14.51 44.28
N ILE E 699 -19.08 -15.31 45.23
CA ILE E 699 -19.97 -15.81 46.27
C ILE E 699 -20.60 -14.64 47.02
N CYS E 700 -19.77 -13.70 47.46
CA CYS E 700 -20.29 -12.54 48.17
C CYS E 700 -21.22 -11.72 47.30
N GLN E 701 -20.87 -11.55 46.02
CA GLN E 701 -21.72 -10.77 45.12
C GLN E 701 -23.09 -11.42 44.96
N ARG E 702 -23.14 -12.74 44.81
CA ARG E 702 -24.41 -13.41 44.65
C ARG E 702 -25.23 -13.38 45.94
N ALA E 703 -24.56 -13.53 47.08
CA ALA E 703 -25.25 -13.40 48.35
C ALA E 703 -25.85 -12.00 48.50
N CYS E 704 -25.09 -10.98 48.12
CA CYS E 704 -25.61 -9.61 48.17
C CYS E 704 -26.77 -9.42 47.21
N LYS E 705 -26.72 -10.05 46.04
CA LYS E 705 -27.84 -9.97 45.11
C LYS E 705 -29.09 -10.58 45.72
N TYR E 706 -28.94 -11.73 46.40
CA TYR E 706 -30.09 -12.34 47.06
C TYR E 706 -30.63 -11.43 48.16
N ALA E 707 -29.74 -10.83 48.94
CA ALA E 707 -30.18 -9.91 49.98
C ALA E 707 -30.93 -8.72 49.39
N ILE E 708 -30.42 -8.19 48.28
CA ILE E 708 -31.09 -7.07 47.62
C ILE E 708 -32.48 -7.48 47.15
N ARG E 709 -32.59 -8.68 46.57
CA ARG E 709 -33.89 -9.16 46.15
C ARG E 709 -34.86 -9.26 47.32
N GLU E 710 -34.38 -9.77 48.46
CA GLU E 710 -35.24 -9.87 49.63
C GLU E 710 -35.67 -8.50 50.12
N ASN E 711 -34.75 -7.54 50.16
CA ASN E 711 -35.11 -6.20 50.59
C ASN E 711 -36.12 -5.56 49.65
N ILE E 712 -35.93 -5.75 48.34
CA ILE E 712 -36.86 -5.20 47.36
C ILE E 712 -38.24 -5.81 47.56
N GLU E 713 -38.31 -7.13 47.76
CA GLU E 713 -39.60 -7.78 47.96
C GLU E 713 -40.27 -7.28 49.24
N LYS E 714 -39.48 -7.09 50.31
CA LYS E 714 -40.05 -6.58 51.55
C LYS E 714 -40.57 -5.15 51.38
N ASP E 715 -39.83 -4.32 50.65
CA ASP E 715 -40.32 -2.96 50.38
C ASP E 715 -41.60 -2.98 49.57
N ILE E 716 -41.67 -3.88 48.58
CA ILE E 716 -42.90 -3.99 47.78
C ILE E 716 -44.07 -4.43 48.65
N GLU E 717 -43.83 -5.39 49.56
CA GLU E 717 -44.89 -5.83 50.46
C GLU E 717 -45.33 -4.69 51.39
N LYS E 718 -44.37 -3.90 51.86
CA LYS E 718 -44.72 -2.74 52.69
C LYS E 718 -45.58 -1.76 51.91
N GLU E 719 -45.22 -1.51 50.65
CA GLU E 719 -46.00 -0.60 49.82
C GLU E 719 -47.41 -1.14 49.61
N LYS E 720 -47.53 -2.45 49.37
CA LYS E 720 -48.85 -3.05 49.20
C LYS E 720 -49.68 -2.92 50.47
N ARG E 721 -49.07 -3.19 51.62
CA ARG E 721 -49.78 -3.05 52.89
C ARG E 721 -50.25 -1.62 53.09
N ARG E 722 -49.40 -0.64 52.75
CA ARG E 722 -49.81 0.75 52.87
C ARG E 722 -50.96 1.06 51.93
N SER E 723 -50.91 0.53 50.70
CA SER E 723 -51.98 0.80 49.74
C SER E 723 -53.31 0.24 50.23
N GLU E 724 -53.28 -0.98 50.80
CA GLU E 724 -54.51 -1.56 51.33
C GLU E 724 -55.09 -0.69 52.44
N ASN E 725 -54.24 -0.23 53.37
CA ASN E 725 -54.67 0.62 54.48
C ASN E 725 -53.70 1.79 54.60
N PRO E 726 -53.89 2.83 53.79
CA PRO E 726 -52.98 3.99 53.87
C PRO E 726 -53.06 4.72 55.20
N GLU E 727 -54.14 4.54 55.96
CA GLU E 727 -54.30 5.19 57.26
C GLU E 727 -53.67 4.41 58.39
N ALA E 728 -53.00 3.29 58.10
CA ALA E 728 -52.40 2.48 59.14
C ALA E 728 -51.27 3.24 59.83
N MET E 729 -51.01 2.85 61.08
CA MET E 729 -49.94 3.49 61.85
C MET E 729 -48.61 3.36 61.12
N GLU E 730 -47.87 4.46 61.08
CA GLU E 730 -46.55 4.48 60.44
C GLU E 730 -45.52 4.00 61.44
N GLU E 731 -45.08 2.75 61.28
CA GLU E 731 -44.09 2.14 62.18
C GLU E 731 -42.70 2.56 61.71
N ASP E 732 -42.33 3.78 62.07
CA ASP E 732 -41.04 4.35 61.67
C ASP E 732 -39.98 3.88 62.65
N GLY E 733 -39.57 2.63 62.48
CA GLY E 733 -38.54 2.05 63.33
C GLY E 733 -37.17 2.13 62.68
N VAL E 734 -36.89 3.24 62.01
CA VAL E 734 -35.62 3.45 61.33
C VAL E 734 -35.53 2.50 60.14
N ASP E 735 -34.74 2.87 59.14
CA ASP E 735 -34.59 2.02 57.97
C ASP E 735 -33.95 0.69 58.37
N GLU E 736 -34.46 -0.40 57.79
CA GLU E 736 -33.97 -1.71 58.14
C GLU E 736 -32.47 -1.81 57.83
N VAL E 737 -31.72 -2.35 58.79
CA VAL E 737 -30.28 -2.51 58.62
C VAL E 737 -30.02 -3.82 57.88
N SER E 738 -29.91 -3.73 56.56
CA SER E 738 -29.73 -4.92 55.74
C SER E 738 -28.37 -5.55 56.00
N GLU E 739 -28.37 -6.86 56.28
CA GLU E 739 -27.15 -7.61 56.51
C GLU E 739 -27.25 -8.93 55.78
N ILE E 740 -26.10 -9.43 55.34
CA ILE E 740 -26.06 -10.69 54.59
C ILE E 740 -26.29 -11.83 55.56
N LYS E 741 -27.50 -12.40 55.52
CA LYS E 741 -27.85 -13.48 56.43
C LYS E 741 -27.22 -14.80 55.97
N ALA E 742 -27.17 -15.75 56.90
CA ALA E 742 -26.56 -17.04 56.60
C ALA E 742 -27.28 -17.77 55.47
N ALA E 743 -28.59 -17.52 55.33
CA ALA E 743 -29.33 -18.16 54.24
C ALA E 743 -28.83 -17.69 52.88
N HIS E 744 -28.53 -16.40 52.76
CA HIS E 744 -27.99 -15.89 51.51
C HIS E 744 -26.66 -16.54 51.16
N PHE E 745 -25.79 -16.70 52.16
CA PHE E 745 -24.52 -17.37 51.92
C PHE E 745 -24.73 -18.83 51.55
N GLU E 746 -25.70 -19.50 52.19
CA GLU E 746 -25.98 -20.87 51.83
C GLU E 746 -26.43 -20.98 50.37
N GLU E 747 -27.32 -20.09 49.94
CA GLU E 747 -27.77 -20.11 48.55
C GLU E 747 -26.62 -19.82 47.60
N SER E 748 -25.79 -18.84 47.93
CA SER E 748 -24.66 -18.50 47.07
C SER E 748 -23.71 -19.68 46.93
N MET E 749 -23.41 -20.36 48.05
CA MET E 749 -22.58 -21.54 47.99
C MET E 749 -23.24 -22.64 47.16
N LYS E 750 -24.55 -22.80 47.30
CA LYS E 750 -25.27 -23.79 46.52
C LYS E 750 -25.10 -23.54 45.03
N TYR E 751 -25.23 -22.28 44.61
CA TYR E 751 -25.06 -21.92 43.21
C TYR E 751 -23.61 -21.61 42.86
N ALA E 752 -22.70 -21.67 43.82
CA ALA E 752 -21.29 -21.40 43.55
C ALA E 752 -20.59 -22.67 43.07
N ARG E 753 -19.40 -22.48 42.52
CA ARG E 753 -18.67 -23.58 41.91
C ARG E 753 -17.19 -23.20 41.79
N ARG E 754 -16.36 -24.22 41.58
CA ARG E 754 -14.92 -24.02 41.51
C ARG E 754 -14.51 -23.53 40.13
N SER E 755 -13.38 -22.81 40.09
CA SER E 755 -12.83 -22.30 38.85
C SER E 755 -11.46 -22.88 38.52
N VAL E 756 -10.92 -23.75 39.37
CA VAL E 756 -9.62 -24.38 39.15
C VAL E 756 -9.75 -25.85 39.51
N SER E 757 -9.56 -26.73 38.54
CA SER E 757 -9.60 -28.16 38.79
C SER E 757 -8.31 -28.64 39.45
N ASP E 758 -8.43 -29.73 40.22
CA ASP E 758 -7.26 -30.27 40.89
C ASP E 758 -6.17 -30.66 39.90
N ALA E 759 -6.56 -31.06 38.69
CA ALA E 759 -5.56 -31.34 37.66
C ALA E 759 -4.72 -30.10 37.37
N ASP E 760 -5.38 -28.95 37.25
CA ASP E 760 -4.65 -27.71 37.06
C ASP E 760 -3.75 -27.41 38.25
N ILE E 761 -4.22 -27.70 39.47
CA ILE E 761 -3.42 -27.43 40.66
C ILE E 761 -2.14 -28.25 40.63
N ARG E 762 -2.26 -29.55 40.33
CA ARG E 762 -1.08 -30.39 40.28
C ARG E 762 -0.16 -30.01 39.13
N LYS E 763 -0.72 -29.59 38.00
CA LYS E 763 0.12 -29.14 36.89
C LYS E 763 0.90 -27.88 37.27
N TYR E 764 0.26 -26.95 37.98
CA TYR E 764 0.95 -25.77 38.45
C TYR E 764 2.06 -26.14 39.43
N GLN E 765 1.78 -27.07 40.34
CA GLN E 765 2.83 -27.52 41.26
C GLN E 765 3.99 -28.14 40.48
N ALA E 766 3.69 -28.92 39.45
CA ALA E 766 4.75 -29.50 38.62
C ALA E 766 5.58 -28.42 37.95
N PHE E 767 4.93 -27.40 37.41
CA PHE E 767 5.64 -26.30 36.78
C PHE E 767 6.31 -25.38 37.80
N ALA E 768 6.06 -25.58 39.09
CA ALA E 768 6.78 -24.83 40.11
C ALA E 768 8.26 -25.16 40.13
N GLN E 769 8.68 -26.25 39.49
CA GLN E 769 10.09 -26.62 39.38
C GLN E 769 10.53 -26.85 37.94
N THR E 770 9.65 -26.57 36.97
CA THR E 770 9.94 -26.84 35.57
C THR E 770 9.79 -25.62 34.66
N LEU E 771 9.11 -24.56 35.12
CA LEU E 771 8.91 -23.39 34.27
C LEU E 771 10.24 -22.75 33.90
N GLN E 772 11.15 -22.63 34.85
CA GLN E 772 12.46 -22.06 34.57
C GLN E 772 13.21 -22.87 33.52
N GLN E 773 12.96 -24.18 33.47
CA GLN E 773 13.67 -25.07 32.54
C GLN E 773 12.95 -25.08 31.19
N SER E 774 12.98 -23.91 30.53
CA SER E 774 12.38 -23.77 29.22
C SER E 774 13.33 -23.06 28.26
N ARG E 775 14.24 -22.25 28.81
CA ARG E 775 15.20 -21.53 27.98
C ARG E 775 16.12 -22.49 27.24
N GLY E 776 16.54 -23.56 27.91
CA GLY E 776 17.32 -24.59 27.25
C GLY E 776 16.42 -25.52 26.47
N PHE E 777 16.72 -26.81 26.48
CA PHE E 777 15.85 -27.79 25.84
C PHE E 777 14.52 -27.89 26.59
N GLY E 778 13.44 -27.94 25.85
CA GLY E 778 12.11 -27.99 26.42
C GLY E 778 11.12 -27.30 25.50
N SER E 779 10.04 -26.81 26.09
CA SER E 779 8.95 -26.11 25.44
C SER E 779 8.00 -27.07 24.71
N GLU E 780 8.26 -28.37 24.74
CA GLU E 780 7.36 -29.33 24.11
C GLU E 780 6.53 -30.06 25.16
N LYS F 30 65.82 23.49 5.59
CA LYS F 30 66.02 22.34 6.47
C LYS F 30 66.93 22.69 7.62
N SER F 31 66.37 22.72 8.84
CA SER F 31 67.12 23.03 10.04
C SER F 31 66.63 22.12 11.15
N PRO F 32 67.48 21.86 12.16
CA PRO F 32 67.04 21.00 13.27
C PRO F 32 66.07 21.67 14.23
N ASN F 33 65.90 22.98 14.15
CA ASN F 33 65.03 23.73 15.06
C ASN F 33 63.69 24.08 14.43
N ARG F 34 63.46 23.73 13.16
CA ARG F 34 62.19 23.99 12.50
C ARG F 34 61.31 22.75 12.64
N LEU F 35 60.16 22.92 13.28
CA LEU F 35 59.29 21.81 13.63
C LEU F 35 57.85 22.12 13.27
N VAL F 36 57.09 21.09 12.93
CA VAL F 36 55.69 21.23 12.54
C VAL F 36 54.82 21.11 13.79
N VAL F 37 54.00 22.13 14.02
CA VAL F 37 53.16 22.15 15.21
C VAL F 37 52.07 21.09 15.10
N ASP F 38 51.63 20.57 16.23
CA ASP F 38 50.58 19.58 16.30
C ASP F 38 49.82 19.74 17.61
N GLU F 39 48.76 18.96 17.76
CA GLU F 39 47.96 19.01 18.99
C GLU F 39 48.77 18.48 20.17
N ALA F 40 48.46 19.01 21.35
CA ALA F 40 49.17 18.68 22.57
C ALA F 40 48.34 17.75 23.44
N ILE F 41 48.97 17.29 24.53
CA ILE F 41 48.31 16.41 25.49
C ILE F 41 47.89 17.25 26.69
N ASN F 42 48.86 17.88 27.35
CA ASN F 42 48.58 18.76 28.46
C ASN F 42 48.05 20.10 27.96
N ASP F 43 47.10 20.67 28.70
CA ASP F 43 46.39 21.87 28.28
C ASP F 43 46.99 23.14 28.86
N ASP F 44 48.10 23.05 29.58
CA ASP F 44 48.71 24.24 30.15
C ASP F 44 49.25 25.15 29.06
N ASN F 45 49.30 26.43 29.35
CA ASN F 45 49.70 27.45 28.39
C ASN F 45 51.20 27.70 28.36
N SER F 46 51.97 26.98 29.18
CA SER F 46 53.42 27.14 29.23
C SER F 46 54.17 25.86 28.87
N VAL F 47 53.60 24.69 29.12
CA VAL F 47 54.27 23.44 28.82
C VAL F 47 54.26 23.21 27.31
N VAL F 48 55.43 22.93 26.74
CA VAL F 48 55.54 22.50 25.36
C VAL F 48 56.34 21.20 25.32
N SER F 49 55.79 20.17 24.70
CA SER F 49 56.40 18.85 24.68
C SER F 49 57.17 18.66 23.39
N LEU F 50 58.42 18.22 23.51
CA LEU F 50 59.27 17.94 22.35
C LEU F 50 59.82 16.53 22.46
N HIS F 51 60.06 15.91 21.31
CA HIS F 51 60.63 14.58 21.28
C HIS F 51 62.04 14.62 21.90
N PRO F 52 62.36 13.73 22.84
CA PRO F 52 63.69 13.81 23.48
C PRO F 52 64.83 13.74 22.49
N ALA F 53 64.67 13.03 21.38
CA ALA F 53 65.73 12.98 20.37
C ALA F 53 66.03 14.37 19.83
N THR F 54 64.99 15.12 19.49
CA THR F 54 65.19 16.47 18.96
C THR F 54 65.82 17.38 20.01
N MET F 55 65.36 17.27 21.26
CA MET F 55 65.94 18.10 22.31
C MET F 55 67.41 17.80 22.52
N GLU F 56 67.78 16.52 22.51
CA GLU F 56 69.18 16.16 22.62
C GLU F 56 69.98 16.66 21.41
N LYS F 57 69.37 16.62 20.23
CA LYS F 57 70.03 17.16 19.04
C LYS F 57 70.31 18.65 19.20
N LEU F 58 69.35 19.38 19.75
CA LEU F 58 69.50 20.82 19.97
C LEU F 58 70.14 21.15 21.32
N GLN F 59 70.45 20.13 22.13
CA GLN F 59 71.08 20.34 23.44
C GLN F 59 70.22 21.25 24.31
N LEU F 60 69.01 20.77 24.63
CA LEU F 60 68.04 21.50 25.41
C LEU F 60 67.81 20.80 26.74
N PHE F 61 67.94 21.54 27.84
CA PHE F 61 67.69 20.98 29.16
C PHE F 61 66.20 20.87 29.40
N ARG F 62 65.77 19.71 29.88
CA ARG F 62 64.36 19.49 30.18
C ARG F 62 63.92 20.41 31.32
N GLY F 63 62.70 20.93 31.20
CA GLY F 63 62.17 21.82 32.22
C GLY F 63 62.78 23.19 32.23
N ASP F 64 63.41 23.62 31.14
CA ASP F 64 64.02 24.92 31.02
C ASP F 64 63.22 25.78 30.04
N THR F 65 63.59 27.04 29.93
CA THR F 65 62.88 28.00 29.10
C THR F 65 63.44 28.03 27.70
N ILE F 66 62.54 28.14 26.72
CA ILE F 66 62.91 28.28 25.31
C ILE F 66 61.99 29.31 24.67
N LEU F 67 62.38 29.77 23.49
CA LEU F 67 61.64 30.77 22.74
C LEU F 67 61.22 30.17 21.41
N ILE F 68 59.96 30.41 21.03
CA ILE F 68 59.39 29.87 19.81
C ILE F 68 58.92 31.03 18.94
N LYS F 69 59.31 31.01 17.67
CA LYS F 69 58.91 32.01 16.69
C LYS F 69 58.06 31.34 15.62
N GLY F 70 56.96 31.98 15.25
CA GLY F 70 56.07 31.47 14.23
C GLY F 70 55.97 32.37 13.03
N LYS F 71 54.75 32.71 12.62
CA LYS F 71 54.52 33.53 11.44
C LYS F 71 54.53 35.00 11.82
N LYS F 72 54.44 35.86 10.79
CA LYS F 72 54.53 37.30 10.98
C LYS F 72 55.81 37.63 11.74
N ARG F 73 55.68 38.15 12.97
CA ARG F 73 56.84 38.41 13.80
C ARG F 73 56.58 38.03 15.26
N LYS F 74 55.52 37.27 15.52
CA LYS F 74 55.17 36.90 16.89
C LYS F 74 56.13 35.85 17.42
N ASP F 75 56.31 35.87 18.73
CA ASP F 75 57.13 34.87 19.40
C ASP F 75 56.64 34.73 20.84
N THR F 76 56.97 33.60 21.44
CA THR F 76 56.56 33.29 22.80
C THR F 76 57.71 32.63 23.55
N VAL F 77 57.59 32.61 24.87
CA VAL F 77 58.55 31.97 25.75
C VAL F 77 57.81 30.91 26.55
N CYS F 78 58.30 29.68 26.48
CA CYS F 78 57.62 28.56 27.11
C CYS F 78 58.63 27.56 27.66
N ILE F 79 58.19 26.78 28.64
CA ILE F 79 59.03 25.76 29.25
C ILE F 79 58.83 24.45 28.50
N ALA F 80 59.94 23.83 28.12
CA ALA F 80 59.91 22.61 27.34
C ALA F 80 59.93 21.38 28.25
N LEU F 81 59.47 20.26 27.70
CA LEU F 81 59.44 19.00 28.43
C LEU F 81 59.60 17.85 27.44
N ALA F 82 59.92 16.69 28.00
CA ALA F 82 60.17 15.49 27.21
C ALA F 82 58.88 14.71 27.01
N ASP F 83 58.68 14.21 25.80
CA ASP F 83 57.52 13.38 25.49
C ASP F 83 57.90 12.48 24.32
N GLU F 84 58.14 11.19 24.62
CA GLU F 84 58.55 10.25 23.59
C GLU F 84 57.45 9.98 22.57
N THR F 85 56.19 10.29 22.91
CA THR F 85 55.10 10.04 21.97
C THR F 85 55.24 10.88 20.72
N CYS F 86 55.68 12.13 20.86
CA CYS F 86 55.83 13.01 19.72
C CYS F 86 56.94 12.51 18.80
N GLU F 87 56.91 12.99 17.56
CA GLU F 87 57.92 12.66 16.56
C GLU F 87 58.97 13.76 16.50
N GLU F 88 60.15 13.40 16.00
CA GLU F 88 61.25 14.37 15.92
C GLU F 88 60.87 15.59 15.10
N PRO F 89 60.27 15.48 13.91
CA PRO F 89 60.01 16.67 13.09
C PRO F 89 58.80 17.47 13.52
N LYS F 90 58.23 17.22 14.69
CA LYS F 90 57.02 17.89 15.13
C LYS F 90 57.14 18.32 16.58
N ILE F 91 56.38 19.36 16.93
CA ILE F 91 56.28 19.88 18.29
C ILE F 91 54.80 20.03 18.61
N ARG F 92 54.45 19.78 19.86
CA ARG F 92 53.05 19.80 20.30
C ARG F 92 52.82 21.01 21.18
N MET F 93 51.77 21.77 20.86
CA MET F 93 51.38 22.96 21.62
C MET F 93 49.86 23.04 21.68
N ASN F 94 49.37 23.75 22.69
CA ASN F 94 47.95 23.93 22.86
C ASN F 94 47.48 25.15 22.06
N LYS F 95 46.16 25.31 21.99
CA LYS F 95 45.60 26.37 21.14
C LYS F 95 46.05 27.75 21.59
N VAL F 96 46.33 27.92 22.88
CA VAL F 96 46.73 29.24 23.38
C VAL F 96 48.05 29.67 22.75
N VAL F 97 49.05 28.79 22.80
CA VAL F 97 50.37 29.14 22.27
C VAL F 97 50.29 29.31 20.75
N ARG F 98 49.52 28.46 20.08
CA ARG F 98 49.37 28.60 18.64
C ARG F 98 48.73 29.94 18.28
N SER F 99 47.71 30.34 19.03
CA SER F 99 47.08 31.63 18.78
C SER F 99 48.06 32.76 19.02
N ASN F 100 48.86 32.67 20.08
CA ASN F 100 49.88 33.69 20.31
C ASN F 100 50.87 33.75 19.15
N LEU F 101 51.14 32.62 18.51
CA LEU F 101 52.09 32.55 17.41
C LEU F 101 51.44 32.74 16.05
N ARG F 102 50.12 32.89 15.98
CA ARG F 102 49.41 33.07 14.71
C ARG F 102 49.71 31.93 13.75
N VAL F 103 49.84 30.72 14.28
CA VAL F 103 50.16 29.53 13.49
C VAL F 103 49.05 28.51 13.68
N ARG F 104 48.56 27.97 12.57
CA ARG F 104 47.63 26.87 12.59
C ARG F 104 48.40 25.54 12.63
N LEU F 105 47.65 24.44 12.70
CA LEU F 105 48.28 23.14 12.60
C LEU F 105 48.79 22.90 11.19
N GLY F 106 49.96 22.26 11.09
CA GLY F 106 50.62 22.05 9.82
C GLY F 106 51.66 23.10 9.47
N ASP F 107 51.69 24.21 10.22
CA ASP F 107 52.72 25.22 10.00
C ASP F 107 54.03 24.79 10.66
N VAL F 108 55.07 25.59 10.41
CA VAL F 108 56.41 25.32 10.91
C VAL F 108 56.84 26.47 11.80
N ILE F 109 57.48 26.13 12.92
CA ILE F 109 57.93 27.11 13.91
C ILE F 109 59.40 26.85 14.21
N SER F 110 60.09 27.90 14.65
CA SER F 110 61.50 27.83 14.98
C SER F 110 61.69 27.93 16.49
N VAL F 111 62.60 27.13 17.04
CA VAL F 111 62.81 27.03 18.48
C VAL F 111 64.25 27.42 18.77
N HIS F 112 64.43 28.24 19.81
CA HIS F 112 65.76 28.70 20.22
C HIS F 112 65.88 28.57 21.74
N GLN F 113 67.00 28.02 22.20
CA GLN F 113 67.24 27.93 23.62
C GLN F 113 67.40 29.32 24.22
N CYS F 114 66.77 29.55 25.37
CA CYS F 114 66.81 30.82 26.06
C CYS F 114 66.78 30.59 27.57
N PRO F 115 67.80 29.91 28.10
CA PRO F 115 67.86 29.70 29.56
C PRO F 115 68.18 30.96 30.35
N ASP F 116 68.57 32.04 29.68
CA ASP F 116 68.93 33.28 30.36
C ASP F 116 67.72 34.10 30.78
N VAL F 117 66.50 33.58 30.61
CA VAL F 117 65.31 34.32 30.98
C VAL F 117 65.38 34.70 32.45
N LYS F 118 64.95 35.91 32.77
CA LYS F 118 65.06 36.48 34.11
C LYS F 118 63.68 36.59 34.75
N TYR F 119 63.65 36.40 36.07
CA TYR F 119 62.40 36.61 36.81
C TYR F 119 61.99 38.07 36.73
N GLY F 120 60.69 38.31 36.60
CA GLY F 120 60.17 39.65 36.46
C GLY F 120 59.77 40.25 37.80
N LYS F 121 60.10 41.53 37.97
CA LYS F 121 59.75 42.23 39.20
C LYS F 121 58.29 42.63 39.24
N ARG F 122 57.69 42.95 38.09
CA ARG F 122 56.30 43.36 38.04
C ARG F 122 55.72 43.00 36.67
N VAL F 123 54.44 42.63 36.67
CA VAL F 123 53.72 42.32 35.44
C VAL F 123 52.36 43.00 35.51
N HIS F 124 52.03 43.78 34.48
CA HIS F 124 50.73 44.43 34.35
C HIS F 124 49.91 43.61 33.37
N ILE F 125 48.83 43.01 33.86
CA ILE F 125 47.97 42.13 33.08
C ILE F 125 46.54 42.62 33.22
N LEU F 126 45.80 42.61 32.12
CA LEU F 126 44.41 43.03 32.10
C LEU F 126 43.60 41.97 31.36
N PRO F 127 42.30 41.89 31.62
CA PRO F 127 41.44 40.96 30.89
C PRO F 127 40.94 41.57 29.60
N VAL F 128 40.16 40.79 28.87
CA VAL F 128 39.56 41.22 27.61
C VAL F 128 38.09 41.53 27.85
N ASP F 129 37.58 42.52 27.09
CA ASP F 129 36.22 42.97 27.30
C ASP F 129 35.20 41.87 26.97
N ASP F 130 35.36 41.23 25.82
CA ASP F 130 34.37 40.24 25.39
C ASP F 130 34.28 39.07 26.35
N THR F 131 35.43 38.56 26.79
CA THR F 131 35.43 37.38 27.64
C THR F 131 35.00 37.68 29.06
N VAL F 132 35.28 38.89 29.55
CA VAL F 132 34.99 39.26 30.93
C VAL F 132 33.65 39.98 31.05
N GLU F 133 32.86 40.03 29.99
CA GLU F 133 31.57 40.70 30.05
C GLU F 133 30.72 40.08 31.15
N GLY F 134 30.09 40.93 31.94
CA GLY F 134 29.32 40.45 33.08
C GLY F 134 30.12 40.42 34.36
N VAL F 135 30.72 39.27 34.67
CA VAL F 135 31.47 39.07 35.90
C VAL F 135 32.38 40.26 36.18
N THR F 136 32.35 40.75 37.41
CA THR F 136 33.20 41.85 37.83
C THR F 136 33.53 41.69 39.30
N GLY F 137 34.64 42.28 39.71
CA GLY F 137 35.09 42.20 41.09
C GLY F 137 36.59 42.01 41.21
N ASN F 138 37.01 41.24 42.21
CA ASN F 138 38.44 40.99 42.46
C ASN F 138 38.88 39.84 41.57
N LEU F 139 39.09 40.16 40.29
CA LEU F 139 39.52 39.14 39.33
C LEU F 139 40.88 38.57 39.69
N PHE F 140 41.73 39.37 40.33
CA PHE F 140 43.09 38.92 40.61
C PHE F 140 43.10 37.63 41.42
N ASP F 141 42.61 37.69 42.66
CA ASP F 141 42.61 36.49 43.49
C ASP F 141 41.71 35.40 42.93
N ALA F 142 40.70 35.78 42.15
CA ALA F 142 39.77 34.79 41.62
C ALA F 142 40.42 33.91 40.58
N TYR F 143 41.17 34.50 39.65
CA TYR F 143 41.73 33.78 38.52
C TYR F 143 43.25 33.74 38.51
N LEU F 144 43.91 34.90 38.60
CA LEU F 144 45.35 34.93 38.35
C LEU F 144 46.13 34.28 39.48
N LYS F 145 45.76 34.55 40.73
CA LYS F 145 46.56 34.04 41.85
C LYS F 145 46.64 32.52 41.86
N PRO F 146 45.55 31.77 41.70
CA PRO F 146 45.70 30.32 41.55
C PRO F 146 46.53 29.94 40.33
N TYR F 147 46.48 30.74 39.28
CA TYR F 147 47.14 30.39 38.02
C TYR F 147 48.66 30.57 38.09
N PHE F 148 49.14 31.46 38.96
CA PHE F 148 50.56 31.74 39.09
C PHE F 148 51.16 31.33 40.42
N LEU F 149 50.33 31.00 41.42
CA LEU F 149 50.85 30.79 42.77
C LEU F 149 51.78 29.58 42.83
N GLU F 150 51.40 28.48 42.18
CA GLU F 150 52.14 27.24 42.33
C GLU F 150 53.37 27.20 41.44
N ALA F 151 53.19 27.30 40.14
CA ALA F 151 54.27 27.11 39.18
C ALA F 151 54.85 28.44 38.73
N TYR F 152 56.16 28.44 38.47
CA TYR F 152 56.82 29.60 37.87
C TYR F 152 56.58 29.55 36.36
N ARG F 153 55.80 30.49 35.86
CA ARG F 153 55.31 30.43 34.49
C ARG F 153 55.97 31.50 33.64
N PRO F 154 56.41 31.19 32.42
CA PRO F 154 56.92 32.22 31.54
C PRO F 154 55.81 33.12 31.02
N VAL F 155 56.19 34.35 30.67
CA VAL F 155 55.25 35.34 30.17
C VAL F 155 55.96 36.21 29.15
N ARG F 156 55.23 36.59 28.10
CA ARG F 156 55.75 37.42 27.03
C ARG F 156 54.72 38.50 26.72
N LYS F 157 55.21 39.73 26.52
CA LYS F 157 54.32 40.85 26.28
C LYS F 157 53.46 40.60 25.04
N GLY F 158 52.20 41.02 25.12
CA GLY F 158 51.27 40.89 24.02
C GLY F 158 50.59 39.54 23.91
N ASP F 159 50.94 38.59 24.77
CA ASP F 159 50.36 37.26 24.72
C ASP F 159 49.11 37.19 25.59
N LEU F 160 48.17 36.35 25.16
CA LEU F 160 46.92 36.13 25.89
C LEU F 160 46.92 34.71 26.45
N PHE F 161 46.58 34.59 27.73
CA PHE F 161 46.45 33.28 28.37
C PHE F 161 45.05 33.11 28.93
N LEU F 162 44.59 31.86 28.92
CA LEU F 162 43.22 31.52 29.27
C LEU F 162 43.17 30.89 30.65
N VAL F 163 42.24 31.37 31.49
CA VAL F 163 42.04 30.85 32.83
C VAL F 163 40.60 30.39 32.94
N ARG F 164 40.39 29.16 33.38
CA ARG F 164 39.07 28.56 33.44
C ARG F 164 38.55 28.54 34.88
N GLY F 165 37.30 28.94 35.06
CA GLY F 165 36.68 28.95 36.36
C GLY F 165 35.35 29.68 36.37
N GLY F 166 34.55 29.44 37.39
CA GLY F 166 33.26 30.13 37.48
C GLY F 166 32.38 29.89 36.28
N MET F 167 32.43 28.68 35.72
CA MET F 167 31.64 28.34 34.54
C MET F 167 31.95 29.25 33.37
N ARG F 168 33.16 29.78 33.31
CA ARG F 168 33.56 30.61 32.17
C ARG F 168 35.07 30.62 32.05
N SER F 169 35.53 30.95 30.86
CA SER F 169 36.96 31.10 30.57
C SER F 169 37.26 32.57 30.33
N VAL F 170 38.31 33.06 30.97
CA VAL F 170 38.70 34.47 30.90
C VAL F 170 40.06 34.55 30.23
N GLU F 171 40.17 35.41 29.23
CA GLU F 171 41.40 35.65 28.50
C GLU F 171 42.07 36.89 29.07
N PHE F 172 43.30 36.73 29.54
CA PHE F 172 44.09 37.84 30.09
C PHE F 172 45.25 38.13 29.17
N LYS F 173 45.34 39.39 28.74
CA LYS F 173 46.42 39.87 27.89
C LYS F 173 47.47 40.57 28.73
N VAL F 174 48.73 40.21 28.51
CA VAL F 174 49.84 40.76 29.28
C VAL F 174 50.15 42.14 28.71
N ILE F 175 49.73 43.19 29.41
CA ILE F 175 49.94 44.55 28.92
C ILE F 175 51.42 44.92 28.99
N GLU F 176 52.07 44.61 30.12
CA GLU F 176 53.46 45.01 30.30
C GLU F 176 54.18 44.00 31.18
N THR F 177 55.48 43.87 30.95
CA THR F 177 56.32 42.95 31.71
C THR F 177 57.65 43.62 32.02
N ASP F 178 58.29 43.14 33.08
CA ASP F 178 59.62 43.60 33.48
C ASP F 178 60.49 42.38 33.79
N PRO F 179 61.81 42.51 33.65
CA PRO F 179 62.57 43.69 33.21
C PRO F 179 62.54 43.86 31.70
N ALA F 180 62.15 42.81 30.98
CA ALA F 180 62.07 42.82 29.53
C ALA F 180 60.72 42.23 29.10
N GLU F 181 60.51 42.16 27.78
CA GLU F 181 59.25 41.62 27.27
C GLU F 181 59.06 40.18 27.71
N TYR F 182 60.15 39.44 27.92
CA TYR F 182 60.08 38.06 28.39
C TYR F 182 60.44 38.02 29.87
N CYS F 183 59.61 37.36 30.67
CA CYS F 183 59.82 37.28 32.10
C CYS F 183 59.28 35.97 32.63
N VAL F 184 59.60 35.66 33.88
CA VAL F 184 59.09 34.48 34.56
C VAL F 184 58.40 34.95 35.84
N VAL F 185 57.13 34.57 36.00
CA VAL F 185 56.38 34.99 37.18
C VAL F 185 56.81 34.18 38.38
N ALA F 186 57.00 34.86 39.51
CA ALA F 186 57.44 34.26 40.76
C ALA F 186 56.53 34.73 41.88
N PRO F 187 56.52 34.04 43.02
CA PRO F 187 55.66 34.47 44.13
C PRO F 187 55.91 35.91 44.55
N ASP F 188 57.16 36.35 44.57
CA ASP F 188 57.49 37.71 44.95
C ASP F 188 57.13 38.73 43.88
N THR F 189 56.89 38.29 42.64
CA THR F 189 56.58 39.21 41.57
C THR F 189 55.25 39.93 41.82
N GLU F 190 55.21 41.21 41.49
CA GLU F 190 53.99 41.99 41.61
C GLU F 190 53.11 41.78 40.39
N ILE F 191 51.81 41.73 40.61
CA ILE F 191 50.82 41.58 39.55
C ILE F 191 49.84 42.74 39.66
N PHE F 192 49.66 43.45 38.55
CA PHE F 192 48.80 44.63 38.50
C PHE F 192 47.66 44.36 37.53
N CYS F 193 46.43 44.33 38.05
CA CYS F 193 45.24 44.06 37.25
C CYS F 193 44.13 45.03 37.60
N GLU F 194 44.49 46.30 37.84
CA GLU F 194 43.52 47.33 38.17
C GLU F 194 43.04 48.12 36.96
N GLY F 195 43.53 47.80 35.77
CA GLY F 195 43.15 48.54 34.58
C GLY F 195 41.82 48.10 34.02
N GLU F 196 41.37 48.84 33.00
CA GLU F 196 40.10 48.58 32.35
C GLU F 196 40.24 47.44 31.35
N PRO F 197 39.11 46.86 30.91
CA PRO F 197 39.17 45.81 29.89
C PRO F 197 39.84 46.28 28.62
N VAL F 198 40.58 45.37 27.99
CA VAL F 198 41.32 45.66 26.77
C VAL F 198 40.58 45.03 25.59
N LYS F 199 40.65 45.70 24.44
CA LYS F 199 39.97 45.21 23.25
C LYS F 199 40.66 43.97 22.70
N ARG F 200 39.95 43.25 21.85
CA ARG F 200 40.47 42.01 21.27
C ARG F 200 41.53 42.29 20.22
N GLU F 201 41.39 43.40 19.48
CA GLU F 201 42.34 43.81 18.45
C GLU F 201 42.72 42.64 17.54
N ASP F 202 41.70 42.15 16.83
CA ASP F 202 41.79 41.13 15.79
C ASP F 202 42.28 39.78 16.30
N GLU F 203 42.41 39.61 17.62
CA GLU F 203 42.75 38.31 18.16
C GLU F 203 41.60 37.34 17.97
N GLU F 204 41.93 36.06 17.87
CA GLU F 204 40.93 35.02 17.70
C GLU F 204 40.42 34.55 19.06
N ARG F 205 39.15 34.15 19.09
CA ARG F 205 38.55 33.63 20.31
C ARG F 205 39.26 32.35 20.73
N LEU F 206 39.93 32.37 21.88
CA LEU F 206 40.60 31.18 22.38
C LEU F 206 39.62 30.10 22.81
N ASP F 207 38.33 30.43 22.93
CA ASP F 207 37.30 29.46 23.24
C ASP F 207 36.67 28.86 21.99
N ASP F 208 37.13 29.24 20.80
CA ASP F 208 36.61 28.64 19.58
C ASP F 208 36.80 27.14 19.61
N VAL F 209 35.90 26.43 18.93
CA VAL F 209 35.93 24.98 18.94
C VAL F 209 37.20 24.50 18.27
N GLY F 210 37.88 23.54 18.90
CA GLY F 210 39.08 22.95 18.34
C GLY F 210 39.10 21.46 18.55
N TYR F 211 40.23 20.82 18.26
CA TYR F 211 40.33 19.38 18.47
C TYR F 211 40.30 19.04 19.96
N ASP F 212 40.65 19.99 20.82
CA ASP F 212 40.59 19.78 22.26
C ASP F 212 39.19 19.95 22.83
N ASP F 213 38.27 20.52 22.07
CA ASP F 213 36.88 20.66 22.49
C ASP F 213 36.00 19.54 21.96
N VAL F 214 36.60 18.51 21.36
CA VAL F 214 35.87 17.35 20.84
C VAL F 214 36.47 16.12 21.51
N GLY F 215 35.60 15.31 22.11
CA GLY F 215 36.05 14.10 22.79
C GLY F 215 35.23 12.90 22.36
N GLY F 216 35.82 11.73 22.55
CA GLY F 216 35.21 10.49 22.15
C GLY F 216 35.45 10.11 20.70
N VAL F 217 36.17 10.94 19.95
CA VAL F 217 36.47 10.69 18.54
C VAL F 217 37.95 11.00 18.34
N ARG F 218 38.79 9.96 18.35
CA ARG F 218 40.21 10.09 18.06
C ARG F 218 40.58 9.47 16.73
N LYS F 219 40.02 8.30 16.42
CA LYS F 219 40.25 7.68 15.12
C LYS F 219 39.60 8.47 14.01
N GLN F 220 38.31 8.80 14.17
CA GLN F 220 37.60 9.55 13.14
C GLN F 220 38.21 10.93 12.94
N MET F 221 38.56 11.60 14.04
CA MET F 221 39.18 12.91 13.93
C MET F 221 40.54 12.81 13.26
N ALA F 222 41.27 11.72 13.52
CA ALA F 222 42.55 11.51 12.85
C ALA F 222 42.37 11.36 11.35
N GLN F 223 41.36 10.58 10.94
CA GLN F 223 41.09 10.44 9.51
C GLN F 223 40.74 11.78 8.90
N ILE F 224 39.88 12.55 9.57
CA ILE F 224 39.47 13.84 9.04
C ILE F 224 40.67 14.77 8.91
N ARG F 225 41.54 14.79 9.92
CA ARG F 225 42.74 15.61 9.84
C ARG F 225 43.61 15.19 8.67
N GLU F 226 43.87 13.89 8.54
CA GLU F 226 44.75 13.44 7.47
C GLU F 226 44.17 13.78 6.10
N LEU F 227 42.85 13.77 5.97
CA LEU F 227 42.25 14.13 4.68
C LEU F 227 42.28 15.63 4.43
N VAL F 228 42.08 16.45 5.45
CA VAL F 228 41.79 17.87 5.27
C VAL F 228 43.02 18.74 5.45
N GLU F 229 43.75 18.56 6.55
CA GLU F 229 44.83 19.48 6.88
C GLU F 229 45.90 19.50 5.81
N LEU F 230 46.26 18.35 5.26
CA LEU F 230 47.35 18.29 4.30
C LEU F 230 47.08 19.12 3.06
N PRO F 231 45.93 18.98 2.38
CA PRO F 231 45.70 19.83 1.19
C PRO F 231 45.44 21.29 1.50
N LEU F 232 44.58 21.56 2.49
CA LEU F 232 44.21 22.95 2.77
C LEU F 232 45.41 23.78 3.19
N ARG F 233 46.25 23.23 4.07
CA ARG F 233 47.44 23.96 4.50
C ARG F 233 48.50 24.01 3.40
N HIS F 234 48.56 22.99 2.56
CA HIS F 234 49.58 22.87 1.52
C HIS F 234 48.91 22.55 0.19
N PRO F 235 48.16 23.51 -0.36
CA PRO F 235 47.50 23.27 -1.66
C PRO F 235 48.46 23.34 -2.82
N GLN F 236 49.49 24.18 -2.69
CA GLN F 236 50.47 24.32 -3.77
C GLN F 236 51.18 23.00 -4.04
N LEU F 237 51.59 22.30 -2.96
CA LEU F 237 52.27 21.02 -3.14
C LEU F 237 51.36 20.01 -3.82
N PHE F 238 50.08 19.98 -3.44
CA PHE F 238 49.17 19.00 -4.02
C PHE F 238 48.88 19.30 -5.49
N LYS F 239 48.74 20.58 -5.84
CA LYS F 239 48.49 20.90 -7.25
C LYS F 239 49.76 20.72 -8.08
N SER F 240 50.94 20.81 -7.46
CA SER F 240 52.17 20.53 -8.19
C SER F 240 52.40 19.03 -8.37
N ILE F 241 52.01 18.22 -7.38
CA ILE F 241 52.19 16.78 -7.50
C ILE F 241 51.35 16.21 -8.64
N GLY F 242 50.09 16.65 -8.74
CA GLY F 242 49.18 16.16 -9.75
C GLY F 242 48.19 15.13 -9.26
N VAL F 243 48.37 14.61 -8.05
CA VAL F 243 47.43 13.63 -7.49
C VAL F 243 46.20 14.36 -6.98
N LYS F 244 45.04 13.73 -7.14
CA LYS F 244 43.77 14.33 -6.75
C LYS F 244 43.31 13.74 -5.43
N PRO F 245 43.27 14.52 -4.34
CA PRO F 245 42.76 13.99 -3.08
C PRO F 245 41.25 14.01 -3.06
N PRO F 246 40.62 13.23 -2.17
CA PRO F 246 39.16 13.26 -2.08
C PRO F 246 38.66 14.60 -1.58
N LYS F 247 37.46 14.98 -2.05
CA LYS F 247 36.81 16.20 -1.63
C LYS F 247 35.47 15.98 -0.95
N GLY F 248 34.87 14.80 -1.09
CA GLY F 248 33.57 14.55 -0.51
C GLY F 248 33.64 13.78 0.79
N ILE F 249 33.25 14.44 1.88
CA ILE F 249 33.26 13.88 3.21
C ILE F 249 31.84 13.94 3.75
N LEU F 250 31.39 12.82 4.34
CA LEU F 250 30.04 12.72 4.88
C LEU F 250 30.14 12.18 6.30
N LEU F 251 29.86 13.03 7.27
CA LEU F 251 29.84 12.62 8.68
C LEU F 251 28.43 12.16 9.03
N TYR F 252 28.27 10.88 9.29
CA TYR F 252 26.98 10.32 9.65
C TYR F 252 27.04 9.73 11.05
N GLY F 253 26.01 9.98 11.84
CA GLY F 253 25.94 9.51 13.20
C GLY F 253 24.68 9.97 13.89
N PRO F 254 24.42 9.44 15.08
CA PRO F 254 23.21 9.82 15.81
C PRO F 254 23.24 11.29 16.21
N PRO F 255 22.09 11.93 16.34
CA PRO F 255 22.07 13.35 16.76
C PRO F 255 22.73 13.53 18.11
N GLY F 256 23.45 14.64 18.25
CA GLY F 256 24.17 14.95 19.46
C GLY F 256 25.56 14.37 19.55
N SER F 257 26.03 13.70 18.49
CA SER F 257 27.32 13.03 18.51
C SER F 257 28.45 13.88 17.98
N GLY F 258 28.18 15.13 17.59
CA GLY F 258 29.18 15.97 16.99
C GLY F 258 28.77 16.43 15.61
N LYS F 259 29.54 16.03 14.59
CA LYS F 259 29.25 16.41 13.21
C LYS F 259 29.42 17.91 13.01
N THR F 260 28.43 18.69 13.44
CA THR F 260 28.57 20.14 13.39
C THR F 260 29.76 20.62 14.18
N LEU F 261 29.98 20.05 15.36
CA LEU F 261 31.13 20.42 16.17
C LEU F 261 32.44 20.08 15.49
N ILE F 262 32.51 18.90 14.87
CA ILE F 262 33.75 18.47 14.22
C ILE F 262 34.09 19.39 13.06
N ALA F 263 33.09 19.76 12.26
CA ALA F 263 33.35 20.64 11.13
C ALA F 263 33.83 22.01 11.59
N ARG F 264 33.21 22.59 12.60
CA ARG F 264 33.69 23.87 13.13
C ARG F 264 35.09 23.75 13.70
N ALA F 265 35.38 22.66 14.40
CA ALA F 265 36.72 22.47 14.94
C ALA F 265 37.76 22.39 13.83
N VAL F 266 37.47 21.62 12.78
CA VAL F 266 38.40 21.49 11.67
C VAL F 266 38.59 22.83 10.98
N ALA F 267 37.50 23.57 10.75
CA ALA F 267 37.60 24.86 10.09
C ALA F 267 38.42 25.84 10.91
N ASN F 268 38.20 25.88 12.21
CA ASN F 268 38.95 26.82 13.06
C ASN F 268 40.41 26.41 13.16
N GLU F 269 40.70 25.11 13.17
CA GLU F 269 42.07 24.66 13.31
C GLU F 269 42.84 24.83 11.99
N THR F 270 42.15 24.80 10.86
CA THR F 270 42.80 25.00 9.58
C THR F 270 42.72 26.44 9.08
N GLY F 271 41.86 27.26 9.68
CA GLY F 271 41.70 28.63 9.24
C GLY F 271 41.05 28.79 7.88
N ALA F 272 40.56 27.70 7.30
CA ALA F 272 39.96 27.76 5.98
C ALA F 272 38.63 28.51 6.02
N PHE F 273 38.35 29.23 4.93
CA PHE F 273 37.09 29.94 4.81
C PHE F 273 35.93 28.96 4.94
N PHE F 274 35.19 29.05 6.04
CA PHE F 274 34.15 28.10 6.37
C PHE F 274 32.80 28.69 6.02
N PHE F 275 32.08 28.04 5.11
CA PHE F 275 30.73 28.43 4.73
C PHE F 275 29.77 27.37 5.24
N CYS F 276 28.83 27.78 6.10
CA CYS F 276 27.91 26.86 6.75
C CYS F 276 26.57 26.93 6.01
N ILE F 277 26.36 25.98 5.10
CA ILE F 277 25.07 25.81 4.46
C ILE F 277 24.18 24.98 5.37
N ASN F 278 23.00 25.49 5.68
CA ASN F 278 22.05 24.82 6.55
C ASN F 278 20.86 24.36 5.72
N GLY F 279 20.50 23.09 5.83
CA GLY F 279 19.43 22.51 5.06
C GLY F 279 18.14 23.29 5.15
N PRO F 280 17.59 23.41 6.36
CA PRO F 280 16.34 24.16 6.51
C PRO F 280 16.42 25.60 6.03
N GLU F 281 17.57 26.26 6.22
CA GLU F 281 17.70 27.62 5.74
C GLU F 281 17.55 27.69 4.23
N ILE F 282 18.12 26.71 3.53
CA ILE F 282 17.97 26.65 2.08
C ILE F 282 16.53 26.32 1.69
N MET F 283 15.92 25.38 2.41
CA MET F 283 14.59 24.92 2.06
C MET F 283 13.48 25.89 2.44
N SER F 284 13.77 26.90 3.26
CA SER F 284 12.78 27.90 3.61
C SER F 284 12.68 29.01 2.58
N LYS F 285 13.82 29.43 2.03
CA LYS F 285 13.82 30.52 1.08
C LYS F 285 13.05 30.13 -0.17
N LEU F 286 12.34 31.09 -0.76
CA LEU F 286 11.39 30.83 -1.83
C LEU F 286 12.04 30.08 -2.98
N ALA F 287 11.22 29.46 -3.83
CA ALA F 287 11.73 28.71 -4.96
C ALA F 287 12.59 29.60 -5.85
N GLY F 288 13.70 29.05 -6.31
CA GLY F 288 14.67 29.77 -7.12
C GLY F 288 15.74 30.44 -6.29
N GLU F 289 15.38 30.87 -5.08
CA GLU F 289 16.37 31.45 -4.18
C GLU F 289 17.25 30.38 -3.54
N SER F 290 16.73 29.17 -3.37
CA SER F 290 17.54 28.08 -2.81
C SER F 290 18.70 27.74 -3.73
N GLU F 291 18.41 27.56 -5.02
CA GLU F 291 19.47 27.28 -5.99
C GLU F 291 20.46 28.45 -6.05
N SER F 292 19.95 29.67 -5.98
CA SER F 292 20.82 30.84 -6.00
C SER F 292 21.75 30.83 -4.79
N ASN F 293 21.22 30.49 -3.62
CA ASN F 293 22.05 30.45 -2.42
C ASN F 293 23.12 29.37 -2.51
N LEU F 294 22.75 28.18 -3.00
CA LEU F 294 23.75 27.13 -3.18
C LEU F 294 24.84 27.58 -4.15
N ARG F 295 24.43 28.17 -5.28
CA ARG F 295 25.40 28.62 -6.27
C ARG F 295 26.33 29.67 -5.68
N LYS F 296 25.77 30.63 -4.94
CA LYS F 296 26.61 31.67 -4.34
C LYS F 296 27.56 31.07 -3.31
N ALA F 297 27.10 30.11 -2.52
CA ALA F 297 27.97 29.48 -1.54
C ALA F 297 29.16 28.82 -2.22
N PHE F 298 28.90 28.02 -3.25
CA PHE F 298 29.99 27.34 -3.94
C PHE F 298 30.93 28.34 -4.61
N GLU F 299 30.37 29.37 -5.25
CA GLU F 299 31.22 30.36 -5.93
C GLU F 299 32.10 31.10 -4.94
N GLU F 300 31.53 31.51 -3.80
CA GLU F 300 32.32 32.20 -2.80
C GLU F 300 33.38 31.29 -2.19
N ALA F 301 33.07 30.01 -2.01
CA ALA F 301 34.07 29.07 -1.54
C ALA F 301 35.21 28.96 -2.55
N GLU F 302 34.89 28.92 -3.84
CA GLU F 302 35.92 28.87 -4.87
C GLU F 302 36.74 30.15 -4.94
N LYS F 303 36.28 31.25 -4.33
CA LYS F 303 37.01 32.50 -4.32
C LYS F 303 37.94 32.63 -3.12
N ASN F 304 37.53 32.08 -1.97
CA ASN F 304 38.31 32.13 -0.75
C ASN F 304 39.13 30.88 -0.51
N ALA F 305 39.59 30.24 -1.58
CA ALA F 305 40.34 29.00 -1.43
C ALA F 305 41.62 29.25 -0.64
N PRO F 306 42.02 28.33 0.25
CA PRO F 306 41.37 27.06 0.59
C PRO F 306 40.07 27.29 1.37
N SER F 307 39.09 26.39 1.24
CA SER F 307 37.78 26.63 1.79
C SER F 307 37.11 25.31 2.14
N ILE F 308 35.99 25.42 2.85
CA ILE F 308 35.19 24.29 3.28
C ILE F 308 33.73 24.67 3.16
N ILE F 309 32.90 23.70 2.82
CA ILE F 309 31.47 23.92 2.60
C ILE F 309 30.73 22.87 3.42
N PHE F 310 30.35 23.22 4.64
CA PHE F 310 29.69 22.29 5.54
C PHE F 310 28.19 22.34 5.31
N ILE F 311 27.64 21.25 4.79
CA ILE F 311 26.21 21.16 4.46
C ILE F 311 25.56 20.38 5.60
N ASP F 312 25.07 21.11 6.59
CA ASP F 312 24.36 20.48 7.69
C ASP F 312 22.95 20.08 7.27
N GLU F 313 22.43 19.04 7.91
CA GLU F 313 21.11 18.52 7.60
C GLU F 313 20.97 18.32 6.10
N ILE F 314 21.91 17.58 5.49
CA ILE F 314 21.87 17.33 4.06
C ILE F 314 20.78 16.35 3.67
N ASP F 315 20.15 15.70 4.64
CA ASP F 315 19.04 14.79 4.33
C ASP F 315 17.83 15.57 3.83
N SER F 316 17.56 16.73 4.42
CA SER F 316 16.44 17.55 3.96
C SER F 316 16.68 18.05 2.54
N ILE F 317 17.90 18.46 2.23
CA ILE F 317 18.22 18.94 0.89
C ILE F 317 18.09 17.80 -0.11
N ALA F 318 18.64 16.64 0.22
CA ALA F 318 18.80 15.53 -0.72
C ALA F 318 18.28 14.24 -0.09
N PRO F 319 16.98 14.15 0.13
CA PRO F 319 16.39 12.89 0.59
C PRO F 319 16.26 11.90 -0.56
N LYS F 320 15.90 10.67 -0.19
CA LYS F 320 15.73 9.64 -1.21
C LYS F 320 14.61 10.02 -2.17
N ARG F 321 14.78 9.64 -3.43
CA ARG F 321 13.74 9.92 -4.42
C ARG F 321 12.44 9.20 -4.07
N GLU F 322 12.54 8.02 -3.45
CA GLU F 322 11.35 7.29 -3.06
C GLU F 322 10.51 8.03 -2.04
N LYS F 323 11.08 9.03 -1.36
CA LYS F 323 10.40 9.79 -0.32
C LYS F 323 9.98 11.17 -0.76
N THR F 324 10.83 11.90 -1.48
CA THR F 324 10.47 13.22 -1.95
C THR F 324 9.29 13.14 -2.91
N ASN F 325 8.38 14.10 -2.79
CA ASN F 325 7.16 14.14 -3.59
C ASN F 325 6.96 15.56 -4.14
N GLY F 326 8.02 16.15 -4.67
CA GLY F 326 7.95 17.51 -5.15
C GLY F 326 8.96 17.77 -6.25
N GLU F 327 8.76 18.89 -6.94
CA GLU F 327 9.64 19.26 -8.05
C GLU F 327 10.80 20.13 -7.59
N VAL F 328 10.53 21.11 -6.73
CA VAL F 328 11.59 22.00 -6.26
C VAL F 328 12.65 21.21 -5.52
N GLU F 329 12.24 20.19 -4.76
CA GLU F 329 13.20 19.35 -4.05
C GLU F 329 14.13 18.66 -5.03
N ARG F 330 13.57 18.10 -6.11
CA ARG F 330 14.40 17.44 -7.12
C ARG F 330 15.33 18.45 -7.81
N ARG F 331 14.83 19.66 -8.06
CA ARG F 331 15.67 20.68 -8.68
C ARG F 331 16.86 21.01 -7.78
N ILE F 332 16.62 21.15 -6.48
CA ILE F 332 17.70 21.47 -5.56
C ILE F 332 18.69 20.31 -5.48
N VAL F 333 18.18 19.08 -5.44
CA VAL F 333 19.06 17.91 -5.42
C VAL F 333 19.96 17.91 -6.65
N SER F 334 19.37 18.13 -7.82
CA SER F 334 20.14 18.11 -9.05
C SER F 334 21.14 19.26 -9.10
N GLN F 335 20.76 20.42 -8.59
CA GLN F 335 21.71 21.54 -8.55
C GLN F 335 22.89 21.20 -7.65
N LEU F 336 22.63 20.58 -6.50
CA LEU F 336 23.71 20.19 -5.62
C LEU F 336 24.63 19.18 -6.29
N LEU F 337 24.04 18.20 -6.98
CA LEU F 337 24.85 17.21 -7.69
C LEU F 337 25.69 17.85 -8.77
N THR F 338 25.10 18.78 -9.52
CA THR F 338 25.84 19.48 -10.57
C THR F 338 27.01 20.26 -9.99
N LEU F 339 26.78 20.95 -8.88
CA LEU F 339 27.85 21.73 -8.26
C LEU F 339 28.96 20.83 -7.75
N MET F 340 28.60 19.71 -7.11
CA MET F 340 29.61 18.79 -6.64
C MET F 340 30.43 18.22 -7.81
N ASP F 341 29.76 17.90 -8.92
CA ASP F 341 30.48 17.42 -10.08
C ASP F 341 31.41 18.51 -10.62
N GLY F 342 30.95 19.75 -10.69
CA GLY F 342 31.78 20.83 -11.15
C GLY F 342 32.95 21.12 -10.23
N LEU F 343 32.84 20.74 -8.96
CA LEU F 343 33.97 20.89 -8.05
C LEU F 343 35.17 20.01 -8.42
N LYS F 344 35.09 19.22 -9.48
CA LYS F 344 36.29 18.54 -9.97
C LYS F 344 37.32 19.56 -10.43
N SER F 345 36.87 20.58 -11.17
CA SER F 345 37.72 21.74 -11.49
C SER F 345 37.48 22.77 -10.38
N ARG F 346 38.19 22.60 -9.28
CA ARG F 346 37.97 23.36 -8.06
C ARG F 346 39.17 24.25 -7.77
N ALA F 347 39.10 24.96 -6.65
CA ALA F 347 40.25 25.64 -6.06
C ALA F 347 40.33 25.19 -4.61
N HIS F 348 40.94 24.03 -4.38
CA HIS F 348 41.19 23.51 -3.04
C HIS F 348 39.95 23.63 -2.15
N VAL F 349 38.83 23.13 -2.65
CA VAL F 349 37.54 23.21 -1.98
C VAL F 349 37.16 21.82 -1.50
N ILE F 350 36.76 21.72 -0.23
CA ILE F 350 36.36 20.48 0.40
C ILE F 350 34.93 20.61 0.89
N VAL F 351 34.09 19.64 0.52
CA VAL F 351 32.69 19.60 0.95
C VAL F 351 32.60 18.63 2.11
N MET F 352 31.93 19.07 3.19
CA MET F 352 31.86 18.31 4.44
C MET F 352 30.40 18.25 4.87
N GLY F 353 29.67 17.27 4.35
CA GLY F 353 28.28 17.11 4.69
C GLY F 353 28.10 16.48 6.05
N ALA F 354 26.83 16.44 6.48
CA ALA F 354 26.48 15.85 7.76
C ALA F 354 25.03 15.39 7.72
N THR F 355 24.79 14.17 8.17
CA THR F 355 23.46 13.59 8.21
C THR F 355 23.37 12.63 9.39
N ASN F 356 22.14 12.27 9.77
CA ASN F 356 21.97 11.34 10.88
C ASN F 356 22.36 9.93 10.48
N ARG F 357 21.93 9.48 9.32
CA ARG F 357 22.31 8.18 8.79
C ARG F 357 22.46 8.29 7.28
N PRO F 358 23.31 7.47 6.67
CA PRO F 358 23.51 7.58 5.21
C PRO F 358 22.31 7.11 4.40
N ASN F 359 21.43 6.30 4.98
CA ASN F 359 20.31 5.78 4.21
C ASN F 359 19.37 6.88 3.76
N SER F 360 19.12 7.88 4.62
CA SER F 360 18.21 8.96 4.26
C SER F 360 18.73 9.82 3.13
N ILE F 361 20.01 9.73 2.80
CA ILE F 361 20.60 10.53 1.73
C ILE F 361 20.38 9.82 0.41
N ASP F 362 20.22 10.61 -0.65
CA ASP F 362 20.05 10.04 -1.97
C ASP F 362 21.30 9.26 -2.36
N PRO F 363 21.16 8.07 -2.94
CA PRO F 363 22.35 7.28 -3.29
C PRO F 363 23.31 8.01 -4.21
N ALA F 364 22.80 8.89 -5.08
CA ALA F 364 23.66 9.57 -6.04
C ALA F 364 24.78 10.34 -5.34
N LEU F 365 24.54 10.79 -4.12
CA LEU F 365 25.55 11.57 -3.40
C LEU F 365 26.68 10.72 -2.86
N ARG F 366 26.53 9.41 -2.82
CA ARG F 366 27.54 8.51 -2.27
C ARG F 366 28.41 7.87 -3.34
N ARG F 367 28.68 8.58 -4.42
CA ARG F 367 29.43 8.07 -5.55
C ARG F 367 30.74 8.82 -5.71
N PHE F 368 31.50 8.46 -6.73
CA PHE F 368 32.80 9.05 -6.98
C PHE F 368 32.66 10.52 -7.35
N GLY F 369 33.59 11.33 -6.84
CA GLY F 369 33.56 12.78 -7.02
C GLY F 369 32.66 13.46 -6.00
N ARG F 370 31.48 12.89 -5.79
CA ARG F 370 30.55 13.32 -4.75
C ARG F 370 31.01 12.74 -3.42
N PHE F 371 30.13 12.70 -2.43
CA PHE F 371 30.55 12.29 -1.09
C PHE F 371 30.97 10.83 -1.09
N ASP F 372 32.29 10.61 -1.26
CA ASP F 372 32.85 9.27 -1.37
C ASP F 372 33.46 8.77 -0.07
N ARG F 373 33.89 9.67 0.81
CA ARG F 373 34.39 9.30 2.13
C ARG F 373 33.25 9.47 3.14
N GLU F 374 33.04 8.45 3.97
CA GLU F 374 32.00 8.47 4.98
C GLU F 374 32.62 8.14 6.33
N ILE F 375 32.38 9.00 7.30
CA ILE F 375 32.93 8.87 8.65
C ILE F 375 31.75 8.72 9.62
N ASP F 376 31.79 7.67 10.43
CA ASP F 376 30.74 7.41 11.41
C ASP F 376 31.15 8.04 12.74
N ILE F 377 30.47 9.12 13.10
CA ILE F 377 30.62 9.70 14.44
C ILE F 377 29.59 9.03 15.34
N GLY F 378 29.94 7.89 15.92
CA GLY F 378 29.02 7.10 16.69
C GLY F 378 28.96 7.49 18.14
N VAL F 379 28.27 6.66 18.92
CA VAL F 379 28.16 6.85 20.37
C VAL F 379 29.51 6.57 21.00
N PRO F 380 30.06 7.47 21.82
CA PRO F 380 31.34 7.20 22.46
C PRO F 380 31.24 6.08 23.48
N ASP F 381 32.35 5.38 23.67
CA ASP F 381 32.46 4.36 24.70
C ASP F 381 32.67 5.04 26.05
N GLU F 382 32.94 4.27 27.09
CA GLU F 382 33.02 4.82 28.45
C GLU F 382 34.08 5.90 28.54
N ILE F 383 35.27 5.64 27.99
CA ILE F 383 36.32 6.64 28.04
C ILE F 383 35.94 7.88 27.25
N GLY F 384 35.22 7.71 26.14
CA GLY F 384 34.75 8.87 25.39
C GLY F 384 33.79 9.73 26.20
N ARG F 385 32.87 9.08 26.92
CA ARG F 385 31.96 9.83 27.78
C ARG F 385 32.72 10.55 28.89
N LEU F 386 33.75 9.90 29.45
CA LEU F 386 34.57 10.57 30.43
C LEU F 386 35.25 11.80 29.84
N GLU F 387 35.77 11.68 28.62
CA GLU F 387 36.41 12.81 27.97
C GLU F 387 35.41 13.94 27.74
N VAL F 388 34.20 13.60 27.31
CA VAL F 388 33.17 14.62 27.09
C VAL F 388 32.86 15.34 28.40
N LEU F 389 32.70 14.58 29.48
CA LEU F 389 32.40 15.18 30.77
C LEU F 389 33.54 16.08 31.23
N ARG F 390 34.78 15.65 31.04
CA ARG F 390 35.92 16.50 31.40
C ARG F 390 35.92 17.78 30.57
N ILE F 391 35.59 17.67 29.29
CA ILE F 391 35.53 18.84 28.43
C ILE F 391 34.46 19.82 28.92
N HIS F 392 33.30 19.31 29.29
CA HIS F 392 32.19 20.17 29.69
C HIS F 392 32.24 20.57 31.17
N THR F 393 33.20 20.06 31.93
CA THR F 393 33.34 20.43 33.34
C THR F 393 34.69 21.06 33.63
N LYS F 394 35.46 21.42 32.61
CA LYS F 394 36.76 22.03 32.84
C LYS F 394 36.66 23.47 33.29
N ASN F 395 35.61 24.17 32.88
CA ASN F 395 35.39 25.54 33.33
C ASN F 395 34.77 25.60 34.72
N MET F 396 34.37 24.47 35.29
CA MET F 396 33.73 24.42 36.59
C MET F 396 34.63 23.72 37.60
N LYS F 397 34.57 24.20 38.84
CA LYS F 397 35.36 23.63 39.93
C LYS F 397 34.58 22.49 40.56
N LEU F 398 34.97 21.26 40.25
CA LEU F 398 34.30 20.09 40.80
C LEU F 398 34.72 19.88 42.25
N ALA F 399 33.74 19.59 43.10
CA ALA F 399 34.02 19.28 44.49
C ALA F 399 34.58 17.87 44.61
N GLU F 400 35.12 17.56 45.80
CA GLU F 400 35.65 16.24 46.05
C GLU F 400 34.53 15.21 46.06
N ASP F 401 34.89 13.96 45.75
CA ASP F 401 34.00 12.80 45.69
C ASP F 401 33.20 12.81 44.39
N VAL F 402 33.36 13.80 43.52
CA VAL F 402 32.69 13.81 42.23
C VAL F 402 33.48 12.93 41.27
N ASP F 403 33.11 11.66 41.19
CA ASP F 403 33.85 10.67 40.39
C ASP F 403 33.25 10.65 38.99
N LEU F 404 33.92 11.33 38.06
CA LEU F 404 33.43 11.35 36.68
C LEU F 404 33.47 9.96 36.06
N GLU F 405 34.34 9.08 36.55
CA GLU F 405 34.36 7.70 36.07
C GLU F 405 33.04 7.00 36.38
N ARG F 406 32.50 7.22 37.58
CA ARG F 406 31.22 6.63 37.92
C ARG F 406 30.12 7.10 36.98
N ILE F 407 30.09 8.41 36.71
CA ILE F 407 29.05 8.94 35.83
C ILE F 407 29.21 8.37 34.42
N SER F 408 30.45 8.33 33.91
CA SER F 408 30.67 7.77 32.59
C SER F 408 30.22 6.32 32.52
N LYS F 409 30.49 5.55 33.56
CA LYS F 409 30.05 4.15 33.58
C LYS F 409 28.53 4.06 33.68
N ASP F 410 27.88 5.04 34.29
CA ASP F 410 26.44 5.03 34.46
C ASP F 410 25.70 5.76 33.35
N THR F 411 26.39 6.21 32.31
CA THR F 411 25.78 6.99 31.23
C THR F 411 25.81 6.24 29.91
N HIS F 412 25.49 4.95 29.93
CA HIS F 412 25.41 4.18 28.70
C HIS F 412 24.28 4.72 27.82
N GLY F 413 24.56 4.84 26.52
CA GLY F 413 23.59 5.36 25.59
C GLY F 413 23.49 6.87 25.54
N TYR F 414 24.41 7.58 26.17
CA TYR F 414 24.40 9.03 26.22
C TYR F 414 25.33 9.58 25.16
N VAL F 415 24.78 10.35 24.21
CA VAL F 415 25.57 11.03 23.21
C VAL F 415 26.10 12.31 23.83
N GLY F 416 27.06 12.96 23.17
CA GLY F 416 27.75 14.08 23.79
C GLY F 416 26.80 15.18 24.21
N ALA F 417 25.71 15.36 23.47
CA ALA F 417 24.74 16.40 23.83
C ALA F 417 24.09 16.10 25.18
N ASP F 418 23.75 14.85 25.43
CA ASP F 418 23.16 14.47 26.71
C ASP F 418 24.13 14.71 27.85
N LEU F 419 25.41 14.38 27.64
CA LEU F 419 26.42 14.59 28.67
C LEU F 419 26.71 16.06 28.90
N ALA F 420 26.57 16.90 27.88
CA ALA F 420 26.66 18.34 28.06
C ALA F 420 25.43 18.92 28.74
N ALA F 421 24.27 18.32 28.54
CA ALA F 421 23.04 18.77 29.17
C ALA F 421 22.99 18.39 30.64
N LEU F 422 23.48 17.20 31.00
CA LEU F 422 23.46 16.82 32.41
C LEU F 422 24.44 17.66 33.23
N CYS F 423 25.60 17.98 32.66
CA CYS F 423 26.51 18.89 33.34
C CYS F 423 25.87 20.27 33.52
N THR F 424 25.16 20.74 32.51
CA THR F 424 24.46 22.02 32.61
C THR F 424 23.40 21.97 33.71
N GLU F 425 22.66 20.87 33.78
CA GLU F 425 21.65 20.73 34.82
C GLU F 425 22.28 20.74 36.21
N ALA F 426 23.42 20.06 36.36
CA ALA F 426 24.12 20.08 37.64
C ALA F 426 24.57 21.49 38.00
N ALA F 427 25.13 22.20 37.03
CA ALA F 427 25.55 23.58 37.28
C ALA F 427 24.38 24.45 37.68
N LEU F 428 23.24 24.28 37.01
CA LEU F 428 22.06 25.07 37.34
C LEU F 428 21.54 24.73 38.72
N GLN F 429 21.60 23.46 39.12
CA GLN F 429 21.20 23.09 40.47
C GLN F 429 22.11 23.76 41.50
N CYS F 430 23.42 23.77 41.24
CA CYS F 430 24.34 24.44 42.15
C CYS F 430 24.04 25.94 42.22
N ILE F 431 23.76 26.56 41.07
CA ILE F 431 23.45 27.98 41.06
C ILE F 431 22.15 28.25 41.83
N ARG F 432 21.15 27.41 41.67
CA ARG F 432 19.91 27.57 42.41
C ARG F 432 20.15 27.45 43.91
N GLU F 433 20.96 26.47 44.32
CA GLU F 433 21.26 26.32 45.74
C GLU F 433 21.98 27.55 46.29
N LYS F 434 22.94 28.07 45.55
CA LYS F 434 23.72 29.21 46.02
C LYS F 434 23.04 30.55 45.80
N MET F 435 21.91 30.58 45.09
CA MET F 435 21.24 31.85 44.83
C MET F 435 20.77 32.52 46.11
N ASP F 436 20.28 31.74 47.08
CA ASP F 436 19.81 32.32 48.32
C ASP F 436 20.90 33.13 49.03
N VAL F 437 22.17 32.80 48.79
CA VAL F 437 23.26 33.55 49.41
C VAL F 437 23.37 34.95 48.82
N ILE F 438 23.23 35.07 47.51
CA ILE F 438 23.46 36.32 46.79
C ILE F 438 22.11 36.88 46.35
N ASP F 439 21.89 38.16 46.63
CA ASP F 439 20.67 38.81 46.19
C ASP F 439 20.56 38.77 44.68
N LEU F 440 19.33 38.65 44.18
CA LEU F 440 19.08 38.39 42.78
C LEU F 440 18.95 39.66 41.94
N GLU F 441 19.12 40.84 42.54
CA GLU F 441 19.08 42.07 41.78
C GLU F 441 20.44 42.49 41.23
N ASP F 442 21.53 41.93 41.76
CA ASP F 442 22.86 42.32 41.31
C ASP F 442 23.04 41.97 39.84
N ASP F 443 23.57 42.92 39.08
CA ASP F 443 23.79 42.70 37.66
C ASP F 443 24.95 41.72 37.43
N SER F 444 26.03 41.88 38.18
CA SER F 444 27.22 41.04 38.04
C SER F 444 27.47 40.30 39.34
N ILE F 445 27.79 39.01 39.23
CA ILE F 445 28.05 38.19 40.40
C ILE F 445 29.52 38.29 40.77
N ASP F 446 29.82 38.19 42.07
CA ASP F 446 31.19 38.27 42.54
C ASP F 446 32.01 37.12 41.97
N ALA F 447 33.21 37.44 41.50
CA ALA F 447 34.07 36.41 40.92
C ALA F 447 34.43 35.34 41.94
N GLU F 448 34.71 35.75 43.18
CA GLU F 448 35.02 34.78 44.22
C GLU F 448 33.85 33.83 44.44
N ILE F 449 32.62 34.35 44.42
CA ILE F 449 31.44 33.50 44.59
C ILE F 449 31.38 32.46 43.46
N LEU F 450 31.60 32.89 42.22
CA LEU F 450 31.55 31.96 41.10
C LEU F 450 32.63 30.89 41.24
N ASN F 451 33.85 31.29 41.59
CA ASN F 451 34.93 30.32 41.74
C ASN F 451 34.73 29.41 42.94
N SER F 452 33.93 29.82 43.91
CA SER F 452 33.65 29.01 45.09
C SER F 452 32.43 28.12 44.93
N MET F 453 31.71 28.23 43.81
CA MET F 453 30.55 27.37 43.56
C MET F 453 31.06 26.01 43.11
N ALA F 454 31.10 25.06 44.02
CA ALA F 454 31.60 23.72 43.76
C ALA F 454 30.42 22.77 43.53
N VAL F 455 30.43 22.08 42.41
CA VAL F 455 29.35 21.16 42.07
C VAL F 455 29.57 19.84 42.78
N THR F 456 28.57 19.40 43.53
CA THR F 456 28.63 18.19 44.34
C THR F 456 28.12 17.00 43.54
N ASN F 457 28.56 15.80 43.96
CA ASN F 457 28.14 14.58 43.29
C ASN F 457 26.63 14.42 43.33
N GLU F 458 25.97 14.99 44.34
CA GLU F 458 24.52 14.89 44.41
C GLU F 458 23.86 15.57 43.22
N HIS F 459 24.39 16.73 42.81
CA HIS F 459 23.83 17.43 41.66
C HIS F 459 23.92 16.57 40.41
N PHE F 460 25.09 15.95 40.18
CA PHE F 460 25.25 15.10 39.01
C PHE F 460 24.35 13.88 39.08
N HIS F 461 24.19 13.30 40.28
CA HIS F 461 23.31 12.14 40.42
C HIS F 461 21.87 12.51 40.09
N THR F 462 21.40 13.64 40.61
CA THR F 462 20.04 14.07 40.31
C THR F 462 19.87 14.37 38.82
N ALA F 463 20.86 15.03 38.21
CA ALA F 463 20.77 15.33 36.79
C ALA F 463 20.74 14.07 35.96
N LEU F 464 21.56 13.08 36.31
CA LEU F 464 21.56 11.81 35.61
C LEU F 464 20.21 11.10 35.77
N GLY F 465 19.65 11.14 36.98
CA GLY F 465 18.35 10.53 37.18
C GLY F 465 17.25 11.20 36.37
N ASN F 466 17.32 12.52 36.24
CA ASN F 466 16.32 13.27 35.50
C ASN F 466 16.53 13.22 33.99
N SER F 467 17.67 12.71 33.53
CA SER F 467 17.99 12.64 32.11
C SER F 467 17.86 11.22 31.61
N ASN F 468 17.65 11.10 30.30
CA ASN F 468 17.49 9.81 29.65
C ASN F 468 18.39 9.74 28.42
N PRO F 469 18.82 8.53 28.04
CA PRO F 469 19.67 8.39 26.86
C PRO F 469 18.91 8.66 25.57
N SER F 470 19.67 9.05 24.55
CA SER F 470 19.13 9.33 23.23
C SER F 470 19.53 8.31 22.17
N ALA F 471 20.66 7.64 22.34
CA ALA F 471 21.17 6.66 21.39
C ALA F 471 21.16 5.26 22.00
N LEU F 472 20.15 4.97 22.82
CA LEU F 472 20.10 3.68 23.50
C LEU F 472 19.88 2.54 22.52
N ARG F 473 19.10 2.75 21.47
CA ARG F 473 18.78 1.70 20.51
C ARG F 473 19.80 1.63 19.37
N GLU F 474 20.79 2.50 19.36
CA GLU F 474 21.81 2.47 18.32
C GLU F 474 22.82 1.37 18.59
N THR F 475 23.26 0.71 17.51
CA THR F 475 24.28 -0.31 17.61
C THR F 475 25.56 0.31 18.16
N VAL F 476 26.21 -0.38 19.09
CA VAL F 476 27.37 0.14 19.80
C VAL F 476 28.58 -0.71 19.45
N VAL F 477 29.66 -0.06 19.03
CA VAL F 477 30.93 -0.72 18.74
C VAL F 477 31.90 -0.32 19.85
N GLU F 478 32.36 -1.29 20.61
CA GLU F 478 33.23 -1.03 21.75
C GLU F 478 34.03 -2.28 22.07
N VAL F 479 35.08 -2.10 22.85
CA VAL F 479 35.89 -3.21 23.35
C VAL F 479 35.35 -3.60 24.72
N PRO F 480 34.79 -4.80 24.89
CA PRO F 480 34.16 -5.14 26.16
C PRO F 480 35.17 -5.24 27.29
N ASN F 481 34.68 -4.98 28.51
CA ASN F 481 35.51 -5.04 29.70
C ASN F 481 35.71 -6.46 30.22
N VAL F 482 34.92 -7.42 29.73
CA VAL F 482 35.02 -8.79 30.23
C VAL F 482 36.37 -9.37 29.83
N SER F 483 37.02 -10.05 30.78
CA SER F 483 38.30 -10.68 30.57
C SER F 483 38.18 -12.17 30.92
N TRP F 484 39.29 -12.89 30.77
CA TRP F 484 39.27 -14.33 31.04
C TRP F 484 38.95 -14.61 32.49
N ASN F 485 39.39 -13.74 33.40
CA ASN F 485 39.17 -13.97 34.82
C ASN F 485 37.69 -13.96 35.17
N ASP F 486 36.87 -13.23 34.39
CA ASP F 486 35.45 -13.16 34.69
C ASP F 486 34.75 -14.49 34.49
N ILE F 487 35.34 -15.40 33.70
CA ILE F 487 34.76 -16.70 33.42
C ILE F 487 35.59 -17.77 34.12
N GLY F 488 34.90 -18.72 34.75
CA GLY F 488 35.55 -19.82 35.43
C GLY F 488 35.39 -21.10 34.63
N GLY F 489 36.52 -21.80 34.44
CA GLY F 489 36.51 -23.03 33.69
C GLY F 489 36.56 -22.80 32.20
N LEU F 490 36.12 -23.78 31.43
CA LEU F 490 36.10 -23.68 29.98
C LEU F 490 37.50 -23.40 29.43
N GLU F 491 38.48 -24.08 30.02
CA GLU F 491 39.87 -23.88 29.61
C GLU F 491 40.11 -24.34 28.17
N ASN F 492 39.55 -25.50 27.81
CA ASN F 492 39.71 -25.99 26.44
C ASN F 492 39.03 -25.06 25.45
N VAL F 493 37.88 -24.49 25.82
CA VAL F 493 37.22 -23.51 24.96
C VAL F 493 38.10 -22.28 24.78
N LYS F 494 38.75 -21.84 25.85
CA LYS F 494 39.68 -20.73 25.74
C LYS F 494 40.82 -21.07 24.78
N ARG F 495 41.36 -22.28 24.89
CA ARG F 495 42.42 -22.71 24.00
C ARG F 495 41.96 -22.68 22.55
N GLU F 496 40.79 -23.25 22.27
CA GLU F 496 40.29 -23.29 20.91
C GLU F 496 40.03 -21.89 20.37
N LEU F 497 39.47 -21.01 21.20
CA LEU F 497 39.19 -19.65 20.75
C LEU F 497 40.47 -18.88 20.48
N GLN F 498 41.50 -19.08 21.30
CA GLN F 498 42.78 -18.44 21.01
C GLN F 498 43.38 -18.97 19.71
N GLU F 499 43.27 -20.28 19.47
CA GLU F 499 43.82 -20.85 18.24
C GLU F 499 43.02 -20.44 17.02
N THR F 500 41.74 -20.10 17.19
CA THR F 500 40.85 -19.88 16.06
C THR F 500 40.63 -18.42 15.73
N VAL F 501 40.76 -17.52 16.72
CA VAL F 501 40.42 -16.11 16.55
C VAL F 501 41.63 -15.22 16.75
N GLN F 502 42.31 -15.37 17.89
CA GLN F 502 43.43 -14.48 18.21
C GLN F 502 44.56 -14.63 17.21
N TYR F 503 44.91 -15.86 16.86
CA TYR F 503 46.06 -16.07 15.98
C TYR F 503 45.82 -15.51 14.59
N PRO F 504 44.67 -15.74 13.95
CA PRO F 504 44.42 -15.08 12.66
C PRO F 504 44.49 -13.58 12.72
N VAL F 505 44.06 -12.97 13.83
CA VAL F 505 43.99 -11.51 13.92
C VAL F 505 45.37 -10.93 14.15
N GLU F 506 46.01 -11.31 15.26
CA GLU F 506 47.31 -10.74 15.60
C GLU F 506 48.45 -11.32 14.78
N HIS F 507 48.27 -12.50 14.19
CA HIS F 507 49.30 -13.18 13.41
C HIS F 507 48.70 -13.66 12.10
N PRO F 508 48.33 -12.74 11.21
CA PRO F 508 47.79 -13.15 9.92
C PRO F 508 48.87 -13.56 8.94
N GLU F 509 50.07 -12.99 9.12
CA GLU F 509 51.18 -13.31 8.24
C GLU F 509 51.53 -14.79 8.31
N LYS F 510 51.53 -15.36 9.51
CA LYS F 510 51.81 -16.78 9.65
C LYS F 510 50.78 -17.62 8.93
N PHE F 511 49.49 -17.26 9.05
CA PHE F 511 48.46 -18.01 8.35
C PHE F 511 48.62 -17.94 6.85
N GLU F 512 48.93 -16.74 6.32
CA GLU F 512 49.14 -16.61 4.89
C GLU F 512 50.35 -17.43 4.45
N LYS F 513 51.41 -17.42 5.25
CA LYS F 513 52.62 -18.17 4.90
C LYS F 513 52.34 -19.67 4.88
N PHE F 514 51.59 -20.18 5.85
CA PHE F 514 51.40 -21.62 5.96
C PHE F 514 50.70 -22.21 4.75
N GLY F 515 50.00 -21.39 3.97
CA GLY F 515 49.47 -21.82 2.69
C GLY F 515 47.95 -21.88 2.58
N MET F 516 47.22 -21.60 3.65
CA MET F 516 45.76 -21.59 3.55
C MET F 516 45.19 -20.64 4.60
N SER F 517 43.95 -20.23 4.36
CA SER F 517 43.28 -19.26 5.21
C SER F 517 42.33 -19.95 6.19
N PRO F 518 42.15 -19.39 7.37
CA PRO F 518 41.29 -20.02 8.37
C PRO F 518 39.82 -19.74 8.12
N SER F 519 38.99 -20.29 9.00
CA SER F 519 37.55 -20.06 8.95
C SER F 519 37.18 -18.97 9.94
N LYS F 520 36.24 -18.10 9.53
CA LYS F 520 35.81 -16.97 10.32
C LYS F 520 34.42 -17.17 10.90
N GLY F 521 34.00 -18.42 11.08
CA GLY F 521 32.68 -18.71 11.60
C GLY F 521 32.69 -19.67 12.77
N VAL F 522 32.18 -19.21 13.90
CA VAL F 522 32.10 -20.01 15.12
C VAL F 522 30.66 -20.07 15.57
N LEU F 523 30.33 -21.12 16.32
CA LEU F 523 28.97 -21.33 16.82
C LEU F 523 29.06 -21.98 18.19
N PHE F 524 28.78 -21.20 19.23
CA PHE F 524 28.69 -21.74 20.57
C PHE F 524 27.33 -22.39 20.77
N TYR F 525 27.32 -23.61 21.29
CA TYR F 525 26.08 -24.27 21.67
C TYR F 525 26.28 -24.95 23.01
N GLY F 526 25.21 -24.98 23.79
CA GLY F 526 25.23 -25.59 25.09
C GLY F 526 24.08 -25.12 25.95
N PRO F 527 24.03 -25.61 27.18
CA PRO F 527 22.95 -25.22 28.09
C PRO F 527 22.97 -23.73 28.36
N PRO F 528 21.80 -23.13 28.63
CA PRO F 528 21.79 -21.70 28.95
C PRO F 528 22.52 -21.40 30.25
N GLY F 529 23.12 -20.22 30.31
CA GLY F 529 23.85 -19.80 31.49
C GLY F 529 25.28 -20.30 31.55
N CYS F 530 25.77 -20.97 30.51
CA CYS F 530 27.11 -21.52 30.53
C CYS F 530 28.20 -20.48 30.36
N GLY F 531 27.92 -19.35 29.70
CA GLY F 531 28.89 -18.29 29.57
C GLY F 531 29.36 -18.05 28.15
N LYS F 532 28.47 -18.25 27.18
CA LYS F 532 28.83 -18.00 25.79
C LYS F 532 29.12 -16.52 25.54
N THR F 533 28.23 -15.64 26.01
CA THR F 533 28.42 -14.22 25.80
C THR F 533 29.68 -13.71 26.50
N LEU F 534 29.94 -14.18 27.72
CA LEU F 534 31.14 -13.79 28.43
C LEU F 534 32.40 -14.31 27.74
N LEU F 535 32.30 -15.41 27.01
CA LEU F 535 33.43 -15.90 26.22
C LEU F 535 33.66 -15.07 24.97
N ALA F 536 32.59 -14.69 24.27
CA ALA F 536 32.76 -13.82 23.10
C ALA F 536 33.35 -12.47 23.52
N LYS F 537 32.80 -11.87 24.56
CA LYS F 537 33.34 -10.61 25.05
C LYS F 537 34.77 -10.79 25.54
N ALA F 538 35.05 -11.91 26.20
CA ALA F 538 36.40 -12.14 26.72
C ALA F 538 37.41 -12.24 25.60
N ILE F 539 37.08 -12.96 24.53
CA ILE F 539 38.01 -13.10 23.43
C ILE F 539 38.17 -11.77 22.69
N ALA F 540 37.09 -10.99 22.59
CA ALA F 540 37.20 -9.67 21.99
C ALA F 540 38.14 -8.79 22.79
N ASN F 541 38.01 -8.82 24.12
CA ASN F 541 38.91 -8.02 24.95
C ASN F 541 40.35 -8.50 24.82
N GLU F 542 40.56 -9.82 24.79
CA GLU F 542 41.91 -10.34 24.67
C GLU F 542 42.56 -9.91 23.35
N CYS F 543 41.80 -9.97 22.26
CA CYS F 543 42.33 -9.54 20.97
C CYS F 543 42.31 -8.02 20.80
N GLN F 544 41.73 -7.29 21.75
CA GLN F 544 41.61 -5.84 21.66
C GLN F 544 40.91 -5.45 20.35
N ALA F 545 39.92 -6.25 19.97
CA ALA F 545 39.12 -6.02 18.79
C ALA F 545 37.74 -5.54 19.18
N ASN F 546 37.07 -4.88 18.24
CA ASN F 546 35.74 -4.38 18.49
C ASN F 546 34.76 -5.53 18.69
N PHE F 547 33.64 -5.23 19.34
CA PHE F 547 32.61 -6.22 19.62
C PHE F 547 31.25 -5.61 19.35
N ILE F 548 30.48 -6.25 18.48
CA ILE F 548 29.13 -5.82 18.15
C ILE F 548 28.17 -6.91 18.62
N SER F 549 27.26 -6.56 19.52
CA SER F 549 26.30 -7.51 20.07
C SER F 549 24.97 -7.35 19.34
N VAL F 550 24.49 -8.44 18.76
CA VAL F 550 23.24 -8.46 18.02
C VAL F 550 22.40 -9.62 18.52
N LYS F 551 21.13 -9.36 18.81
CA LYS F 551 20.20 -10.37 19.28
C LYS F 551 19.09 -10.55 18.25
N GLY F 552 18.55 -11.78 18.20
CA GLY F 552 17.50 -12.11 17.28
C GLY F 552 16.30 -11.20 17.40
N PRO F 553 15.87 -10.95 18.65
CA PRO F 553 14.79 -9.98 18.86
C PRO F 553 15.08 -8.62 18.27
N GLU F 554 16.34 -8.17 18.31
CA GLU F 554 16.67 -6.87 17.74
C GLU F 554 16.56 -6.89 16.22
N LEU F 555 16.93 -8.02 15.60
CA LEU F 555 16.81 -8.12 14.15
C LEU F 555 15.35 -8.18 13.72
N LEU F 556 14.56 -9.03 14.37
CA LEU F 556 13.17 -9.20 13.97
C LEU F 556 12.37 -7.93 14.18
N THR F 557 12.59 -7.23 15.29
CA THR F 557 11.80 -6.05 15.60
C THR F 557 12.07 -4.89 14.65
N MET F 558 12.93 -5.07 13.66
CA MET F 558 13.17 -4.05 12.64
C MET F 558 12.00 -4.06 11.66
N TRP F 559 10.86 -3.52 12.13
CA TRP F 559 9.62 -3.52 11.36
C TRP F 559 9.26 -4.94 10.93
N PHE F 560 9.45 -5.89 11.84
CA PHE F 560 9.18 -7.31 11.57
C PHE F 560 9.97 -7.79 10.35
N GLY F 561 11.22 -7.33 10.24
CA GLY F 561 12.09 -7.75 9.16
C GLY F 561 11.89 -7.00 7.86
N GLU F 562 10.95 -6.05 7.81
CA GLU F 562 10.69 -5.34 6.56
C GLU F 562 11.80 -4.34 6.26
N SER F 563 12.40 -3.75 7.29
CA SER F 563 13.53 -2.83 7.11
C SER F 563 14.82 -3.64 6.99
N GLU F 564 14.90 -4.37 5.88
CA GLU F 564 16.02 -5.30 5.69
C GLU F 564 17.37 -4.58 5.67
N ALA F 565 17.39 -3.34 5.16
CA ALA F 565 18.67 -2.64 5.03
C ALA F 565 19.41 -2.57 6.35
N ASN F 566 18.69 -2.44 7.47
CA ASN F 566 19.34 -2.36 8.76
C ASN F 566 20.30 -3.51 8.97
N VAL F 567 19.88 -4.73 8.60
CA VAL F 567 20.77 -5.88 8.75
C VAL F 567 22.06 -5.64 7.98
N ARG F 568 21.94 -5.25 6.71
CA ARG F 568 23.13 -4.99 5.90
C ARG F 568 23.98 -3.87 6.50
N GLU F 569 23.39 -3.00 7.32
CA GLU F 569 24.18 -1.99 8.00
C GLU F 569 25.13 -2.64 9.00
N ILE F 570 24.61 -3.58 9.79
CA ILE F 570 25.41 -4.12 10.90
C ILE F 570 26.71 -4.71 10.37
N PHE F 571 26.62 -5.57 9.36
CA PHE F 571 27.83 -6.14 8.78
C PHE F 571 28.74 -5.05 8.26
N ASP F 572 28.17 -4.06 7.57
CA ASP F 572 28.98 -2.94 7.08
C ASP F 572 29.75 -2.30 8.22
N LYS F 573 29.11 -2.17 9.39
CA LYS F 573 29.80 -1.59 10.53
C LYS F 573 30.99 -2.44 10.93
N ALA F 574 30.82 -3.76 10.96
CA ALA F 574 31.94 -4.64 11.25
C ALA F 574 33.03 -4.49 10.20
N ARG F 575 32.67 -4.10 8.98
CA ARG F 575 33.68 -3.86 7.96
C ARG F 575 34.45 -2.58 8.23
N GLN F 576 33.81 -1.58 8.84
CA GLN F 576 34.51 -0.34 9.17
C GLN F 576 35.37 -0.51 10.42
N SER F 577 34.92 -1.32 11.38
CA SER F 577 35.57 -1.45 12.67
C SER F 577 36.52 -2.63 12.74
N ALA F 578 36.98 -3.12 11.60
CA ALA F 578 37.89 -4.25 11.59
C ALA F 578 39.17 -3.88 12.35
N PRO F 579 39.68 -4.76 13.22
CA PRO F 579 39.18 -6.10 13.55
C PRO F 579 37.90 -6.06 14.38
N CYS F 580 37.03 -7.05 14.24
CA CYS F 580 35.73 -7.03 14.90
C CYS F 580 35.32 -8.45 15.24
N VAL F 581 34.41 -8.56 16.20
CA VAL F 581 33.83 -9.83 16.63
C VAL F 581 32.32 -9.62 16.66
N LEU F 582 31.65 -9.99 15.58
CA LEU F 582 30.21 -9.77 15.43
C LEU F 582 29.46 -10.97 16.02
N PHE F 583 28.89 -10.77 17.20
CA PHE F 583 28.23 -11.84 17.95
C PHE F 583 26.73 -11.81 17.69
N PHE F 584 26.16 -12.99 17.47
CA PHE F 584 24.73 -13.16 17.22
C PHE F 584 24.15 -14.02 18.34
N ASP F 585 23.75 -13.37 19.43
CA ASP F 585 23.10 -14.06 20.52
C ASP F 585 21.63 -14.33 20.17
N GLU F 586 21.05 -15.30 20.86
CA GLU F 586 19.64 -15.65 20.69
C GLU F 586 19.34 -15.99 19.23
N LEU F 587 20.15 -16.89 18.68
CA LEU F 587 19.94 -17.40 17.34
C LEU F 587 18.81 -18.41 17.27
N ASP F 588 18.29 -18.84 18.41
CA ASP F 588 17.20 -19.82 18.44
C ASP F 588 15.88 -19.22 18.00
N SER F 589 15.78 -17.90 17.85
CA SER F 589 14.54 -17.25 17.47
C SER F 589 14.48 -16.86 16.00
N ILE F 590 15.63 -16.73 15.34
CA ILE F 590 15.69 -16.32 13.94
C ILE F 590 16.18 -17.44 13.05
N ALA F 591 17.16 -18.22 13.51
CA ALA F 591 17.73 -19.32 12.75
C ALA F 591 16.91 -20.59 12.87
N THR F 592 15.65 -20.50 13.25
CA THR F 592 14.81 -21.68 13.33
C THR F 592 14.74 -22.37 11.98
N GLN F 593 14.84 -23.70 12.00
CA GLN F 593 14.81 -24.47 10.76
C GLN F 593 13.53 -24.17 9.99
N ARG F 594 13.68 -23.96 8.67
CA ARG F 594 12.53 -23.69 7.82
C ARG F 594 11.52 -24.83 7.93
N GLY F 595 10.35 -24.54 8.48
CA GLY F 595 9.31 -25.53 8.64
C GLY F 595 9.44 -26.36 9.89
N GLY F 596 10.47 -27.21 9.96
CA GLY F 596 10.61 -28.11 11.09
C GLY F 596 10.80 -27.38 12.41
N GLY F 597 11.72 -26.40 12.42
CA GLY F 597 12.03 -25.69 13.65
C GLY F 597 11.37 -24.33 13.75
N SER F 598 10.81 -23.85 12.65
CA SER F 598 10.24 -22.50 12.62
C SER F 598 8.82 -22.55 13.18
N GLY F 599 8.54 -21.66 14.14
CA GLY F 599 7.24 -21.64 14.78
C GLY F 599 6.15 -21.03 13.94
N GLY F 600 6.51 -20.17 12.98
CA GLY F 600 5.51 -19.49 12.17
C GLY F 600 5.69 -19.74 10.68
N ASP F 601 4.74 -20.45 10.08
CA ASP F 601 4.77 -20.65 8.63
C ASP F 601 4.60 -19.32 7.91
N GLY F 602 3.68 -18.48 8.37
CA GLY F 602 3.47 -17.16 7.81
C GLY F 602 4.40 -16.11 8.34
N GLY F 603 5.25 -16.44 9.30
CA GLY F 603 6.21 -15.49 9.84
C GLY F 603 7.45 -15.39 8.98
N GLY F 604 7.33 -14.69 7.85
CA GLY F 604 8.43 -14.56 6.93
C GLY F 604 9.62 -13.77 7.46
N ALA F 605 9.46 -13.11 8.61
CA ALA F 605 10.56 -12.33 9.16
C ALA F 605 11.76 -13.21 9.49
N ALA F 606 11.51 -14.37 10.10
CA ALA F 606 12.62 -15.24 10.51
C ALA F 606 13.39 -15.74 9.30
N ASP F 607 12.68 -16.26 8.29
CA ASP F 607 13.35 -16.76 7.10
C ASP F 607 14.05 -15.65 6.35
N ARG F 608 13.42 -14.48 6.26
CA ARG F 608 14.04 -13.35 5.57
C ARG F 608 15.34 -12.96 6.25
N VAL F 609 15.33 -12.85 7.57
CA VAL F 609 16.53 -12.45 8.30
C VAL F 609 17.60 -13.52 8.18
N LEU F 610 17.20 -14.79 8.23
CA LEU F 610 18.18 -15.87 8.10
C LEU F 610 18.84 -15.82 6.73
N ASN F 611 18.06 -15.61 5.67
CA ASN F 611 18.64 -15.53 4.33
C ASN F 611 19.55 -14.33 4.19
N GLN F 612 19.16 -13.20 4.78
CA GLN F 612 20.04 -12.03 4.77
C GLN F 612 21.35 -12.32 5.47
N LEU F 613 21.29 -12.98 6.62
CA LEU F 613 22.52 -13.34 7.33
C LEU F 613 23.39 -14.25 6.50
N LEU F 614 22.78 -15.24 5.85
CA LEU F 614 23.56 -16.17 5.03
C LEU F 614 24.24 -15.42 3.88
N THR F 615 23.50 -14.56 3.20
CA THR F 615 24.09 -13.79 2.11
C THR F 615 25.24 -12.93 2.59
N GLU F 616 25.04 -12.22 3.71
CA GLU F 616 26.08 -11.32 4.20
C GLU F 616 27.31 -12.08 4.67
N MET F 617 27.12 -13.22 5.33
CA MET F 617 28.27 -14.02 5.74
C MET F 617 28.99 -14.61 4.54
N ASP F 618 28.27 -14.91 3.46
CA ASP F 618 28.94 -15.27 2.21
C ASP F 618 29.77 -14.11 1.70
N GLY F 619 29.24 -12.89 1.79
CA GLY F 619 29.97 -11.72 1.35
C GLY F 619 31.05 -11.24 2.29
N MET F 620 31.11 -11.79 3.49
CA MET F 620 32.06 -11.35 4.51
C MET F 620 33.32 -12.19 4.56
N ASN F 621 33.39 -13.29 3.80
CA ASN F 621 34.57 -14.15 3.85
C ASN F 621 35.82 -13.40 3.39
N ALA F 622 35.67 -12.50 2.41
CA ALA F 622 36.81 -11.78 1.88
C ALA F 622 37.50 -10.96 2.97
N LYS F 623 36.71 -10.26 3.79
CA LYS F 623 37.27 -9.44 4.85
C LYS F 623 38.04 -10.30 5.84
N LYS F 624 39.37 -10.16 5.85
CA LYS F 624 40.21 -11.04 6.64
C LYS F 624 39.97 -10.87 8.14
N THR F 625 39.77 -9.64 8.59
CA THR F 625 39.78 -9.31 10.01
C THR F 625 38.38 -9.11 10.57
N VAL F 626 37.40 -9.89 10.13
CA VAL F 626 36.07 -9.90 10.72
C VAL F 626 35.74 -11.34 11.09
N PHE F 627 35.45 -11.56 12.37
CA PHE F 627 35.08 -12.86 12.88
C PHE F 627 33.64 -12.84 13.37
N ILE F 628 32.86 -13.80 12.90
CA ILE F 628 31.44 -13.88 13.20
C ILE F 628 31.23 -15.05 14.16
N ILE F 629 30.61 -14.79 15.29
CA ILE F 629 30.35 -15.78 16.31
C ILE F 629 28.85 -15.86 16.53
N GLY F 630 28.35 -17.06 16.82
CA GLY F 630 26.95 -17.29 17.10
C GLY F 630 26.77 -17.90 18.47
N ALA F 631 25.51 -18.03 18.87
CA ALA F 631 25.16 -18.62 20.15
C ALA F 631 23.70 -19.02 20.13
N THR F 632 23.43 -20.30 20.36
CA THR F 632 22.08 -20.81 20.38
C THR F 632 21.94 -21.85 21.49
N ASN F 633 20.87 -21.74 22.26
CA ASN F 633 20.52 -22.69 23.29
C ASN F 633 19.56 -23.76 22.78
N ARG F 634 19.25 -23.74 21.49
CA ARG F 634 18.40 -24.75 20.85
C ARG F 634 19.12 -25.24 19.61
N PRO F 635 20.23 -25.96 19.79
CA PRO F 635 21.00 -26.40 18.62
C PRO F 635 20.23 -27.32 17.69
N ASP F 636 19.22 -28.02 18.19
CA ASP F 636 18.46 -28.93 17.34
C ASP F 636 17.72 -28.16 16.25
N ILE F 637 17.15 -26.99 16.58
CA ILE F 637 16.36 -26.23 15.63
C ILE F 637 17.18 -25.21 14.86
N ILE F 638 18.50 -25.19 15.04
CA ILE F 638 19.33 -24.25 14.30
C ILE F 638 19.41 -24.69 12.84
N ASP F 639 19.23 -23.74 11.94
CA ASP F 639 19.22 -24.07 10.51
C ASP F 639 20.60 -24.55 10.09
N SER F 640 20.62 -25.66 9.34
CA SER F 640 21.89 -26.25 8.96
C SER F 640 22.65 -25.38 7.95
N ALA F 641 21.98 -24.43 7.30
CA ALA F 641 22.68 -23.55 6.37
C ALA F 641 23.79 -22.78 7.05
N LEU F 642 23.60 -22.42 8.32
CA LEU F 642 24.63 -21.71 9.07
C LEU F 642 25.84 -22.59 9.37
N LEU F 643 25.74 -23.90 9.17
CA LEU F 643 26.84 -24.81 9.46
C LEU F 643 27.74 -25.03 8.24
N ARG F 644 27.43 -24.41 7.11
CA ARG F 644 28.24 -24.58 5.92
C ARG F 644 29.60 -23.92 6.11
N PRO F 645 30.66 -24.50 5.53
CA PRO F 645 31.97 -23.84 5.60
C PRO F 645 31.92 -22.43 5.02
N GLY F 646 32.69 -21.55 5.63
CA GLY F 646 32.61 -20.11 5.35
C GLY F 646 31.67 -19.43 6.30
N ARG F 647 30.50 -20.04 6.52
CA ARG F 647 29.57 -19.60 7.55
C ARG F 647 29.96 -20.21 8.89
N LEU F 648 29.07 -20.16 9.87
CA LEU F 648 29.37 -20.58 11.23
C LEU F 648 29.53 -22.09 11.28
N ASP F 649 30.75 -22.54 10.98
CA ASP F 649 31.04 -23.97 10.87
C ASP F 649 31.85 -24.52 12.04
N GLN F 650 32.57 -23.68 12.77
CA GLN F 650 33.34 -24.14 13.92
C GLN F 650 32.38 -24.29 15.10
N LEU F 651 31.85 -25.50 15.26
CA LEU F 651 30.98 -25.81 16.39
C LEU F 651 31.80 -25.94 17.66
N ILE F 652 31.33 -25.29 18.74
CA ILE F 652 31.99 -25.36 20.03
C ILE F 652 30.93 -25.63 21.09
N TYR F 653 31.11 -26.71 21.84
CA TYR F 653 30.17 -27.12 22.87
C TYR F 653 30.65 -26.61 24.21
N ILE F 654 29.77 -25.91 24.94
CA ILE F 654 30.09 -25.36 26.25
C ILE F 654 29.27 -26.14 27.28
N PRO F 655 29.90 -27.02 28.07
CA PRO F 655 29.11 -27.90 28.94
C PRO F 655 28.75 -27.25 30.27
N LEU F 656 27.95 -27.93 31.07
CA LEU F 656 27.64 -27.44 32.40
C LEU F 656 28.89 -27.53 33.27
N PRO F 657 29.16 -26.53 34.11
CA PRO F 657 30.39 -26.55 34.91
C PRO F 657 30.44 -27.75 35.85
N ASP F 658 31.64 -28.31 35.99
CA ASP F 658 31.90 -29.39 36.93
C ASP F 658 32.06 -28.79 38.32
N GLU F 659 32.56 -29.58 39.27
CA GLU F 659 32.76 -29.07 40.64
C GLU F 659 33.76 -27.92 40.64
N ASP F 660 34.91 -28.11 40.00
CA ASP F 660 35.91 -27.06 39.96
C ASP F 660 35.40 -25.84 39.22
N SER F 661 34.68 -26.06 38.11
CA SER F 661 34.11 -24.94 37.37
C SER F 661 33.10 -24.19 38.23
N ARG F 662 32.30 -24.92 39.02
CA ARG F 662 31.35 -24.27 39.90
C ARG F 662 32.05 -23.45 40.97
N LEU F 663 33.14 -23.97 41.52
CA LEU F 663 33.92 -23.21 42.48
C LEU F 663 34.45 -21.92 41.85
N ASN F 664 34.96 -22.03 40.62
CA ASN F 664 35.47 -20.85 39.94
C ASN F 664 34.36 -19.84 39.67
N ILE F 665 33.18 -20.32 39.29
CA ILE F 665 32.05 -19.42 39.05
C ILE F 665 31.63 -18.73 40.34
N PHE F 666 31.59 -19.46 41.44
CA PHE F 666 31.26 -18.85 42.73
C PHE F 666 32.27 -17.78 43.09
N LYS F 667 33.56 -18.07 42.88
CA LYS F 667 34.59 -17.06 43.16
C LYS F 667 34.41 -15.84 42.29
N ALA F 668 34.11 -16.04 41.00
CA ALA F 668 33.92 -14.91 40.10
C ALA F 668 32.72 -14.07 40.51
N ALA F 669 31.59 -14.70 40.81
CA ALA F 669 30.39 -13.97 41.21
C ALA F 669 30.57 -13.23 42.53
N LEU F 670 31.22 -13.86 43.51
CA LEU F 670 31.46 -13.24 44.79
C LEU F 670 32.60 -12.24 44.76
N ARG F 671 33.33 -12.17 43.65
CA ARG F 671 34.39 -11.18 43.52
C ARG F 671 33.81 -9.77 43.61
N LYS F 672 34.58 -8.86 44.22
CA LYS F 672 34.14 -7.49 44.48
C LYS F 672 32.92 -7.44 45.39
N SER F 673 32.80 -8.42 46.28
CA SER F 673 31.74 -8.44 47.28
C SER F 673 32.31 -8.90 48.61
N PRO F 674 31.79 -8.40 49.74
CA PRO F 674 32.25 -8.86 51.04
C PRO F 674 31.63 -10.21 51.39
N ILE F 675 32.48 -11.17 51.74
CA ILE F 675 32.04 -12.53 52.08
C ILE F 675 32.69 -12.93 53.40
N ALA F 676 31.91 -13.57 54.25
CA ALA F 676 32.41 -14.02 55.54
C ALA F 676 33.42 -15.14 55.37
N LYS F 677 34.33 -15.25 56.34
CA LYS F 677 35.37 -16.27 56.28
C LYS F 677 34.82 -17.66 56.55
N ASP F 678 33.74 -17.75 57.35
CA ASP F 678 33.14 -19.04 57.66
C ASP F 678 32.51 -19.71 56.44
N VAL F 679 32.33 -18.98 55.35
CA VAL F 679 31.70 -19.53 54.15
C VAL F 679 32.75 -20.36 53.40
N ASP F 680 32.50 -21.67 53.29
CA ASP F 680 33.40 -22.58 52.58
C ASP F 680 32.89 -22.70 51.15
N ILE F 681 33.45 -21.86 50.27
CA ILE F 681 33.02 -21.85 48.87
C ILE F 681 33.27 -23.20 48.23
N GLY F 682 34.28 -23.93 48.70
CA GLY F 682 34.48 -25.28 48.21
C GLY F 682 33.30 -26.20 48.50
N ALA F 683 32.72 -26.05 49.69
CA ALA F 683 31.52 -26.83 50.01
C ALA F 683 30.36 -26.45 49.11
N LEU F 684 30.18 -25.15 48.85
CA LEU F 684 29.12 -24.72 47.95
C LEU F 684 29.31 -25.31 46.56
N ALA F 685 30.54 -25.30 46.06
CA ALA F 685 30.82 -25.92 44.77
C ALA F 685 30.53 -27.41 44.79
N LYS F 686 30.82 -28.06 45.91
CA LYS F 686 30.53 -29.48 46.04
C LYS F 686 29.05 -29.73 45.80
N TYR F 687 28.71 -30.98 45.49
CA TYR F 687 27.38 -31.33 45.00
C TYR F 687 26.92 -30.23 44.04
N THR F 688 25.64 -29.83 44.12
CA THR F 688 25.13 -28.76 43.27
C THR F 688 25.35 -29.09 41.79
N GLN F 689 25.11 -30.35 41.44
CA GLN F 689 25.30 -30.80 40.07
C GLN F 689 24.23 -30.21 39.16
N GLY F 690 24.61 -30.00 37.90
CA GLY F 690 23.69 -29.47 36.91
C GLY F 690 23.23 -28.06 37.19
N PHE F 691 24.12 -27.22 37.73
CA PHE F 691 23.80 -25.83 38.04
C PHE F 691 24.58 -24.93 37.09
N SER F 692 23.86 -24.15 36.31
CA SER F 692 24.50 -23.21 35.39
C SER F 692 25.03 -22.00 36.15
N GLY F 693 25.87 -21.22 35.47
CA GLY F 693 26.43 -20.03 36.08
C GLY F 693 25.37 -19.03 36.48
N ALA F 694 24.29 -18.95 35.70
CA ALA F 694 23.20 -18.03 36.04
C ALA F 694 22.56 -18.40 37.36
N ASP F 695 22.34 -19.70 37.60
CA ASP F 695 21.78 -20.13 38.87
C ASP F 695 22.70 -19.76 40.02
N ILE F 696 24.02 -19.94 39.83
CA ILE F 696 24.97 -19.61 40.87
C ILE F 696 24.97 -18.11 41.15
N THR F 697 24.84 -17.28 40.11
CA THR F 697 24.75 -15.85 40.33
C THR F 697 23.47 -15.47 41.06
N GLU F 698 22.35 -16.12 40.71
CA GLU F 698 21.11 -15.87 41.43
C GLU F 698 21.21 -16.28 42.89
N ILE F 699 21.95 -17.36 43.18
CA ILE F 699 22.18 -17.75 44.56
C ILE F 699 22.85 -16.62 45.34
N CYS F 700 23.91 -16.06 44.77
CA CYS F 700 24.61 -14.96 45.42
C CYS F 700 23.70 -13.74 45.58
N GLN F 701 22.89 -13.45 44.55
CA GLN F 701 22.00 -12.31 44.63
C GLN F 701 20.98 -12.47 45.75
N ARG F 702 20.41 -13.67 45.88
CA ARG F 702 19.42 -13.90 46.94
C ARG F 702 20.07 -13.87 48.31
N ALA F 703 21.27 -14.43 48.43
CA ALA F 703 21.99 -14.33 49.69
C ALA F 703 22.26 -12.88 50.07
N CYS F 704 22.66 -12.07 49.09
CA CYS F 704 22.88 -10.65 49.35
C CYS F 704 21.59 -9.95 49.73
N LYS F 705 20.47 -10.33 49.11
CA LYS F 705 19.19 -9.76 49.49
C LYS F 705 18.87 -10.07 50.95
N TYR F 706 19.11 -11.31 51.37
CA TYR F 706 18.88 -11.68 52.76
C TYR F 706 19.78 -10.89 53.70
N ALA F 707 21.05 -10.72 53.32
CA ALA F 707 21.96 -9.93 54.14
C ALA F 707 21.50 -8.49 54.25
N ILE F 708 21.02 -7.93 53.14
CA ILE F 708 20.51 -6.56 53.15
C ILE F 708 19.31 -6.45 54.07
N ARG F 709 18.41 -7.44 54.01
CA ARG F 709 17.26 -7.41 54.91
C ARG F 709 17.69 -7.44 56.36
N GLU F 710 18.68 -8.28 56.68
CA GLU F 710 19.16 -8.35 58.05
C GLU F 710 19.78 -7.02 58.49
N ASN F 711 20.58 -6.40 57.62
CA ASN F 711 21.18 -5.12 57.97
C ASN F 711 20.12 -4.05 58.17
N ILE F 712 19.10 -4.03 57.31
CA ILE F 712 18.02 -3.06 57.45
C ILE F 712 17.29 -3.27 58.77
N GLU F 713 17.00 -4.52 59.11
CA GLU F 713 16.32 -4.79 60.38
C GLU F 713 17.17 -4.37 61.56
N LYS F 714 18.48 -4.62 61.51
CA LYS F 714 19.36 -4.22 62.59
C LYS F 714 19.42 -2.70 62.71
N ASP F 715 19.47 -1.99 61.59
CA ASP F 715 19.45 -0.52 61.64
C ASP F 715 18.15 -0.01 62.23
N ILE F 716 17.03 -0.64 61.87
CA ILE F 716 15.74 -0.24 62.43
C ILE F 716 15.72 -0.47 63.94
N GLU F 717 16.26 -1.61 64.38
CA GLU F 717 16.31 -1.88 65.82
C GLU F 717 17.19 -0.87 66.53
N LYS F 718 18.32 -0.50 65.92
CA LYS F 718 19.17 0.53 66.49
C LYS F 718 18.43 1.85 66.61
N GLU F 719 17.68 2.23 65.58
CA GLU F 719 16.91 3.46 65.63
C GLU F 719 15.87 3.41 66.73
N LYS F 720 15.20 2.27 66.88
CA LYS F 720 14.20 2.12 67.95
C LYS F 720 14.86 2.25 69.32
N ARG F 721 16.01 1.59 69.50
CA ARG F 721 16.72 1.69 70.78
C ARG F 721 17.10 3.14 71.07
N ARG F 722 17.57 3.86 70.05
CA ARG F 722 17.90 5.26 70.24
C ARG F 722 16.66 6.07 70.61
N SER F 723 15.53 5.79 69.96
CA SER F 723 14.31 6.54 70.25
C SER F 723 13.86 6.31 71.69
N GLU F 724 13.95 5.06 72.16
CA GLU F 724 13.57 4.78 73.55
C GLU F 724 14.46 5.54 74.52
N ASN F 725 15.77 5.56 74.27
CA ASN F 725 16.73 6.26 75.13
C ASN F 725 17.69 7.06 74.26
N PRO F 726 17.26 8.24 73.79
CA PRO F 726 18.16 9.05 72.95
C PRO F 726 19.43 9.49 73.65
N GLU F 727 19.44 9.50 74.98
CA GLU F 727 20.61 9.91 75.74
C GLU F 727 21.59 8.78 75.98
N ALA F 728 21.33 7.59 75.43
CA ALA F 728 22.21 6.46 75.64
C ALA F 728 23.58 6.70 75.00
N MET F 729 24.58 6.03 75.54
CA MET F 729 25.94 6.16 75.02
C MET F 729 25.98 5.78 73.54
N GLU F 730 26.67 6.61 72.75
CA GLU F 730 26.82 6.37 71.32
C GLU F 730 27.98 5.41 71.11
N GLU F 731 27.67 4.14 70.85
CA GLU F 731 28.70 3.12 70.63
C GLU F 731 29.14 3.19 69.17
N ASP F 732 30.01 4.17 68.89
CA ASP F 732 30.51 4.40 67.53
C ASP F 732 31.70 3.45 67.29
N GLY F 733 31.36 2.18 67.04
CA GLY F 733 32.36 1.18 66.76
C GLY F 733 32.55 0.97 65.26
N VAL F 734 32.51 2.07 64.51
CA VAL F 734 32.66 2.03 63.05
C VAL F 734 31.45 1.33 62.45
N ASP F 735 31.15 1.63 61.19
CA ASP F 735 30.02 1.01 60.53
C ASP F 735 30.22 -0.49 60.42
N GLU F 736 29.16 -1.25 60.67
CA GLU F 736 29.26 -2.70 60.64
C GLU F 736 29.72 -3.17 59.27
N VAL F 737 30.70 -4.07 59.26
CA VAL F 737 31.24 -4.62 58.02
C VAL F 737 30.35 -5.78 57.57
N SER F 738 29.37 -5.48 56.73
CA SER F 738 28.42 -6.49 56.29
C SER F 738 29.11 -7.53 55.42
N GLU F 739 28.92 -8.80 55.77
CA GLU F 739 29.47 -9.91 55.01
C GLU F 739 28.41 -10.99 54.87
N ILE F 740 28.46 -11.70 53.75
CA ILE F 740 27.48 -12.75 53.47
C ILE F 740 27.78 -13.94 54.37
N LYS F 741 26.97 -14.12 55.42
CA LYS F 741 27.18 -15.19 56.36
C LYS F 741 26.70 -16.52 55.77
N ALA F 742 27.17 -17.60 56.40
CA ALA F 742 26.82 -18.93 55.90
C ALA F 742 25.32 -19.19 55.96
N ALA F 743 24.62 -18.56 56.91
CA ALA F 743 23.18 -18.73 57.00
C ALA F 743 22.49 -18.17 55.76
N HIS F 744 22.95 -17.03 55.26
CA HIS F 744 22.37 -16.46 54.05
C HIS F 744 22.55 -17.40 52.87
N PHE F 745 23.74 -17.99 52.74
CA PHE F 745 23.97 -18.95 51.67
C PHE F 745 23.08 -20.19 51.84
N GLU F 746 22.90 -20.65 53.07
CA GLU F 746 22.03 -21.79 53.30
C GLU F 746 20.61 -21.48 52.86
N GLU F 747 20.10 -20.30 53.23
CA GLU F 747 18.75 -19.92 52.81
C GLU F 747 18.65 -19.81 51.30
N SER F 748 19.65 -19.19 50.66
CA SER F 748 19.62 -19.06 49.21
C SER F 748 19.62 -20.41 48.52
N MET F 749 20.44 -21.34 49.01
CA MET F 749 20.43 -22.69 48.46
C MET F 749 19.09 -23.37 48.68
N LYS F 750 18.49 -23.15 49.86
CA LYS F 750 17.18 -23.73 50.14
C LYS F 750 16.15 -23.24 49.14
N TYR F 751 16.15 -21.96 48.83
CA TYR F 751 15.22 -21.40 47.85
C TYR F 751 15.75 -21.47 46.43
N ALA F 752 16.97 -21.97 46.23
CA ALA F 752 17.54 -22.09 44.90
C ALA F 752 17.11 -23.39 44.24
N ARG F 753 17.32 -23.46 42.93
CA ARG F 753 16.84 -24.59 42.15
C ARG F 753 17.60 -24.64 40.83
N ARG F 754 17.51 -25.79 40.16
CA ARG F 754 18.23 -26.02 38.93
C ARG F 754 17.50 -25.42 37.75
N SER F 755 18.26 -25.06 36.71
CA SER F 755 17.70 -24.51 35.49
C SER F 755 17.92 -25.40 34.27
N VAL F 756 18.61 -26.54 34.43
CA VAL F 756 18.87 -27.46 33.33
C VAL F 756 18.64 -28.87 33.86
N SER F 757 17.66 -29.58 33.27
CA SER F 757 17.38 -30.94 33.65
C SER F 757 18.41 -31.89 33.04
N ASP F 758 18.62 -33.03 33.72
CA ASP F 758 19.57 -34.02 33.22
C ASP F 758 19.19 -34.51 31.84
N ALA F 759 17.89 -34.54 31.52
CA ALA F 759 17.48 -34.90 30.17
C ALA F 759 18.05 -33.93 29.15
N ASP F 760 18.00 -32.63 29.46
CA ASP F 760 18.62 -31.64 28.57
C ASP F 760 20.12 -31.85 28.48
N ILE F 761 20.76 -32.21 29.58
CA ILE F 761 22.21 -32.44 29.56
C ILE F 761 22.56 -33.57 28.61
N ARG F 762 21.84 -34.69 28.73
CA ARG F 762 22.12 -35.83 27.86
C ARG F 762 21.78 -35.51 26.41
N LYS F 763 20.73 -34.73 26.17
CA LYS F 763 20.40 -34.36 24.79
C LYS F 763 21.50 -33.47 24.20
N TYR F 764 22.04 -32.55 24.99
CA TYR F 764 23.15 -31.73 24.52
C TYR F 764 24.37 -32.59 24.21
N GLN F 765 24.67 -33.55 25.08
CA GLN F 765 25.78 -34.46 24.81
C GLN F 765 25.54 -35.24 23.53
N ALA F 766 24.31 -35.68 23.30
CA ALA F 766 23.99 -36.38 22.05
C ALA F 766 24.20 -35.49 20.84
N PHE F 767 23.77 -34.22 20.93
CA PHE F 767 23.98 -33.29 19.84
C PHE F 767 25.41 -32.82 19.73
N ALA F 768 26.27 -33.17 20.68
CA ALA F 768 27.69 -32.88 20.57
C ALA F 768 28.34 -33.63 19.41
N GLN F 769 27.68 -34.65 18.86
CA GLN F 769 28.19 -35.39 17.72
C GLN F 769 27.17 -35.46 16.58
N THR F 770 26.04 -34.77 16.71
CA THR F 770 24.97 -34.83 15.72
C THR F 770 24.55 -33.47 15.18
N LEU F 771 24.92 -32.37 15.83
CA LEU F 771 24.51 -31.05 15.35
C LEU F 771 25.07 -30.77 13.97
N GLN F 772 26.35 -31.11 13.74
CA GLN F 772 26.95 -30.89 12.44
C GLN F 772 26.22 -31.68 11.35
N GLN F 773 25.64 -32.82 11.70
CA GLN F 773 24.96 -33.69 10.73
C GLN F 773 23.51 -33.23 10.57
N SER F 774 23.37 -32.02 10.01
CA SER F 774 22.06 -31.46 9.73
C SER F 774 21.99 -30.89 8.32
N ARG F 775 23.15 -30.51 7.77
CA ARG F 775 23.18 -29.95 6.43
C ARG F 775 22.74 -30.98 5.40
N GLY F 776 23.15 -32.24 5.57
CA GLY F 776 22.67 -33.31 4.72
C GLY F 776 21.29 -33.77 5.15
N PHE F 777 21.04 -35.07 5.09
CA PHE F 777 19.77 -35.60 5.58
C PHE F 777 19.70 -35.45 7.09
N GLY F 778 18.54 -35.03 7.57
CA GLY F 778 18.32 -34.80 8.98
C GLY F 778 17.30 -33.69 9.18
N SER F 779 17.40 -33.03 10.32
CA SER F 779 16.55 -31.92 10.75
C SER F 779 15.19 -32.41 11.25
N GLU F 780 14.92 -33.71 11.23
CA GLU F 780 13.66 -34.23 11.74
C GLU F 780 13.86 -34.86 13.11
PG ANP G . 27.12 -27.54 1.00
O1G ANP G . 25.97 -27.08 0.09
O2G ANP G . 27.62 -26.49 1.98
O3G ANP G . 26.90 -28.92 1.60
PB ANP G . 28.65 -28.61 -1.48
O1B ANP G . 28.01 -29.96 -1.30
O2B ANP G . 28.38 -27.79 -2.70
N3B ANP G . 28.55 -27.72 -0.07
PA ANP G . 31.44 -27.96 -2.07
O1A ANP G . 31.80 -28.22 -3.50
O2A ANP G . 31.13 -26.54 -1.63
O3A ANP G . 30.31 -28.95 -1.52
O5' ANP G . 32.72 -28.54 -1.19
C5' ANP G . 33.14 -27.91 -0.01
C4' ANP G . 34.65 -27.92 0.15
O4' ANP G . 35.12 -29.23 0.46
C3' ANP G . 35.43 -27.52 -1.11
O3' ANP G . 35.47 -26.16 -1.34
C2' ANP G . 36.78 -28.18 -0.84
O2' ANP G . 37.49 -27.40 0.08
C1' ANP G . 36.31 -29.50 -0.21
N9 ANP G . 36.05 -30.54 -1.19
C8 ANP G . 34.86 -31.13 -1.49
N7 ANP G . 34.95 -32.05 -2.41
C5 ANP G . 36.27 -32.06 -2.74
C6 ANP G . 37.02 -32.80 -3.66
N6 ANP G . 36.48 -33.74 -4.45
N1 ANP G . 38.34 -32.57 -3.73
C2 ANP G . 38.88 -31.64 -2.95
N3 ANP G . 38.28 -30.87 -2.05
C4 ANP G . 36.98 -31.13 -1.98
HNB1 ANP G . 29.30 -27.73 0.39
H5'1 ANP G . 32.77 -28.33 0.78
H5'2 ANP G . 32.83 -26.99 -0.01
H4' ANP G . 34.87 -27.32 0.88
H3' ANP G . 35.06 -27.99 -1.86
HO3' ANP G . 35.66 -25.84 -0.58
H2' ANP G . 37.29 -28.33 -1.65
HO2' ANP G . 38.25 -27.76 0.21
H1' ANP G . 36.97 -29.85 0.40
H8 ANP G . 34.07 -30.89 -1.06
HN61 ANP G . 35.61 -33.92 -4.40
HN62 ANP G . 36.98 -34.20 -5.03
H2 ANP G . 39.79 -31.52 -3.05
PG ANP H . 27.79 6.59 -12.40
O1G ANP H . 27.37 5.12 -12.45
O2G ANP H . 27.56 7.37 -13.69
O3G ANP H . 27.35 7.31 -11.13
PB ANP H . 30.61 6.36 -13.63
O1B ANP H . 30.72 4.90 -13.96
O2B ANP H . 30.38 7.36 -14.72
N3B ANP H . 29.58 6.58 -12.32
PA ANP H . 33.53 6.62 -13.77
O1A ANP H . 33.55 5.48 -14.73
O2A ANP H . 33.99 7.99 -14.20
O3A ANP H . 32.13 6.74 -12.98
O5' ANP H . 34.46 6.09 -12.52
C5' ANP H . 35.30 6.97 -11.82
C4' ANP H . 36.75 6.88 -12.26
O4' ANP H . 37.29 5.60 -11.96
C3' ANP H . 36.99 7.03 -13.76
O3' ANP H . 36.90 8.33 -14.22
C2' ANP H . 38.35 6.38 -13.92
O2' ANP H . 39.33 7.26 -13.45
C1' ANP H . 38.18 5.19 -12.95
N9 ANP H . 37.63 4.01 -13.60
C8 ANP H . 36.37 3.49 -13.48
N7 ANP H . 36.20 2.40 -14.17
C5 ANP H . 37.39 2.20 -14.79
C6 ANP H . 37.85 1.22 -15.67
N6 ANP H . 37.07 0.21 -16.09
N1 ANP H . 39.11 1.29 -16.11
C2 ANP H . 39.88 2.30 -15.69
N3 ANP H . 39.56 3.28 -14.86
C4 ANP H . 38.30 3.18 -14.45
HNB1 ANP H . 29.89 6.20 -11.59
H5'1 ANP H . 35.28 6.82 -10.87
H5'2 ANP H . 34.98 7.88 -11.96
H4' ANP H . 37.24 7.56 -11.79
H3' ANP H . 36.37 6.46 -14.22
HO3' ANP H . 37.39 8.76 -13.67
H2' ANP H . 38.53 6.08 -14.82
HO2' ANP H . 39.21 8.01 -13.82
H1' ANP H . 39.03 4.93 -12.57
H8 ANP H . 35.74 3.89 -12.94
HN61 ANP H . 37.33 -0.31 -16.77
HN62 ANP H . 36.30 0.03 -15.70
H2 ANP H . 40.74 2.30 -16.02
MG MG I . 25.46 -27.14 -3.10
MG MG J . 29.07 9.13 -14.76
PG ANP K . 5.62 -33.90 -17.72
O1G ANP K . 4.46 -32.96 -17.36
O2G ANP K . 7.00 -33.25 -17.72
O3G ANP K . 5.56 -35.26 -17.01
PB ANP K . 4.06 -34.89 -20.21
O1B ANP K . 3.45 -36.00 -19.40
O2B ANP K . 3.20 -33.82 -20.79
N3B ANP K . 5.42 -34.29 -19.46
PA ANP K . 5.19 -34.99 -22.91
O1A ANP K . 4.13 -35.08 -23.96
O2A ANP K . 5.84 -33.65 -22.60
O3A ANP K . 4.74 -35.70 -21.54
O5' ANP K . 6.35 -36.08 -23.37
C5' ANP K . 7.71 -35.85 -23.13
C4' ANP K . 8.59 -36.31 -24.27
O4' ANP K . 8.67 -37.75 -24.29
C3' ANP K . 8.10 -35.94 -25.67
O3' ANP K . 8.36 -34.63 -26.03
C2' ANP K . 8.78 -37.00 -26.52
O2' ANP K . 10.12 -36.66 -26.69
C1' ANP K . 8.63 -38.22 -25.59
N9 ANP K . 7.38 -38.94 -25.79
C8 ANP K . 6.35 -39.09 -24.91
N7 ANP K . 5.37 -39.80 -25.37
C5 ANP K . 5.77 -40.14 -26.63
C6 ANP K . 5.17 -40.88 -27.65
N6 ANP K . 3.96 -41.45 -27.52
N1 ANP K . 5.83 -41.03 -28.80
C2 ANP K . 7.03 -40.47 -28.93
N3 ANP K . 7.69 -39.75 -28.05
C4 ANP K . 7.01 -39.61 -26.91
HNB1 ANP K . 6.16 -34.62 -19.81
H5'1 ANP K . 8.02 -36.27 -22.33
H5'2 ANP K . 7.84 -34.89 -23.00
H4' ANP K . 9.47 -35.95 -24.12
H3' ANP K . 7.15 -36.14 -25.72
HO3' ANP K . 9.18 -34.53 -25.79
H2' ANP K . 8.34 -37.14 -27.37
HO2' ANP K . 10.51 -37.24 -27.18
H1' ANP K . 9.35 -38.86 -25.74
H8 ANP K . 6.38 -38.71 -24.05
HN61 ANP K . 3.50 -41.37 -26.76
HN62 ANP K . 3.59 -41.91 -28.19
H2 ANP K . 7.45 -40.60 -29.75
PG ANP L . 6.08 0.38 -30.67
O1G ANP L . 5.36 -0.85 -30.14
O2G ANP L . 5.16 1.43 -31.32
O3G ANP L . 7.11 0.96 -29.71
PB ANP L . 6.43 -0.42 -33.61
O1B ANP L . 5.75 -1.76 -33.69
O2B ANP L . 5.75 0.80 -34.18
N3B ANP L . 7.03 -0.15 -32.09
PA ANP L . 7.86 -1.00 -36.11
O1A ANP L . 6.73 -1.90 -36.51
O2A ANP L . 8.18 0.22 -36.94
O3A ANP L . 7.84 -0.63 -34.54
O5' ANP L . 9.16 -2.02 -36.09
C5' ANP L . 10.43 -1.56 -36.51
C4' ANP L . 10.77 -2.00 -37.91
O4' ANP L . 10.88 -3.42 -38.01
C3' ANP L . 9.74 -1.64 -38.98
O3' ANP L . 9.74 -0.31 -39.35
C2' ANP L . 10.09 -2.62 -40.09
O2' ANP L . 11.24 -2.18 -40.75
C1' ANP L . 10.39 -3.87 -39.23
N9 ANP L . 9.23 -4.70 -38.98
C8 ANP L . 8.53 -4.84 -37.82
N7 ANP L . 7.53 -5.66 -37.91
C5 ANP L . 7.56 -6.09 -39.20
C6 ANP L . 6.77 -6.98 -39.93
N6 ANP L . 5.73 -7.63 -39.40
N1 ANP L . 7.08 -7.20 -41.21
C2 ANP L . 8.11 -6.57 -41.74
N3 ANP L . 8.94 -5.71 -41.17
C4 ANP L . 8.62 -5.51 -39.89
HNB1 ANP L . 7.65 -0.74 -31.86
H5'1 ANP L . 11.14 -1.88 -35.93
H5'2 ANP L . 10.45 -0.60 -36.45
H4' ANP L . 11.62 -1.60 -38.15
H3' ANP L . 8.86 -1.91 -38.66
HO3' ANP L . 10.56 -0.16 -39.50
H2' ANP L . 9.35 -2.78 -40.69
HO2' ANP L . 11.12 -1.37 -40.96
H1' ANP L . 11.05 -4.43 -39.68
H8 ANP L . 8.76 -4.37 -37.05
HN61 ANP L . 5.14 -8.05 -39.91
HN62 ANP L . 5.60 -7.64 -38.51
H2 ANP L . 8.29 -6.75 -42.64
MG MG M . 1.62 -32.28 -18.73
MG MG N . 5.64 2.84 -33.40
PG ANP O . -22.28 -30.05 -9.76
O1G ANP O . -22.27 -28.89 -8.75
O2G ANP O . -21.38 -29.84 -10.97
O3G ANP O . -22.17 -31.43 -9.12
PB ANP O . -25.37 -30.04 -9.75
O1B ANP O . -25.39 -31.06 -8.64
O2B ANP O . -25.93 -28.67 -9.53
N3B ANP O . -23.90 -30.02 -10.52
PA ANP O . -27.01 -29.95 -12.18
O1A ANP O . -28.41 -29.52 -11.90
O2A ANP O . -26.01 -28.95 -12.72
O3A ANP O . -26.35 -30.75 -10.94
O5' ANP O . -27.16 -31.22 -13.22
C5' ANP O . -26.20 -31.45 -14.23
C4' ANP O . -26.84 -31.94 -15.53
O4' ANP O . -27.27 -33.29 -15.39
C3' ANP O . -28.09 -31.17 -15.97
O3' ANP O . -27.82 -29.95 -16.57
C2' ANP O . -28.77 -32.20 -16.85
O2' ANP O . -28.12 -32.24 -18.09
C1' ANP O . -28.49 -33.47 -16.04
N9 ANP O . -29.50 -33.74 -15.02
C8 ANP O . -29.35 -33.75 -13.67
N7 ANP O . -30.44 -34.04 -13.03
C5 ANP O . -31.37 -34.24 -14.01
C6 ANP O . -32.73 -34.56 -13.99
N6 ANP O . -33.42 -34.76 -12.86
N1 ANP O . -33.36 -34.68 -15.16
C2 ANP O . -32.69 -34.48 -16.29
N3 ANP O . -31.42 -34.17 -16.43
C4 ANP O . -30.80 -34.05 -15.26
HNB1 ANP O . -23.92 -30.48 -11.28
H5'1 ANP O . -25.53 -32.09 -13.98
H5'2 ANP O . -25.74 -30.62 -14.41
H4' ANP O . -26.15 -31.88 -16.21
H3' ANP O . -28.66 -31.07 -15.21
HO3' ANP O . -27.19 -30.14 -17.12
H2' ANP O . -29.72 -32.04 -16.95
HO2' ANP O . -28.51 -32.81 -18.60
H1' ANP O . -28.46 -34.26 -16.61
H8 ANP O . -28.54 -33.57 -13.27
HN61 ANP O . -33.00 -34.70 -12.07
HN62 ANP O . -34.29 -34.97 -12.87
H2 ANP O . -33.19 -34.57 -17.08
PG ANP P . -21.49 4.41 -22.26
O1G ANP P . -21.82 3.36 -21.19
O2G ANP P . -22.13 5.77 -22.02
O3G ANP P . -20.01 4.46 -22.63
PB ANP P . -23.95 4.11 -24.08
O1B ANP P . -24.77 3.07 -23.39
O2B ANP P . -24.35 5.55 -24.03
N3B ANP P . -22.33 3.89 -23.75
PA ANP P . -25.42 3.62 -26.57
O1A ANP P . -26.58 3.18 -25.75
O2A ANP P . -25.54 4.83 -27.47
O3A ANP P . -24.05 3.67 -25.72
O5' ANP P . -25.08 2.28 -27.48
C5' ANP P . -24.63 2.40 -28.81
C4' ANP P . -25.73 2.17 -29.81
O4' ANP P . -26.21 0.83 -29.75
C3' ANP P . -26.99 3.01 -29.62
O3' ANP P . -26.87 4.33 -30.02
C2' ANP P . -28.02 2.21 -30.39
O2' ANP P . -27.84 2.41 -31.76
C1' ANP P . -27.59 0.78 -29.99
N9 ANP P . -28.24 0.30 -28.77
C8 ANP P . -27.69 0.15 -27.53
N7 ANP P . -28.52 -0.31 -26.65
C5 ANP P . -29.69 -0.48 -27.36
C6 ANP P . -30.96 -0.94 -26.99
N6 ANP P . -31.25 -1.34 -25.74
N1 ANP P . -31.89 -0.99 -27.93
C2 ANP P . -31.61 -0.60 -29.16
N3 ANP P . -30.46 -0.15 -29.62
C4 ANP P . -29.52 -0.11 -28.68
HNB1 ANP P . -22.02 3.11 -24.04
H5'1 ANP P . -23.91 1.80 -29.01
H5'2 ANP P . -24.28 3.30 -28.92
H4' ANP P . -25.37 2.34 -30.69
H3' ANP P . -27.25 2.96 -28.69
HO3' ANP P . -26.53 4.26 -30.80
H2' ANP P . -28.93 2.38 -30.12
HO2' ANP P . -27.80 3.24 -31.90
H1' ANP P . -27.79 0.15 -30.68
H8 ANP P . -26.81 0.37 -27.36
HN61 ANP P . -32.09 -1.47 -25.50
HN62 ANP P . -30.61 -1.47 -25.14
H2 ANP P . -32.30 -0.65 -29.78
MG MG Q . -24.58 -27.15 -7.30
MG MG R . -23.13 7.36 -23.77
PG ANP S . -28.60 -19.75 16.92
O1G ANP S . -27.41 -18.87 17.30
O2G ANP S . -29.06 -19.60 15.47
O3G ANP S . -28.47 -21.21 17.38
PB ANP S . -30.13 -18.85 19.44
O1B ANP S . -29.57 -20.01 20.21
O2B ANP S . -29.80 -17.44 19.83
N3B ANP S . -30.01 -19.11 17.80
PA ANP S . -32.88 -17.82 19.40
O1A ANP S . -33.22 -17.06 20.64
O2A ANP S . -32.50 -17.07 18.13
O3A ANP S . -31.82 -18.99 19.66
O5' ANP S . -34.20 -18.77 19.10
C5' ANP S . -34.62 -19.07 17.79
C4' ANP S . -36.12 -19.10 17.65
O4' ANP S . -36.66 -20.26 18.26
C3' ANP S . -36.86 -17.93 18.31
O3' ANP S . -36.83 -16.75 17.58
C2' ANP S . -38.24 -18.53 18.50
O2' ANP S . -38.93 -18.52 17.29
C1' ANP S . -37.85 -19.95 18.92
N9 ANP S . -37.63 -20.10 20.35
C8 ANP S . -36.46 -20.41 20.99
N7 ANP S . -36.59 -20.48 22.28
C5 ANP S . -37.91 -20.21 22.51
C6 ANP S . -38.68 -20.11 23.68
N6 ANP S . -38.17 -20.32 24.90
N1 ANP S . -39.97 -19.81 23.55
C2 ANP S . -40.48 -19.61 22.34
N3 ANP S . -39.87 -19.67 21.17
C4 ANP S . -38.57 -19.96 21.32
HNB1 ANP S . -30.78 -19.39 17.45
H5'1 ANP S . -34.27 -19.92 17.47
H5'2 ANP S . -34.25 -18.40 17.18
H4' ANP S . -36.31 -19.11 16.70
H3' ANP S . -36.49 -17.81 19.19
HO3' ANP S . -37.01 -17.00 16.78
H2' ANP S . -38.74 -18.08 19.20
HO2' ANP S . -39.71 -18.83 17.41
H1' ANP S . -38.55 -20.59 18.68
H8 ANP S . -35.67 -20.56 20.53
HN61 ANP S . -37.31 -20.53 25.00
HN62 ANP S . -38.68 -20.25 25.63
H2 ANP S . -41.38 -19.42 22.31
PG ANP T . -27.24 14.68 4.38
O1G ANP T . -26.88 13.59 5.41
O2G ANP T . -26.93 16.09 4.85
O3G ANP T . -26.78 14.36 2.96
PB ANP T . -30.03 15.46 5.40
O1B ANP T . -30.21 14.59 6.61
O2B ANP T . -29.72 16.92 5.56
N3B ANP T . -29.02 14.72 4.30
PA ANP T . -32.93 15.90 5.28
O1A ANP T . -32.99 15.68 6.75
O2A ANP T . -33.32 17.24 4.69
O3A ANP T . -31.54 15.39 4.63
O5' ANP T . -33.91 14.72 4.67
C5' ANP T . -34.71 14.96 3.55
C4' ANP T . -36.16 15.26 3.91
O4' ANP T . -36.77 14.13 4.51
C3' ANP T . -36.37 16.38 4.92
O3' ANP T . -36.20 17.65 4.41
C2' ANP T . -37.75 16.07 5.44
O2' ANP T . -38.69 16.47 4.49
C1' ANP T . -37.67 14.53 5.51
N9 ANP T . -37.17 14.04 6.79
C8 ANP T . -35.94 13.51 7.07
N7 ANP T . -35.81 13.15 8.31
C5 ANP T . -37.00 13.47 8.89
C6 ANP T . -37.50 13.34 10.19
N6 ANP T . -36.76 12.81 11.18
N1 ANP T . -38.74 13.74 10.43
C2 ANP T . -39.45 14.26 9.44
N3 ANP T . -39.11 14.43 8.18
C4 ANP T . -37.87 14.02 7.95
HNB1 ANP T . -29.36 13.95 4.00
H5'1 ANP T . -34.72 14.22 2.93
H5'2 ANP T . -34.35 15.72 3.06
H4' ANP T . -36.62 15.48 3.09
H3' ANP T . -35.76 16.22 5.66
HO3' ANP T . -36.68 17.64 3.70
H2' ANP T . -37.93 16.45 6.31
HO2' ANP T . -38.54 17.27 4.27
H1' ANP T . -38.53 14.13 5.37
H8 ANP T . -35.29 13.42 6.41
HN61 ANP T . -37.03 12.89 12.02
HN62 ANP T . -36.01 12.39 11.02
H2 ANP T . -40.31 14.53 9.66
MG MG U . -26.85 -16.84 19.76
MG MG V . -28.33 18.20 4.45
PG ANP W . -7.01 -13.34 35.61
O1G ANP W . -5.81 -12.93 34.74
O2G ANP W . -8.34 -12.77 35.16
O3G ANP W . -7.04 -14.82 35.98
PB ANP W . -5.45 -12.52 38.16
O1B ANP W . -4.92 -13.91 38.31
O2B ANP W . -4.52 -11.36 37.91
N3B ANP W . -6.80 -12.48 37.18
PA ANP W . -6.53 -10.73 40.23
O1A ANP W . -5.46 -10.16 41.10
O2A ANP W . -7.12 -9.90 39.11
O3A ANP W . -6.15 -12.20 39.67
O5' ANP W . -7.74 -11.18 41.27
C5' ANP W . -9.09 -11.09 40.91
C4' ANP W . -9.97 -10.65 42.07
O4' ANP W . -10.11 -11.70 43.02
C3' ANP W . -9.44 -9.46 42.87
O3' ANP W . -9.62 -8.23 42.27
C2' ANP W . -10.16 -9.66 44.20
O2' ANP W . -11.47 -9.22 44.07
C1' ANP W . -10.09 -11.19 44.31
N9 ANP W . -8.88 -11.67 44.95
C8 ANP W . -7.87 -12.42 44.41
N7 ANP W . -6.92 -12.70 45.25
C5 ANP W . -7.30 -12.08 46.42
C6 ANP W . -6.72 -12.00 47.69
N6 ANP W . -5.56 -12.58 47.99
N1 ANP W . -7.37 -11.31 48.63
C2 ANP W . -8.54 -10.75 48.33
N3 ANP W . -9.18 -10.76 47.18
C4 ANP W . -8.52 -11.44 46.25
HNB1 ANP W . -7.55 -12.45 37.64
H5'1 ANP W . -9.44 -11.93 40.58
H5'2 ANP W . -9.18 -10.46 40.18
H4' ANP W . -10.84 -10.42 41.69
H3' ANP W . -8.50 -9.62 43.06
HO3' ANP W . -10.43 -8.26 42.01
H2' ANP W . -9.70 -9.22 44.93
HO2' ANP W . -11.87 -9.31 44.82
H1' ANP W . -10.82 -11.53 44.84
H8 ANP W . -7.90 -12.70 43.53
HN61 ANP W . -5.11 -13.05 47.37
HN62 ANP W . -5.20 -12.50 48.81
H2 ANP W . -8.95 -10.28 49.02
PG ANP X . -5.39 20.91 22.61
O1G ANP X . -4.74 19.59 23.06
O2G ANP X . -4.41 22.06 22.43
O3G ANP X . -6.40 20.75 21.49
PB ANP X . -5.72 22.26 25.35
O1B ANP X . -5.12 21.28 26.30
O2B ANP X . -4.98 23.52 24.98
N3B ANP X . -6.34 21.49 24.02
PA ANP X . -7.13 23.56 27.58
O1A ANP X . -6.05 23.09 28.49
O2A ANP X . -7.36 25.04 27.38
O3A ANP X . -7.12 22.80 26.16
O5' ANP X . -8.49 22.85 28.20
C5' ANP X . -9.72 23.53 28.19
C4' ANP X . -10.05 24.16 29.53
O4' ANP X . -10.23 23.17 30.53
C3' ANP X . -8.98 25.08 30.11
O3' ANP X . -8.91 26.32 29.51
C2' ANP X . -9.36 25.10 31.58
O2' ANP X . -10.46 25.93 31.76
C1' ANP X . -9.75 23.62 31.76
N9 ANP X . -8.63 22.77 32.15
C8 ANP X . -7.96 21.86 31.38
N7 ANP X . -7.01 21.24 32.01
C5 ANP X . -7.04 21.79 33.27
C6 ANP X . -6.28 21.56 34.42
N6 ANP X . -5.28 20.66 34.46
N1 ANP X . -6.57 22.26 35.52
C2 ANP X . -7.57 23.14 35.47
N3 ANP X . -8.36 23.44 34.46
C4 ANP X . -8.05 22.73 33.38
HNB1 ANP X . -6.99 20.93 24.23
H5'1 ANP X . -10.45 22.96 27.95
H5'2 ANP X . -9.68 24.22 27.51
H4' ANP X . -10.87 24.66 29.42
H3' ANP X . -8.13 24.62 30.06
HO3' ANP X . -9.71 26.58 29.50
H2' ANP X . -8.62 25.34 32.15
HO2' ANP X . -10.30 26.67 31.38
H1' ANP X . -10.42 23.52 32.45
H8 ANP X . -8.19 21.71 30.49
HN61 ANP X . -4.71 20.66 35.14
HN62 ANP X . -5.17 20.07 33.81
H2 ANP X . -7.73 23.60 36.26
MG MG Y . -2.91 -11.65 35.38
MG MG Z . -4.76 24.52 23.05
PG ANP AA . 20.87 -17.21 27.65
O1G ANP AA . 20.90 -17.01 26.14
O2G ANP AA . 20.01 -16.21 28.42
O3G ANP AA . 20.67 -18.67 28.09
PB ANP AA . 23.96 -17.38 27.71
O1B ANP AA . 23.89 -18.87 27.55
O2B ANP AA . 24.58 -16.53 26.64
N3B ANP AA . 22.50 -16.77 28.24
PA ANP AA . 25.65 -15.80 29.49
O1A ANP AA . 27.07 -15.74 29.02
O2A ANP AA . 24.72 -14.63 29.22
O3A ANP AA . 24.92 -17.17 29.09
O5' ANP AA . 25.75 -16.06 31.13
C5' ANP AA . 24.81 -15.50 32.01
C4' ANP AA . 25.43 -15.05 33.31
O4' ANP AA . 25.81 -16.18 34.12
C3' ANP AA . 26.73 -14.25 33.17
O3' ANP AA . 26.55 -12.93 32.81
C2' ANP AA . 27.38 -14.47 34.52
O2' ANP AA . 26.76 -13.65 35.47
C1' ANP AA . 27.02 -15.95 34.75
N9 ANP AA . 27.99 -16.88 34.19
C8 ANP AA . 27.82 -17.77 33.17
N7 ANP AA . 28.88 -18.46 32.90
C5 ANP AA . 29.82 -18.01 33.79
C6 ANP AA . 31.16 -18.35 34.02
N6 ANP AA . 31.80 -19.28 33.32
N1 ANP AA . 31.81 -17.69 34.98
C2 ANP AA . 31.17 -16.76 35.69
N3 ANP AA . 29.92 -16.35 35.56
C4 ANP AA . 29.28 -17.02 34.60
HNB1 ANP AA . 22.51 -16.61 29.11
H5'1 ANP AA . 24.10 -16.12 32.23
H5'2 ANP AA . 24.38 -14.75 31.59
H4' ANP AA . 24.78 -14.52 33.78
H3' ANP AA . 27.31 -14.72 32.53
HO3' ANP AA . 25.93 -12.67 33.33
H2' ANP AA . 28.35 -14.34 34.50
HO2' ANP AA . 27.14 -13.76 36.22
H1' ANP AA . 26.96 -16.15 35.69
H8 ANP AA . 27.00 -17.86 32.74
HN61 ANP AA . 31.37 -19.74 32.68
HN62 ANP AA . 32.66 -19.47 33.47
H2 ANP AA . 31.67 -16.34 36.35
PG ANP BA . 22.16 16.86 14.20
O1G ANP BA . 22.42 15.36 14.10
O2G ANP BA . 22.87 17.69 13.13
O3G ANP BA . 20.70 17.22 14.41
PB ANP BA . 24.64 17.71 15.81
O1B ANP BA . 25.40 16.43 15.99
O2B ANP BA . 25.12 18.74 14.82
N3B ANP BA . 23.00 17.42 15.67
PA ANP BA . 26.14 18.91 18.02
O1A ANP BA . 27.26 17.98 17.72
O2A ANP BA . 26.33 20.41 17.90
O3A ANP BA . 24.75 18.47 17.33
O5' ANP BA . 25.74 18.54 19.58
C5' ANP BA . 25.34 19.54 20.49
C4' ANP BA . 26.45 19.97 21.42
O4' ANP BA . 26.85 18.90 22.27
C3' ANP BA . 27.74 20.41 20.74
O3' ANP BA . 27.69 21.66 20.17
C2' ANP BA . 28.74 20.25 21.87
O2' ANP BA . 28.60 21.32 22.76
C1' ANP BA . 28.22 18.94 22.51
N9 ANP BA . 28.82 17.75 21.93
C8 ANP BA . 28.24 16.84 21.08
N7 ANP BA . 29.03 15.88 20.75
C5 ANP BA . 30.20 16.14 21.41
C6 ANP BA . 31.44 15.49 21.46
N6 ANP BA . 31.68 14.36 20.79
N1 ANP BA . 32.40 16.03 22.22
C2 ANP BA . 32.15 17.16 22.88
N3 ANP BA . 31.03 17.86 22.91
C4 ANP BA . 30.09 17.31 22.15
HNB1 ANP BA . 22.67 17.05 16.40
H5'1 ANP BA . 24.59 19.26 21.03
H5'2 ANP BA . 25.04 20.30 19.98
H4' ANP BA . 26.11 20.69 21.96
H3' ANP BA . 27.98 19.73 20.09
HO3' ANP BA . 27.37 22.14 20.79
H2' ANP BA . 29.65 20.15 21.57
HO2' ANP BA . 28.62 22.04 22.31
H1' ANP BA . 28.40 18.92 23.45
H8 ANP BA . 27.37 16.94 20.79
HN61 ANP BA . 32.51 14.05 20.72
HN62 ANP BA . 31.02 13.89 20.43
H2 ANP BA . 32.85 17.49 23.39
MG MG CA . 23.27 -16.80 23.94
MG MG DA . 23.99 19.98 13.41
#